data_7FE2
#
_entry.id   7FE2
#
_cell.length_a   162.626
_cell.length_b   168.610
_cell.length_c   260.282
_cell.angle_alpha   90.000
_cell.angle_beta   90.000
_cell.angle_gamma   90.000
#
_symmetry.space_group_name_H-M   'C 2 2 21'
#
loop_
_entity.id
_entity.type
_entity.pdbx_description
1 polymer Alpha-1,2-mannosidase
2 branched alpha-D-mannopyranose-(1-2)-beta-D-mannopyranose
3 non-polymer 'CALCIUM ION'
4 non-polymer 'SODIUM ION'
5 non-polymer 1,2-ETHANEDIOL
6 non-polymer 'ACETATE ION'
7 water water
#
_entity_poly.entity_id   1
_entity_poly.type   'polypeptide(L)'
_entity_poly.pdbx_seq_one_letter_code
;MNIQAIDTRHGTANQHSFSNGNCLPYTGVPFGMNFYAPQTTDQKGSWWFHPEDRTFQGYRVTHQPSPWMGDFSHLLMTPV
SGSLSELSLFHAQSSYRPEESLFSPVEINLTQLRYQITSQLIPSMYGGILTIDYQQKDNHLLLTLPGRYQVKQLDDHQVA
VKVINYSGCEDPDFSFYFVLHFEQPLTKWFAPSSGEDGKILLSFGNIAQQVVHFSSSFISEKQAQLNLAREISLRSTEML
QQGIADWHNYFDRLKVTHENPEHTKTFYHTLYRTFLFPQTFYELDENQQPIHYDTFSQTVRPGVLYTNNGFWDTYKTVYP
LFSLIAQEKYEEMLEGFLNSYNETGFLPKWLSPDERGLMPGTLIDAVIADAAVKKIRPDLMPQFLEAMKKGATQQSEREN
YGRQGTLDYLKYGYVPSTYHESVNHTLDYAYSDFCISQVAKTLNDSETATFYRQQALNYQQLFNPETGFMQAKDTEGNFR
PDFLDIRWGKDYAQGSAWQSSFAVYQDFAGLIKLYGSELAFEKKLIQLCNQAPNFNVEGYGFEIHEMSEMAAIDFGQLAI
SNQPSFHYPFLFSYIGKPEMAQPLLKQLMQTFDASPTGYPGDEDNGSMSAWYIFNSLGFYPVTPGAGEYVIGMPLVQTAE
VKLSNGKQLTIQTSPNKVQQQFIHEIQLNQEKHTAPYFTHQELLNGGTLDYQLGIVPNPQTTAERPFSLSTEKLEHHHHH
H
;
_entity_poly.pdbx_strand_id   A,B,C,D
#
loop_
_chem_comp.id
_chem_comp.type
_chem_comp.name
_chem_comp.formula
ACT non-polymer 'ACETATE ION' 'C2 H3 O2 -1'
BMA D-saccharide, beta linking beta-D-mannopyranose 'C6 H12 O6'
CA non-polymer 'CALCIUM ION' 'Ca 2'
EDO non-polymer 1,2-ETHANEDIOL 'C2 H6 O2'
MAN D-saccharide, alpha linking alpha-D-mannopyranose 'C6 H12 O6'
NA non-polymer 'SODIUM ION' 'Na 1'
#
# COMPACT_ATOMS: atom_id res chain seq x y z
N MET A 1 -9.20 31.95 11.61
CA MET A 1 -9.20 32.69 12.87
C MET A 1 -9.44 31.68 14.00
N ASN A 2 -8.69 31.84 15.09
CA ASN A 2 -8.81 30.98 16.30
C ASN A 2 -10.14 31.29 16.98
N ILE A 3 -10.81 30.24 17.40
CA ILE A 3 -12.19 30.33 17.92
C ILE A 3 -12.27 31.23 19.16
N GLN A 4 -11.22 31.38 19.99
CA GLN A 4 -11.21 32.19 21.24
CA GLN A 4 -11.30 32.19 21.24
C GLN A 4 -11.33 33.69 20.91
N ALA A 5 -11.01 34.08 19.68
CA ALA A 5 -11.05 35.50 19.26
C ALA A 5 -12.41 35.83 18.65
N ILE A 6 -13.28 34.84 18.47
CA ILE A 6 -14.67 35.13 18.04
C ILE A 6 -15.38 35.72 19.25
N ASP A 7 -16.01 36.86 19.07
CA ASP A 7 -16.77 37.54 20.15
C ASP A 7 -18.25 37.33 19.85
N THR A 8 -18.95 36.60 20.72
CA THR A 8 -20.34 36.13 20.51
C THR A 8 -21.32 37.29 20.68
N ARG A 9 -20.86 38.51 20.93
CA ARG A 9 -21.78 39.68 20.95
C ARG A 9 -21.96 40.22 19.52
N HIS A 10 -21.31 39.62 18.55
CA HIS A 10 -21.59 39.82 17.13
C HIS A 10 -23.10 39.70 16.89
N GLY A 11 -23.71 40.72 16.29
CA GLY A 11 -25.13 40.67 15.92
C GLY A 11 -26.13 40.70 17.08
N THR A 12 -25.72 41.11 18.28
CA THR A 12 -26.56 41.04 19.51
C THR A 12 -27.18 42.40 19.84
N ALA A 13 -26.87 43.47 19.10
CA ALA A 13 -27.44 44.79 19.41
C ALA A 13 -28.80 44.89 18.72
N ASN A 14 -29.85 44.47 19.41
CA ASN A 14 -31.24 44.34 18.83
C ASN A 14 -32.29 44.83 19.83
N GLN A 15 -33.47 45.07 19.29
CA GLN A 15 -34.72 45.23 20.07
C GLN A 15 -35.85 44.88 19.12
N HIS A 16 -37.08 44.80 19.66
CA HIS A 16 -38.29 44.46 18.85
C HIS A 16 -38.37 45.33 17.58
N SER A 17 -38.08 46.62 17.68
CA SER A 17 -38.25 47.58 16.56
C SER A 17 -37.15 47.50 15.50
N PHE A 18 -35.98 46.89 15.75
CA PHE A 18 -34.88 46.94 14.77
C PHE A 18 -33.87 45.83 15.06
N SER A 19 -33.51 45.08 14.02
CA SER A 19 -32.57 43.93 14.11
C SER A 19 -31.28 44.29 13.41
N ASN A 20 -30.17 43.95 14.07
CA ASN A 20 -28.83 43.82 13.48
C ASN A 20 -28.39 42.36 13.49
N GLY A 21 -29.37 41.42 13.52
CA GLY A 21 -29.14 39.97 13.38
C GLY A 21 -30.03 39.20 14.33
N ASN A 22 -30.44 39.84 15.43
CA ASN A 22 -31.28 39.17 16.44
C ASN A 22 -30.59 37.88 16.86
N CYS A 23 -29.27 37.95 17.03
CA CYS A 23 -28.40 36.90 17.54
C CYS A 23 -28.30 37.02 19.07
N LEU A 24 -28.11 35.87 19.72
CA LEU A 24 -27.72 35.83 21.13
C LEU A 24 -26.24 35.51 21.16
N PRO A 25 -25.56 35.80 22.27
CA PRO A 25 -24.16 35.40 22.49
C PRO A 25 -24.05 33.93 22.89
N TYR A 26 -24.28 33.06 21.91
CA TYR A 26 -24.34 31.61 22.15
C TYR A 26 -22.94 31.05 22.38
N THR A 27 -22.70 30.54 23.58
CA THR A 27 -21.54 29.70 23.94
C THR A 27 -22.02 28.25 23.81
N GLY A 28 -21.26 27.43 23.10
CA GLY A 28 -21.61 26.02 22.89
C GLY A 28 -20.65 25.37 21.96
N VAL A 29 -20.76 24.06 21.84
CA VAL A 29 -20.10 23.27 20.78
C VAL A 29 -20.98 23.35 19.55
N PRO A 30 -20.43 23.04 18.35
CA PRO A 30 -21.23 23.04 17.14
C PRO A 30 -22.45 22.12 17.32
N PHE A 31 -23.62 22.63 16.95
CA PHE A 31 -24.92 21.94 16.98
C PHE A 31 -25.19 21.48 18.41
N GLY A 32 -24.63 22.18 19.39
CA GLY A 32 -24.85 21.82 20.82
C GLY A 32 -26.32 21.64 21.16
N MET A 33 -26.65 20.68 22.05
CA MET A 33 -28.04 20.45 22.46
C MET A 33 -28.53 21.62 23.30
N ASN A 34 -27.65 22.21 24.09
CA ASN A 34 -27.94 23.45 24.82
C ASN A 34 -26.92 24.49 24.37
N PHE A 35 -27.34 25.77 24.39
CA PHE A 35 -26.39 26.89 24.38
C PHE A 35 -26.43 27.61 25.72
N TYR A 36 -25.41 28.42 25.98
CA TYR A 36 -25.22 29.16 27.26
C TYR A 36 -24.92 30.61 26.92
N ALA A 37 -25.60 31.50 27.62
CA ALA A 37 -25.43 32.96 27.37
C ALA A 37 -25.67 33.71 28.66
N PRO A 38 -24.93 34.81 28.88
CA PRO A 38 -25.28 35.67 29.98
C PRO A 38 -26.66 36.28 29.72
N GLN A 39 -27.45 36.42 30.78
CA GLN A 39 -28.75 37.13 30.79
C GLN A 39 -28.54 38.47 31.51
N THR A 40 -28.81 39.57 30.84
CA THR A 40 -28.60 40.92 31.41
C THR A 40 -29.92 41.48 31.89
N THR A 41 -31.05 41.00 31.38
CA THR A 41 -32.35 41.57 31.81
C THR A 41 -33.50 40.56 31.66
N ASP A 42 -34.46 40.67 32.58
CA ASP A 42 -35.70 39.87 32.54
C ASP A 42 -36.88 40.81 32.24
N GLN A 43 -36.65 42.07 31.82
CA GLN A 43 -37.70 43.10 31.65
C GLN A 43 -37.95 43.38 30.17
N LYS A 44 -37.31 42.65 29.25
CA LYS A 44 -37.42 42.93 27.79
C LYS A 44 -37.80 41.66 27.01
N GLY A 45 -38.55 40.78 27.65
CA GLY A 45 -39.09 39.55 27.05
C GLY A 45 -37.98 38.69 26.46
N SER A 46 -38.13 38.30 25.20
CA SER A 46 -37.12 37.49 24.47
C SER A 46 -35.78 38.18 24.33
N TRP A 47 -35.71 39.51 24.44
CA TRP A 47 -34.47 40.28 24.28
C TRP A 47 -33.77 40.38 25.64
N TRP A 48 -33.36 39.21 26.18
CA TRP A 48 -32.85 39.08 27.56
C TRP A 48 -31.35 39.28 27.64
N PHE A 49 -30.66 39.55 26.52
CA PHE A 49 -29.25 39.97 26.50
C PHE A 49 -29.15 41.21 25.62
N HIS A 50 -28.43 42.22 26.11
CA HIS A 50 -28.03 43.40 25.29
C HIS A 50 -26.56 43.67 25.60
N PRO A 51 -25.72 43.87 24.56
CA PRO A 51 -24.26 44.07 24.74
C PRO A 51 -23.96 45.39 25.49
N GLU A 52 -24.89 46.33 25.51
CA GLU A 52 -24.73 47.65 26.20
C GLU A 52 -25.15 47.53 27.69
N ASP A 53 -25.81 46.47 28.07
CA ASP A 53 -26.21 46.27 29.48
C ASP A 53 -25.00 46.03 30.35
N ARG A 54 -25.03 46.53 31.60
CA ARG A 54 -23.93 46.33 32.56
C ARG A 54 -24.43 45.51 33.75
N THR A 55 -25.54 44.83 33.58
CA THR A 55 -26.20 44.01 34.63
C THR A 55 -26.07 42.54 34.24
N PHE A 56 -25.82 41.68 35.22
CA PHE A 56 -25.65 40.23 35.01
C PHE A 56 -26.61 39.53 35.96
N GLN A 57 -27.60 38.86 35.38
CA GLN A 57 -28.62 38.10 36.16
C GLN A 57 -28.24 36.64 36.33
N GLY A 58 -27.34 36.12 35.48
CA GLY A 58 -27.01 34.69 35.56
C GLY A 58 -26.62 34.11 34.22
N TYR A 59 -26.02 32.92 34.27
CA TYR A 59 -25.78 32.10 33.06
C TYR A 59 -27.10 31.46 32.70
N ARG A 60 -27.58 31.71 31.48
CA ARG A 60 -28.83 31.09 31.01
C ARG A 60 -28.51 29.90 30.10
N VAL A 61 -29.05 28.76 30.47
CA VAL A 61 -29.12 27.52 29.64
C VAL A 61 -30.30 27.73 28.72
N THR A 62 -30.07 27.85 27.40
CA THR A 62 -31.12 28.31 26.46
C THR A 62 -31.22 27.36 25.27
N HIS A 63 -32.41 27.34 24.68
CA HIS A 63 -32.72 26.71 23.37
C HIS A 63 -33.43 27.75 22.51
N GLN A 64 -33.15 29.05 22.73
CA GLN A 64 -33.92 30.13 22.07
C GLN A 64 -33.31 30.31 20.69
N PRO A 65 -34.02 30.00 19.58
CA PRO A 65 -33.44 30.16 18.25
C PRO A 65 -33.54 31.59 17.71
N SER A 66 -34.47 32.40 18.26
CA SER A 66 -34.85 33.74 17.77
C SER A 66 -35.81 34.32 18.80
N PRO A 67 -35.97 35.65 18.84
CA PRO A 67 -36.82 36.27 19.85
C PRO A 67 -38.29 36.09 19.50
N TRP A 68 -38.57 35.74 18.25
CA TRP A 68 -39.92 35.51 17.71
C TRP A 68 -40.45 34.15 18.17
N MET A 69 -39.59 33.15 18.22
CA MET A 69 -39.96 31.77 18.66
C MET A 69 -39.96 31.74 20.18
N GLY A 70 -39.14 32.57 20.84
CA GLY A 70 -38.89 32.44 22.29
C GLY A 70 -38.09 31.19 22.66
N ASP A 71 -38.01 30.88 23.96
CA ASP A 71 -37.10 29.84 24.49
C ASP A 71 -37.95 28.58 24.80
N PHE A 72 -37.27 27.48 25.02
CA PHE A 72 -37.82 26.29 25.70
C PHE A 72 -36.77 25.67 26.60
N SER A 73 -37.22 25.10 27.72
CA SER A 73 -36.36 24.29 28.60
C SER A 73 -35.15 25.13 29.00
N HIS A 74 -35.40 26.32 29.55
CA HIS A 74 -34.30 27.21 30.00
C HIS A 74 -34.26 27.23 31.52
N LEU A 75 -33.09 27.59 32.06
CA LEU A 75 -32.93 27.87 33.50
C LEU A 75 -31.67 28.73 33.66
N LEU A 76 -31.40 29.20 34.87
CA LEU A 76 -30.23 30.06 35.10
C LEU A 76 -29.45 29.58 36.31
N MET A 77 -28.14 29.82 36.24
CA MET A 77 -27.18 29.58 37.30
C MET A 77 -26.52 30.93 37.61
N THR A 78 -26.64 31.39 38.86
CA THR A 78 -26.12 32.73 39.28
C THR A 78 -25.23 32.57 40.48
N PRO A 79 -23.89 32.71 40.36
CA PRO A 79 -23.05 32.77 41.56
C PRO A 79 -23.50 33.93 42.48
N VAL A 80 -23.50 33.70 43.80
CA VAL A 80 -23.86 34.68 44.86
C VAL A 80 -22.88 34.49 46.02
N SER A 81 -22.58 35.59 46.70
CA SER A 81 -21.91 35.59 48.02
C SER A 81 -22.73 36.44 48.98
N GLY A 82 -22.70 36.06 50.26
CA GLY A 82 -23.43 36.73 51.37
C GLY A 82 -24.87 36.24 51.49
N SER A 83 -25.67 36.85 52.36
CA SER A 83 -27.13 36.58 52.49
C SER A 83 -27.87 37.23 51.35
N LEU A 84 -28.99 36.64 50.96
CA LEU A 84 -30.00 37.25 50.08
C LEU A 84 -31.35 37.03 50.76
N SER A 85 -32.04 38.09 51.15
CA SER A 85 -33.43 37.99 51.68
C SER A 85 -34.34 37.46 50.57
N GLU A 86 -34.24 38.02 49.35
CA GLU A 86 -35.15 37.70 48.22
C GLU A 86 -34.30 37.21 47.04
N LEU A 87 -34.75 36.12 46.43
CA LEU A 87 -33.95 35.30 45.49
C LEU A 87 -34.30 35.62 44.03
N SER A 88 -35.18 36.60 43.77
CA SER A 88 -35.53 36.98 42.37
C SER A 88 -34.26 37.35 41.62
N LEU A 89 -34.32 37.23 40.29
CA LEU A 89 -33.17 37.60 39.42
C LEU A 89 -32.80 39.09 39.63
N PHE A 90 -33.79 39.96 39.80
CA PHE A 90 -33.52 41.40 40.05
C PHE A 90 -32.80 41.53 41.39
N HIS A 91 -33.27 40.87 42.44
CA HIS A 91 -32.66 41.03 43.78
C HIS A 91 -31.25 40.43 43.80
N ALA A 92 -30.94 39.44 42.95
CA ALA A 92 -29.63 38.77 42.96
C ALA A 92 -28.67 39.40 41.92
N GLN A 93 -29.15 40.33 41.12
CA GLN A 93 -28.37 40.83 39.95
C GLN A 93 -27.19 41.71 40.43
N SER A 94 -26.09 41.60 39.70
CA SER A 94 -24.83 42.33 39.93
C SER A 94 -24.49 43.07 38.66
N SER A 95 -23.90 44.25 38.81
CA SER A 95 -23.28 44.88 37.64
C SER A 95 -22.01 44.08 37.27
N TYR A 96 -21.55 44.30 36.05
CA TYR A 96 -20.30 43.67 35.53
C TYR A 96 -19.77 44.63 34.46
N ARG A 97 -18.49 44.49 34.16
CA ARG A 97 -17.80 45.33 33.17
C ARG A 97 -17.70 44.52 31.89
N PRO A 98 -18.54 44.77 30.88
CA PRO A 98 -18.42 44.03 29.61
C PRO A 98 -17.03 44.05 29.01
N GLU A 99 -16.32 45.19 29.13
CA GLU A 99 -15.01 45.37 28.47
C GLU A 99 -13.93 44.53 29.16
N GLU A 100 -14.16 43.95 30.34
CA GLU A 100 -13.22 43.05 31.03
C GLU A 100 -13.69 41.58 30.94
N SER A 101 -14.70 41.30 30.14
CA SER A 101 -15.34 39.97 30.10
C SER A 101 -14.90 39.26 28.83
N LEU A 102 -14.98 37.94 28.84
CA LEU A 102 -14.79 37.13 27.61
C LEU A 102 -16.13 36.54 27.18
N PHE A 103 -16.51 36.82 25.94
CA PHE A 103 -17.68 36.26 25.24
C PHE A 103 -17.21 35.53 23.99
N SER A 104 -16.96 34.22 24.10
CA SER A 104 -16.43 33.43 22.97
C SER A 104 -17.27 32.19 22.81
N PRO A 105 -17.25 31.50 21.65
CA PRO A 105 -18.08 30.30 21.49
C PRO A 105 -17.76 29.23 22.54
N VAL A 106 -16.50 29.12 22.99
CA VAL A 106 -16.04 28.03 23.87
C VAL A 106 -15.90 28.50 25.31
N GLU A 107 -16.10 29.78 25.61
CA GLU A 107 -15.85 30.24 27.00
C GLU A 107 -16.59 31.56 27.24
N ILE A 108 -17.27 31.63 28.37
CA ILE A 108 -17.70 32.92 28.98
C ILE A 108 -16.89 33.12 30.24
N ASN A 109 -16.40 34.34 30.45
CA ASN A 109 -15.63 34.67 31.66
C ASN A 109 -16.03 36.09 32.06
N LEU A 110 -16.41 36.26 33.32
CA LEU A 110 -16.81 37.60 33.82
C LEU A 110 -16.82 37.66 35.35
N THR A 111 -16.75 38.89 35.83
CA THR A 111 -16.70 39.26 37.26
C THR A 111 -17.96 40.02 37.66
N GLN A 112 -18.70 39.48 38.63
CA GLN A 112 -19.85 40.12 39.29
C GLN A 112 -19.26 41.05 40.34
N LEU A 113 -19.39 42.38 40.11
CA LEU A 113 -18.79 43.44 40.97
C LEU A 113 -19.41 43.43 42.36
N ARG A 114 -20.71 43.14 42.44
CA ARG A 114 -21.44 43.13 43.73
C ARG A 114 -20.83 42.11 44.69
N TYR A 115 -20.38 40.96 44.18
CA TYR A 115 -20.03 39.76 45.01
C TYR A 115 -18.50 39.50 44.97
N GLN A 116 -17.74 40.19 44.12
CA GLN A 116 -16.32 39.86 43.87
C GLN A 116 -16.22 38.39 43.50
N ILE A 117 -17.01 37.97 42.51
CA ILE A 117 -16.92 36.61 41.95
C ILE A 117 -16.49 36.72 40.50
N THR A 118 -15.50 35.94 40.13
CA THR A 118 -15.09 35.68 38.73
C THR A 118 -15.47 34.23 38.43
N SER A 119 -16.14 34.02 37.30
CA SER A 119 -16.65 32.69 36.92
C SER A 119 -16.42 32.46 35.44
N GLN A 120 -16.35 31.19 35.07
CA GLN A 120 -15.96 30.74 33.74
C GLN A 120 -16.89 29.59 33.35
N LEU A 121 -17.59 29.69 32.22
CA LEU A 121 -18.42 28.56 31.74
C LEU A 121 -17.84 28.06 30.43
N ILE A 122 -17.60 26.75 30.39
CA ILE A 122 -17.09 26.04 29.19
C ILE A 122 -18.20 25.08 28.82
N PRO A 123 -18.61 25.02 27.55
CA PRO A 123 -19.66 24.08 27.16
C PRO A 123 -19.17 22.71 26.66
N SER A 124 -20.10 21.75 26.66
CA SER A 124 -19.98 20.45 25.94
C SER A 124 -21.29 20.22 25.20
N MET A 125 -21.42 19.12 24.48
CA MET A 125 -22.67 18.82 23.72
C MET A 125 -23.89 18.85 24.64
N TYR A 126 -23.81 18.17 25.80
CA TYR A 126 -24.97 17.93 26.68
C TYR A 126 -24.85 18.68 28.01
N GLY A 127 -23.71 19.30 28.28
CA GLY A 127 -23.47 19.95 29.56
C GLY A 127 -22.38 20.99 29.48
N GLY A 128 -21.51 20.98 30.49
CA GLY A 128 -20.45 21.98 30.62
C GLY A 128 -19.85 21.98 32.01
N ILE A 129 -18.91 22.91 32.21
CA ILE A 129 -18.23 23.14 33.51
C ILE A 129 -18.27 24.62 33.84
N LEU A 130 -18.76 24.93 35.01
CA LEU A 130 -18.82 26.30 35.54
C LEU A 130 -17.88 26.36 36.74
N THR A 131 -16.82 27.13 36.58
CA THR A 131 -15.80 27.35 37.63
C THR A 131 -16.08 28.71 38.24
N ILE A 132 -16.13 28.73 39.57
CA ILE A 132 -16.55 29.93 40.32
C ILE A 132 -15.47 30.27 41.35
N ASP A 133 -14.84 31.44 41.19
CA ASP A 133 -13.79 31.95 42.13
C ASP A 133 -14.41 33.01 43.02
N TYR A 134 -14.44 32.77 44.34
CA TYR A 134 -15.07 33.67 45.30
C TYR A 134 -13.99 34.40 46.08
N GLN A 135 -14.12 35.71 46.26
CA GLN A 135 -13.25 36.48 47.20
C GLN A 135 -13.88 36.47 48.59
N GLN A 136 -15.19 36.36 48.74
CA GLN A 136 -15.90 36.50 50.05
C GLN A 136 -16.09 35.10 50.69
N LYS A 137 -16.76 35.03 51.85
CA LYS A 137 -16.67 33.86 52.78
C LYS A 137 -17.96 33.04 52.93
N ASP A 138 -19.08 33.46 52.36
CA ASP A 138 -20.40 32.78 52.45
C ASP A 138 -20.92 32.60 51.01
N ASN A 139 -20.54 31.51 50.38
CA ASN A 139 -20.52 31.37 48.90
C ASN A 139 -21.62 30.42 48.45
N HIS A 140 -22.28 30.78 47.36
CA HIS A 140 -23.53 30.15 46.90
C HIS A 140 -23.56 30.00 45.38
N LEU A 141 -24.54 29.21 44.92
CA LEU A 141 -25.04 29.18 43.52
C LEU A 141 -26.57 29.22 43.58
N LEU A 142 -27.15 30.24 42.96
CA LEU A 142 -28.60 30.39 42.81
C LEU A 142 -29.08 29.73 41.52
N LEU A 143 -29.95 28.73 41.67
CA LEU A 143 -30.62 28.09 40.53
C LEU A 143 -31.99 28.75 40.37
N THR A 144 -32.25 29.29 39.18
CA THR A 144 -33.55 29.85 38.81
C THR A 144 -34.24 28.83 37.92
N LEU A 145 -35.38 28.33 38.35
CA LEU A 145 -36.04 27.14 37.73
C LEU A 145 -37.41 27.58 37.23
N PRO A 146 -37.53 28.14 36.00
CA PRO A 146 -38.79 28.69 35.51
C PRO A 146 -39.82 27.58 35.25
N GLY A 147 -41.10 27.92 35.42
CA GLY A 147 -42.18 26.99 35.13
C GLY A 147 -42.31 26.00 36.28
N ARG A 148 -42.91 24.86 36.01
CA ARG A 148 -43.00 23.78 37.00
C ARG A 148 -41.64 23.13 37.11
N TYR A 149 -41.18 22.92 38.33
CA TYR A 149 -39.84 22.38 38.58
C TYR A 149 -39.89 21.33 39.66
N GLN A 150 -38.87 20.49 39.65
CA GLN A 150 -38.54 19.60 40.78
C GLN A 150 -37.05 19.80 41.02
N VAL A 151 -36.61 19.76 42.27
CA VAL A 151 -35.16 19.86 42.60
C VAL A 151 -34.91 18.96 43.81
N LYS A 152 -33.78 18.26 43.80
CA LYS A 152 -33.36 17.48 44.99
C LYS A 152 -31.84 17.44 45.11
N GLN A 153 -31.42 17.31 46.35
CA GLN A 153 -30.01 17.07 46.74
C GLN A 153 -29.81 15.56 46.93
N LEU A 154 -29.12 14.90 46.00
CA LEU A 154 -28.89 13.44 45.99
C LEU A 154 -27.82 13.07 47.02
N ASP A 155 -26.78 13.89 47.12
CA ASP A 155 -25.79 13.85 48.22
C ASP A 155 -25.13 15.22 48.36
N ASP A 156 -24.01 15.25 49.12
CA ASP A 156 -23.16 16.43 49.41
C ASP A 156 -22.66 17.08 48.12
N HIS A 157 -22.59 16.36 47.01
CA HIS A 157 -21.92 16.83 45.78
C HIS A 157 -22.86 16.80 44.57
N GLN A 158 -24.15 16.53 44.75
CA GLN A 158 -24.99 16.22 43.57
C GLN A 158 -26.39 16.79 43.78
N VAL A 159 -26.83 17.55 42.78
CA VAL A 159 -28.21 18.10 42.72
C VAL A 159 -28.83 17.70 41.38
N ALA A 160 -30.13 17.43 41.36
CA ALA A 160 -30.88 17.10 40.14
C ALA A 160 -32.09 18.00 40.04
N VAL A 161 -32.32 18.51 38.85
CA VAL A 161 -33.40 19.48 38.54
C VAL A 161 -34.24 18.94 37.40
N LYS A 162 -35.53 19.26 37.41
CA LYS A 162 -36.41 19.08 36.23
C LYS A 162 -37.18 20.38 36.06
N VAL A 163 -37.24 20.93 34.85
CA VAL A 163 -38.08 22.13 34.57
C VAL A 163 -39.01 21.83 33.40
N ILE A 164 -40.21 22.37 33.50
CA ILE A 164 -41.21 22.40 32.40
C ILE A 164 -41.45 23.86 32.04
N ASN A 165 -40.83 24.31 30.97
CA ASN A 165 -41.10 25.68 30.46
C ASN A 165 -40.84 25.65 28.95
N TYR A 166 -41.59 26.44 28.21
CA TYR A 166 -41.55 26.52 26.74
C TYR A 166 -42.40 27.69 26.26
N SER A 167 -42.18 28.09 25.02
CA SER A 167 -42.98 29.12 24.34
C SER A 167 -44.14 28.47 23.58
N GLY A 168 -43.88 27.33 22.95
CA GLY A 168 -44.92 26.53 22.27
C GLY A 168 -44.48 25.08 22.23
N CYS A 169 -45.37 24.16 22.57
CA CYS A 169 -45.05 22.72 22.56
C CYS A 169 -46.34 21.91 22.46
N GLU A 170 -46.30 20.78 21.77
CA GLU A 170 -47.44 19.82 21.68
C GLU A 170 -47.58 19.07 23.01
N ASP A 171 -46.53 18.98 23.80
CA ASP A 171 -46.56 18.25 25.10
C ASP A 171 -46.66 19.29 26.20
N PRO A 172 -47.82 19.47 26.85
CA PRO A 172 -47.94 20.50 27.89
C PRO A 172 -47.04 20.26 29.11
N ASP A 173 -46.48 19.07 29.32
CA ASP A 173 -45.59 18.72 30.47
C ASP A 173 -44.15 18.49 29.98
N PHE A 174 -43.79 19.11 28.84
CA PHE A 174 -42.48 18.94 28.19
C PHE A 174 -41.35 19.23 29.17
N SER A 175 -40.53 18.22 29.43
CA SER A 175 -39.62 18.18 30.60
C SER A 175 -38.16 18.20 30.15
N PHE A 176 -37.34 18.98 30.86
CA PHE A 176 -35.87 19.05 30.70
C PHE A 176 -35.23 18.71 32.03
N TYR A 177 -34.24 17.81 32.01
CA TYR A 177 -33.50 17.34 33.20
C TYR A 177 -32.12 17.99 33.17
N PHE A 178 -31.67 18.42 34.34
CA PHE A 178 -30.40 19.15 34.52
C PHE A 178 -29.76 18.65 35.80
N VAL A 179 -28.51 18.16 35.72
CA VAL A 179 -27.78 17.62 36.87
C VAL A 179 -26.45 18.33 37.07
N LEU A 180 -26.14 18.55 38.32
CA LEU A 180 -24.95 19.31 38.76
C LEU A 180 -24.17 18.43 39.70
N HIS A 181 -22.90 18.22 39.38
CA HIS A 181 -21.91 17.58 40.26
C HIS A 181 -20.91 18.65 40.72
N PHE A 182 -20.82 18.89 42.02
CA PHE A 182 -19.94 19.90 42.64
C PHE A 182 -18.66 19.24 43.14
N GLU A 183 -17.52 19.91 42.95
CA GLU A 183 -16.21 19.41 43.47
C GLU A 183 -16.19 19.63 44.99
N GLN A 184 -16.62 20.80 45.43
CA GLN A 184 -16.69 21.18 46.86
C GLN A 184 -18.11 20.96 47.31
N PRO A 185 -18.29 20.40 48.53
CA PRO A 185 -19.60 19.93 48.96
C PRO A 185 -20.57 21.06 49.31
N LEU A 186 -21.87 20.77 49.18
CA LEU A 186 -22.97 21.59 49.74
C LEU A 186 -22.87 21.55 51.28
N THR A 187 -23.01 22.69 51.94
CA THR A 187 -22.88 22.82 53.42
C THR A 187 -24.27 22.94 54.06
N LYS A 188 -25.33 22.86 53.27
CA LYS A 188 -26.71 22.95 53.76
C LYS A 188 -27.53 21.94 52.96
N TRP A 189 -28.25 21.10 53.70
CA TRP A 189 -29.15 20.09 53.13
C TRP A 189 -30.47 20.79 52.83
N PHE A 190 -31.18 20.38 51.78
CA PHE A 190 -32.59 20.75 51.59
C PHE A 190 -33.34 19.52 51.10
N ALA A 191 -34.62 19.46 51.46
CA ALA A 191 -35.51 18.33 51.14
C ALA A 191 -35.89 18.45 49.67
N PRO A 192 -36.23 17.32 49.00
CA PRO A 192 -36.70 17.33 47.63
C PRO A 192 -37.89 18.28 47.58
N SER A 193 -37.99 19.13 46.56
CA SER A 193 -39.14 20.06 46.52
C SER A 193 -39.56 20.29 45.07
N SER A 194 -40.72 20.88 44.91
CA SER A 194 -41.35 21.06 43.58
C SER A 194 -42.25 22.30 43.68
N GLY A 195 -42.63 22.87 42.54
CA GLY A 195 -43.38 24.13 42.54
C GLY A 195 -43.39 24.74 41.18
N GLU A 196 -43.66 26.04 41.13
CA GLU A 196 -43.60 26.90 39.92
C GLU A 196 -42.58 28.01 40.18
N ASP A 197 -41.71 28.29 39.23
CA ASP A 197 -40.79 29.47 39.30
C ASP A 197 -39.92 29.34 40.55
N GLY A 198 -39.08 28.32 40.56
CA GLY A 198 -38.19 27.97 41.68
C GLY A 198 -37.02 28.89 41.79
N LYS A 199 -36.62 29.18 43.02
CA LYS A 199 -35.42 29.98 43.31
C LYS A 199 -34.70 29.20 44.40
N ILE A 200 -33.62 28.49 44.06
CA ILE A 200 -32.92 27.58 44.98
C ILE A 200 -31.51 28.09 45.22
N LEU A 201 -31.21 28.46 46.46
CA LEU A 201 -29.88 28.98 46.80
C LEU A 201 -29.06 27.85 47.41
N LEU A 202 -28.12 27.31 46.64
CA LEU A 202 -27.15 26.28 47.08
C LEU A 202 -26.05 26.95 47.87
N SER A 203 -25.66 26.34 48.98
CA SER A 203 -24.61 26.87 49.88
C SER A 203 -23.35 25.99 49.87
N PHE A 204 -22.19 26.62 49.86
CA PHE A 204 -20.86 25.95 49.86
C PHE A 204 -19.98 26.46 51.01
N GLY A 205 -20.43 27.40 51.84
CA GLY A 205 -19.60 27.98 52.91
C GLY A 205 -18.45 28.82 52.38
N ASN A 206 -17.27 28.73 53.00
CA ASN A 206 -16.14 29.69 52.83
C ASN A 206 -15.10 29.20 51.81
N ILE A 207 -15.49 28.51 50.75
CA ILE A 207 -14.55 28.01 49.73
C ILE A 207 -14.16 29.13 48.74
N ALA A 208 -12.92 29.06 48.29
CA ALA A 208 -12.33 30.01 47.32
C ALA A 208 -12.83 29.66 45.93
N GLN A 209 -13.02 28.37 45.62
CA GLN A 209 -13.37 27.96 44.26
C GLN A 209 -14.37 26.80 44.32
N GLN A 210 -15.44 26.89 43.52
CA GLN A 210 -16.34 25.77 43.21
C GLN A 210 -16.15 25.39 41.74
N VAL A 211 -16.26 24.10 41.44
CA VAL A 211 -16.25 23.60 40.04
C VAL A 211 -17.50 22.78 39.88
N VAL A 212 -18.38 23.24 39.00
CA VAL A 212 -19.67 22.60 38.74
C VAL A 212 -19.56 21.87 37.42
N HIS A 213 -19.61 20.53 37.44
CA HIS A 213 -19.79 19.72 36.21
C HIS A 213 -21.29 19.49 36.04
N PHE A 214 -21.85 19.93 34.93
CA PHE A 214 -23.29 19.79 34.68
C PHE A 214 -23.53 19.10 33.34
N SER A 215 -24.70 18.51 33.26
CA SER A 215 -25.24 17.84 32.06
C SER A 215 -26.75 17.92 32.08
N SER A 216 -27.39 17.32 31.09
CA SER A 216 -28.81 17.58 30.81
C SER A 216 -29.38 16.47 29.94
N SER A 217 -30.70 16.42 29.86
CA SER A 217 -31.44 15.41 29.05
C SER A 217 -32.84 15.90 28.77
N PHE A 218 -33.38 15.51 27.62
CA PHE A 218 -34.83 15.59 27.31
C PHE A 218 -35.44 14.20 27.47
N ILE A 219 -34.64 13.24 27.93
CA ILE A 219 -35.07 11.80 28.11
C ILE A 219 -35.46 11.57 29.56
N SER A 220 -34.52 11.73 30.49
CA SER A 220 -34.75 11.35 31.90
C SER A 220 -33.62 11.89 32.77
N GLU A 221 -33.82 11.84 34.09
CA GLU A 221 -32.72 12.15 35.04
C GLU A 221 -31.62 11.13 34.83
N LYS A 222 -31.97 9.85 34.70
CA LYS A 222 -30.97 8.75 34.57
C LYS A 222 -30.13 8.96 33.31
N GLN A 223 -30.73 9.40 32.20
CA GLN A 223 -30.02 9.71 30.93
C GLN A 223 -29.10 10.93 31.14
N ALA A 224 -29.56 11.97 31.85
CA ALA A 224 -28.73 13.15 32.17
C ALA A 224 -27.49 12.74 32.97
N GLN A 225 -27.62 11.82 33.94
CA GLN A 225 -26.47 11.32 34.72
C GLN A 225 -25.51 10.53 33.83
N LEU A 226 -26.01 9.81 32.84
CA LEU A 226 -25.14 9.02 31.94
C LEU A 226 -24.37 9.99 31.04
N ASN A 227 -25.05 11.01 30.53
CA ASN A 227 -24.41 12.10 29.72
C ASN A 227 -23.28 12.74 30.51
N LEU A 228 -23.51 13.05 31.79
CA LEU A 228 -22.50 13.63 32.71
C LEU A 228 -21.35 12.62 32.95
N ALA A 229 -21.68 11.35 33.18
CA ALA A 229 -20.67 10.33 33.56
C ALA A 229 -19.65 10.21 32.44
N ARG A 230 -20.09 10.43 31.20
CA ARG A 230 -19.22 10.36 30.01
C ARG A 230 -18.13 11.43 30.02
N GLU A 231 -18.25 12.49 30.82
CA GLU A 231 -17.26 13.61 30.78
C GLU A 231 -16.91 14.13 32.18
N ILE A 232 -17.36 13.46 33.23
CA ILE A 232 -17.20 13.96 34.63
C ILE A 232 -15.73 14.12 34.99
N SER A 233 -14.84 13.30 34.41
CA SER A 233 -13.41 13.31 34.80
CA SER A 233 -13.40 13.28 34.76
C SER A 233 -12.65 14.45 34.10
N LEU A 234 -13.26 15.11 33.10
CA LEU A 234 -12.56 16.22 32.40
C LEU A 234 -12.34 17.40 33.35
N ARG A 235 -11.17 18.01 33.28
CA ARG A 235 -10.90 19.36 33.82
C ARG A 235 -11.49 20.39 32.85
N SER A 236 -11.75 21.60 33.34
CA SER A 236 -12.24 22.74 32.51
C SER A 236 -11.31 22.90 31.29
N THR A 237 -10.00 22.85 31.49
CA THR A 237 -8.97 23.08 30.42
C THR A 237 -9.10 22.00 29.33
N GLU A 238 -9.45 20.77 29.72
CA GLU A 238 -9.54 19.63 28.75
C GLU A 238 -10.86 19.81 27.97
N MET A 239 -11.92 20.23 28.65
CA MET A 239 -13.22 20.42 27.96
C MET A 239 -13.05 21.60 27.00
N LEU A 240 -12.33 22.64 27.42
CA LEU A 240 -12.07 23.82 26.53
C LEU A 240 -11.29 23.37 25.28
N GLN A 241 -10.20 22.64 25.46
CA GLN A 241 -9.40 22.11 24.32
C GLN A 241 -10.32 21.33 23.38
N GLN A 242 -11.17 20.46 23.93
CA GLN A 242 -12.08 19.64 23.09
C GLN A 242 -13.03 20.55 22.31
N GLY A 243 -13.59 21.57 22.97
CA GLY A 243 -14.55 22.47 22.33
C GLY A 243 -13.86 23.27 21.25
N ILE A 244 -12.61 23.68 21.50
CA ILE A 244 -11.83 24.42 20.47
C ILE A 244 -11.61 23.47 19.28
N ALA A 245 -11.30 22.21 19.54
CA ALA A 245 -11.04 21.21 18.47
C ALA A 245 -12.32 20.97 17.67
N ASP A 246 -13.48 20.88 18.34
CA ASP A 246 -14.81 20.69 17.68
C ASP A 246 -15.02 21.84 16.68
N TRP A 247 -14.80 23.07 17.11
CA TRP A 247 -15.00 24.24 16.23
C TRP A 247 -13.97 24.21 15.11
N HIS A 248 -12.70 23.95 15.43
CA HIS A 248 -11.60 23.84 14.42
C HIS A 248 -11.96 22.80 13.35
N ASN A 249 -12.62 21.72 13.72
CA ASN A 249 -13.07 20.68 12.77
C ASN A 249 -13.86 21.34 11.62
N TYR A 250 -14.72 22.34 11.93
CA TYR A 250 -15.57 22.98 10.91
C TYR A 250 -14.83 24.19 10.35
N PHE A 251 -14.20 25.00 11.17
CA PHE A 251 -13.50 26.22 10.67
C PHE A 251 -12.42 25.83 9.64
N ASP A 252 -11.75 24.69 9.85
CA ASP A 252 -10.60 24.25 9.02
C ASP A 252 -11.09 23.86 7.61
N ARG A 253 -12.40 23.71 7.38
CA ARG A 253 -12.98 23.36 6.07
C ARG A 253 -13.06 24.57 5.16
N LEU A 254 -12.92 25.79 5.70
CA LEU A 254 -12.97 27.01 4.86
C LEU A 254 -11.89 27.95 5.37
N LYS A 255 -10.67 27.78 4.89
CA LYS A 255 -9.54 28.66 5.23
C LYS A 255 -9.46 29.76 4.17
N VAL A 256 -9.71 31.02 4.56
CA VAL A 256 -9.82 32.12 3.57
C VAL A 256 -8.90 33.25 3.99
N THR A 257 -8.54 34.08 3.03
CA THR A 257 -7.82 35.34 3.25
C THR A 257 -8.45 36.40 2.37
N HIS A 258 -8.23 37.64 2.76
CA HIS A 258 -8.82 38.84 2.11
C HIS A 258 -7.72 39.89 2.02
N GLU A 259 -7.89 40.84 1.12
CA GLU A 259 -7.05 42.06 1.15
C GLU A 259 -7.22 42.75 2.51
N ASN A 260 -8.44 42.91 2.97
CA ASN A 260 -8.79 43.65 4.22
C ASN A 260 -9.04 42.61 5.32
N PRO A 261 -8.20 42.52 6.37
CA PRO A 261 -8.42 41.54 7.44
C PRO A 261 -9.71 41.75 8.24
N GLU A 262 -10.32 42.93 8.17
CA GLU A 262 -11.68 43.17 8.73
C GLU A 262 -12.67 42.22 8.05
N HIS A 263 -12.51 41.96 6.76
CA HIS A 263 -13.41 41.04 6.02
C HIS A 263 -13.21 39.61 6.51
N THR A 264 -11.97 39.21 6.82
CA THR A 264 -11.68 37.86 7.36
C THR A 264 -12.35 37.71 8.71
N LYS A 265 -12.25 38.71 9.56
CA LYS A 265 -12.91 38.70 10.89
C LYS A 265 -14.44 38.50 10.72
N THR A 266 -15.04 39.23 9.80
CA THR A 266 -16.49 39.10 9.54
C THR A 266 -16.78 37.67 9.09
N PHE A 267 -15.97 37.16 8.14
CA PHE A 267 -16.17 35.80 7.61
C PHE A 267 -16.26 34.82 8.78
N TYR A 268 -15.30 34.81 9.70
CA TYR A 268 -15.26 33.74 10.71
C TYR A 268 -16.35 33.97 11.77
N HIS A 269 -16.81 35.19 12.00
CA HIS A 269 -17.95 35.44 12.92
C HIS A 269 -19.20 34.80 12.29
N THR A 270 -19.39 34.98 10.99
CA THR A 270 -20.57 34.39 10.27
C THR A 270 -20.39 32.87 10.24
N LEU A 271 -19.13 32.35 10.18
CA LEU A 271 -18.93 30.90 10.08
C LEU A 271 -19.30 30.30 11.43
N TYR A 272 -18.94 30.98 12.52
CA TYR A 272 -19.36 30.54 13.89
C TYR A 272 -20.89 30.33 13.89
N ARG A 273 -21.65 31.29 13.35
CA ARG A 273 -23.13 31.23 13.35
C ARG A 273 -23.68 30.30 12.27
N THR A 274 -22.82 29.61 11.51
CA THR A 274 -23.25 28.65 10.47
C THR A 274 -23.24 27.22 11.03
N PHE A 275 -22.61 26.97 12.17
CA PHE A 275 -22.53 25.60 12.73
C PHE A 275 -23.14 25.53 14.13
N LEU A 276 -24.18 26.34 14.41
CA LEU A 276 -24.97 26.27 15.67
C LEU A 276 -26.27 25.49 15.45
N PHE A 277 -26.98 25.77 14.38
CA PHE A 277 -28.33 25.26 14.10
C PHE A 277 -28.32 24.40 12.85
N PRO A 278 -29.20 23.37 12.75
CA PRO A 278 -30.11 22.99 13.84
C PRO A 278 -29.42 22.33 15.02
N GLN A 279 -29.94 22.53 16.24
CA GLN A 279 -29.36 21.95 17.46
C GLN A 279 -29.65 20.44 17.49
N THR A 280 -28.65 19.70 17.93
CA THR A 280 -28.76 18.28 18.30
C THR A 280 -29.96 18.15 19.24
N PHE A 281 -30.88 17.22 18.95
CA PHE A 281 -32.06 16.96 19.79
C PHE A 281 -32.28 15.45 19.94
N TYR A 282 -31.18 14.75 20.13
CA TYR A 282 -31.13 13.32 20.49
C TYR A 282 -29.94 13.09 21.39
N GLU A 283 -29.99 11.97 22.09
CA GLU A 283 -28.98 11.52 23.05
C GLU A 283 -28.64 10.06 22.72
N LEU A 284 -27.55 9.58 23.27
CA LEU A 284 -27.13 8.18 23.07
C LEU A 284 -27.42 7.41 24.38
N ASP A 285 -28.19 6.32 24.28
CA ASP A 285 -28.57 5.50 25.46
C ASP A 285 -27.37 4.64 25.92
N GLU A 286 -27.61 3.72 26.84
CA GLU A 286 -26.56 2.87 27.47
C GLU A 286 -25.87 2.01 26.40
N ASN A 287 -26.51 1.79 25.25
CA ASN A 287 -25.98 0.95 24.15
C ASN A 287 -25.54 1.84 23.00
N GLN A 288 -25.31 3.13 23.25
CA GLN A 288 -24.90 4.10 22.21
C GLN A 288 -25.95 4.21 21.13
N GLN A 289 -27.22 3.94 21.39
CA GLN A 289 -28.29 4.06 20.38
C GLN A 289 -28.92 5.44 20.50
N PRO A 290 -29.14 6.15 19.37
CA PRO A 290 -29.79 7.44 19.39
C PRO A 290 -31.24 7.28 19.86
N ILE A 291 -31.62 8.10 20.85
CA ILE A 291 -33.01 8.23 21.36
C ILE A 291 -33.36 9.71 21.43
N HIS A 292 -34.65 10.02 21.41
CA HIS A 292 -35.07 11.41 21.53
C HIS A 292 -36.43 11.45 22.19
N TYR A 293 -36.88 12.64 22.52
CA TYR A 293 -38.27 12.82 23.02
C TYR A 293 -39.20 13.18 21.88
N ASP A 294 -40.35 12.48 21.83
CA ASP A 294 -41.41 12.68 20.82
C ASP A 294 -42.55 13.39 21.54
N THR A 295 -42.67 14.67 21.31
CA THR A 295 -43.69 15.50 22.00
C THR A 295 -45.10 15.11 21.50
N PHE A 296 -45.24 14.50 20.32
CA PHE A 296 -46.57 14.22 19.74
C PHE A 296 -47.24 13.07 20.49
N SER A 297 -46.47 12.01 20.76
CA SER A 297 -46.89 10.78 21.50
C SER A 297 -46.57 10.92 22.99
N GLN A 298 -45.81 11.95 23.36
CA GLN A 298 -45.27 12.19 24.72
C GLN A 298 -44.55 10.93 25.21
N THR A 299 -43.67 10.36 24.39
CA THR A 299 -42.79 9.25 24.80
C THR A 299 -41.39 9.38 24.19
N VAL A 300 -40.49 8.60 24.76
CA VAL A 300 -39.11 8.44 24.24
C VAL A 300 -39.16 7.51 23.03
N ARG A 301 -38.59 7.95 21.91
CA ARG A 301 -38.53 7.21 20.63
C ARG A 301 -37.09 7.03 20.17
N PRO A 302 -36.83 5.97 19.40
CA PRO A 302 -35.49 5.69 18.89
C PRO A 302 -35.23 6.55 17.64
N GLY A 303 -33.97 6.92 17.46
CA GLY A 303 -33.45 7.60 16.26
C GLY A 303 -32.97 9.01 16.56
N VAL A 304 -32.38 9.62 15.55
CA VAL A 304 -31.87 11.01 15.65
C VAL A 304 -33.06 11.94 15.50
N LEU A 305 -32.89 13.15 16.06
CA LEU A 305 -33.83 14.28 15.89
C LEU A 305 -33.00 15.58 16.00
N TYR A 306 -33.37 16.58 15.22
CA TYR A 306 -32.75 17.92 15.29
C TYR A 306 -33.87 18.93 15.56
N THR A 307 -33.53 20.08 16.12
CA THR A 307 -34.54 21.11 16.43
C THR A 307 -33.98 22.50 16.09
N ASN A 308 -34.83 23.50 16.27
CA ASN A 308 -34.49 24.95 16.10
C ASN A 308 -34.10 25.22 14.65
N ASN A 309 -35.08 25.10 13.79
CA ASN A 309 -34.93 25.39 12.36
C ASN A 309 -36.26 25.82 11.79
N GLY A 310 -36.28 26.94 11.08
CA GLY A 310 -37.36 27.29 10.16
C GLY A 310 -36.86 27.14 8.74
N PHE A 311 -37.33 26.12 8.03
CA PHE A 311 -36.82 25.79 6.67
C PHE A 311 -37.06 26.95 5.70
N TRP A 312 -38.11 27.77 5.90
CA TRP A 312 -38.34 29.02 5.12
C TRP A 312 -37.04 29.84 5.06
N ASP A 313 -36.29 29.88 6.14
CA ASP A 313 -34.98 30.55 6.25
C ASP A 313 -33.81 29.65 5.77
N THR A 314 -33.67 28.44 6.29
CA THR A 314 -32.39 27.69 6.24
C THR A 314 -32.23 26.97 4.90
N TYR A 315 -33.32 26.73 4.18
CA TYR A 315 -33.24 25.99 2.88
C TYR A 315 -32.42 26.86 1.92
N LYS A 316 -32.51 28.18 2.08
CA LYS A 316 -31.89 29.14 1.12
C LYS A 316 -30.38 28.86 0.96
N THR A 317 -29.70 28.61 2.06
CA THR A 317 -28.22 28.72 2.12
C THR A 317 -27.57 27.65 3.00
N VAL A 318 -28.12 27.31 4.15
CA VAL A 318 -27.44 26.41 5.11
C VAL A 318 -27.21 25.02 4.50
N TYR A 319 -28.29 24.38 4.08
CA TYR A 319 -28.19 22.98 3.57
C TYR A 319 -27.37 22.95 2.29
N PRO A 320 -27.49 23.91 1.36
CA PRO A 320 -26.57 23.92 0.22
C PRO A 320 -25.12 24.00 0.66
N LEU A 321 -24.79 24.83 1.67
CA LEU A 321 -23.38 24.88 2.13
C LEU A 321 -22.98 23.52 2.71
N PHE A 322 -23.85 22.91 3.50
CA PHE A 322 -23.58 21.60 4.12
C PHE A 322 -23.35 20.59 2.98
N SER A 323 -24.05 20.73 1.86
CA SER A 323 -23.93 19.81 0.69
C SER A 323 -22.49 19.80 0.17
N LEU A 324 -21.73 20.87 0.36
CA LEU A 324 -20.32 20.96 -0.05
C LEU A 324 -19.37 20.51 1.06
N ILE A 325 -19.57 20.92 2.32
CA ILE A 325 -18.46 20.85 3.33
C ILE A 325 -18.92 20.17 4.63
N ALA A 326 -20.19 19.78 4.75
CA ALA A 326 -20.63 19.12 6.01
C ALA A 326 -21.68 18.07 5.65
N GLN A 327 -21.37 17.24 4.67
CA GLN A 327 -22.37 16.29 4.15
C GLN A 327 -22.79 15.33 5.30
N GLU A 328 -21.87 15.00 6.20
CA GLU A 328 -22.15 14.04 7.30
C GLU A 328 -23.26 14.63 8.20
N LYS A 329 -23.23 15.93 8.42
CA LYS A 329 -24.28 16.60 9.21
C LYS A 329 -25.60 16.60 8.41
N TYR A 330 -25.59 17.00 7.13
CA TYR A 330 -26.79 17.02 6.27
C TYR A 330 -27.45 15.63 6.33
N GLU A 331 -26.66 14.57 6.21
CA GLU A 331 -27.15 13.15 6.18
C GLU A 331 -27.91 12.83 7.47
N GLU A 332 -27.38 13.23 8.63
CA GLU A 332 -27.98 12.89 9.93
C GLU A 332 -29.22 13.78 10.12
N MET A 333 -29.13 15.05 9.71
CA MET A 333 -30.26 16.00 9.87
C MET A 333 -31.45 15.56 9.01
N LEU A 334 -31.26 15.06 7.78
CA LEU A 334 -32.36 14.57 6.93
C LEU A 334 -33.08 13.42 7.66
N GLU A 335 -32.34 12.52 8.28
CA GLU A 335 -32.87 11.36 9.06
C GLU A 335 -33.73 11.92 10.22
N GLY A 336 -33.24 12.96 10.91
CA GLY A 336 -34.09 13.59 11.95
C GLY A 336 -35.38 14.16 11.41
N PHE A 337 -35.34 14.95 10.34
CA PHE A 337 -36.52 15.59 9.72
C PHE A 337 -37.53 14.54 9.26
N LEU A 338 -37.05 13.40 8.78
CA LEU A 338 -37.97 12.28 8.40
C LEU A 338 -38.58 11.70 9.68
N ASN A 339 -37.82 11.59 10.76
CA ASN A 339 -38.37 11.10 12.05
C ASN A 339 -39.47 12.06 12.50
N SER A 340 -39.29 13.38 12.34
CA SER A 340 -40.31 14.39 12.66
C SER A 340 -41.60 14.06 11.89
N TYR A 341 -41.48 13.74 10.60
CA TYR A 341 -42.63 13.32 9.77
C TYR A 341 -43.21 12.02 10.32
N ASN A 342 -42.35 11.03 10.56
CA ASN A 342 -42.80 9.70 11.09
C ASN A 342 -43.69 9.97 12.32
N GLU A 343 -43.34 10.95 13.16
CA GLU A 343 -43.95 11.11 14.53
C GLU A 343 -45.21 11.99 14.46
N THR A 344 -45.37 12.82 13.44
CA THR A 344 -46.46 13.82 13.41
C THR A 344 -47.39 13.67 12.20
N GLY A 345 -46.95 13.04 11.12
CA GLY A 345 -47.72 12.89 9.87
C GLY A 345 -47.35 13.92 8.81
N PHE A 346 -46.54 14.94 9.15
CA PHE A 346 -46.19 15.99 8.16
C PHE A 346 -44.74 16.39 8.32
N LEU A 347 -44.08 16.60 7.18
CA LEU A 347 -42.69 17.12 7.17
C LEU A 347 -42.70 18.45 7.91
N PRO A 348 -41.63 18.70 8.66
CA PRO A 348 -41.57 19.87 9.54
C PRO A 348 -41.37 21.21 8.81
N LYS A 349 -41.96 22.24 9.39
CA LYS A 349 -41.90 23.65 8.91
C LYS A 349 -41.01 24.50 9.84
N TRP A 350 -41.30 24.53 11.13
CA TRP A 350 -40.55 25.38 12.10
C TRP A 350 -40.46 24.60 13.41
N LEU A 351 -39.29 23.98 13.66
CA LEU A 351 -39.07 23.12 14.86
C LEU A 351 -38.51 23.98 16.00
N SER A 352 -39.22 24.09 17.13
CA SER A 352 -38.70 24.79 18.34
C SER A 352 -39.58 24.54 19.56
N PRO A 353 -39.52 23.37 20.23
CA PRO A 353 -38.64 22.24 19.87
C PRO A 353 -39.27 21.34 18.79
N ASP A 354 -40.57 21.51 18.66
CA ASP A 354 -41.47 20.66 17.83
C ASP A 354 -42.19 21.59 16.87
N GLU A 355 -43.22 21.11 16.19
CA GLU A 355 -43.81 21.89 15.10
C GLU A 355 -44.49 23.14 15.69
N ARG A 356 -44.03 24.34 15.27
CA ARG A 356 -44.67 25.62 15.65
C ARG A 356 -45.41 26.22 14.48
N GLY A 357 -45.19 25.70 13.26
CA GLY A 357 -46.00 25.99 12.06
C GLY A 357 -45.92 27.43 11.55
N LEU A 358 -44.85 28.18 11.84
CA LEU A 358 -44.74 29.61 11.49
C LEU A 358 -44.06 29.72 10.10
N MET A 359 -44.47 30.75 9.35
CA MET A 359 -43.96 31.17 8.01
C MET A 359 -44.69 30.36 6.94
N PRO A 360 -44.89 30.94 5.73
CA PRO A 360 -45.51 30.19 4.63
C PRO A 360 -44.66 28.98 4.16
N GLY A 361 -45.28 28.03 3.47
CA GLY A 361 -44.59 27.03 2.63
C GLY A 361 -43.96 25.88 3.41
N THR A 362 -43.66 24.79 2.69
CA THR A 362 -43.00 23.58 3.23
C THR A 362 -41.69 23.47 2.46
N LEU A 363 -40.80 24.40 2.78
CA LEU A 363 -39.50 24.56 2.10
C LEU A 363 -38.58 23.42 2.49
N ILE A 364 -38.91 22.62 3.53
CA ILE A 364 -38.24 21.31 3.75
C ILE A 364 -38.20 20.53 2.42
N ASP A 365 -39.17 20.67 1.53
CA ASP A 365 -39.13 20.00 0.20
C ASP A 365 -37.86 20.37 -0.58
N ALA A 366 -37.34 21.60 -0.43
CA ALA A 366 -36.12 22.04 -1.16
C ALA A 366 -34.90 21.41 -0.50
N VAL A 367 -34.88 21.26 0.83
CA VAL A 367 -33.74 20.61 1.52
C VAL A 367 -33.67 19.15 1.01
N ILE A 368 -34.84 18.53 0.86
CA ILE A 368 -34.96 17.10 0.41
C ILE A 368 -34.50 17.05 -1.05
N ALA A 369 -35.11 17.82 -1.94
CA ALA A 369 -34.80 17.79 -3.40
C ALA A 369 -33.34 18.12 -3.66
N ASP A 370 -32.76 19.10 -2.96
CA ASP A 370 -31.34 19.44 -3.18
C ASP A 370 -30.47 18.24 -2.83
N ALA A 371 -30.77 17.58 -1.71
CA ALA A 371 -30.05 16.38 -1.29
C ALA A 371 -30.23 15.32 -2.39
N ALA A 372 -31.44 15.11 -2.88
CA ALA A 372 -31.69 14.02 -3.87
C ALA A 372 -30.82 14.25 -5.13
N VAL A 373 -30.76 15.48 -5.64
CA VAL A 373 -30.06 15.74 -6.94
C VAL A 373 -28.55 15.71 -6.70
N LYS A 374 -28.12 15.75 -5.44
CA LYS A 374 -26.68 15.77 -5.06
C LYS A 374 -26.28 14.41 -4.51
N LYS A 375 -27.18 13.42 -4.61
CA LYS A 375 -26.96 12.01 -4.14
C LYS A 375 -26.62 11.99 -2.65
N ILE A 376 -27.35 12.77 -1.87
CA ILE A 376 -27.25 12.76 -0.39
C ILE A 376 -28.46 12.02 0.15
N ARG A 377 -28.21 10.94 0.88
CA ARG A 377 -29.25 10.04 1.44
C ARG A 377 -30.25 9.59 0.38
N PRO A 378 -29.76 9.02 -0.75
CA PRO A 378 -30.67 8.44 -1.74
C PRO A 378 -31.53 7.33 -1.12
N ASP A 379 -30.99 6.64 -0.13
CA ASP A 379 -31.69 5.57 0.63
C ASP A 379 -33.00 6.10 1.24
N LEU A 380 -33.06 7.40 1.58
CA LEU A 380 -34.25 7.96 2.27
C LEU A 380 -35.27 8.52 1.28
N MET A 381 -34.90 8.69 0.01
CA MET A 381 -35.72 9.49 -0.92
C MET A 381 -37.08 8.83 -1.18
N PRO A 382 -37.22 7.48 -1.32
CA PRO A 382 -38.56 6.90 -1.44
C PRO A 382 -39.49 7.25 -0.27
N GLN A 383 -38.99 7.20 0.96
CA GLN A 383 -39.79 7.59 2.17
C GLN A 383 -40.11 9.09 2.06
N PHE A 384 -39.13 9.91 1.65
CA PHE A 384 -39.36 11.38 1.54
C PHE A 384 -40.43 11.65 0.49
N LEU A 385 -40.39 10.94 -0.64
CA LEU A 385 -41.34 11.24 -1.73
C LEU A 385 -42.76 11.00 -1.26
N GLU A 386 -43.00 9.88 -0.59
CA GLU A 386 -44.31 9.52 0.01
C GLU A 386 -44.74 10.63 0.97
N ALA A 387 -43.81 11.09 1.81
CA ALA A 387 -44.07 12.19 2.80
C ALA A 387 -44.47 13.49 2.06
N MET A 388 -43.73 13.83 1.00
CA MET A 388 -43.96 15.07 0.21
C MET A 388 -45.32 14.98 -0.50
N LYS A 389 -45.62 13.84 -1.14
CA LYS A 389 -46.91 13.65 -1.87
C LYS A 389 -48.07 13.78 -0.87
N LYS A 390 -47.90 13.28 0.35
CA LYS A 390 -48.95 13.35 1.39
C LYS A 390 -49.18 14.84 1.70
N GLY A 391 -48.10 15.61 1.86
CA GLY A 391 -48.22 17.04 2.19
C GLY A 391 -48.86 17.84 1.07
N ALA A 392 -48.61 17.45 -0.17
CA ALA A 392 -49.09 18.15 -1.38
C ALA A 392 -50.55 17.79 -1.67
N THR A 393 -51.13 16.77 -1.03
CA THR A 393 -52.48 16.23 -1.42
C THR A 393 -53.45 16.17 -0.23
N GLN A 394 -52.98 16.24 1.01
CA GLN A 394 -53.84 16.09 2.23
C GLN A 394 -53.69 17.32 3.12
N GLN A 395 -54.83 17.88 3.49
CA GLN A 395 -55.01 19.03 4.39
C GLN A 395 -54.91 18.51 5.83
N SER A 396 -54.00 19.03 6.65
CA SER A 396 -53.95 18.72 8.10
C SER A 396 -55.13 19.40 8.82
N GLU A 397 -55.76 18.65 9.74
CA GLU A 397 -56.78 19.09 10.73
C GLU A 397 -56.18 20.10 11.74
N ARG A 398 -54.89 19.96 12.09
CA ARG A 398 -54.12 20.87 13.00
C ARG A 398 -53.43 21.98 12.17
N GLU A 399 -53.56 23.25 12.57
CA GLU A 399 -53.29 24.40 11.67
C GLU A 399 -51.77 24.59 11.42
N ASN A 400 -50.90 24.04 12.27
CA ASN A 400 -49.44 24.30 12.21
C ASN A 400 -48.71 23.33 11.27
N TYR A 401 -49.40 22.36 10.69
CA TYR A 401 -48.75 21.23 9.95
C TYR A 401 -48.98 21.32 8.44
N GLY A 402 -47.96 20.99 7.67
CA GLY A 402 -48.06 20.82 6.21
C GLY A 402 -48.60 22.08 5.57
N ARG A 403 -49.23 21.92 4.40
CA ARG A 403 -49.75 23.03 3.55
C ARG A 403 -51.09 23.54 4.11
N GLN A 404 -51.35 24.86 3.98
CA GLN A 404 -52.68 25.53 4.21
C GLN A 404 -53.36 25.74 2.85
N GLY A 405 -54.66 25.47 2.71
CA GLY A 405 -55.34 25.62 1.41
C GLY A 405 -54.75 24.66 0.36
N THR A 406 -54.33 23.48 0.81
CA THR A 406 -53.81 22.39 -0.04
C THR A 406 -54.85 22.09 -1.14
N LEU A 407 -56.09 21.86 -0.73
CA LEU A 407 -57.20 21.40 -1.61
C LEU A 407 -57.60 22.51 -2.59
N ASP A 408 -57.62 23.77 -2.13
CA ASP A 408 -57.95 24.92 -3.03
C ASP A 408 -56.84 25.10 -4.06
N TYR A 409 -55.57 24.95 -3.68
CA TYR A 409 -54.45 25.06 -4.63
C TYR A 409 -54.65 24.01 -5.73
N LEU A 410 -55.04 22.79 -5.35
CA LEU A 410 -55.23 21.67 -6.31
C LEU A 410 -56.44 21.98 -7.21
N LYS A 411 -57.48 22.63 -6.69
CA LYS A 411 -58.67 22.95 -7.49
C LYS A 411 -58.34 24.09 -8.47
N TYR A 412 -57.73 25.19 -8.02
CA TYR A 412 -57.66 26.46 -8.80
C TYR A 412 -56.31 26.61 -9.53
N GLY A 413 -55.27 25.88 -9.11
CA GLY A 413 -53.87 26.08 -9.54
C GLY A 413 -53.23 27.26 -8.81
N TYR A 414 -53.90 27.78 -7.79
CA TYR A 414 -53.39 28.85 -6.89
C TYR A 414 -54.17 28.83 -5.57
N VAL A 415 -53.57 29.35 -4.51
CA VAL A 415 -54.29 29.64 -3.24
C VAL A 415 -55.04 30.95 -3.43
N PRO A 416 -56.38 30.98 -3.28
CA PRO A 416 -57.15 32.21 -3.48
C PRO A 416 -56.92 33.32 -2.44
N SER A 417 -57.26 34.56 -2.82
CA SER A 417 -56.97 35.82 -2.08
C SER A 417 -57.64 35.82 -0.70
N THR A 418 -58.64 34.95 -0.48
CA THR A 418 -59.37 34.85 0.81
C THR A 418 -58.44 34.27 1.87
N TYR A 419 -57.35 33.61 1.48
CA TYR A 419 -56.30 33.11 2.40
C TYR A 419 -55.28 34.24 2.67
N HIS A 420 -54.77 34.31 3.89
CA HIS A 420 -53.65 35.20 4.29
C HIS A 420 -52.40 34.82 3.49
N GLU A 421 -51.70 35.80 2.91
CA GLU A 421 -50.35 35.58 2.32
C GLU A 421 -50.48 34.57 1.18
N SER A 422 -51.53 34.70 0.39
CA SER A 422 -51.89 33.77 -0.70
C SER A 422 -50.79 33.75 -1.77
N VAL A 423 -50.16 34.89 -2.04
CA VAL A 423 -49.11 34.96 -3.10
C VAL A 423 -47.93 34.08 -2.65
N ASN A 424 -47.42 34.26 -1.42
CA ASN A 424 -46.32 33.42 -0.91
C ASN A 424 -46.73 31.95 -0.92
N HIS A 425 -47.92 31.62 -0.42
CA HIS A 425 -48.37 30.20 -0.34
C HIS A 425 -48.34 29.60 -1.75
N THR A 426 -48.90 30.31 -2.71
CA THR A 426 -48.96 29.86 -4.12
C THR A 426 -47.53 29.60 -4.60
N LEU A 427 -46.66 30.61 -4.56
CA LEU A 427 -45.31 30.47 -5.15
C LEU A 427 -44.50 29.43 -4.37
N ASP A 428 -44.68 29.32 -3.05
CA ASP A 428 -43.94 28.29 -2.28
C ASP A 428 -44.44 26.90 -2.70
N TYR A 429 -45.75 26.73 -2.88
CA TYR A 429 -46.30 25.41 -3.32
C TYR A 429 -45.78 25.05 -4.72
N ALA A 430 -45.72 26.01 -5.65
CA ALA A 430 -45.24 25.73 -7.03
C ALA A 430 -43.75 25.32 -6.99
N TYR A 431 -42.92 26.01 -6.19
CA TYR A 431 -41.51 25.61 -6.01
C TYR A 431 -41.42 24.22 -5.35
N SER A 432 -42.20 23.97 -4.30
CA SER A 432 -42.28 22.63 -3.64
C SER A 432 -42.61 21.55 -4.69
N ASP A 433 -43.56 21.85 -5.56
CA ASP A 433 -43.95 20.91 -6.65
C ASP A 433 -42.76 20.60 -7.55
N PHE A 434 -41.95 21.60 -7.93
CA PHE A 434 -40.69 21.36 -8.66
C PHE A 434 -39.82 20.41 -7.84
N CYS A 435 -39.69 20.66 -6.55
CA CYS A 435 -38.83 19.87 -5.64
C CYS A 435 -39.33 18.41 -5.61
N ILE A 436 -40.63 18.22 -5.53
CA ILE A 436 -41.22 16.83 -5.49
C ILE A 436 -40.87 16.15 -6.83
N SER A 437 -41.03 16.88 -7.94
CA SER A 437 -40.70 16.45 -9.32
C SER A 437 -39.27 15.95 -9.37
N GLN A 438 -38.33 16.75 -8.85
CA GLN A 438 -36.90 16.38 -8.87
C GLN A 438 -36.67 15.09 -8.10
N VAL A 439 -37.23 14.94 -6.90
CA VAL A 439 -37.03 13.69 -6.11
C VAL A 439 -37.57 12.49 -6.92
N ALA A 440 -38.78 12.60 -7.44
CA ALA A 440 -39.40 11.56 -8.30
C ALA A 440 -38.44 11.17 -9.43
N LYS A 441 -37.88 12.17 -10.11
CA LYS A 441 -36.98 11.96 -11.26
C LYS A 441 -35.79 11.12 -10.80
N THR A 442 -35.23 11.43 -9.64
CA THR A 442 -34.02 10.72 -9.16
C THR A 442 -34.41 9.26 -8.91
N LEU A 443 -35.69 8.96 -8.74
CA LEU A 443 -36.16 7.59 -8.41
C LEU A 443 -36.77 6.95 -9.65
N ASN A 444 -36.73 7.61 -10.82
CA ASN A 444 -37.33 7.14 -12.10
C ASN A 444 -38.86 6.95 -11.98
N ASP A 445 -39.52 7.69 -11.07
CA ASP A 445 -41.00 7.73 -11.01
CA ASP A 445 -40.99 7.76 -10.97
C ASP A 445 -41.45 8.81 -12.01
N SER A 446 -41.61 8.40 -13.26
CA SER A 446 -41.87 9.27 -14.44
C SER A 446 -43.23 9.95 -14.32
N GLU A 447 -44.26 9.21 -13.91
CA GLU A 447 -45.65 9.72 -13.82
C GLU A 447 -45.68 10.82 -12.75
N THR A 448 -45.06 10.59 -11.59
CA THR A 448 -45.05 11.58 -10.49
C THR A 448 -44.21 12.78 -10.97
N ALA A 449 -43.02 12.54 -11.51
CA ALA A 449 -42.12 13.61 -12.02
C ALA A 449 -42.91 14.53 -12.96
N THR A 450 -43.66 13.95 -13.92
CA THR A 450 -44.38 14.72 -14.96
C THR A 450 -45.50 15.57 -14.33
N PHE A 451 -46.30 15.00 -13.45
CA PHE A 451 -47.45 15.72 -12.85
C PHE A 451 -46.92 16.93 -12.08
N TYR A 452 -45.90 16.73 -11.24
CA TYR A 452 -45.37 17.79 -10.34
C TYR A 452 -44.61 18.83 -11.16
N ARG A 453 -43.98 18.46 -12.28
CA ARG A 453 -43.28 19.43 -13.16
C ARG A 453 -44.33 20.39 -13.71
N GLN A 454 -45.53 19.90 -14.03
CA GLN A 454 -46.61 20.75 -14.58
C GLN A 454 -47.16 21.65 -13.45
N GLN A 455 -47.35 21.10 -12.26
CA GLN A 455 -47.84 21.86 -11.08
C GLN A 455 -46.88 23.02 -10.80
N ALA A 456 -45.58 22.79 -10.98
CA ALA A 456 -44.52 23.78 -10.69
C ALA A 456 -44.72 25.02 -11.58
N LEU A 457 -45.56 24.96 -12.64
CA LEU A 457 -45.81 26.15 -13.50
C LEU A 457 -46.95 27.00 -12.95
N ASN A 458 -47.54 26.64 -11.80
CA ASN A 458 -48.70 27.36 -11.18
C ASN A 458 -48.33 28.81 -10.78
N TYR A 459 -47.04 29.14 -10.63
CA TYR A 459 -46.66 30.57 -10.43
C TYR A 459 -47.31 31.46 -11.50
N GLN A 460 -47.59 30.96 -12.72
CA GLN A 460 -48.12 31.79 -13.85
C GLN A 460 -49.51 32.31 -13.51
N GLN A 461 -50.23 31.61 -12.65
CA GLN A 461 -51.62 31.94 -12.25
C GLN A 461 -51.69 33.32 -11.57
N LEU A 462 -50.65 33.77 -10.85
CA LEU A 462 -50.77 35.04 -10.08
C LEU A 462 -49.98 36.17 -10.77
N PHE A 463 -49.47 35.94 -11.98
CA PHE A 463 -48.73 37.02 -12.67
C PHE A 463 -49.72 37.94 -13.39
N ASN A 464 -49.66 39.22 -13.06
CA ASN A 464 -50.53 40.23 -13.69
C ASN A 464 -49.73 40.98 -14.75
N PRO A 465 -49.97 40.69 -16.04
CA PRO A 465 -49.24 41.36 -17.12
C PRO A 465 -49.43 42.88 -17.09
N GLU A 466 -50.56 43.36 -16.58
CA GLU A 466 -50.89 44.81 -16.46
C GLU A 466 -49.90 45.53 -15.52
N THR A 467 -49.39 44.86 -14.47
CA THR A 467 -48.54 45.50 -13.44
C THR A 467 -47.11 44.96 -13.49
N GLY A 468 -46.90 43.75 -14.02
CA GLY A 468 -45.60 43.07 -13.94
C GLY A 468 -45.29 42.58 -12.52
N PHE A 469 -46.33 42.35 -11.73
CA PHE A 469 -46.21 41.78 -10.36
C PHE A 469 -47.06 40.52 -10.18
N MET A 470 -46.66 39.71 -9.21
CA MET A 470 -47.48 38.63 -8.60
C MET A 470 -48.50 39.28 -7.67
N GLN A 471 -49.77 39.04 -7.91
CA GLN A 471 -50.87 39.63 -7.12
C GLN A 471 -51.87 38.55 -6.76
N ALA A 472 -52.55 38.74 -5.63
CA ALA A 472 -53.57 37.80 -5.13
C ALA A 472 -54.80 37.84 -6.06
N LYS A 473 -55.45 36.69 -6.18
CA LYS A 473 -56.48 36.39 -7.20
C LYS A 473 -57.60 35.64 -6.49
N ASP A 474 -58.85 36.04 -6.73
CA ASP A 474 -60.07 35.44 -6.11
C ASP A 474 -60.46 34.19 -6.92
N THR A 475 -61.47 33.45 -6.44
CA THR A 475 -61.94 32.15 -7.00
C THR A 475 -62.47 32.31 -8.44
N GLU A 476 -62.72 33.53 -8.91
CA GLU A 476 -63.21 33.79 -10.29
C GLU A 476 -62.08 34.39 -11.14
N GLY A 477 -60.85 34.42 -10.63
CA GLY A 477 -59.65 34.75 -11.45
C GLY A 477 -59.43 36.25 -11.58
N ASN A 478 -59.97 37.04 -10.67
CA ASN A 478 -59.84 38.52 -10.64
C ASN A 478 -58.79 38.90 -9.59
N PHE A 479 -57.85 39.75 -9.98
CA PHE A 479 -56.81 40.33 -9.09
C PHE A 479 -57.50 41.30 -8.12
N ARG A 480 -57.23 41.16 -6.82
CA ARG A 480 -57.61 42.17 -5.79
C ARG A 480 -57.36 43.56 -6.39
N PRO A 481 -58.33 44.50 -6.38
CA PRO A 481 -58.08 45.84 -6.90
C PRO A 481 -57.38 46.67 -5.82
N ASP A 482 -57.12 47.94 -6.13
CA ASP A 482 -56.49 48.91 -5.19
C ASP A 482 -55.04 48.50 -4.93
N PHE A 483 -54.42 47.80 -5.90
CA PHE A 483 -53.02 47.33 -5.84
C PHE A 483 -52.05 48.51 -5.69
N LEU A 484 -51.11 48.44 -4.73
CA LEU A 484 -49.99 49.39 -4.63
C LEU A 484 -48.69 48.58 -4.51
N ASP A 485 -47.72 48.82 -5.39
CA ASP A 485 -46.51 47.95 -5.52
C ASP A 485 -45.71 47.91 -4.20
N ILE A 486 -45.80 48.94 -3.36
CA ILE A 486 -44.93 49.05 -2.14
C ILE A 486 -45.75 48.78 -0.89
N ARG A 487 -46.97 48.25 -1.03
CA ARG A 487 -47.80 47.93 0.15
C ARG A 487 -47.41 46.55 0.71
N TRP A 488 -47.10 46.50 2.02
CA TRP A 488 -46.62 45.28 2.71
C TRP A 488 -47.79 44.51 3.31
N GLY A 489 -47.63 43.19 3.39
CA GLY A 489 -48.51 42.27 4.14
C GLY A 489 -49.75 41.91 3.35
N LYS A 490 -50.81 41.50 4.06
CA LYS A 490 -52.09 41.06 3.48
C LYS A 490 -51.84 39.86 2.57
N ASP A 491 -51.40 40.10 1.34
CA ASP A 491 -51.21 39.06 0.29
C ASP A 491 -49.77 38.54 0.31
N TYR A 492 -48.86 39.24 0.98
CA TYR A 492 -47.40 38.96 0.96
C TYR A 492 -46.90 38.86 2.40
N ALA A 493 -45.97 37.97 2.66
CA ALA A 493 -45.35 37.79 3.98
C ALA A 493 -44.10 38.69 4.06
N GLN A 494 -44.11 39.66 4.96
CA GLN A 494 -42.91 40.43 5.38
C GLN A 494 -42.30 41.10 4.15
N GLY A 495 -43.15 41.62 3.28
CA GLY A 495 -42.71 42.34 2.07
C GLY A 495 -43.87 42.89 1.29
N SER A 496 -43.54 43.66 0.25
CA SER A 496 -44.48 44.18 -0.75
C SER A 496 -44.43 43.23 -1.95
N ALA A 497 -45.19 43.54 -2.99
CA ALA A 497 -45.05 42.89 -4.31
C ALA A 497 -43.57 42.84 -4.75
N TRP A 498 -42.78 43.88 -4.43
CA TRP A 498 -41.37 43.98 -4.86
C TRP A 498 -40.51 42.87 -4.22
N GLN A 499 -40.79 42.47 -2.99
CA GLN A 499 -40.01 41.46 -2.26
C GLN A 499 -40.61 40.07 -2.50
N SER A 500 -41.66 39.95 -3.29
CA SER A 500 -42.52 38.73 -3.34
C SER A 500 -42.72 38.17 -4.75
N SER A 501 -42.41 38.94 -5.79
CA SER A 501 -42.84 38.61 -7.17
C SER A 501 -41.80 37.72 -7.87
N PHE A 502 -40.70 37.38 -7.23
CA PHE A 502 -39.56 36.70 -7.92
C PHE A 502 -39.19 35.37 -7.26
N ALA A 503 -40.11 34.79 -6.51
CA ALA A 503 -39.90 33.49 -5.84
C ALA A 503 -40.28 32.37 -6.83
N VAL A 504 -39.57 32.27 -7.95
CA VAL A 504 -39.81 31.28 -9.03
C VAL A 504 -38.47 30.63 -9.38
N TYR A 505 -37.82 30.06 -8.37
CA TYR A 505 -36.45 29.49 -8.44
C TYR A 505 -36.44 28.37 -9.50
N GLN A 506 -37.59 27.69 -9.65
CA GLN A 506 -37.76 26.53 -10.57
C GLN A 506 -37.76 26.98 -12.02
N ASP A 507 -38.09 28.23 -12.34
CA ASP A 507 -38.33 28.59 -13.76
C ASP A 507 -38.19 30.08 -14.05
N PHE A 508 -37.03 30.68 -13.77
CA PHE A 508 -36.83 32.11 -14.08
C PHE A 508 -37.02 32.34 -15.60
N ALA A 509 -36.58 31.40 -16.45
CA ALA A 509 -36.74 31.59 -17.90
C ALA A 509 -38.23 31.76 -18.22
N GLY A 510 -39.11 31.00 -17.56
CA GLY A 510 -40.57 31.10 -17.80
C GLY A 510 -41.14 32.39 -17.23
N LEU A 511 -40.66 32.85 -16.07
CA LEU A 511 -41.16 34.12 -15.48
C LEU A 511 -40.78 35.24 -16.47
N ILE A 512 -39.56 35.16 -16.99
CA ILE A 512 -39.01 36.18 -17.94
C ILE A 512 -39.92 36.23 -19.17
N LYS A 513 -40.35 35.06 -19.68
CA LYS A 513 -41.23 35.01 -20.86
C LYS A 513 -42.54 35.75 -20.51
N LEU A 514 -43.05 35.66 -19.29
CA LEU A 514 -44.30 36.37 -18.92
C LEU A 514 -44.16 37.88 -19.07
N TYR A 515 -42.96 38.41 -18.79
CA TYR A 515 -42.67 39.86 -18.92
C TYR A 515 -42.64 40.24 -20.39
N GLY A 516 -42.35 39.30 -21.28
CA GLY A 516 -42.35 39.54 -22.75
C GLY A 516 -40.99 39.34 -23.36
N SER A 517 -39.90 39.48 -22.59
CA SER A 517 -38.50 39.55 -23.09
C SER A 517 -37.50 39.68 -21.95
N GLU A 518 -36.27 39.19 -22.17
CA GLU A 518 -35.09 39.41 -21.29
C GLU A 518 -34.97 40.90 -21.00
N LEU A 519 -35.30 41.79 -21.94
CA LEU A 519 -35.16 43.27 -21.76
C LEU A 519 -36.24 43.83 -20.83
N ALA A 520 -37.50 43.42 -20.98
CA ALA A 520 -38.57 43.94 -20.13
C ALA A 520 -38.29 43.46 -18.70
N PHE A 521 -37.75 42.26 -18.51
CA PHE A 521 -37.40 41.73 -17.16
C PHE A 521 -36.24 42.57 -16.57
N GLU A 522 -35.23 42.84 -17.39
CA GLU A 522 -34.07 43.70 -17.04
C GLU A 522 -34.63 45.02 -16.49
N LYS A 523 -35.52 45.67 -17.24
CA LYS A 523 -36.09 46.98 -16.85
C LYS A 523 -36.72 46.88 -15.46
N LYS A 524 -37.45 45.81 -15.17
CA LYS A 524 -38.10 45.62 -13.86
C LYS A 524 -37.01 45.53 -12.76
N LEU A 525 -35.93 44.80 -13.03
CA LEU A 525 -34.88 44.56 -12.01
C LEU A 525 -34.18 45.87 -11.72
N ILE A 526 -33.96 46.68 -12.76
CA ILE A 526 -33.24 47.97 -12.59
C ILE A 526 -34.11 48.89 -11.72
N GLN A 527 -35.40 48.87 -12.00
CA GLN A 527 -36.36 49.70 -11.24
C GLN A 527 -36.40 49.20 -9.78
N LEU A 528 -36.39 47.89 -9.58
CA LEU A 528 -36.39 47.31 -8.21
C LEU A 528 -35.19 47.88 -7.45
N CYS A 529 -33.99 47.88 -8.09
CA CYS A 529 -32.72 48.22 -7.40
C CYS A 529 -32.58 49.74 -7.21
N ASN A 530 -32.98 50.55 -8.19
CA ASN A 530 -32.52 51.97 -8.27
C ASN A 530 -33.56 52.93 -7.67
N GLN A 531 -34.67 52.45 -7.19
CA GLN A 531 -35.73 53.34 -6.63
C GLN A 531 -35.46 53.63 -5.15
N ALA A 532 -36.19 54.55 -4.53
CA ALA A 532 -36.03 54.82 -3.09
C ALA A 532 -36.58 53.62 -2.32
N PRO A 533 -36.12 53.33 -1.07
CA PRO A 533 -36.67 52.23 -0.27
C PRO A 533 -37.94 52.62 0.49
N ASN A 534 -38.97 53.00 -0.24
CA ASN A 534 -40.29 53.41 0.27
C ASN A 534 -41.11 52.16 0.55
N PHE A 535 -41.99 52.23 1.53
CA PHE A 535 -42.94 51.16 1.90
C PHE A 535 -44.27 51.79 2.36
N ASN A 536 -45.34 51.00 2.33
CA ASN A 536 -46.68 51.39 2.83
C ASN A 536 -47.14 50.27 3.79
N VAL A 537 -47.65 50.62 4.97
CA VAL A 537 -47.74 49.65 6.11
C VAL A 537 -49.14 49.02 6.20
N GLU A 538 -50.06 49.39 5.30
CA GLU A 538 -51.52 49.11 5.43
C GLU A 538 -51.80 47.63 5.74
N GLY A 539 -51.16 46.68 5.05
CA GLY A 539 -51.30 45.22 5.31
C GLY A 539 -51.04 44.84 6.76
N TYR A 540 -50.23 45.60 7.51
CA TYR A 540 -49.88 45.34 8.93
C TYR A 540 -50.63 46.31 9.87
N GLY A 541 -50.76 47.59 9.47
CA GLY A 541 -51.35 48.69 10.24
C GLY A 541 -50.29 49.42 11.05
N PHE A 542 -49.03 49.02 10.95
CA PHE A 542 -47.91 49.67 11.71
C PHE A 542 -46.62 49.26 11.01
N GLU A 543 -45.52 49.93 11.38
CA GLU A 543 -44.19 49.62 10.78
C GLU A 543 -43.59 48.48 11.56
N ILE A 544 -43.06 47.48 10.85
CA ILE A 544 -42.37 46.31 11.44
C ILE A 544 -40.88 46.42 11.11
N HIS A 545 -40.07 45.77 11.91
CA HIS A 545 -38.60 45.90 11.83
C HIS A 545 -38.10 45.60 10.40
N GLU A 546 -38.68 44.63 9.66
CA GLU A 546 -38.19 44.32 8.27
C GLU A 546 -38.34 45.54 7.35
N MET A 547 -39.38 46.35 7.54
CA MET A 547 -39.55 47.58 6.76
C MET A 547 -38.41 48.52 7.13
N SER A 548 -38.19 48.73 8.42
CA SER A 548 -37.21 49.70 8.96
C SER A 548 -35.80 49.33 8.45
N GLU A 549 -35.52 48.05 8.39
CA GLU A 549 -34.17 47.56 7.99
C GLU A 549 -33.96 47.81 6.49
N MET A 550 -35.00 47.68 5.67
CA MET A 550 -34.88 48.03 4.24
C MET A 550 -34.68 49.56 4.13
N ALA A 551 -35.49 50.35 4.85
CA ALA A 551 -35.52 51.81 4.73
C ALA A 551 -34.29 52.45 5.39
N ALA A 552 -33.57 51.71 6.23
CA ALA A 552 -32.33 52.19 6.91
C ALA A 552 -31.21 52.40 5.91
N ILE A 553 -31.23 51.70 4.77
CA ILE A 553 -30.10 51.73 3.79
C ILE A 553 -30.66 52.06 2.41
N ASP A 554 -29.79 52.50 1.52
CA ASP A 554 -30.19 52.91 0.17
C ASP A 554 -29.80 51.82 -0.82
N PHE A 555 -30.55 50.71 -0.79
CA PHE A 555 -30.40 49.62 -1.77
C PHE A 555 -31.76 49.33 -2.38
N GLY A 556 -32.56 50.40 -2.53
CA GLY A 556 -33.86 50.27 -3.19
C GLY A 556 -34.72 49.22 -2.53
N GLN A 557 -35.46 48.45 -3.32
CA GLN A 557 -36.37 47.37 -2.82
C GLN A 557 -35.62 46.06 -2.65
N LEU A 558 -34.28 46.03 -2.76
CA LEU A 558 -33.53 44.81 -2.55
C LEU A 558 -33.33 44.66 -1.03
N ALA A 559 -34.31 44.10 -0.38
CA ALA A 559 -34.35 44.06 1.11
C ALA A 559 -33.51 42.87 1.61
N ILE A 560 -32.19 43.06 1.58
CA ILE A 560 -31.19 42.03 1.96
C ILE A 560 -31.37 41.69 3.44
N SER A 561 -32.08 42.54 4.21
CA SER A 561 -32.42 42.29 5.63
C SER A 561 -33.34 41.06 5.82
N ASN A 562 -33.94 40.54 4.76
CA ASN A 562 -34.88 39.42 4.89
C ASN A 562 -34.71 38.43 3.72
N GLN A 563 -35.07 37.18 3.98
CA GLN A 563 -34.85 36.03 3.06
C GLN A 563 -35.44 36.23 1.67
N PRO A 564 -36.62 36.84 1.49
CA PRO A 564 -37.24 36.97 0.17
C PRO A 564 -36.37 37.62 -0.90
N SER A 565 -35.46 38.54 -0.55
CA SER A 565 -34.64 39.30 -1.55
C SER A 565 -33.23 38.65 -1.73
N PHE A 566 -32.91 37.61 -0.97
CA PHE A 566 -31.51 37.05 -0.87
C PHE A 566 -30.97 36.74 -2.26
N HIS A 567 -31.82 36.28 -3.18
CA HIS A 567 -31.35 35.84 -4.52
C HIS A 567 -31.37 36.98 -5.53
N TYR A 568 -31.92 38.15 -5.20
CA TYR A 568 -32.17 39.24 -6.20
C TYR A 568 -30.95 39.55 -7.08
N PRO A 569 -29.70 39.72 -6.59
CA PRO A 569 -28.60 40.09 -7.47
C PRO A 569 -28.44 39.05 -8.60
N PHE A 570 -28.84 37.82 -8.35
CA PHE A 570 -28.59 36.73 -9.31
C PHE A 570 -29.61 36.75 -10.45
N LEU A 571 -30.68 37.51 -10.31
CA LEU A 571 -31.74 37.53 -11.33
C LEU A 571 -31.12 38.07 -12.62
N PHE A 572 -30.06 38.87 -12.51
CA PHE A 572 -29.36 39.48 -13.67
C PHE A 572 -28.67 38.36 -14.47
N SER A 573 -28.40 37.23 -13.82
CA SER A 573 -27.71 36.06 -14.44
C SER A 573 -28.64 35.33 -15.41
N TYR A 574 -29.96 35.54 -15.28
CA TYR A 574 -30.98 34.82 -16.08
C TYR A 574 -31.27 35.57 -17.38
N ILE A 575 -30.67 36.74 -17.57
CA ILE A 575 -30.80 37.54 -18.83
C ILE A 575 -29.43 37.76 -19.42
N GLY A 576 -28.44 36.95 -19.02
CA GLY A 576 -27.05 36.98 -19.49
C GLY A 576 -26.36 38.31 -19.18
N LYS A 577 -26.64 38.92 -18.03
CA LYS A 577 -26.06 40.24 -17.67
C LYS A 577 -25.57 40.21 -16.23
N PRO A 578 -24.78 39.18 -15.81
CA PRO A 578 -24.30 39.06 -14.42
C PRO A 578 -23.45 40.27 -14.03
N GLU A 579 -22.84 40.93 -15.04
CA GLU A 579 -21.93 42.07 -14.79
C GLU A 579 -22.72 43.22 -14.13
N MET A 580 -24.02 43.32 -14.39
CA MET A 580 -24.84 44.40 -13.83
C MET A 580 -24.89 44.27 -12.29
N ALA A 581 -24.64 43.08 -11.72
CA ALA A 581 -24.85 42.81 -10.27
C ALA A 581 -23.53 42.55 -9.54
N GLN A 582 -22.39 42.54 -10.22
CA GLN A 582 -21.11 42.18 -9.54
C GLN A 582 -20.77 43.27 -8.53
N PRO A 583 -20.82 44.57 -8.88
CA PRO A 583 -20.57 45.63 -7.88
C PRO A 583 -21.57 45.57 -6.72
N LEU A 584 -22.85 45.38 -7.05
CA LEU A 584 -23.96 45.33 -6.09
C LEU A 584 -23.66 44.26 -5.02
N LEU A 585 -23.18 43.09 -5.42
CA LEU A 585 -22.93 41.96 -4.48
C LEU A 585 -21.80 42.34 -3.51
N LYS A 586 -20.73 42.99 -3.98
CA LYS A 586 -19.63 43.45 -3.06
C LYS A 586 -20.19 44.51 -2.10
N GLN A 587 -20.98 45.44 -2.61
CA GLN A 587 -21.63 46.50 -1.80
C GLN A 587 -22.55 45.84 -0.75
N LEU A 588 -23.38 44.84 -1.13
CA LEU A 588 -24.22 44.11 -0.14
C LEU A 588 -23.36 43.46 0.94
N MET A 589 -22.25 42.79 0.60
CA MET A 589 -21.40 42.16 1.63
C MET A 589 -20.83 43.20 2.59
N GLN A 590 -20.64 44.46 2.16
CA GLN A 590 -20.14 45.49 3.11
C GLN A 590 -21.15 45.84 4.21
N THR A 591 -22.43 45.46 4.10
CA THR A 591 -23.48 45.69 5.15
C THR A 591 -23.28 44.69 6.31
N PHE A 592 -22.30 43.79 6.20
CA PHE A 592 -21.98 42.78 7.23
C PHE A 592 -20.65 43.13 7.90
N ASP A 593 -20.58 43.02 9.23
CA ASP A 593 -19.30 43.07 9.96
C ASP A 593 -19.43 42.27 11.28
N ALA A 594 -18.34 42.18 12.04
CA ALA A 594 -18.22 41.31 13.21
C ALA A 594 -18.70 42.03 14.45
N SER A 595 -19.29 43.22 14.28
CA SER A 595 -19.72 44.08 15.42
C SER A 595 -21.07 43.63 15.97
N PRO A 596 -21.50 44.16 17.13
CA PRO A 596 -22.87 43.93 17.61
C PRO A 596 -23.97 44.41 16.66
N THR A 597 -23.66 45.28 15.70
CA THR A 597 -24.64 45.73 14.67
C THR A 597 -24.35 45.05 13.31
N GLY A 598 -23.66 43.91 13.32
CA GLY A 598 -23.00 43.31 12.15
C GLY A 598 -23.88 42.67 11.07
N TYR A 599 -25.19 42.55 11.19
CA TYR A 599 -26.02 42.02 10.08
C TYR A 599 -27.06 43.05 9.68
N PRO A 600 -27.43 43.09 8.39
CA PRO A 600 -28.52 43.95 7.92
C PRO A 600 -29.93 43.63 8.40
N GLY A 601 -30.15 42.43 8.98
CA GLY A 601 -31.44 41.98 9.51
C GLY A 601 -31.27 40.65 10.22
N ASP A 602 -32.36 39.96 10.44
CA ASP A 602 -32.37 38.72 11.27
C ASP A 602 -31.46 37.65 10.62
N GLU A 603 -30.52 37.14 11.41
CA GLU A 603 -29.55 36.14 10.93
C GLU A 603 -30.29 34.82 10.67
N ASP A 604 -31.33 34.52 11.45
CA ASP A 604 -32.20 33.29 11.28
C ASP A 604 -31.38 31.98 11.15
N ASN A 605 -30.72 31.56 12.24
CA ASN A 605 -30.21 30.18 12.47
C ASN A 605 -29.32 29.72 11.29
N GLY A 606 -28.45 30.59 10.83
CA GLY A 606 -27.39 30.25 9.86
C GLY A 606 -27.73 30.78 8.49
N SER A 607 -28.98 31.18 8.27
CA SER A 607 -29.49 31.49 6.93
C SER A 607 -28.72 32.68 6.35
N MET A 608 -28.63 33.78 7.07
CA MET A 608 -27.96 34.98 6.50
C MET A 608 -26.42 34.83 6.58
N SER A 609 -25.90 34.12 7.57
CA SER A 609 -24.45 33.80 7.72
C SER A 609 -24.04 33.03 6.48
N ALA A 610 -24.83 32.04 6.05
CA ALA A 610 -24.42 31.20 4.91
C ALA A 610 -24.58 32.01 3.61
N TRP A 611 -25.57 32.90 3.52
CA TRP A 611 -25.61 33.90 2.43
C TRP A 611 -24.22 34.57 2.31
N TYR A 612 -23.68 35.06 3.42
CA TYR A 612 -22.41 35.81 3.44
C TYR A 612 -21.25 34.89 3.04
N ILE A 613 -21.23 33.66 3.53
CA ILE A 613 -20.11 32.71 3.22
C ILE A 613 -20.12 32.44 1.72
N PHE A 614 -21.25 32.02 1.18
CA PHE A 614 -21.36 31.67 -0.26
C PHE A 614 -20.89 32.88 -1.06
N ASN A 615 -21.47 34.06 -0.81
CA ASN A 615 -21.12 35.26 -1.62
C ASN A 615 -19.64 35.62 -1.48
N SER A 616 -19.01 35.39 -0.33
CA SER A 616 -17.57 35.62 -0.08
C SER A 616 -16.75 34.75 -1.06
N LEU A 617 -17.24 33.55 -1.36
CA LEU A 617 -16.56 32.62 -2.26
C LEU A 617 -16.93 32.92 -3.72
N GLY A 618 -18.02 33.64 -3.98
CA GLY A 618 -18.41 34.12 -5.32
C GLY A 618 -19.41 33.24 -6.04
N PHE A 619 -20.18 32.40 -5.34
CA PHE A 619 -21.27 31.62 -5.98
C PHE A 619 -22.36 31.36 -4.96
N TYR A 620 -23.56 31.08 -5.43
CA TYR A 620 -24.77 31.11 -4.59
C TYR A 620 -25.83 30.13 -5.08
N PRO A 621 -26.43 29.32 -4.18
CA PRO A 621 -27.47 28.39 -4.60
C PRO A 621 -28.84 29.06 -4.78
N VAL A 622 -29.07 29.66 -5.94
CA VAL A 622 -30.38 30.31 -6.25
C VAL A 622 -31.47 29.23 -6.19
N THR A 623 -31.18 28.06 -6.74
CA THR A 623 -32.23 27.05 -6.94
C THR A 623 -31.77 25.75 -6.27
N PRO A 624 -31.96 25.61 -4.94
CA PRO A 624 -31.88 24.30 -4.30
C PRO A 624 -32.79 23.36 -5.09
N GLY A 625 -32.26 22.18 -5.41
CA GLY A 625 -32.96 21.15 -6.19
C GLY A 625 -32.46 21.10 -7.64
N ALA A 626 -31.67 22.07 -8.08
CA ALA A 626 -31.14 22.09 -9.45
C ALA A 626 -29.72 21.53 -9.50
N GLY A 627 -28.96 21.49 -8.39
CA GLY A 627 -27.54 21.07 -8.40
C GLY A 627 -26.63 22.07 -9.09
N GLU A 628 -26.86 23.36 -8.84
CA GLU A 628 -26.08 24.48 -9.42
C GLU A 628 -25.83 25.56 -8.37
N TYR A 629 -24.80 26.35 -8.61
CA TYR A 629 -24.45 27.58 -7.88
C TYR A 629 -24.24 28.68 -8.93
N VAL A 630 -25.03 29.75 -8.85
CA VAL A 630 -24.97 30.91 -9.79
C VAL A 630 -23.79 31.77 -9.33
N ILE A 631 -23.02 32.25 -10.30
CA ILE A 631 -21.76 32.97 -10.02
C ILE A 631 -22.12 34.43 -9.67
N GLY A 632 -21.39 34.96 -8.71
CA GLY A 632 -21.65 36.28 -8.16
C GLY A 632 -20.39 37.10 -8.27
N MET A 633 -19.85 37.51 -7.12
CA MET A 633 -18.62 38.32 -7.08
C MET A 633 -17.92 38.00 -5.77
N PRO A 634 -16.72 37.40 -5.82
CA PRO A 634 -16.03 37.01 -4.61
C PRO A 634 -15.44 38.20 -3.84
N LEU A 635 -15.42 38.05 -2.51
CA LEU A 635 -14.78 39.01 -1.58
C LEU A 635 -13.45 38.43 -1.08
N VAL A 636 -13.29 37.11 -0.98
CA VAL A 636 -11.97 36.50 -0.63
C VAL A 636 -10.93 36.81 -1.71
N GLN A 637 -9.66 36.72 -1.32
CA GLN A 637 -8.53 36.56 -2.27
C GLN A 637 -8.17 35.08 -2.39
N THR A 638 -8.22 34.32 -1.29
CA THR A 638 -7.93 32.88 -1.32
C THR A 638 -8.97 32.15 -0.47
N ALA A 639 -9.31 30.92 -0.87
CA ALA A 639 -10.05 29.99 0.00
C ALA A 639 -9.55 28.57 -0.32
N GLU A 640 -9.28 27.78 0.72
CA GLU A 640 -9.12 26.32 0.61
C GLU A 640 -10.42 25.74 1.16
N VAL A 641 -11.19 25.13 0.28
CA VAL A 641 -12.50 24.50 0.61
C VAL A 641 -12.28 23.00 0.74
N LYS A 642 -12.40 22.43 1.94
CA LYS A 642 -12.30 20.98 2.18
C LYS A 642 -13.66 20.39 1.89
N LEU A 643 -13.81 19.70 0.77
CA LEU A 643 -15.11 19.15 0.34
C LEU A 643 -15.33 17.85 1.11
N SER A 644 -16.57 17.56 1.45
CA SER A 644 -17.00 16.37 2.21
C SER A 644 -16.53 15.11 1.47
N ASN A 645 -16.40 15.14 0.14
CA ASN A 645 -16.00 13.94 -0.65
C ASN A 645 -14.50 13.69 -0.51
N GLY A 646 -13.77 14.51 0.27
CA GLY A 646 -12.33 14.34 0.52
C GLY A 646 -11.43 15.14 -0.43
N LYS A 647 -11.98 15.80 -1.44
CA LYS A 647 -11.18 16.67 -2.33
C LYS A 647 -11.10 18.10 -1.77
N GLN A 648 -10.31 18.95 -2.43
CA GLN A 648 -10.05 20.35 -2.02
C GLN A 648 -10.33 21.21 -3.24
N LEU A 649 -11.13 22.27 -3.08
CA LEU A 649 -11.27 23.32 -4.11
C LEU A 649 -10.46 24.51 -3.62
N THR A 650 -9.47 24.93 -4.40
CA THR A 650 -8.59 26.07 -4.04
C THR A 650 -9.05 27.24 -4.88
N ILE A 651 -9.52 28.30 -4.22
CA ILE A 651 -9.95 29.53 -4.91
C ILE A 651 -8.83 30.56 -4.83
N GLN A 652 -8.54 31.25 -5.94
CA GLN A 652 -7.52 32.31 -5.98
C GLN A 652 -8.12 33.42 -6.84
N THR A 653 -8.07 34.65 -6.36
CA THR A 653 -8.51 35.82 -7.14
C THR A 653 -7.27 36.62 -7.50
N SER A 654 -7.35 37.42 -8.54
CA SER A 654 -6.39 38.51 -8.73
C SER A 654 -6.59 39.47 -7.56
N PRO A 655 -5.71 40.48 -7.38
CA PRO A 655 -5.77 41.36 -6.20
C PRO A 655 -7.22 41.86 -6.09
N ASN A 656 -7.83 41.70 -4.91
CA ASN A 656 -9.30 41.89 -4.75
C ASN A 656 -9.51 43.04 -3.77
N LYS A 657 -9.24 44.26 -4.26
CA LYS A 657 -9.34 45.49 -3.47
C LYS A 657 -10.72 46.09 -3.70
N VAL A 658 -11.05 47.18 -3.02
CA VAL A 658 -12.37 47.84 -3.14
CA VAL A 658 -12.40 47.79 -3.15
C VAL A 658 -12.70 48.15 -4.61
N GLN A 659 -11.73 48.56 -5.42
CA GLN A 659 -12.02 48.97 -6.83
C GLN A 659 -12.31 47.76 -7.73
N GLN A 660 -11.96 46.55 -7.32
CA GLN A 660 -12.32 45.32 -8.07
C GLN A 660 -13.80 45.06 -7.81
N GLN A 661 -14.64 45.30 -8.80
CA GLN A 661 -16.10 45.13 -8.64
C GLN A 661 -16.72 44.24 -9.72
N PHE A 662 -15.90 43.60 -10.55
CA PHE A 662 -16.35 42.78 -11.70
C PHE A 662 -15.46 41.53 -11.82
N ILE A 663 -16.01 40.52 -12.46
CA ILE A 663 -15.24 39.35 -12.91
C ILE A 663 -14.79 39.59 -14.35
N HIS A 664 -13.50 39.53 -14.57
CA HIS A 664 -12.91 39.61 -15.94
C HIS A 664 -12.97 38.23 -16.62
N GLU A 665 -12.43 37.21 -15.97
CA GLU A 665 -12.44 35.83 -16.49
C GLU A 665 -12.38 34.83 -15.34
N ILE A 666 -12.95 33.64 -15.55
CA ILE A 666 -12.80 32.51 -14.60
C ILE A 666 -12.11 31.35 -15.34
N GLN A 667 -11.11 30.77 -14.70
CA GLN A 667 -10.54 29.47 -15.14
C GLN A 667 -10.88 28.43 -14.06
N LEU A 668 -11.53 27.34 -14.45
CA LEU A 668 -11.74 26.16 -13.58
C LEU A 668 -10.76 25.07 -14.04
N ASN A 669 -9.80 24.68 -13.20
CA ASN A 669 -8.71 23.73 -13.59
C ASN A 669 -8.09 24.13 -14.94
N GLN A 670 -7.68 25.40 -15.07
CA GLN A 670 -6.97 26.01 -16.23
C GLN A 670 -7.83 26.02 -17.50
N GLU A 671 -9.14 25.87 -17.42
CA GLU A 671 -10.07 25.93 -18.59
C GLU A 671 -10.98 27.16 -18.41
N LYS A 672 -11.02 28.03 -19.41
CA LYS A 672 -11.97 29.16 -19.46
C LYS A 672 -13.34 28.63 -19.07
N HIS A 673 -14.01 29.31 -18.15
CA HIS A 673 -15.40 29.00 -17.72
C HIS A 673 -16.31 30.17 -18.08
N THR A 674 -17.17 30.02 -19.07
CA THR A 674 -18.05 31.10 -19.57
C THR A 674 -19.46 31.03 -18.95
N ALA A 675 -19.93 29.88 -18.47
CA ALA A 675 -21.33 29.76 -18.00
C ALA A 675 -21.50 30.63 -16.74
N PRO A 676 -22.66 31.30 -16.52
CA PRO A 676 -22.89 32.10 -15.32
C PRO A 676 -23.20 31.26 -14.05
N TYR A 677 -22.91 29.96 -14.07
CA TYR A 677 -23.14 29.04 -12.91
C TYR A 677 -22.06 27.95 -12.91
N PHE A 678 -21.93 27.28 -11.78
CA PHE A 678 -21.13 26.04 -11.64
C PHE A 678 -22.12 24.90 -11.35
N THR A 679 -21.88 23.70 -11.86
CA THR A 679 -22.66 22.53 -11.38
C THR A 679 -22.08 22.14 -10.02
N HIS A 680 -22.86 21.46 -9.20
CA HIS A 680 -22.39 20.86 -7.94
C HIS A 680 -21.28 19.86 -8.25
N GLN A 681 -21.46 19.04 -9.30
CA GLN A 681 -20.43 18.04 -9.71
C GLN A 681 -19.08 18.74 -9.99
N GLU A 682 -19.08 19.84 -10.72
CA GLU A 682 -17.85 20.60 -11.10
C GLU A 682 -17.07 20.98 -9.86
N LEU A 683 -17.76 21.58 -8.88
CA LEU A 683 -17.12 22.01 -7.63
C LEU A 683 -16.68 20.78 -6.84
N LEU A 684 -17.47 19.70 -6.84
CA LEU A 684 -17.09 18.47 -6.08
C LEU A 684 -15.81 17.84 -6.64
N ASN A 685 -15.47 18.09 -7.91
CA ASN A 685 -14.23 17.57 -8.53
C ASN A 685 -13.02 18.24 -7.90
N GLY A 686 -13.19 19.38 -7.24
CA GLY A 686 -12.07 20.08 -6.62
C GLY A 686 -11.15 20.64 -7.69
N GLY A 687 -9.94 20.97 -7.31
CA GLY A 687 -8.98 21.59 -8.24
C GLY A 687 -8.85 23.06 -7.94
N THR A 688 -8.72 23.86 -9.00
CA THR A 688 -8.40 25.29 -8.93
C THR A 688 -9.52 26.11 -9.57
N LEU A 689 -10.04 27.05 -8.81
CA LEU A 689 -11.01 28.07 -9.27
C LEU A 689 -10.28 29.42 -9.19
N ASP A 690 -9.93 29.97 -10.35
CA ASP A 690 -9.18 31.24 -10.49
C ASP A 690 -10.15 32.30 -11.01
N TYR A 691 -10.37 33.35 -10.23
CA TYR A 691 -11.13 34.53 -10.68
C TYR A 691 -10.15 35.65 -11.02
N GLN A 692 -10.05 36.01 -12.30
CA GLN A 692 -9.38 37.29 -12.69
CA GLN A 692 -9.38 37.29 -12.69
C GLN A 692 -10.42 38.40 -12.51
N LEU A 693 -10.11 39.40 -11.70
CA LEU A 693 -11.10 40.45 -11.40
C LEU A 693 -10.83 41.73 -12.21
N GLY A 694 -11.86 42.58 -12.32
CA GLY A 694 -11.79 43.80 -13.14
C GLY A 694 -12.29 45.02 -12.37
N ILE A 695 -11.87 46.19 -12.84
CA ILE A 695 -12.35 47.50 -12.36
C ILE A 695 -13.45 47.98 -13.30
N VAL A 696 -13.52 47.36 -14.47
CA VAL A 696 -14.63 47.51 -15.45
C VAL A 696 -15.10 46.11 -15.81
N PRO A 697 -16.35 46.00 -16.29
CA PRO A 697 -16.95 44.73 -16.68
C PRO A 697 -16.32 44.13 -17.93
N ASN A 698 -16.44 42.81 -18.04
CA ASN A 698 -16.08 42.04 -19.25
C ASN A 698 -17.33 41.30 -19.71
N PRO A 699 -18.27 41.96 -20.41
CA PRO A 699 -19.56 41.32 -20.71
C PRO A 699 -19.35 40.05 -21.54
N GLN A 700 -19.96 38.93 -21.17
CA GLN A 700 -19.95 37.69 -22.00
C GLN A 700 -21.13 37.74 -22.97
N THR A 701 -21.00 37.12 -24.14
CA THR A 701 -22.08 37.04 -25.17
C THR A 701 -22.66 35.64 -25.17
N THR A 702 -22.14 34.71 -24.35
CA THR A 702 -22.65 33.33 -24.17
C THR A 702 -24.17 33.36 -23.98
N ALA A 703 -24.86 32.41 -24.59
CA ALA A 703 -26.32 32.22 -24.44
C ALA A 703 -26.57 31.40 -23.18
N GLU A 704 -25.52 30.91 -22.51
CA GLU A 704 -25.61 29.97 -21.36
C GLU A 704 -26.42 30.64 -20.22
N ARG A 705 -27.33 29.91 -19.59
CA ARG A 705 -28.14 30.45 -18.46
C ARG A 705 -28.22 29.40 -17.38
N PRO A 706 -28.39 29.77 -16.08
CA PRO A 706 -28.62 28.78 -15.05
C PRO A 706 -29.93 28.05 -15.30
N PHE A 707 -30.11 26.94 -14.58
CA PHE A 707 -31.29 26.06 -14.66
C PHE A 707 -32.65 26.79 -14.62
N SER A 708 -33.51 26.49 -15.59
CA SER A 708 -34.96 26.83 -15.59
C SER A 708 -35.72 25.62 -16.16
N LEU A 709 -36.81 25.20 -15.53
CA LEU A 709 -37.65 24.06 -16.00
C LEU A 709 -37.94 24.20 -17.50
N SER A 710 -38.37 25.38 -17.91
CA SER A 710 -39.04 25.60 -19.21
C SER A 710 -38.01 25.49 -20.34
N THR A 711 -36.71 25.51 -20.03
CA THR A 711 -35.61 25.41 -21.03
C THR A 711 -34.74 24.16 -20.84
N GLU A 712 -35.01 23.25 -19.91
CA GLU A 712 -34.03 22.18 -19.51
C GLU A 712 -33.84 21.14 -20.64
N MET B 1 10.47 -31.45 -16.20
CA MET B 1 9.14 -31.74 -16.76
C MET B 1 9.14 -31.33 -18.24
N ASN B 2 8.55 -32.19 -19.08
CA ASN B 2 8.37 -31.94 -20.53
C ASN B 2 7.24 -30.92 -20.73
N ILE B 3 7.49 -29.98 -21.62
CA ILE B 3 6.58 -28.83 -21.85
C ILE B 3 5.19 -29.32 -22.27
N GLN B 4 5.09 -30.43 -22.98
CA GLN B 4 3.80 -30.96 -23.52
CA GLN B 4 3.77 -30.92 -23.50
C GLN B 4 2.88 -31.38 -22.35
N ALA B 5 3.43 -31.63 -21.17
CA ALA B 5 2.65 -32.04 -19.97
C ALA B 5 2.23 -30.81 -19.16
N ILE B 6 2.61 -29.60 -19.56
CA ILE B 6 2.08 -28.38 -18.90
C ILE B 6 0.66 -28.14 -19.47
N ASP B 7 -0.32 -27.95 -18.60
CA ASP B 7 -1.72 -27.68 -18.99
C ASP B 7 -1.97 -26.19 -18.77
N THR B 8 -2.16 -25.47 -19.85
CA THR B 8 -2.28 -23.99 -19.84
C THR B 8 -3.61 -23.58 -19.20
N ARG B 9 -4.47 -24.50 -18.72
CA ARG B 9 -5.70 -24.07 -18.00
C ARG B 9 -5.34 -23.79 -16.53
N HIS B 10 -4.11 -24.06 -16.14
CA HIS B 10 -3.56 -23.64 -14.84
C HIS B 10 -3.90 -22.17 -14.56
N GLY B 11 -4.58 -21.89 -13.46
CA GLY B 11 -4.83 -20.49 -13.08
C GLY B 11 -5.94 -19.82 -13.91
N THR B 12 -6.73 -20.55 -14.69
CA THR B 12 -7.72 -19.95 -15.62
C THR B 12 -9.15 -19.91 -15.06
N ALA B 13 -9.41 -20.45 -13.87
CA ALA B 13 -10.76 -20.47 -13.29
C ALA B 13 -10.95 -19.13 -12.57
N ASN B 14 -11.47 -18.13 -13.30
CA ASN B 14 -11.56 -16.74 -12.81
C ASN B 14 -12.90 -16.11 -13.21
N GLN B 15 -13.24 -15.03 -12.52
CA GLN B 15 -14.29 -14.06 -12.93
C GLN B 15 -13.96 -12.74 -12.26
N HIS B 16 -14.73 -11.71 -12.57
CA HIS B 16 -14.50 -10.34 -12.06
C HIS B 16 -14.41 -10.40 -10.53
N SER B 17 -15.30 -11.14 -9.87
CA SER B 17 -15.42 -11.11 -8.39
C SER B 17 -14.29 -11.87 -7.69
N PHE B 18 -13.52 -12.71 -8.37
CA PHE B 18 -12.56 -13.57 -7.63
C PHE B 18 -11.53 -14.16 -8.59
N SER B 19 -10.26 -13.99 -8.25
CA SER B 19 -9.10 -14.48 -9.05
C SER B 19 -8.45 -15.70 -8.41
N ASN B 20 -8.15 -16.69 -9.26
CA ASN B 20 -7.19 -17.80 -8.97
C ASN B 20 -5.95 -17.69 -9.85
N GLY B 21 -5.65 -16.45 -10.30
CA GLY B 21 -4.51 -16.16 -11.16
C GLY B 21 -4.85 -15.16 -12.24
N ASN B 22 -6.07 -15.21 -12.77
CA ASN B 22 -6.53 -14.35 -13.89
C ASN B 22 -5.54 -14.55 -15.04
N CYS B 23 -5.17 -15.82 -15.22
CA CYS B 23 -4.37 -16.34 -16.36
C CYS B 23 -5.27 -16.71 -17.53
N LEU B 24 -4.74 -16.61 -18.75
CA LEU B 24 -5.34 -17.22 -19.93
C LEU B 24 -4.55 -18.48 -20.26
N PRO B 25 -5.17 -19.41 -21.01
CA PRO B 25 -4.46 -20.58 -21.53
C PRO B 25 -3.62 -20.18 -22.74
N TYR B 26 -2.50 -19.52 -22.43
CA TYR B 26 -1.59 -18.93 -23.44
C TYR B 26 -0.77 -20.04 -24.08
N THR B 27 -0.97 -20.25 -25.38
CA THR B 27 -0.11 -21.08 -26.23
C THR B 27 0.80 -20.13 -27.00
N GLY B 28 2.12 -20.35 -26.93
CA GLY B 28 3.11 -19.52 -27.61
C GLY B 28 4.49 -20.03 -27.31
N VAL B 29 5.47 -19.42 -27.96
CA VAL B 29 6.90 -19.57 -27.62
C VAL B 29 7.21 -18.56 -26.53
N PRO B 30 8.31 -18.76 -25.79
CA PRO B 30 8.67 -17.83 -24.73
C PRO B 30 8.75 -16.41 -25.31
N PHE B 31 8.11 -15.48 -24.61
CA PHE B 31 8.07 -14.03 -24.95
C PHE B 31 7.50 -13.88 -26.36
N GLY B 32 6.58 -14.74 -26.76
CA GLY B 32 6.02 -14.70 -28.11
C GLY B 32 5.38 -13.35 -28.40
N MET B 33 5.47 -12.86 -29.64
CA MET B 33 4.84 -11.58 -30.00
C MET B 33 3.31 -11.71 -29.98
N ASN B 34 2.77 -12.88 -30.30
CA ASN B 34 1.33 -13.19 -30.18
C ASN B 34 1.22 -14.45 -29.29
N PHE B 35 0.17 -14.51 -28.48
CA PHE B 35 -0.29 -15.78 -27.87
C PHE B 35 -1.56 -16.25 -28.57
N TYR B 36 -1.91 -17.52 -28.35
CA TYR B 36 -3.03 -18.22 -29.00
C TYR B 36 -3.80 -18.95 -27.90
N ALA B 37 -5.10 -18.72 -27.82
CA ALA B 37 -5.95 -19.32 -26.77
C ALA B 37 -7.33 -19.58 -27.35
N PRO B 38 -7.99 -20.70 -26.99
CA PRO B 38 -9.38 -20.87 -27.33
C PRO B 38 -10.22 -19.78 -26.66
N GLN B 39 -11.20 -19.28 -27.39
CA GLN B 39 -12.23 -18.39 -26.82
C GLN B 39 -13.51 -19.23 -26.64
N THR B 40 -14.07 -19.25 -25.42
CA THR B 40 -15.28 -20.04 -25.08
C THR B 40 -16.50 -19.11 -25.04
N THR B 41 -16.33 -17.81 -24.87
CA THR B 41 -17.49 -16.87 -24.80
C THR B 41 -17.05 -15.44 -25.14
N ASP B 42 -18.02 -14.69 -25.68
CA ASP B 42 -17.90 -13.25 -26.01
C ASP B 42 -18.91 -12.47 -25.17
N GLN B 43 -19.49 -13.12 -24.15
CA GLN B 43 -20.56 -12.54 -23.28
C GLN B 43 -19.97 -12.12 -21.93
N LYS B 44 -18.67 -12.26 -21.67
CA LYS B 44 -18.11 -12.01 -20.31
C LYS B 44 -16.93 -11.04 -20.39
N GLY B 45 -16.93 -10.15 -21.38
CA GLY B 45 -15.88 -9.14 -21.52
C GLY B 45 -14.50 -9.79 -21.62
N SER B 46 -13.57 -9.33 -20.81
CA SER B 46 -12.17 -9.79 -20.80
C SER B 46 -12.04 -11.26 -20.36
N TRP B 47 -13.05 -11.81 -19.71
CA TRP B 47 -13.02 -13.21 -19.25
C TRP B 47 -13.60 -14.10 -20.36
N TRP B 48 -12.93 -14.12 -21.52
CA TRP B 48 -13.45 -14.83 -22.72
C TRP B 48 -13.00 -16.27 -22.80
N PHE B 49 -12.24 -16.78 -21.79
CA PHE B 49 -12.01 -18.23 -21.62
C PHE B 49 -12.32 -18.63 -20.17
N HIS B 50 -13.06 -19.71 -20.05
CA HIS B 50 -13.32 -20.37 -18.75
C HIS B 50 -13.10 -21.86 -18.99
N PRO B 51 -12.34 -22.52 -18.11
CA PRO B 51 -12.00 -23.93 -18.31
C PRO B 51 -13.22 -24.84 -18.16
N GLU B 52 -14.31 -24.35 -17.55
CA GLU B 52 -15.53 -25.17 -17.31
C GLU B 52 -16.50 -25.01 -18.51
N ASP B 53 -16.26 -24.03 -19.38
CA ASP B 53 -17.08 -23.81 -20.60
C ASP B 53 -16.96 -25.01 -21.51
N ARG B 54 -18.05 -25.37 -22.20
CA ARG B 54 -18.06 -26.49 -23.18
C ARG B 54 -18.31 -25.93 -24.58
N THR B 55 -18.10 -24.63 -24.76
CA THR B 55 -18.36 -23.89 -26.03
C THR B 55 -17.04 -23.40 -26.60
N PHE B 56 -16.88 -23.53 -27.92
CA PHE B 56 -15.68 -23.07 -28.64
C PHE B 56 -16.09 -22.08 -29.73
N GLN B 57 -15.66 -20.85 -29.60
CA GLN B 57 -15.95 -19.77 -30.58
C GLN B 57 -14.82 -19.63 -31.61
N GLY B 58 -13.60 -20.02 -31.26
CA GLY B 58 -12.49 -19.93 -32.22
C GLY B 58 -11.16 -19.90 -31.50
N TYR B 59 -10.09 -19.99 -32.29
CA TYR B 59 -8.72 -19.68 -31.83
C TYR B 59 -8.53 -18.17 -31.82
N ARG B 60 -8.29 -17.61 -30.65
CA ARG B 60 -8.04 -16.17 -30.51
C ARG B 60 -6.54 -15.87 -30.54
N VAL B 61 -6.13 -15.03 -31.49
CA VAL B 61 -4.79 -14.40 -31.51
C VAL B 61 -4.89 -13.23 -30.55
N THR B 62 -4.09 -13.25 -29.48
CA THR B 62 -4.29 -12.33 -28.32
C THR B 62 -2.97 -11.67 -27.93
N HIS B 63 -3.12 -10.46 -27.41
CA HIS B 63 -2.06 -9.72 -26.68
C HIS B 63 -2.61 -9.29 -25.30
N GLN B 64 -3.57 -10.03 -24.75
CA GLN B 64 -4.25 -9.60 -23.49
C GLN B 64 -3.35 -10.04 -22.35
N PRO B 65 -2.80 -9.11 -21.56
CA PRO B 65 -1.93 -9.48 -20.43
C PRO B 65 -2.66 -9.77 -19.13
N SER B 66 -3.90 -9.31 -19.05
CA SER B 66 -4.73 -9.31 -17.84
C SER B 66 -6.13 -8.85 -18.24
N PRO B 67 -7.16 -9.23 -17.48
CA PRO B 67 -8.53 -8.82 -17.81
C PRO B 67 -8.78 -7.32 -17.51
N TRP B 68 -7.89 -6.70 -16.75
CA TRP B 68 -7.98 -5.28 -16.30
C TRP B 68 -7.49 -4.39 -17.44
N MET B 69 -6.46 -4.84 -18.16
CA MET B 69 -5.88 -4.07 -19.32
C MET B 69 -6.68 -4.35 -20.60
N GLY B 70 -7.33 -5.52 -20.66
CA GLY B 70 -7.99 -6.02 -21.88
C GLY B 70 -6.99 -6.34 -22.99
N ASP B 71 -7.48 -6.50 -24.22
CA ASP B 71 -6.69 -7.03 -25.36
C ASP B 71 -6.28 -5.87 -26.27
N PHE B 72 -5.31 -6.13 -27.16
CA PHE B 72 -5.07 -5.27 -28.35
C PHE B 72 -4.77 -6.18 -29.53
N SER B 73 -5.13 -5.72 -30.72
CA SER B 73 -4.72 -6.39 -31.97
C SER B 73 -5.08 -7.87 -31.90
N HIS B 74 -6.36 -8.16 -31.67
CA HIS B 74 -6.82 -9.57 -31.61
C HIS B 74 -7.68 -9.86 -32.83
N LEU B 75 -7.75 -11.15 -33.16
CA LEU B 75 -8.68 -11.68 -34.16
C LEU B 75 -8.91 -13.16 -33.88
N LEU B 76 -9.89 -13.75 -34.52
CA LEU B 76 -10.11 -15.20 -34.32
C LEU B 76 -10.14 -15.93 -35.64
N MET B 77 -9.72 -17.19 -35.56
CA MET B 77 -9.84 -18.19 -36.61
C MET B 77 -10.73 -19.31 -36.09
N THR B 78 -11.81 -19.61 -36.81
CA THR B 78 -12.77 -20.65 -36.46
C THR B 78 -12.99 -21.60 -37.62
N PRO B 79 -12.52 -22.87 -37.54
CA PRO B 79 -12.90 -23.88 -38.53
C PRO B 79 -14.43 -24.05 -38.55
N VAL B 80 -14.99 -24.22 -39.73
CA VAL B 80 -16.46 -24.37 -39.96
C VAL B 80 -16.65 -25.36 -41.12
N SER B 81 -17.67 -26.23 -41.04
CA SER B 81 -18.18 -27.05 -42.16
C SER B 81 -19.67 -26.77 -42.36
N GLY B 82 -20.14 -26.89 -43.62
CA GLY B 82 -21.55 -26.69 -43.96
C GLY B 82 -21.81 -25.22 -44.21
N SER B 83 -23.07 -24.80 -44.31
CA SER B 83 -23.38 -23.37 -44.57
C SER B 83 -23.86 -22.74 -43.26
N LEU B 84 -23.67 -21.43 -43.13
CA LEU B 84 -23.95 -20.68 -41.88
C LEU B 84 -25.10 -19.70 -42.14
N SER B 85 -26.17 -19.80 -41.34
CA SER B 85 -27.32 -18.86 -41.32
C SER B 85 -26.78 -17.42 -41.30
N GLU B 86 -25.83 -17.10 -40.39
CA GLU B 86 -25.18 -15.78 -40.18
C GLU B 86 -23.77 -16.02 -39.59
N LEU B 87 -22.80 -15.10 -39.69
CA LEU B 87 -21.38 -15.42 -39.37
C LEU B 87 -20.91 -14.91 -38.00
N SER B 88 -21.78 -14.54 -37.08
CA SER B 88 -21.35 -14.13 -35.72
C SER B 88 -20.61 -15.29 -35.01
N LEU B 89 -19.83 -14.98 -34.00
CA LEU B 89 -19.19 -16.03 -33.15
C LEU B 89 -20.26 -16.93 -32.51
N PHE B 90 -21.39 -16.37 -32.08
CA PHE B 90 -22.48 -17.17 -31.48
C PHE B 90 -23.07 -18.12 -32.53
N HIS B 91 -23.33 -17.64 -33.75
CA HIS B 91 -23.97 -18.46 -34.82
C HIS B 91 -22.98 -19.55 -35.26
N ALA B 92 -21.68 -19.35 -35.14
CA ALA B 92 -20.67 -20.33 -35.60
C ALA B 92 -20.16 -21.22 -34.43
N GLN B 93 -20.52 -20.92 -33.19
CA GLN B 93 -19.87 -21.60 -32.06
C GLN B 93 -20.35 -23.06 -32.07
N SER B 94 -19.45 -23.94 -31.63
CA SER B 94 -19.63 -25.41 -31.50
C SER B 94 -19.30 -25.79 -30.05
N SER B 95 -19.99 -26.77 -29.49
CA SER B 95 -19.56 -27.40 -28.23
C SER B 95 -18.29 -28.19 -28.52
N TYR B 96 -17.51 -28.42 -27.47
CA TYR B 96 -16.31 -29.28 -27.52
C TYR B 96 -16.23 -29.97 -26.17
N ARG B 97 -15.33 -30.95 -26.06
CA ARG B 97 -15.11 -31.72 -24.82
C ARG B 97 -13.76 -31.31 -24.24
N PRO B 98 -13.68 -30.43 -23.23
CA PRO B 98 -12.40 -30.05 -22.63
C PRO B 98 -11.53 -31.25 -22.24
N GLU B 99 -12.16 -32.33 -21.73
CA GLU B 99 -11.43 -33.48 -21.17
C GLU B 99 -10.78 -34.28 -22.31
N GLU B 100 -11.15 -34.05 -23.57
CA GLU B 100 -10.53 -34.75 -24.74
C GLU B 100 -9.64 -33.79 -25.54
N SER B 101 -9.36 -32.60 -25.01
CA SER B 101 -8.60 -31.54 -25.70
C SER B 101 -7.17 -31.46 -25.12
N LEU B 102 -6.26 -30.90 -25.91
CA LEU B 102 -4.89 -30.60 -25.46
C LEU B 102 -4.73 -29.07 -25.34
N PHE B 103 -4.35 -28.64 -24.15
CA PHE B 103 -4.03 -27.24 -23.84
C PHE B 103 -2.60 -27.20 -23.30
N SER B 104 -1.62 -27.10 -24.19
CA SER B 104 -0.21 -27.05 -23.76
C SER B 104 0.41 -25.78 -24.30
N PRO B 105 1.54 -25.33 -23.74
CA PRO B 105 2.18 -24.10 -24.24
C PRO B 105 2.56 -24.21 -25.72
N VAL B 106 2.80 -25.42 -26.24
CA VAL B 106 3.32 -25.58 -27.64
C VAL B 106 2.25 -26.12 -28.59
N GLU B 107 1.07 -26.47 -28.09
CA GLU B 107 0.01 -27.07 -28.94
C GLU B 107 -1.37 -26.91 -28.29
N ILE B 108 -2.33 -26.46 -29.10
CA ILE B 108 -3.76 -26.65 -28.81
C ILE B 108 -4.27 -27.70 -29.80
N ASN B 109 -4.99 -28.67 -29.29
CA ASN B 109 -5.68 -29.67 -30.15
C ASN B 109 -7.11 -29.85 -29.61
N LEU B 110 -8.13 -29.70 -30.45
CA LEU B 110 -9.52 -29.95 -29.99
C LEU B 110 -10.45 -30.25 -31.16
N THR B 111 -11.59 -30.87 -30.83
CA THR B 111 -12.64 -31.27 -31.77
C THR B 111 -13.92 -30.45 -31.53
N GLN B 112 -14.39 -29.79 -32.58
CA GLN B 112 -15.70 -29.09 -32.62
C GLN B 112 -16.79 -30.12 -32.93
N LEU B 113 -17.60 -30.47 -31.95
CA LEU B 113 -18.59 -31.56 -32.07
C LEU B 113 -19.66 -31.22 -33.11
N ARG B 114 -19.93 -29.93 -33.37
CA ARG B 114 -21.01 -29.51 -34.30
C ARG B 114 -20.60 -29.87 -35.73
N TYR B 115 -19.30 -29.77 -36.02
CA TYR B 115 -18.75 -29.74 -37.40
C TYR B 115 -17.97 -31.03 -37.69
N GLN B 116 -17.70 -31.86 -36.69
CA GLN B 116 -16.73 -32.99 -36.82
C GLN B 116 -15.43 -32.49 -37.41
N ILE B 117 -14.84 -31.48 -36.78
CA ILE B 117 -13.53 -30.94 -37.14
C ILE B 117 -12.58 -31.15 -35.98
N THR B 118 -11.42 -31.72 -36.25
CA THR B 118 -10.33 -31.76 -35.26
C THR B 118 -9.21 -30.87 -35.78
N SER B 119 -8.74 -29.95 -34.96
CA SER B 119 -7.73 -28.96 -35.39
C SER B 119 -6.62 -28.86 -34.35
N GLN B 120 -5.50 -28.36 -34.81
CA GLN B 120 -4.22 -28.27 -34.08
C GLN B 120 -3.58 -26.91 -34.37
N LEU B 121 -3.23 -26.15 -33.33
CA LEU B 121 -2.51 -24.87 -33.49
C LEU B 121 -1.17 -25.00 -32.79
N ILE B 122 -0.11 -24.81 -33.58
CA ILE B 122 1.29 -24.75 -33.11
C ILE B 122 1.81 -23.34 -33.32
N PRO B 123 2.35 -22.72 -32.27
CA PRO B 123 2.84 -21.34 -32.37
C PRO B 123 4.31 -21.22 -32.77
N SER B 124 4.64 -20.05 -33.32
CA SER B 124 6.02 -19.53 -33.48
C SER B 124 6.09 -18.12 -32.88
N MET B 125 7.25 -17.49 -32.99
CA MET B 125 7.43 -16.12 -32.45
C MET B 125 6.40 -15.18 -33.09
N TYR B 126 6.23 -15.19 -34.42
CA TYR B 126 5.44 -14.18 -35.17
C TYR B 126 4.24 -14.81 -35.85
N GLY B 127 4.08 -16.13 -35.73
CA GLY B 127 2.99 -16.82 -36.42
C GLY B 127 2.70 -18.17 -35.83
N GLY B 128 2.46 -19.15 -36.68
CA GLY B 128 2.11 -20.50 -36.25
C GLY B 128 1.54 -21.27 -37.41
N ILE B 129 1.12 -22.48 -37.14
CA ILE B 129 0.45 -23.35 -38.15
C ILE B 129 -0.78 -23.91 -37.51
N LEU B 130 -1.90 -23.81 -38.23
CA LEU B 130 -3.20 -24.36 -37.83
C LEU B 130 -3.49 -25.48 -38.84
N THR B 131 -3.59 -26.72 -38.37
CA THR B 131 -3.92 -27.90 -39.21
C THR B 131 -5.36 -28.28 -38.87
N ILE B 132 -6.17 -28.42 -39.92
CA ILE B 132 -7.63 -28.64 -39.79
C ILE B 132 -8.02 -29.94 -40.52
N ASP B 133 -8.50 -30.92 -39.78
CA ASP B 133 -9.05 -32.20 -40.27
C ASP B 133 -10.58 -32.11 -40.30
N TYR B 134 -11.16 -32.18 -41.49
CA TYR B 134 -12.61 -32.09 -41.72
C TYR B 134 -13.14 -33.49 -42.02
N GLN B 135 -14.20 -33.93 -41.36
CA GLN B 135 -14.97 -35.15 -41.77
C GLN B 135 -16.03 -34.78 -42.79
N GLN B 136 -16.51 -33.53 -42.82
CA GLN B 136 -17.66 -33.14 -43.72
C GLN B 136 -17.12 -32.64 -45.06
N LYS B 137 -17.99 -32.17 -45.97
CA LYS B 137 -17.68 -32.06 -47.43
C LYS B 137 -17.70 -30.62 -47.98
N ASP B 138 -18.06 -29.62 -47.16
CA ASP B 138 -18.14 -28.18 -47.53
C ASP B 138 -17.35 -27.37 -46.47
N ASN B 139 -16.05 -27.24 -46.64
CA ASN B 139 -15.16 -26.92 -45.50
C ASN B 139 -14.65 -25.49 -45.60
N HIS B 140 -14.47 -24.86 -44.44
CA HIS B 140 -14.22 -23.41 -44.34
C HIS B 140 -13.30 -23.05 -43.18
N LEU B 141 -12.81 -21.82 -43.21
CA LEU B 141 -12.22 -21.15 -42.04
C LEU B 141 -12.82 -19.75 -41.92
N LEU B 142 -13.47 -19.48 -40.77
CA LEU B 142 -14.06 -18.16 -40.48
C LEU B 142 -13.04 -17.27 -39.77
N LEU B 143 -12.71 -16.11 -40.37
CA LEU B 143 -11.85 -15.06 -39.74
C LEU B 143 -12.76 -13.98 -39.17
N THR B 144 -12.68 -13.75 -37.85
CA THR B 144 -13.39 -12.67 -37.13
C THR B 144 -12.37 -11.55 -36.94
N LEU B 145 -12.68 -10.40 -37.53
CA LEU B 145 -11.80 -9.23 -37.70
C LEU B 145 -12.37 -8.06 -36.89
N PRO B 146 -12.07 -7.96 -35.59
CA PRO B 146 -12.71 -6.95 -34.77
C PRO B 146 -12.15 -5.56 -35.11
N GLY B 147 -12.99 -4.54 -34.96
CA GLY B 147 -12.58 -3.15 -35.22
C GLY B 147 -12.54 -2.89 -36.69
N ARG B 148 -11.90 -1.79 -37.10
CA ARG B 148 -11.75 -1.50 -38.53
C ARG B 148 -10.78 -2.52 -39.11
N TYR B 149 -11.13 -3.07 -40.28
CA TYR B 149 -10.34 -4.12 -40.95
C TYR B 149 -10.26 -3.82 -42.46
N GLN B 150 -9.20 -4.33 -43.06
CA GLN B 150 -9.12 -4.54 -44.51
C GLN B 150 -8.85 -6.03 -44.75
N VAL B 151 -9.32 -6.55 -45.88
CA VAL B 151 -9.02 -7.96 -46.24
C VAL B 151 -8.76 -8.01 -47.74
N LYS B 152 -7.79 -8.81 -48.17
CA LYS B 152 -7.37 -8.91 -49.57
C LYS B 152 -6.92 -10.35 -49.85
N GLN B 153 -7.38 -10.93 -50.96
CA GLN B 153 -6.86 -12.20 -51.50
C GLN B 153 -5.64 -11.84 -52.33
N LEU B 154 -4.46 -12.38 -52.03
CA LEU B 154 -3.24 -12.09 -52.82
C LEU B 154 -3.11 -13.12 -53.96
N ASP B 155 -3.51 -14.37 -53.74
CA ASP B 155 -3.63 -15.42 -54.79
C ASP B 155 -4.58 -16.48 -54.22
N ASP B 156 -4.75 -17.60 -54.91
CA ASP B 156 -5.74 -18.63 -54.46
C ASP B 156 -5.22 -19.36 -53.21
N HIS B 157 -4.01 -19.10 -52.76
CA HIS B 157 -3.43 -19.75 -51.56
C HIS B 157 -3.13 -18.74 -50.46
N GLN B 158 -3.47 -17.45 -50.63
CA GLN B 158 -2.92 -16.43 -49.69
C GLN B 158 -3.93 -15.32 -49.41
N VAL B 159 -4.22 -15.07 -48.12
CA VAL B 159 -5.13 -13.96 -47.69
C VAL B 159 -4.38 -13.05 -46.71
N ALA B 160 -4.55 -11.74 -46.86
CA ALA B 160 -3.94 -10.73 -45.96
C ALA B 160 -5.07 -9.92 -45.33
N VAL B 161 -4.97 -9.74 -44.01
CA VAL B 161 -5.93 -8.91 -43.26
C VAL B 161 -5.13 -7.91 -42.41
N LYS B 162 -5.82 -6.85 -42.06
CA LYS B 162 -5.34 -5.76 -41.20
C LYS B 162 -6.49 -5.45 -40.26
N VAL B 163 -6.22 -5.39 -38.96
CA VAL B 163 -7.26 -5.02 -37.96
C VAL B 163 -6.74 -3.88 -37.09
N ILE B 164 -7.66 -3.01 -36.73
CA ILE B 164 -7.44 -1.91 -35.77
C ILE B 164 -8.36 -2.16 -34.58
N ASN B 165 -7.80 -2.70 -33.50
CA ASN B 165 -8.56 -2.88 -32.23
C ASN B 165 -7.60 -2.84 -31.05
N TYR B 166 -8.07 -2.25 -29.95
CA TYR B 166 -7.28 -2.07 -28.72
C TYR B 166 -8.22 -1.65 -27.60
N SER B 167 -7.75 -1.80 -26.39
CA SER B 167 -8.44 -1.35 -25.16
C SER B 167 -7.98 0.07 -24.82
N GLY B 168 -6.70 0.34 -24.99
CA GLY B 168 -6.09 1.68 -24.91
C GLY B 168 -4.89 1.76 -25.82
N CYS B 169 -4.69 2.90 -26.49
CA CYS B 169 -3.51 3.08 -27.37
C CYS B 169 -3.39 4.57 -27.67
N GLU B 170 -2.15 5.05 -27.76
CA GLU B 170 -1.86 6.45 -28.15
C GLU B 170 -2.11 6.62 -29.65
N ASP B 171 -2.07 5.54 -30.44
CA ASP B 171 -2.32 5.58 -31.90
C ASP B 171 -3.76 5.16 -32.17
N PRO B 172 -4.65 6.08 -32.61
CA PRO B 172 -6.05 5.73 -32.82
C PRO B 172 -6.22 4.74 -33.98
N ASP B 173 -5.21 4.61 -34.83
CA ASP B 173 -5.29 3.77 -36.06
C ASP B 173 -4.32 2.60 -35.91
N PHE B 174 -3.96 2.24 -34.68
CA PHE B 174 -2.94 1.20 -34.36
C PHE B 174 -3.32 -0.11 -35.07
N SER B 175 -2.47 -0.53 -36.02
CA SER B 175 -2.74 -1.57 -37.02
C SER B 175 -1.98 -2.85 -36.74
N PHE B 176 -2.67 -4.00 -36.88
CA PHE B 176 -2.03 -5.33 -36.85
C PHE B 176 -2.28 -6.00 -38.20
N TYR B 177 -1.22 -6.55 -38.79
CA TYR B 177 -1.25 -7.23 -40.10
C TYR B 177 -1.15 -8.73 -39.85
N PHE B 178 -2.01 -9.50 -40.49
CA PHE B 178 -2.07 -10.97 -40.33
C PHE B 178 -2.21 -11.60 -41.72
N VAL B 179 -1.31 -12.51 -42.06
CA VAL B 179 -1.26 -13.16 -43.40
C VAL B 179 -1.38 -14.68 -43.20
N LEU B 180 -2.15 -15.32 -44.08
CA LEU B 180 -2.46 -16.77 -44.03
C LEU B 180 -2.13 -17.37 -45.38
N HIS B 181 -1.28 -18.39 -45.40
CA HIS B 181 -1.01 -19.26 -46.57
C HIS B 181 -1.72 -20.59 -46.35
N PHE B 182 -2.54 -20.99 -47.33
CA PHE B 182 -3.32 -22.25 -47.35
C PHE B 182 -2.62 -23.23 -48.28
N GLU B 183 -2.42 -24.47 -47.82
CA GLU B 183 -1.89 -25.56 -48.66
C GLU B 183 -2.94 -25.91 -49.70
N GLN B 184 -4.19 -26.07 -49.29
CA GLN B 184 -5.31 -26.33 -50.24
C GLN B 184 -5.93 -25.00 -50.61
N PRO B 185 -6.20 -24.77 -51.92
CA PRO B 185 -6.59 -23.45 -52.41
C PRO B 185 -8.01 -23.05 -52.02
N LEU B 186 -8.24 -21.75 -52.04
CA LEU B 186 -9.60 -21.15 -51.93
C LEU B 186 -10.48 -21.60 -53.10
N THR B 187 -11.71 -22.03 -52.83
CA THR B 187 -12.65 -22.51 -53.87
C THR B 187 -13.68 -21.42 -54.12
N LYS B 188 -13.61 -20.32 -53.37
CA LYS B 188 -14.37 -19.08 -53.66
C LYS B 188 -13.38 -17.94 -53.49
N TRP B 189 -13.27 -17.11 -54.51
CA TRP B 189 -12.32 -15.99 -54.49
C TRP B 189 -13.05 -14.71 -54.11
N PHE B 190 -12.34 -13.67 -53.67
CA PHE B 190 -12.96 -12.37 -53.29
C PHE B 190 -12.03 -11.22 -53.67
N ALA B 191 -12.60 -10.01 -53.83
CA ALA B 191 -11.85 -8.77 -54.13
C ALA B 191 -11.60 -7.98 -52.84
N PRO B 192 -10.61 -7.06 -52.86
CA PRO B 192 -10.21 -6.30 -51.67
C PRO B 192 -11.40 -5.55 -51.06
N SER B 193 -11.58 -5.59 -49.72
CA SER B 193 -12.69 -4.90 -49.01
C SER B 193 -12.29 -4.49 -47.57
N SER B 194 -13.15 -3.71 -46.92
CA SER B 194 -12.87 -3.02 -45.65
C SER B 194 -14.20 -2.80 -44.93
N GLY B 195 -14.17 -2.54 -43.63
CA GLY B 195 -15.34 -2.25 -42.78
C GLY B 195 -14.97 -2.24 -41.31
N GLU B 196 -15.96 -2.39 -40.42
CA GLU B 196 -15.78 -2.60 -38.96
C GLU B 196 -16.39 -3.95 -38.58
N ASP B 197 -15.68 -4.72 -37.76
CA ASP B 197 -16.16 -6.02 -37.24
C ASP B 197 -16.41 -6.95 -38.43
N GLY B 198 -15.32 -7.34 -39.10
CA GLY B 198 -15.37 -8.23 -40.27
C GLY B 198 -15.67 -9.64 -39.87
N LYS B 199 -16.34 -10.36 -40.75
CA LYS B 199 -16.58 -11.81 -40.65
C LYS B 199 -16.33 -12.34 -42.06
N ILE B 200 -15.21 -13.01 -42.27
CA ILE B 200 -14.75 -13.52 -43.59
C ILE B 200 -14.82 -15.06 -43.54
N LEU B 201 -15.77 -15.68 -44.25
CA LEU B 201 -15.81 -17.15 -44.41
C LEU B 201 -15.02 -17.56 -45.66
N LEU B 202 -13.86 -18.17 -45.45
CA LEU B 202 -12.97 -18.71 -46.52
C LEU B 202 -13.39 -20.15 -46.81
N SER B 203 -13.50 -20.52 -48.08
CA SER B 203 -14.06 -21.82 -48.51
C SER B 203 -12.97 -22.65 -49.18
N PHE B 204 -12.92 -23.95 -48.93
CA PHE B 204 -11.88 -24.87 -49.48
C PHE B 204 -12.49 -26.09 -50.16
N GLY B 205 -13.80 -26.11 -50.29
CA GLY B 205 -14.47 -27.26 -50.90
C GLY B 205 -14.46 -28.49 -50.01
N ASN B 206 -14.20 -29.64 -50.59
CA ASN B 206 -14.46 -30.93 -49.89
C ASN B 206 -13.15 -31.57 -49.42
N ILE B 207 -12.13 -30.79 -49.10
CA ILE B 207 -10.79 -31.30 -48.67
C ILE B 207 -10.91 -31.94 -47.29
N ALA B 208 -10.12 -32.98 -47.06
CA ALA B 208 -10.06 -33.71 -45.75
C ALA B 208 -9.22 -32.92 -44.75
N GLN B 209 -8.24 -32.17 -45.24
CA GLN B 209 -7.22 -31.52 -44.38
C GLN B 209 -6.76 -30.20 -45.00
N GLN B 210 -6.84 -29.13 -44.20
CA GLN B 210 -6.21 -27.83 -44.55
C GLN B 210 -5.02 -27.60 -43.62
N VAL B 211 -3.96 -27.02 -44.15
CA VAL B 211 -2.79 -26.61 -43.35
C VAL B 211 -2.64 -25.11 -43.54
N VAL B 212 -2.79 -24.36 -42.46
CA VAL B 212 -2.67 -22.88 -42.52
C VAL B 212 -1.37 -22.45 -41.88
N HIS B 213 -0.48 -21.86 -42.67
CA HIS B 213 0.75 -21.19 -42.17
C HIS B 213 0.34 -19.74 -42.04
N PHE B 214 0.46 -19.17 -40.85
CA PHE B 214 0.12 -17.75 -40.66
C PHE B 214 1.30 -17.02 -40.03
N SER B 215 1.34 -15.72 -40.27
CA SER B 215 2.28 -14.81 -39.61
C SER B 215 1.59 -13.46 -39.41
N SER B 216 2.33 -12.53 -38.84
CA SER B 216 1.74 -11.29 -38.30
C SER B 216 2.83 -10.23 -38.26
N SER B 217 2.40 -8.98 -38.11
CA SER B 217 3.34 -7.85 -37.98
C SER B 217 2.63 -6.63 -37.39
N PHE B 218 3.36 -5.81 -36.66
CA PHE B 218 2.87 -4.47 -36.30
C PHE B 218 3.51 -3.42 -37.22
N ILE B 219 4.27 -3.88 -38.22
CA ILE B 219 5.04 -3.00 -39.17
C ILE B 219 4.19 -2.78 -40.42
N SER B 220 3.91 -3.85 -41.16
CA SER B 220 3.23 -3.77 -42.48
C SER B 220 2.86 -5.15 -42.98
N GLU B 221 1.98 -5.17 -43.98
CA GLU B 221 1.64 -6.41 -44.73
C GLU B 221 2.94 -6.99 -45.30
N LYS B 222 3.79 -6.18 -45.93
CA LYS B 222 5.05 -6.70 -46.55
C LYS B 222 5.95 -7.33 -45.48
N GLN B 223 5.98 -6.78 -44.26
CA GLN B 223 6.83 -7.32 -43.16
C GLN B 223 6.18 -8.61 -42.63
N ALA B 224 4.86 -8.69 -42.57
CA ALA B 224 4.15 -9.94 -42.20
C ALA B 224 4.46 -11.03 -43.25
N GLN B 225 4.52 -10.67 -44.53
CA GLN B 225 4.87 -11.66 -45.60
C GLN B 225 6.30 -12.15 -45.38
N LEU B 226 7.21 -11.29 -44.95
CA LEU B 226 8.64 -11.66 -44.73
C LEU B 226 8.72 -12.62 -43.53
N ASN B 227 8.01 -12.29 -42.45
CA ASN B 227 7.96 -13.15 -41.22
C ASN B 227 7.45 -14.55 -41.63
N LEU B 228 6.43 -14.61 -42.48
CA LEU B 228 5.84 -15.89 -42.97
C LEU B 228 6.88 -16.65 -43.83
N ALA B 229 7.54 -15.94 -44.76
CA ALA B 229 8.48 -16.55 -45.74
C ALA B 229 9.64 -17.19 -44.96
N ARG B 230 10.00 -16.63 -43.80
CA ARG B 230 11.10 -17.22 -43.00
C ARG B 230 10.74 -18.60 -42.43
N GLU B 231 9.47 -18.95 -42.36
CA GLU B 231 9.09 -20.26 -41.77
C GLU B 231 8.03 -20.99 -42.61
N ILE B 232 7.80 -20.57 -43.86
CA ILE B 232 6.83 -21.20 -44.78
C ILE B 232 7.18 -22.68 -45.01
N SER B 233 8.46 -23.06 -44.94
CA SER B 233 8.93 -24.44 -45.25
C SER B 233 8.80 -25.38 -44.06
N LEU B 234 8.70 -24.83 -42.84
CA LEU B 234 8.53 -25.65 -41.60
C LEU B 234 7.22 -26.42 -41.70
N ARG B 235 7.27 -27.73 -41.48
CA ARG B 235 6.05 -28.54 -41.25
C ARG B 235 5.64 -28.33 -39.79
N SER B 236 4.38 -28.63 -39.46
CA SER B 236 3.89 -28.57 -38.06
C SER B 236 4.83 -29.34 -37.11
N THR B 237 5.22 -30.57 -37.43
CA THR B 237 6.12 -31.39 -36.55
C THR B 237 7.44 -30.64 -36.27
N GLU B 238 8.04 -29.98 -37.25
CA GLU B 238 9.28 -29.17 -37.09
C GLU B 238 9.01 -27.93 -36.23
N MET B 239 7.90 -27.24 -36.45
CA MET B 239 7.58 -26.04 -35.68
C MET B 239 7.33 -26.46 -34.22
N LEU B 240 6.63 -27.56 -34.04
CA LEU B 240 6.38 -28.09 -32.67
C LEU B 240 7.72 -28.41 -32.01
N GLN B 241 8.61 -29.12 -32.72
CA GLN B 241 9.95 -29.47 -32.17
C GLN B 241 10.69 -28.20 -31.78
N GLN B 242 10.67 -27.18 -32.61
CA GLN B 242 11.38 -25.91 -32.34
C GLN B 242 10.80 -25.20 -31.11
N GLY B 243 9.49 -25.15 -30.99
CA GLY B 243 8.80 -24.56 -29.83
C GLY B 243 9.17 -25.32 -28.56
N ILE B 244 9.16 -26.65 -28.60
CA ILE B 244 9.58 -27.47 -27.44
C ILE B 244 11.05 -27.12 -27.06
N ALA B 245 11.94 -26.96 -28.03
CA ALA B 245 13.37 -26.66 -27.77
C ALA B 245 13.48 -25.24 -27.20
N ASP B 246 12.64 -24.31 -27.66
CA ASP B 246 12.62 -22.92 -27.13
C ASP B 246 12.28 -22.97 -25.64
N TRP B 247 11.25 -23.73 -25.25
CA TRP B 247 10.82 -23.82 -23.82
C TRP B 247 11.90 -24.54 -23.00
N HIS B 248 12.50 -25.60 -23.54
CA HIS B 248 13.54 -26.39 -22.83
C HIS B 248 14.74 -25.51 -22.57
N ASN B 249 15.02 -24.57 -23.45
CA ASN B 249 16.14 -23.61 -23.29
C ASN B 249 15.99 -22.89 -21.96
N TYR B 250 14.76 -22.57 -21.55
CA TYR B 250 14.51 -21.87 -20.26
C TYR B 250 14.34 -22.89 -19.12
N PHE B 251 13.53 -23.92 -19.34
CA PHE B 251 13.21 -24.89 -18.27
C PHE B 251 14.50 -25.56 -17.80
N ASP B 252 15.41 -25.87 -18.73
CA ASP B 252 16.68 -26.58 -18.43
C ASP B 252 17.52 -25.68 -17.52
N ARG B 253 17.19 -24.41 -17.30
CA ARG B 253 18.02 -23.52 -16.43
C ARG B 253 17.68 -23.74 -14.95
N LEU B 254 16.60 -24.44 -14.65
CA LEU B 254 16.14 -24.70 -13.26
C LEU B 254 15.59 -26.11 -13.23
N LYS B 255 16.45 -27.11 -13.06
CA LYS B 255 16.05 -28.53 -12.94
C LYS B 255 15.92 -28.81 -11.45
N VAL B 256 14.70 -29.08 -10.96
CA VAL B 256 14.45 -29.19 -9.49
C VAL B 256 13.78 -30.54 -9.26
N THR B 257 13.87 -31.03 -8.03
CA THR B 257 13.10 -32.18 -7.50
C THR B 257 12.60 -31.80 -6.10
N HIS B 258 11.56 -32.51 -5.65
CA HIS B 258 10.83 -32.27 -4.40
C HIS B 258 10.54 -33.64 -3.79
N GLU B 259 10.21 -33.70 -2.51
CA GLU B 259 9.71 -34.98 -1.95
C GLU B 259 8.40 -35.34 -2.63
N ASN B 260 7.51 -34.38 -2.78
CA ASN B 260 6.15 -34.52 -3.36
C ASN B 260 6.21 -34.08 -4.82
N PRO B 261 6.02 -35.00 -5.76
CA PRO B 261 6.01 -34.65 -7.19
C PRO B 261 4.88 -33.68 -7.58
N GLU B 262 3.83 -33.52 -6.77
CA GLU B 262 2.80 -32.47 -7.01
C GLU B 262 3.47 -31.09 -6.94
N HIS B 263 4.46 -30.92 -6.06
CA HIS B 263 5.17 -29.63 -5.93
C HIS B 263 5.98 -29.35 -7.19
N THR B 264 6.59 -30.38 -7.77
CA THR B 264 7.39 -30.25 -9.00
C THR B 264 6.46 -29.84 -10.13
N LYS B 265 5.30 -30.48 -10.21
CA LYS B 265 4.26 -30.06 -11.19
C LYS B 265 3.89 -28.58 -11.01
N THR B 266 3.64 -28.12 -9.80
CA THR B 266 3.36 -26.67 -9.56
C THR B 266 4.53 -25.82 -10.06
N PHE B 267 5.76 -26.16 -9.67
CA PHE B 267 6.97 -25.38 -10.00
C PHE B 267 7.01 -25.13 -11.51
N TYR B 268 6.89 -26.19 -12.31
CA TYR B 268 7.04 -26.09 -13.79
C TYR B 268 5.83 -25.38 -14.42
N HIS B 269 4.65 -25.44 -13.83
CA HIS B 269 3.50 -24.62 -14.31
C HIS B 269 3.78 -23.12 -14.06
N THR B 270 4.27 -22.74 -12.89
CA THR B 270 4.67 -21.33 -12.61
C THR B 270 5.85 -20.96 -13.51
N LEU B 271 6.79 -21.86 -13.80
CA LEU B 271 7.95 -21.54 -14.68
C LEU B 271 7.52 -21.27 -16.12
N TYR B 272 6.53 -21.97 -16.64
CA TYR B 272 5.88 -21.66 -17.95
C TYR B 272 5.44 -20.18 -17.96
N ARG B 273 4.82 -19.73 -16.87
CA ARG B 273 4.22 -18.38 -16.78
C ARG B 273 5.28 -17.34 -16.40
N THR B 274 6.53 -17.76 -16.16
CA THR B 274 7.67 -16.85 -15.90
C THR B 274 8.37 -16.43 -17.20
N PHE B 275 8.15 -17.10 -18.32
CA PHE B 275 8.84 -16.75 -19.60
C PHE B 275 7.84 -16.40 -20.69
N LEU B 276 6.69 -15.82 -20.33
CA LEU B 276 5.70 -15.32 -21.30
C LEU B 276 5.87 -13.81 -21.51
N PHE B 277 6.04 -13.04 -20.42
CA PHE B 277 6.03 -11.57 -20.40
C PHE B 277 7.36 -11.06 -19.89
N PRO B 278 7.80 -9.85 -20.34
CA PRO B 278 7.07 -9.08 -21.35
C PRO B 278 7.18 -9.67 -22.76
N GLN B 279 6.12 -9.52 -23.53
CA GLN B 279 6.08 -10.06 -24.91
C GLN B 279 7.00 -9.26 -25.82
N THR B 280 7.63 -9.98 -26.74
CA THR B 280 8.43 -9.43 -27.86
C THR B 280 7.52 -8.46 -28.62
N PHE B 281 7.98 -7.23 -28.87
CA PHE B 281 7.19 -6.19 -29.58
C PHE B 281 8.10 -5.50 -30.60
N TYR B 282 8.95 -6.29 -31.22
CA TYR B 282 9.78 -5.92 -32.39
C TYR B 282 9.91 -7.13 -33.31
N GLU B 283 10.24 -6.84 -34.56
CA GLU B 283 10.47 -7.82 -35.63
C GLU B 283 11.86 -7.59 -36.23
N LEU B 284 12.24 -8.41 -37.20
CA LEU B 284 13.57 -8.34 -37.84
C LEU B 284 13.33 -7.93 -39.30
N ASP B 285 13.89 -6.80 -39.71
CA ASP B 285 13.66 -6.25 -41.08
C ASP B 285 14.43 -7.12 -42.10
N GLU B 286 14.32 -6.77 -43.39
CA GLU B 286 14.98 -7.47 -44.52
C GLU B 286 16.50 -7.51 -44.26
N ASN B 287 16.99 -6.59 -43.40
CA ASN B 287 18.42 -6.49 -43.03
C ASN B 287 18.69 -7.19 -41.69
N GLN B 288 17.80 -8.07 -41.21
CA GLN B 288 17.94 -8.79 -39.91
C GLN B 288 18.16 -7.80 -38.75
N GLN B 289 17.74 -6.55 -38.89
CA GLN B 289 17.83 -5.51 -37.83
C GLN B 289 16.50 -5.42 -37.09
N PRO B 290 16.50 -5.24 -35.76
CA PRO B 290 15.26 -4.97 -35.03
C PRO B 290 14.49 -3.74 -35.50
N ILE B 291 13.19 -3.90 -35.64
CA ILE B 291 12.26 -2.83 -36.07
C ILE B 291 10.98 -2.94 -35.22
N HIS B 292 10.34 -1.82 -34.91
CA HIS B 292 9.11 -1.85 -34.07
C HIS B 292 8.21 -0.70 -34.49
N TYR B 293 6.99 -0.70 -33.97
CA TYR B 293 6.07 0.43 -34.14
C TYR B 293 6.07 1.32 -32.89
N ASP B 294 6.25 2.62 -33.14
CA ASP B 294 6.16 3.69 -32.14
C ASP B 294 4.75 4.29 -32.23
N THR B 295 3.91 4.03 -31.24
CA THR B 295 2.50 4.50 -31.23
C THR B 295 2.45 6.00 -30.96
N PHE B 296 3.49 6.57 -30.37
CA PHE B 296 3.49 7.96 -29.90
C PHE B 296 3.62 8.88 -31.13
N SER B 297 4.53 8.58 -32.05
CA SER B 297 4.70 9.37 -33.31
C SER B 297 4.05 8.62 -34.50
N GLN B 298 3.44 7.46 -34.27
CA GLN B 298 2.69 6.68 -35.30
C GLN B 298 3.62 6.37 -36.48
N THR B 299 4.77 5.78 -36.22
CA THR B 299 5.79 5.50 -37.26
CA THR B 299 5.73 5.44 -37.29
C THR B 299 6.60 4.27 -36.86
N VAL B 300 7.08 3.53 -37.88
CA VAL B 300 8.02 2.40 -37.77
C VAL B 300 9.41 2.96 -37.48
N ARG B 301 10.06 2.39 -36.48
CA ARG B 301 11.40 2.85 -36.02
C ARG B 301 12.30 1.65 -35.83
N PRO B 302 13.62 1.85 -36.02
CA PRO B 302 14.59 0.82 -35.69
C PRO B 302 14.66 0.60 -34.17
N GLY B 303 14.94 -0.64 -33.81
CA GLY B 303 15.35 -1.01 -32.45
C GLY B 303 14.40 -2.02 -31.83
N VAL B 304 14.81 -2.54 -30.68
CA VAL B 304 14.04 -3.56 -29.90
C VAL B 304 12.95 -2.81 -29.10
N LEU B 305 11.86 -3.50 -28.81
CA LEU B 305 10.76 -3.01 -27.96
C LEU B 305 10.09 -4.24 -27.34
N TYR B 306 9.65 -4.12 -26.09
CA TYR B 306 8.85 -5.15 -25.40
C TYR B 306 7.54 -4.51 -24.94
N THR B 307 6.49 -5.32 -24.72
CA THR B 307 5.17 -4.84 -24.26
C THR B 307 4.61 -5.79 -23.19
N ASN B 308 3.44 -5.43 -22.65
CA ASN B 308 2.65 -6.27 -21.71
C ASN B 308 3.47 -6.46 -20.44
N ASN B 309 3.63 -5.37 -19.71
CA ASN B 309 4.29 -5.41 -18.37
C ASN B 309 3.82 -4.22 -17.55
N GLY B 310 3.37 -4.48 -16.32
CA GLY B 310 3.21 -3.44 -15.30
C GLY B 310 4.30 -3.58 -14.27
N PHE B 311 5.22 -2.62 -14.23
CA PHE B 311 6.47 -2.72 -13.44
C PHE B 311 6.14 -2.74 -11.96
N TRP B 312 4.99 -2.17 -11.56
CA TRP B 312 4.50 -2.18 -10.15
C TRP B 312 4.46 -3.64 -9.67
N ASP B 313 4.12 -4.57 -10.57
CA ASP B 313 4.08 -6.03 -10.32
C ASP B 313 5.45 -6.66 -10.60
N THR B 314 6.01 -6.45 -11.79
CA THR B 314 7.04 -7.35 -12.31
C THR B 314 8.40 -7.00 -11.70
N TYR B 315 8.59 -5.80 -11.15
CA TYR B 315 9.91 -5.41 -10.56
C TYR B 315 10.19 -6.30 -9.34
N LYS B 316 9.12 -6.72 -8.67
CA LYS B 316 9.18 -7.47 -7.38
C LYS B 316 10.04 -8.73 -7.54
N THR B 317 9.88 -9.47 -8.64
CA THR B 317 10.37 -10.87 -8.74
C THR B 317 10.91 -11.25 -10.12
N VAL B 318 10.27 -10.80 -11.18
CA VAL B 318 10.64 -11.23 -12.57
C VAL B 318 12.07 -10.82 -12.91
N TYR B 319 12.36 -9.53 -12.84
CA TYR B 319 13.67 -9.02 -13.31
C TYR B 319 14.75 -9.55 -12.37
N PRO B 320 14.55 -9.63 -11.03
CA PRO B 320 15.55 -10.26 -10.18
C PRO B 320 15.83 -11.74 -10.56
N LEU B 321 14.82 -12.50 -10.93
CA LEU B 321 15.06 -13.89 -11.42
C LEU B 321 15.86 -13.83 -12.72
N PHE B 322 15.48 -12.94 -13.64
CA PHE B 322 16.20 -12.83 -14.93
C PHE B 322 17.67 -12.45 -14.68
N SER B 323 17.94 -11.69 -13.62
CA SER B 323 19.32 -11.24 -13.28
C SER B 323 20.21 -12.44 -12.98
N LEU B 324 19.64 -13.57 -12.56
CA LEU B 324 20.41 -14.80 -12.25
C LEU B 324 20.46 -15.71 -13.48
N ILE B 325 19.34 -15.95 -14.16
CA ILE B 325 19.25 -17.05 -15.16
C ILE B 325 18.85 -16.59 -16.58
N ALA B 326 18.50 -15.32 -16.83
CA ALA B 326 18.09 -14.87 -18.18
C ALA B 326 18.61 -13.45 -18.41
N GLN B 327 19.88 -13.25 -18.10
CA GLN B 327 20.50 -11.92 -18.25
C GLN B 327 20.38 -11.44 -19.69
N GLU B 328 20.53 -12.33 -20.68
CA GLU B 328 20.46 -11.95 -22.12
C GLU B 328 19.10 -11.30 -22.43
N LYS B 329 18.02 -11.79 -21.83
CA LYS B 329 16.65 -11.21 -22.03
C LYS B 329 16.61 -9.87 -21.28
N TYR B 330 17.06 -9.85 -20.03
CA TYR B 330 17.06 -8.63 -19.19
C TYR B 330 17.74 -7.52 -20.03
N GLU B 331 18.90 -7.83 -20.59
CA GLU B 331 19.73 -6.89 -21.39
C GLU B 331 18.90 -6.28 -22.51
N GLU B 332 18.15 -7.15 -23.21
CA GLU B 332 17.38 -6.76 -24.41
C GLU B 332 16.15 -5.97 -23.95
N MET B 333 15.53 -6.40 -22.85
CA MET B 333 14.30 -5.71 -22.38
C MET B 333 14.63 -4.30 -21.88
N LEU B 334 15.76 -4.14 -21.16
CA LEU B 334 16.17 -2.80 -20.69
C LEU B 334 16.32 -1.89 -21.92
N GLU B 335 16.97 -2.40 -22.95
CA GLU B 335 17.17 -1.59 -24.18
C GLU B 335 15.81 -1.15 -24.75
N GLY B 336 14.84 -2.03 -24.76
CA GLY B 336 13.48 -1.66 -25.22
C GLY B 336 12.84 -0.59 -24.35
N PHE B 337 13.01 -0.68 -23.04
CA PHE B 337 12.33 0.23 -22.09
C PHE B 337 12.98 1.61 -22.30
N LEU B 338 14.27 1.65 -22.60
CA LEU B 338 14.94 2.94 -22.92
C LEU B 338 14.39 3.50 -24.25
N ASN B 339 14.10 2.65 -25.25
CA ASN B 339 13.48 3.10 -26.53
C ASN B 339 12.11 3.71 -26.20
N SER B 340 11.34 3.06 -25.32
CA SER B 340 10.01 3.58 -24.86
C SER B 340 10.19 5.01 -24.32
N TYR B 341 11.16 5.21 -23.44
CA TYR B 341 11.43 6.54 -22.84
C TYR B 341 11.78 7.53 -23.98
N ASN B 342 12.66 7.12 -24.89
CA ASN B 342 13.12 7.98 -26.01
C ASN B 342 11.93 8.40 -26.87
N GLU B 343 10.93 7.52 -27.01
CA GLU B 343 9.79 7.76 -27.94
C GLU B 343 8.69 8.58 -27.27
N THR B 344 8.60 8.58 -25.94
CA THR B 344 7.45 9.18 -25.22
C THR B 344 7.88 10.31 -24.30
N GLY B 345 9.14 10.36 -23.88
CA GLY B 345 9.66 11.30 -22.86
C GLY B 345 9.49 10.83 -21.41
N PHE B 346 8.91 9.64 -21.13
CA PHE B 346 8.83 9.10 -19.75
C PHE B 346 9.14 7.61 -19.73
N LEU B 347 9.84 7.15 -18.71
CA LEU B 347 10.06 5.69 -18.54
C LEU B 347 8.68 5.05 -18.38
N PRO B 348 8.48 3.84 -18.93
CA PRO B 348 7.15 3.25 -18.93
C PRO B 348 6.69 2.77 -17.54
N LYS B 349 5.38 2.78 -17.35
CA LYS B 349 4.71 2.29 -16.11
C LYS B 349 3.93 1.01 -16.43
N TRP B 350 3.01 1.03 -17.39
CA TRP B 350 2.18 -0.15 -17.77
C TRP B 350 2.02 -0.18 -19.29
N LEU B 351 2.81 -1.02 -19.96
CA LEU B 351 2.85 -1.14 -21.44
C LEU B 351 1.78 -2.15 -21.89
N SER B 352 0.79 -1.71 -22.67
CA SER B 352 -0.14 -2.66 -23.32
C SER B 352 -1.00 -1.98 -24.38
N PRO B 353 -0.53 -1.78 -25.64
CA PRO B 353 0.84 -2.09 -26.07
C PRO B 353 1.85 -0.99 -25.71
N ASP B 354 1.31 0.17 -25.38
CA ASP B 354 2.03 1.43 -25.10
C ASP B 354 1.60 1.91 -23.71
N GLU B 355 1.93 3.14 -23.32
CA GLU B 355 1.70 3.61 -21.93
C GLU B 355 0.20 3.68 -21.61
N ARG B 356 -0.21 2.86 -20.65
CA ARG B 356 -1.60 2.80 -20.15
C ARG B 356 -1.68 3.49 -18.78
N GLY B 357 -0.56 3.69 -18.08
CA GLY B 357 -0.44 4.57 -16.90
C GLY B 357 -1.32 4.14 -15.74
N LEU B 358 -1.35 2.83 -15.42
CA LEU B 358 -2.16 2.25 -14.32
C LEU B 358 -1.25 1.87 -13.14
N MET B 359 -1.78 2.00 -11.92
CA MET B 359 -1.10 1.69 -10.63
C MET B 359 -0.19 2.85 -10.22
N PRO B 360 0.04 3.04 -8.90
CA PRO B 360 1.06 3.98 -8.42
C PRO B 360 2.48 3.61 -8.88
N GLY B 361 3.42 4.56 -8.71
CA GLY B 361 4.88 4.35 -8.80
C GLY B 361 5.40 4.25 -10.23
N THR B 362 6.62 4.74 -10.44
CA THR B 362 7.53 4.39 -11.56
C THR B 362 8.55 3.36 -11.06
N LEU B 363 8.08 2.14 -10.90
CA LEU B 363 8.87 1.06 -10.30
C LEU B 363 9.84 0.52 -11.34
N ILE B 364 9.76 0.97 -12.60
CA ILE B 364 10.81 0.70 -13.62
C ILE B 364 12.14 1.13 -13.01
N ASP B 365 12.12 2.11 -12.11
CA ASP B 365 13.38 2.61 -11.48
C ASP B 365 14.09 1.47 -10.75
N ALA B 366 13.34 0.55 -10.11
CA ALA B 366 13.91 -0.61 -9.41
C ALA B 366 14.46 -1.61 -10.43
N VAL B 367 13.78 -1.80 -11.55
CA VAL B 367 14.31 -2.66 -12.64
C VAL B 367 15.67 -2.12 -13.11
N ILE B 368 15.78 -0.81 -13.23
CA ILE B 368 17.03 -0.16 -13.71
C ILE B 368 18.12 -0.32 -12.63
N ALA B 369 17.81 0.08 -11.40
CA ALA B 369 18.78 0.12 -10.26
C ALA B 369 19.29 -1.29 -9.98
N ASP B 370 18.40 -2.27 -10.00
CA ASP B 370 18.81 -3.68 -9.76
C ASP B 370 19.81 -4.10 -10.84
N ALA B 371 19.57 -3.76 -12.11
CA ALA B 371 20.51 -4.08 -13.20
C ALA B 371 21.84 -3.37 -12.94
N ALA B 372 21.79 -2.10 -12.59
CA ALA B 372 22.99 -1.24 -12.41
C ALA B 372 23.90 -1.90 -11.36
N VAL B 373 23.35 -2.30 -10.21
CA VAL B 373 24.18 -2.83 -9.08
C VAL B 373 24.64 -4.25 -9.40
N LYS B 374 24.01 -4.92 -10.37
CA LYS B 374 24.38 -6.27 -10.82
C LYS B 374 25.20 -6.23 -12.11
N LYS B 375 25.57 -5.04 -12.59
CA LYS B 375 26.43 -4.83 -13.78
C LYS B 375 25.75 -5.37 -15.04
N ILE B 376 24.45 -5.13 -15.17
CA ILE B 376 23.66 -5.48 -16.37
C ILE B 376 23.37 -4.17 -17.08
N ARG B 377 23.80 -4.11 -18.35
CA ARG B 377 23.73 -2.91 -19.24
C ARG B 377 24.31 -1.67 -18.55
N PRO B 378 25.53 -1.73 -17.98
CA PRO B 378 26.13 -0.52 -17.43
C PRO B 378 26.24 0.54 -18.55
N ASP B 379 26.36 0.13 -19.81
CA ASP B 379 26.46 1.04 -21.00
C ASP B 379 25.24 1.97 -21.07
N LEU B 380 24.08 1.51 -20.62
CA LEU B 380 22.81 2.28 -20.73
C LEU B 380 22.57 3.13 -19.48
N MET B 381 23.38 2.98 -18.42
CA MET B 381 22.98 3.56 -17.11
C MET B 381 23.08 5.09 -17.14
N PRO B 382 24.09 5.72 -17.78
CA PRO B 382 24.09 7.19 -17.89
C PRO B 382 22.77 7.72 -18.47
N GLN B 383 22.29 7.13 -19.58
CA GLN B 383 21.00 7.51 -20.20
C GLN B 383 19.83 7.26 -19.26
N PHE B 384 19.84 6.11 -18.57
CA PHE B 384 18.75 5.76 -17.64
C PHE B 384 18.68 6.78 -16.50
N LEU B 385 19.84 7.16 -15.96
CA LEU B 385 19.82 8.11 -14.83
C LEU B 385 19.15 9.40 -15.28
N GLU B 386 19.43 9.89 -16.50
CA GLU B 386 18.83 11.16 -16.98
C GLU B 386 17.32 10.95 -17.13
N ALA B 387 16.87 9.78 -17.59
CA ALA B 387 15.43 9.45 -17.70
C ALA B 387 14.79 9.45 -16.31
N MET B 388 15.46 8.86 -15.34
CA MET B 388 14.93 8.73 -13.95
C MET B 388 14.81 10.11 -13.30
N LYS B 389 15.85 10.94 -13.44
CA LYS B 389 15.88 12.31 -12.85
C LYS B 389 14.77 13.16 -13.46
N LYS B 390 14.54 13.04 -14.77
CA LYS B 390 13.42 13.74 -15.45
C LYS B 390 12.08 13.33 -14.82
N GLY B 391 11.84 12.03 -14.64
CA GLY B 391 10.59 11.52 -14.05
C GLY B 391 10.41 12.00 -12.62
N ALA B 392 11.52 12.11 -11.88
CA ALA B 392 11.59 12.54 -10.46
C ALA B 392 11.36 14.06 -10.30
N THR B 393 11.61 14.89 -11.34
CA THR B 393 11.64 16.38 -11.22
C THR B 393 10.52 17.06 -12.04
N GLN B 394 9.94 16.39 -13.04
CA GLN B 394 8.97 17.02 -13.97
C GLN B 394 7.63 16.29 -13.92
N GLN B 395 6.57 17.05 -13.62
CA GLN B 395 5.15 16.70 -13.89
C GLN B 395 4.99 16.44 -15.40
N SER B 396 4.18 15.45 -15.77
CA SER B 396 3.78 15.19 -17.18
C SER B 396 2.44 15.89 -17.47
N GLU B 397 2.31 16.46 -18.67
CA GLU B 397 1.06 17.04 -19.24
C GLU B 397 0.00 15.95 -19.39
N ARG B 398 0.40 14.73 -19.79
CA ARG B 398 -0.47 13.52 -19.89
C ARG B 398 -0.44 12.77 -18.56
N GLU B 399 -1.60 12.29 -18.08
CA GLU B 399 -1.76 11.79 -16.67
C GLU B 399 -1.26 10.35 -16.55
N ASN B 400 -1.01 9.65 -17.66
CA ASN B 400 -0.60 8.22 -17.72
C ASN B 400 0.92 8.03 -17.62
N TYR B 401 1.69 9.12 -17.60
CA TYR B 401 3.17 9.10 -17.67
C TYR B 401 3.76 9.50 -16.30
N GLY B 402 5.03 9.15 -16.06
CA GLY B 402 5.88 9.61 -14.93
C GLY B 402 5.15 9.55 -13.59
N ARG B 403 5.49 10.47 -12.69
CA ARG B 403 4.85 10.65 -11.36
C ARG B 403 3.62 11.56 -11.51
N GLN B 404 2.65 11.50 -10.58
CA GLN B 404 1.63 12.57 -10.32
C GLN B 404 2.01 13.27 -9.00
N GLY B 405 1.65 14.55 -8.84
CA GLY B 405 2.08 15.37 -7.68
C GLY B 405 3.56 15.20 -7.35
N THR B 406 4.40 15.15 -8.38
CA THR B 406 5.88 15.21 -8.30
C THR B 406 6.29 16.47 -7.51
N LEU B 407 5.67 17.61 -7.83
CA LEU B 407 6.11 18.94 -7.31
C LEU B 407 5.71 19.04 -5.83
N ASP B 408 4.49 18.65 -5.46
CA ASP B 408 4.10 18.58 -4.02
C ASP B 408 5.06 17.64 -3.26
N TYR B 409 5.42 16.49 -3.82
CA TYR B 409 6.38 15.56 -3.18
C TYR B 409 7.73 16.28 -2.94
N LEU B 410 8.23 17.03 -3.92
CA LEU B 410 9.53 17.76 -3.81
C LEU B 410 9.42 18.88 -2.78
N LYS B 411 8.27 19.56 -2.74
CA LYS B 411 7.99 20.70 -1.81
C LYS B 411 7.99 20.21 -0.36
N TYR B 412 7.13 19.23 -0.05
CA TYR B 412 6.69 18.86 1.32
C TYR B 412 7.44 17.64 1.86
N GLY B 413 8.07 16.84 1.01
CA GLY B 413 8.72 15.57 1.40
C GLY B 413 7.74 14.40 1.43
N TYR B 414 6.49 14.62 1.03
CA TYR B 414 5.40 13.61 0.95
C TYR B 414 4.38 14.07 -0.07
N VAL B 415 3.53 13.16 -0.56
CA VAL B 415 2.32 13.50 -1.35
C VAL B 415 1.18 13.75 -0.37
N PRO B 416 0.60 14.96 -0.33
CA PRO B 416 -0.46 15.27 0.61
C PRO B 416 -1.78 14.52 0.36
N SER B 417 -2.62 14.48 1.40
CA SER B 417 -3.84 13.62 1.53
C SER B 417 -4.94 14.04 0.55
N THR B 418 -4.78 15.13 -0.18
CA THR B 418 -5.76 15.63 -1.18
C THR B 418 -5.66 14.79 -2.44
N TYR B 419 -4.50 14.16 -2.65
CA TYR B 419 -4.20 13.23 -3.77
C TYR B 419 -4.70 11.83 -3.39
N HIS B 420 -5.25 11.13 -4.37
CA HIS B 420 -5.71 9.74 -4.26
C HIS B 420 -4.48 8.84 -4.01
N GLU B 421 -4.59 7.86 -3.10
CA GLU B 421 -3.51 6.87 -2.84
C GLU B 421 -2.21 7.59 -2.46
N SER B 422 -2.29 8.67 -1.67
CA SER B 422 -1.11 9.48 -1.29
C SER B 422 -0.07 8.62 -0.58
N VAL B 423 -0.47 7.64 0.26
CA VAL B 423 0.52 6.80 0.99
C VAL B 423 1.33 5.99 -0.03
N ASN B 424 0.66 5.23 -0.90
CA ASN B 424 1.40 4.43 -1.93
C ASN B 424 2.32 5.33 -2.78
N HIS B 425 1.83 6.47 -3.24
CA HIS B 425 2.66 7.37 -4.11
C HIS B 425 3.89 7.83 -3.31
N THR B 426 3.70 8.30 -2.08
CA THR B 426 4.83 8.78 -1.24
C THR B 426 5.87 7.65 -1.07
N LEU B 427 5.43 6.45 -0.65
CA LEU B 427 6.39 5.34 -0.38
C LEU B 427 7.05 4.88 -1.68
N ASP B 428 6.29 4.81 -2.78
CA ASP B 428 6.85 4.44 -4.11
C ASP B 428 7.90 5.51 -4.52
N TYR B 429 7.61 6.81 -4.37
CA TYR B 429 8.60 7.87 -4.75
C TYR B 429 9.86 7.72 -3.90
N ALA B 430 9.73 7.49 -2.59
CA ALA B 430 10.88 7.37 -1.68
C ALA B 430 11.75 6.17 -2.07
N TYR B 431 11.12 5.03 -2.41
CA TYR B 431 11.88 3.85 -2.89
C TYR B 431 12.52 4.16 -4.27
N SER B 432 11.80 4.81 -5.17
CA SER B 432 12.37 5.22 -6.49
C SER B 432 13.63 6.07 -6.25
N ASP B 433 13.58 6.97 -5.26
CA ASP B 433 14.70 7.89 -4.93
C ASP B 433 15.92 7.04 -4.54
N PHE B 434 15.74 5.97 -3.74
CA PHE B 434 16.81 5.01 -3.41
C PHE B 434 17.35 4.44 -4.71
N CYS B 435 16.46 4.03 -5.63
CA CYS B 435 16.87 3.38 -6.89
C CYS B 435 17.72 4.36 -7.73
N ILE B 436 17.27 5.61 -7.79
CA ILE B 436 18.00 6.70 -8.53
C ILE B 436 19.38 6.85 -7.86
N SER B 437 19.41 6.85 -6.53
CA SER B 437 20.66 6.97 -5.74
C SER B 437 21.63 5.86 -6.11
N GLN B 438 21.15 4.60 -6.21
CA GLN B 438 22.01 3.44 -6.53
C GLN B 438 22.59 3.57 -7.95
N VAL B 439 21.79 3.94 -8.92
CA VAL B 439 22.30 4.09 -10.32
C VAL B 439 23.41 5.17 -10.29
N ALA B 440 23.13 6.32 -9.68
CA ALA B 440 24.09 7.45 -9.51
C ALA B 440 25.40 6.91 -8.90
N LYS B 441 25.30 6.11 -7.84
CA LYS B 441 26.47 5.54 -7.13
C LYS B 441 27.28 4.63 -8.08
N THR B 442 26.65 3.86 -8.97
CA THR B 442 27.40 2.97 -9.90
C THR B 442 28.13 3.82 -10.95
N LEU B 443 27.69 5.07 -11.18
CA LEU B 443 28.35 5.97 -12.18
C LEU B 443 29.26 6.98 -11.46
N ASN B 444 29.49 6.81 -10.15
CA ASN B 444 30.24 7.75 -9.27
C ASN B 444 29.75 9.19 -9.45
N ASP B 445 28.43 9.42 -9.48
CA ASP B 445 27.79 10.75 -9.49
C ASP B 445 27.42 11.04 -8.03
N SER B 446 28.41 11.37 -7.22
CA SER B 446 28.27 11.56 -5.75
C SER B 446 27.16 12.55 -5.37
N GLU B 447 27.08 13.74 -5.97
CA GLU B 447 26.09 14.76 -5.56
C GLU B 447 24.68 14.21 -5.81
N THR B 448 24.43 13.65 -7.00
CA THR B 448 23.11 13.01 -7.32
C THR B 448 22.86 11.87 -6.31
N ALA B 449 23.84 10.99 -6.06
CA ALA B 449 23.68 9.83 -5.14
C ALA B 449 23.28 10.32 -3.74
N THR B 450 23.94 11.36 -3.24
CA THR B 450 23.67 11.95 -1.91
C THR B 450 22.27 12.56 -1.89
N PHE B 451 21.90 13.35 -2.90
CA PHE B 451 20.59 14.05 -2.89
C PHE B 451 19.47 13.00 -2.78
N TYR B 452 19.50 12.00 -3.66
CA TYR B 452 18.41 11.00 -3.78
C TYR B 452 18.44 10.04 -2.59
N ARG B 453 19.61 9.76 -2.00
CA ARG B 453 19.71 8.99 -0.72
C ARG B 453 18.89 9.70 0.36
N GLN B 454 18.98 11.03 0.44
CA GLN B 454 18.29 11.83 1.48
C GLN B 454 16.78 11.76 1.21
N GLN B 455 16.36 11.97 -0.05
CA GLN B 455 14.95 11.86 -0.50
C GLN B 455 14.35 10.48 -0.11
N ALA B 456 15.15 9.42 -0.10
CA ALA B 456 14.72 8.02 0.13
C ALA B 456 14.27 7.84 1.58
N LEU B 457 14.55 8.81 2.46
CA LEU B 457 14.07 8.77 3.86
C LEU B 457 12.70 9.44 3.98
N ASN B 458 12.09 9.91 2.90
CA ASN B 458 10.77 10.61 2.97
C ASN B 458 9.65 9.69 3.50
N TYR B 459 9.81 8.36 3.51
CA TYR B 459 8.83 7.44 4.14
C TYR B 459 8.53 7.89 5.58
N GLN B 460 9.54 8.47 6.25
CA GLN B 460 9.45 8.94 7.66
C GLN B 460 8.28 9.92 7.80
N GLN B 461 7.95 10.66 6.75
CA GLN B 461 6.92 11.72 6.78
C GLN B 461 5.53 11.17 7.09
N LEU B 462 5.21 9.93 6.69
CA LEU B 462 3.82 9.42 6.81
C LEU B 462 3.70 8.41 7.95
N PHE B 463 4.77 8.17 8.71
CA PHE B 463 4.74 7.22 9.85
C PHE B 463 4.07 7.94 11.02
N ASN B 464 2.91 7.47 11.48
CA ASN B 464 2.23 8.05 12.66
C ASN B 464 2.62 7.23 13.89
N PRO B 465 3.51 7.72 14.77
CA PRO B 465 3.92 6.95 15.94
C PRO B 465 2.75 6.61 16.87
N GLU B 466 1.64 7.36 16.82
CA GLU B 466 0.42 7.09 17.63
C GLU B 466 -0.22 5.75 17.22
N THR B 467 -0.06 5.30 15.98
CA THR B 467 -0.79 4.10 15.48
C THR B 467 0.18 3.00 15.01
N GLY B 468 1.42 3.35 14.66
CA GLY B 468 2.36 2.40 14.06
C GLY B 468 1.97 2.04 12.64
N PHE B 469 1.21 2.90 11.96
CA PHE B 469 0.94 2.73 10.49
C PHE B 469 1.39 3.96 9.71
N MET B 470 1.52 3.77 8.40
CA MET B 470 1.65 4.87 7.42
C MET B 470 0.26 5.43 7.14
N GLN B 471 0.11 6.75 7.28
CA GLN B 471 -1.22 7.41 7.12
C GLN B 471 -1.07 8.64 6.24
N ALA B 472 -2.15 9.00 5.53
CA ALA B 472 -2.19 10.21 4.68
C ALA B 472 -2.13 11.41 5.62
N LYS B 473 -1.42 12.46 5.23
CA LYS B 473 -1.08 13.66 6.03
C LYS B 473 -1.38 14.89 5.15
N ASP B 474 -2.11 15.89 5.67
CA ASP B 474 -2.51 17.10 4.91
C ASP B 474 -1.29 18.03 4.85
N THR B 475 -1.39 19.16 4.14
CA THR B 475 -0.29 20.15 3.97
C THR B 475 0.10 20.77 5.32
N GLU B 476 -0.83 20.84 6.28
CA GLU B 476 -0.59 21.38 7.64
C GLU B 476 0.17 20.34 8.48
N GLY B 477 0.40 19.13 7.96
CA GLY B 477 1.27 18.12 8.60
C GLY B 477 0.49 17.28 9.61
N ASN B 478 -0.84 17.28 9.49
CA ASN B 478 -1.79 16.53 10.36
C ASN B 478 -2.28 15.28 9.63
N PHE B 479 -2.23 14.13 10.31
CA PHE B 479 -2.79 12.86 9.80
C PHE B 479 -4.29 13.00 9.64
N ARG B 480 -4.86 12.34 8.64
CA ARG B 480 -6.34 12.25 8.48
C ARG B 480 -6.89 11.69 9.78
N PRO B 481 -7.95 12.29 10.36
CA PRO B 481 -8.58 11.71 11.56
C PRO B 481 -9.52 10.58 11.12
N ASP B 482 -10.10 9.86 12.08
CA ASP B 482 -11.08 8.79 11.79
C ASP B 482 -10.38 7.60 11.10
N PHE B 483 -9.07 7.41 11.34
CA PHE B 483 -8.25 6.28 10.83
C PHE B 483 -8.81 4.92 11.29
N LEU B 484 -8.93 3.97 10.36
CA LEU B 484 -9.26 2.56 10.68
C LEU B 484 -8.24 1.67 9.96
N ASP B 485 -7.55 0.81 10.71
CA ASP B 485 -6.36 0.04 10.23
C ASP B 485 -6.77 -0.87 9.06
N ILE B 486 -8.02 -1.32 9.02
CA ILE B 486 -8.52 -2.32 8.04
C ILE B 486 -9.33 -1.67 6.91
N ARG B 487 -9.37 -0.34 6.85
CA ARG B 487 -10.08 0.39 5.77
C ARG B 487 -9.23 0.37 4.50
N TRP B 488 -9.77 -0.20 3.42
CA TRP B 488 -9.12 -0.30 2.09
C TRP B 488 -9.36 0.98 1.29
N GLY B 489 -8.42 1.31 0.41
CA GLY B 489 -8.62 2.33 -0.64
C GLY B 489 -8.40 3.73 -0.09
N LYS B 490 -8.83 4.73 -0.87
CA LYS B 490 -8.75 6.18 -0.54
C LYS B 490 -7.28 6.59 -0.47
N ASP B 491 -6.56 6.28 0.61
CA ASP B 491 -5.15 6.65 0.83
C ASP B 491 -4.22 5.51 0.39
N TYR B 492 -4.78 4.33 0.16
CA TYR B 492 -4.02 3.08 -0.10
C TYR B 492 -4.54 2.43 -1.39
N ALA B 493 -3.66 1.82 -2.18
CA ALA B 493 -4.01 1.07 -3.40
C ALA B 493 -4.26 -0.40 -3.06
N GLN B 494 -5.46 -0.88 -3.30
CA GLN B 494 -5.81 -2.32 -3.22
C GLN B 494 -5.27 -2.91 -1.90
N GLY B 495 -5.45 -2.17 -0.83
CA GLY B 495 -5.12 -2.67 0.52
C GLY B 495 -5.55 -1.68 1.57
N SER B 496 -5.45 -2.11 2.83
CA SER B 496 -5.54 -1.27 4.05
C SER B 496 -4.15 -0.80 4.47
N ALA B 497 -4.06 -0.07 5.59
CA ALA B 497 -2.78 0.31 6.19
C ALA B 497 -1.91 -0.94 6.40
N TRP B 498 -2.53 -2.09 6.73
CA TRP B 498 -1.79 -3.34 6.97
C TRP B 498 -1.01 -3.78 5.72
N GLN B 499 -1.59 -3.56 4.54
CA GLN B 499 -1.01 -4.02 3.26
C GLN B 499 -0.07 -2.93 2.68
N SER B 500 0.07 -1.78 3.35
CA SER B 500 0.70 -0.57 2.74
C SER B 500 1.82 0.02 3.58
N SER B 501 1.97 -0.35 4.85
CA SER B 501 2.82 0.39 5.83
C SER B 501 4.25 -0.15 5.85
N PHE B 502 4.58 -1.11 5.00
CA PHE B 502 5.89 -1.78 5.04
C PHE B 502 6.55 -1.77 3.65
N ALA B 503 6.20 -0.81 2.80
CA ALA B 503 6.86 -0.58 1.48
C ALA B 503 8.07 0.35 1.64
N VAL B 504 9.09 -0.12 2.36
CA VAL B 504 10.33 0.62 2.72
C VAL B 504 11.53 -0.31 2.51
N TYR B 505 11.65 -0.84 1.29
CA TYR B 505 12.63 -1.89 0.88
C TYR B 505 14.04 -1.34 1.06
N GLN B 506 14.15 -0.01 0.98
CA GLN B 506 15.44 0.70 0.98
C GLN B 506 15.93 0.87 2.43
N ASP B 507 15.07 0.80 3.44
CA ASP B 507 15.51 1.13 4.83
C ASP B 507 14.63 0.52 5.92
N PHE B 508 14.49 -0.80 5.96
CA PHE B 508 13.69 -1.47 7.01
C PHE B 508 14.31 -1.15 8.38
N ALA B 509 15.64 -1.13 8.50
CA ALA B 509 16.30 -0.79 9.78
C ALA B 509 15.81 0.57 10.28
N GLY B 510 15.70 1.55 9.37
CA GLY B 510 15.15 2.89 9.69
C GLY B 510 13.68 2.84 10.07
N LEU B 511 12.86 2.04 9.37
CA LEU B 511 11.41 1.95 9.70
C LEU B 511 11.28 1.33 11.11
N ILE B 512 12.15 0.36 11.40
CA ILE B 512 12.18 -0.36 12.71
C ILE B 512 12.48 0.65 13.82
N LYS B 513 13.44 1.54 13.58
CA LYS B 513 13.80 2.61 14.54
C LYS B 513 12.57 3.48 14.82
N LEU B 514 11.68 3.72 13.84
CA LEU B 514 10.47 4.56 14.05
C LEU B 514 9.52 3.89 15.05
N TYR B 515 9.41 2.56 15.04
CA TYR B 515 8.59 1.78 16.00
C TYR B 515 9.18 1.89 17.40
N GLY B 516 10.48 2.12 17.51
CA GLY B 516 11.13 2.33 18.81
C GLY B 516 12.13 1.24 19.10
N SER B 517 11.91 0.03 18.58
CA SER B 517 12.81 -1.14 18.82
C SER B 517 12.44 -2.31 17.92
N GLU B 518 13.39 -3.23 17.76
CA GLU B 518 13.17 -4.51 17.02
C GLU B 518 11.96 -5.22 17.64
N LEU B 519 11.75 -5.11 18.95
CA LEU B 519 10.67 -5.80 19.68
C LEU B 519 9.31 -5.17 19.36
N ALA B 520 9.19 -3.83 19.30
CA ALA B 520 7.92 -3.15 18.96
C ALA B 520 7.51 -3.53 17.52
N PHE B 521 8.49 -3.63 16.64
CA PHE B 521 8.28 -4.02 15.21
C PHE B 521 7.81 -5.48 15.15
N GLU B 522 8.50 -6.36 15.86
CA GLU B 522 8.12 -7.79 16.06
C GLU B 522 6.64 -7.90 16.47
N LYS B 523 6.18 -7.19 17.51
CA LYS B 523 4.77 -7.24 17.96
C LYS B 523 3.84 -6.86 16.80
N LYS B 524 4.20 -5.84 16.03
CA LYS B 524 3.37 -5.37 14.89
C LYS B 524 3.21 -6.48 13.85
N LEU B 525 4.31 -7.16 13.54
CA LEU B 525 4.34 -8.23 12.52
C LEU B 525 3.51 -9.42 13.05
N ILE B 526 3.60 -9.70 14.34
CA ILE B 526 2.84 -10.84 14.91
C ILE B 526 1.36 -10.50 14.80
N GLN B 527 1.03 -9.27 15.07
CA GLN B 527 -0.39 -8.85 15.03
C GLN B 527 -0.90 -8.93 13.59
N LEU B 528 -0.10 -8.49 12.62
CA LEU B 528 -0.44 -8.52 11.18
C LEU B 528 -0.85 -9.93 10.80
N CYS B 529 0.02 -10.88 11.14
CA CYS B 529 -0.10 -12.31 10.79
C CYS B 529 -1.21 -13.03 11.54
N ASN B 530 -1.49 -12.74 12.82
CA ASN B 530 -2.27 -13.68 13.67
C ASN B 530 -3.73 -13.24 13.86
N GLN B 531 -4.11 -12.13 13.26
CA GLN B 531 -5.50 -11.59 13.40
C GLN B 531 -6.38 -12.24 12.33
N ALA B 532 -7.69 -12.08 12.44
CA ALA B 532 -8.65 -12.47 11.38
C ALA B 532 -8.41 -11.63 10.12
N PRO B 533 -8.66 -12.18 8.91
CA PRO B 533 -8.50 -11.39 7.70
C PRO B 533 -9.71 -10.46 7.44
N ASN B 534 -9.91 -9.52 8.36
CA ASN B 534 -11.04 -8.56 8.32
C ASN B 534 -10.68 -7.41 7.38
N PHE B 535 -11.70 -6.83 6.77
CA PHE B 535 -11.55 -5.66 5.88
C PHE B 535 -12.82 -4.82 5.97
N ASN B 536 -12.64 -3.53 5.70
CA ASN B 536 -13.70 -2.50 5.60
C ASN B 536 -13.64 -1.90 4.19
N VAL B 537 -14.76 -1.73 3.49
CA VAL B 537 -14.74 -1.44 2.03
C VAL B 537 -14.85 0.06 1.75
N GLU B 538 -15.00 0.89 2.79
CA GLU B 538 -15.48 2.31 2.60
C GLU B 538 -14.63 3.09 1.59
N GLY B 539 -13.33 2.83 1.46
CA GLY B 539 -12.52 3.48 0.42
C GLY B 539 -13.05 3.22 -0.99
N TYR B 540 -13.65 2.05 -1.24
CA TYR B 540 -14.11 1.63 -2.59
C TYR B 540 -15.62 1.83 -2.70
N GLY B 541 -16.39 1.60 -1.62
CA GLY B 541 -17.86 1.53 -1.62
C GLY B 541 -18.42 0.12 -1.89
N PHE B 542 -17.56 -0.89 -2.04
CA PHE B 542 -17.95 -2.26 -2.42
C PHE B 542 -16.72 -3.17 -2.26
N GLU B 543 -16.96 -4.48 -2.20
CA GLU B 543 -15.91 -5.49 -2.05
C GLU B 543 -15.32 -5.79 -3.44
N ILE B 544 -14.00 -5.71 -3.52
CA ILE B 544 -13.19 -6.02 -4.74
C ILE B 544 -12.53 -7.36 -4.52
N HIS B 545 -12.09 -8.01 -5.60
CA HIS B 545 -11.61 -9.42 -5.56
C HIS B 545 -10.38 -9.53 -4.64
N GLU B 546 -9.53 -8.50 -4.56
CA GLU B 546 -8.32 -8.58 -3.70
C GLU B 546 -8.75 -8.75 -2.25
N MET B 547 -9.84 -8.11 -1.83
CA MET B 547 -10.28 -8.24 -0.44
C MET B 547 -10.75 -9.70 -0.27
N SER B 548 -11.53 -10.20 -1.25
CA SER B 548 -12.12 -11.55 -1.21
C SER B 548 -10.99 -12.58 -1.14
N GLU B 549 -9.93 -12.41 -1.90
CA GLU B 549 -8.80 -13.37 -1.94
C GLU B 549 -8.13 -13.41 -0.56
N MET B 550 -7.96 -12.28 0.10
CA MET B 550 -7.37 -12.23 1.46
C MET B 550 -8.32 -12.97 2.41
N ALA B 551 -9.62 -12.63 2.36
CA ALA B 551 -10.61 -13.14 3.33
C ALA B 551 -10.93 -14.60 3.05
N ALA B 552 -10.56 -15.14 1.90
CA ALA B 552 -10.83 -16.55 1.53
C ALA B 552 -9.98 -17.53 2.36
N ILE B 553 -8.86 -17.04 2.87
CA ILE B 553 -7.85 -17.86 3.58
C ILE B 553 -7.54 -17.23 4.94
N ASP B 554 -7.05 -18.06 5.85
CA ASP B 554 -6.68 -17.68 7.23
C ASP B 554 -5.16 -17.49 7.32
N PHE B 555 -4.67 -16.38 6.72
CA PHE B 555 -3.28 -15.91 6.82
C PHE B 555 -3.28 -14.47 7.30
N GLY B 556 -4.28 -14.09 8.10
CA GLY B 556 -4.32 -12.74 8.68
C GLY B 556 -4.29 -11.68 7.61
N GLN B 557 -3.54 -10.60 7.84
CA GLN B 557 -3.46 -9.48 6.86
C GLN B 557 -2.35 -9.69 5.82
N LEU B 558 -1.72 -10.88 5.79
CA LEU B 558 -0.61 -11.21 4.87
C LEU B 558 -1.30 -11.61 3.56
N ALA B 559 -1.66 -10.59 2.78
CA ALA B 559 -2.51 -10.73 1.58
C ALA B 559 -1.64 -11.14 0.40
N ILE B 560 -1.28 -12.42 0.37
CA ILE B 560 -0.32 -13.01 -0.62
C ILE B 560 -0.97 -13.02 -2.00
N SER B 561 -2.30 -12.83 -2.06
CA SER B 561 -3.11 -12.65 -3.28
C SER B 561 -2.64 -11.42 -4.07
N ASN B 562 -1.87 -10.54 -3.45
CA ASN B 562 -1.50 -9.25 -4.10
C ASN B 562 -0.09 -8.81 -3.73
N GLN B 563 0.53 -8.03 -4.63
CA GLN B 563 1.97 -7.69 -4.60
C GLN B 563 2.38 -6.99 -3.31
N PRO B 564 1.57 -6.08 -2.74
CA PRO B 564 2.00 -5.32 -1.58
C PRO B 564 2.51 -6.17 -0.42
N SER B 565 1.95 -7.38 -0.23
CA SER B 565 2.31 -8.27 0.91
C SER B 565 3.39 -9.31 0.57
N PHE B 566 3.87 -9.35 -0.67
CA PHE B 566 4.80 -10.42 -1.14
C PHE B 566 6.03 -10.57 -0.22
N HIS B 567 6.60 -9.47 0.27
CA HIS B 567 7.86 -9.47 1.08
C HIS B 567 7.60 -9.68 2.58
N TYR B 568 6.35 -9.66 3.01
CA TYR B 568 5.98 -9.69 4.46
C TYR B 568 6.73 -10.77 5.26
N PRO B 569 6.81 -12.07 4.87
CA PRO B 569 7.51 -13.07 5.67
C PRO B 569 8.95 -12.66 5.99
N PHE B 570 9.56 -11.88 5.10
CA PHE B 570 10.99 -11.49 5.17
C PHE B 570 11.20 -10.35 6.17
N LEU B 571 10.15 -9.67 6.61
CA LEU B 571 10.30 -8.55 7.58
C LEU B 571 10.89 -9.09 8.88
N PHE B 572 10.65 -10.36 9.21
CA PHE B 572 11.24 -11.02 10.41
C PHE B 572 12.77 -11.12 10.32
N SER B 573 13.32 -11.11 9.12
CA SER B 573 14.79 -11.22 8.87
C SER B 573 15.47 -9.89 9.25
N TYR B 574 14.73 -8.80 9.35
CA TYR B 574 15.30 -7.45 9.67
C TYR B 574 15.35 -7.26 11.20
N ILE B 575 14.81 -8.20 11.99
CA ILE B 575 14.95 -8.19 13.48
C ILE B 575 15.68 -9.45 13.98
N GLY B 576 16.44 -10.15 13.15
CA GLY B 576 17.15 -11.38 13.54
C GLY B 576 16.24 -12.51 13.99
N LYS B 577 15.03 -12.64 13.45
CA LYS B 577 14.11 -13.76 13.82
C LYS B 577 13.53 -14.41 12.56
N PRO B 578 14.37 -14.79 11.56
CA PRO B 578 13.89 -15.42 10.33
C PRO B 578 13.17 -16.74 10.67
N GLU B 579 13.53 -17.37 11.78
CA GLU B 579 12.89 -18.66 12.21
C GLU B 579 11.37 -18.48 12.43
N MET B 580 10.93 -17.30 12.80
CA MET B 580 9.49 -17.04 13.03
C MET B 580 8.66 -17.19 11.74
N ALA B 581 9.27 -17.05 10.55
CA ALA B 581 8.57 -17.00 9.22
C ALA B 581 8.89 -18.20 8.34
N GLN B 582 9.79 -19.09 8.74
CA GLN B 582 10.12 -20.29 7.94
C GLN B 582 8.88 -21.16 7.76
N PRO B 583 8.10 -21.52 8.81
CA PRO B 583 6.89 -22.33 8.60
C PRO B 583 5.87 -21.59 7.71
N LEU B 584 5.68 -20.30 8.00
CA LEU B 584 4.75 -19.41 7.25
C LEU B 584 5.06 -19.45 5.75
N LEU B 585 6.34 -19.48 5.39
CA LEU B 585 6.75 -19.49 3.95
C LEU B 585 6.36 -20.80 3.31
N LYS B 586 6.61 -21.95 3.94
CA LYS B 586 6.17 -23.26 3.38
C LYS B 586 4.65 -23.25 3.28
N GLN B 587 3.95 -22.77 4.30
CA GLN B 587 2.46 -22.75 4.29
C GLN B 587 1.96 -21.87 3.14
N LEU B 588 2.55 -20.72 2.91
CA LEU B 588 2.11 -19.83 1.79
C LEU B 588 2.33 -20.51 0.47
N MET B 589 3.44 -21.23 0.30
CA MET B 589 3.71 -21.92 -0.97
C MET B 589 2.65 -23.02 -1.21
N GLN B 590 1.96 -23.50 -0.18
CA GLN B 590 0.91 -24.54 -0.39
C GLN B 590 -0.37 -23.94 -0.95
N THR B 591 -0.52 -22.62 -0.99
CA THR B 591 -1.70 -21.97 -1.63
C THR B 591 -1.53 -21.99 -3.15
N PHE B 592 -0.44 -22.55 -3.67
CA PHE B 592 -0.18 -22.64 -5.13
C PHE B 592 -0.30 -24.11 -5.56
N ASP B 593 -0.93 -24.38 -6.69
CA ASP B 593 -0.87 -25.70 -7.34
C ASP B 593 -1.02 -25.49 -8.85
N ALA B 594 -1.00 -26.57 -9.62
CA ALA B 594 -1.04 -26.53 -11.09
C ALA B 594 -2.48 -26.56 -11.63
N SER B 595 -3.48 -26.50 -10.75
CA SER B 595 -4.91 -26.61 -11.12
C SER B 595 -5.40 -25.30 -11.71
N PRO B 596 -6.62 -25.31 -12.30
CA PRO B 596 -7.28 -24.07 -12.70
C PRO B 596 -7.49 -23.05 -11.59
N THR B 597 -7.41 -23.45 -10.32
CA THR B 597 -7.57 -22.52 -9.16
C THR B 597 -6.21 -22.29 -8.49
N GLY B 598 -5.14 -22.46 -9.23
CA GLY B 598 -3.80 -22.73 -8.66
C GLY B 598 -3.05 -21.52 -8.12
N TYR B 599 -3.56 -20.30 -8.21
CA TYR B 599 -2.89 -19.13 -7.58
C TYR B 599 -3.79 -18.54 -6.50
N PRO B 600 -3.20 -17.95 -5.45
CA PRO B 600 -4.00 -17.23 -4.45
C PRO B 600 -4.59 -15.88 -4.89
N GLY B 601 -4.13 -15.31 -6.02
CA GLY B 601 -4.63 -14.06 -6.59
C GLY B 601 -4.05 -13.82 -7.97
N ASP B 602 -4.13 -12.59 -8.48
CA ASP B 602 -3.69 -12.32 -9.88
C ASP B 602 -2.21 -12.73 -10.01
N GLU B 603 -1.87 -13.43 -11.07
CA GLU B 603 -0.47 -13.85 -11.32
C GLU B 603 0.36 -12.64 -11.81
N ASP B 604 -0.25 -11.79 -12.62
CA ASP B 604 0.34 -10.49 -13.07
C ASP B 604 1.65 -10.71 -13.85
N ASN B 605 1.58 -11.42 -14.99
CA ASN B 605 2.64 -11.38 -16.02
C ASN B 605 3.98 -11.83 -15.43
N GLY B 606 3.98 -12.92 -14.67
CA GLY B 606 5.22 -13.54 -14.19
C GLY B 606 5.48 -13.17 -12.75
N SER B 607 4.77 -12.17 -12.21
CA SER B 607 5.06 -11.56 -10.88
C SER B 607 4.88 -12.63 -9.78
N MET B 608 3.72 -13.24 -9.71
CA MET B 608 3.42 -14.21 -8.63
C MET B 608 4.12 -15.54 -8.93
N SER B 609 4.31 -15.90 -10.19
CA SER B 609 5.06 -17.12 -10.56
C SER B 609 6.48 -17.03 -10.04
N ALA B 610 7.14 -15.89 -10.27
CA ALA B 610 8.55 -15.71 -9.88
C ALA B 610 8.61 -15.66 -8.34
N TRP B 611 7.57 -15.17 -7.68
CA TRP B 611 7.51 -15.23 -6.19
C TRP B 611 7.60 -16.70 -5.74
N TYR B 612 6.92 -17.59 -6.42
CA TYR B 612 6.85 -19.02 -6.07
C TYR B 612 8.18 -19.71 -6.41
N ILE B 613 8.77 -19.36 -7.56
CA ILE B 613 10.08 -19.95 -8.01
C ILE B 613 11.17 -19.57 -7.00
N PHE B 614 11.31 -18.28 -6.65
CA PHE B 614 12.33 -17.84 -5.67
C PHE B 614 12.10 -18.58 -4.34
N ASN B 615 10.89 -18.52 -3.83
CA ASN B 615 10.57 -19.11 -2.51
C ASN B 615 10.84 -20.62 -2.51
N SER B 616 10.61 -21.30 -3.62
CA SER B 616 10.90 -22.74 -3.78
C SER B 616 12.40 -22.96 -3.53
N LEU B 617 13.26 -22.07 -3.98
CA LEU B 617 14.74 -22.24 -3.90
C LEU B 617 15.24 -21.76 -2.54
N GLY B 618 14.41 -20.98 -1.81
CA GLY B 618 14.68 -20.60 -0.40
C GLY B 618 15.30 -19.22 -0.24
N PHE B 619 15.18 -18.33 -1.22
CA PHE B 619 15.68 -16.93 -1.09
C PHE B 619 14.87 -15.99 -2.01
N TYR B 620 14.91 -14.69 -1.74
CA TYR B 620 13.89 -13.73 -2.26
C TYR B 620 14.45 -12.31 -2.34
N PRO B 621 14.24 -11.62 -3.48
CA PRO B 621 14.70 -10.24 -3.65
C PRO B 621 13.77 -9.22 -2.97
N VAL B 622 13.93 -9.04 -1.67
CA VAL B 622 13.13 -8.05 -0.91
C VAL B 622 13.39 -6.65 -1.46
N THR B 623 14.66 -6.36 -1.73
CA THR B 623 15.15 -5.02 -2.13
C THR B 623 15.87 -5.09 -3.48
N PRO B 624 15.12 -5.07 -4.59
CA PRO B 624 15.71 -4.73 -5.90
C PRO B 624 16.44 -3.40 -5.75
N GLY B 625 17.69 -3.35 -6.22
CA GLY B 625 18.60 -2.20 -6.05
C GLY B 625 19.72 -2.46 -5.05
N ALA B 626 19.58 -3.47 -4.18
CA ALA B 626 20.56 -3.75 -3.08
C ALA B 626 21.56 -4.84 -3.49
N GLY B 627 21.22 -5.75 -4.42
CA GLY B 627 22.10 -6.83 -4.84
C GLY B 627 22.14 -7.95 -3.79
N GLU B 628 20.99 -8.23 -3.19
CA GLU B 628 20.85 -9.26 -2.13
C GLU B 628 19.57 -10.06 -2.33
N TYR B 629 19.55 -11.27 -1.75
CA TYR B 629 18.38 -12.16 -1.70
C TYR B 629 18.25 -12.58 -0.25
N VAL B 630 17.12 -12.28 0.38
CA VAL B 630 16.86 -12.59 1.81
C VAL B 630 16.44 -14.06 1.87
N ILE B 631 16.99 -14.80 2.81
CA ILE B 631 16.77 -16.27 2.92
C ILE B 631 15.40 -16.53 3.52
N GLY B 632 14.72 -17.53 2.97
CA GLY B 632 13.35 -17.90 3.33
C GLY B 632 13.32 -19.32 3.87
N MET B 633 12.60 -20.18 3.18
CA MET B 633 12.52 -21.63 3.52
C MET B 633 12.30 -22.38 2.22
N PRO B 634 13.26 -23.22 1.76
CA PRO B 634 13.10 -23.86 0.47
C PRO B 634 12.02 -24.93 0.51
N LEU B 635 11.37 -25.12 -0.63
CA LEU B 635 10.43 -26.24 -0.85
C LEU B 635 11.07 -27.35 -1.69
N VAL B 636 12.02 -27.04 -2.56
CA VAL B 636 12.78 -28.08 -3.33
C VAL B 636 13.64 -28.93 -2.38
N GLN B 637 13.98 -30.13 -2.83
CA GLN B 637 15.06 -30.95 -2.25
C GLN B 637 16.36 -30.76 -3.06
N THR B 638 16.26 -30.68 -4.39
CA THR B 638 17.42 -30.36 -5.26
C THR B 638 17.03 -29.32 -6.31
N ALA B 639 17.99 -28.48 -6.66
CA ALA B 639 17.91 -27.58 -7.82
C ALA B 639 19.31 -27.46 -8.46
N GLU B 640 19.37 -27.60 -9.78
CA GLU B 640 20.54 -27.19 -10.59
C GLU B 640 20.15 -25.90 -11.28
N VAL B 641 20.78 -24.80 -10.87
CA VAL B 641 20.53 -23.43 -11.35
C VAL B 641 21.63 -23.13 -12.37
N LYS B 642 21.29 -23.02 -13.65
CA LYS B 642 22.27 -22.63 -14.69
C LYS B 642 22.32 -21.11 -14.70
N LEU B 643 23.39 -20.53 -14.21
CA LEU B 643 23.49 -19.06 -14.11
C LEU B 643 23.89 -18.49 -15.48
N SER B 644 23.47 -17.26 -15.76
CA SER B 644 23.75 -16.57 -17.05
C SER B 644 25.26 -16.39 -17.27
N ASN B 645 26.10 -16.37 -16.23
CA ASN B 645 27.59 -16.24 -16.39
C ASN B 645 28.21 -17.59 -16.76
N GLY B 646 27.40 -18.62 -16.99
CA GLY B 646 27.86 -19.97 -17.36
C GLY B 646 28.31 -20.81 -16.16
N LYS B 647 28.18 -20.32 -14.93
CA LYS B 647 28.44 -21.14 -13.73
C LYS B 647 27.15 -21.85 -13.30
N GLN B 648 27.28 -22.76 -12.35
CA GLN B 648 26.10 -23.55 -11.88
C GLN B 648 26.03 -23.45 -10.36
N LEU B 649 24.84 -23.17 -9.81
CA LEU B 649 24.53 -23.32 -8.37
C LEU B 649 23.72 -24.61 -8.20
N THR B 650 24.21 -25.51 -7.34
CA THR B 650 23.57 -26.80 -6.99
C THR B 650 23.03 -26.67 -5.57
N ILE B 651 21.70 -26.70 -5.44
CA ILE B 651 21.00 -26.63 -4.14
C ILE B 651 20.68 -28.07 -3.75
N GLN B 652 20.92 -28.40 -2.50
CA GLN B 652 20.60 -29.69 -1.89
C GLN B 652 20.07 -29.43 -0.49
N THR B 653 18.93 -30.03 -0.14
CA THR B 653 18.40 -29.96 1.24
C THR B 653 18.51 -31.34 1.86
N SER B 654 18.55 -31.37 3.19
CA SER B 654 18.21 -32.59 3.95
C SER B 654 16.76 -32.93 3.58
N PRO B 655 16.29 -34.14 3.89
CA PRO B 655 14.94 -34.55 3.50
C PRO B 655 13.93 -33.45 3.87
N ASN B 656 13.09 -33.06 2.91
CA ASN B 656 12.29 -31.81 2.96
C ASN B 656 10.81 -32.19 2.89
N LYS B 657 10.31 -32.77 3.99
CA LYS B 657 8.93 -33.31 4.02
C LYS B 657 8.09 -32.22 4.66
N VAL B 658 6.81 -32.46 4.83
CA VAL B 658 5.90 -31.43 5.41
C VAL B 658 6.41 -31.00 6.81
N GLN B 659 6.93 -31.90 7.64
CA GLN B 659 7.33 -31.56 9.04
C GLN B 659 8.60 -30.69 9.09
N GLN B 660 9.39 -30.66 8.03
CA GLN B 660 10.56 -29.75 7.89
C GLN B 660 10.00 -28.33 7.65
N GLN B 661 10.04 -27.49 8.67
CA GLN B 661 9.49 -26.13 8.62
C GLN B 661 10.51 -25.08 9.03
N PHE B 662 11.75 -25.46 9.22
CA PHE B 662 12.80 -24.54 9.68
C PHE B 662 14.11 -24.85 8.99
N ILE B 663 14.97 -23.83 8.94
CA ILE B 663 16.36 -24.03 8.50
C ILE B 663 17.19 -24.28 9.77
N HIS B 664 17.88 -25.39 9.83
CA HIS B 664 18.82 -25.71 10.95
C HIS B 664 20.17 -25.06 10.67
N GLU B 665 20.72 -25.29 9.47
CA GLU B 665 22.03 -24.69 9.12
C GLU B 665 22.16 -24.60 7.61
N ILE B 666 22.86 -23.58 7.12
CA ILE B 666 23.22 -23.46 5.68
C ILE B 666 24.74 -23.55 5.52
N GLN B 667 25.17 -24.30 4.52
CA GLN B 667 26.57 -24.38 4.06
C GLN B 667 26.60 -23.89 2.62
N LEU B 668 27.35 -22.83 2.34
CA LEU B 668 27.63 -22.34 0.96
C LEU B 668 29.08 -22.69 0.65
N ASN B 669 29.30 -23.54 -0.34
CA ASN B 669 30.63 -24.14 -0.64
C ASN B 669 31.32 -24.62 0.64
N GLN B 670 30.62 -25.45 1.41
CA GLN B 670 31.14 -26.18 2.60
C GLN B 670 31.56 -25.20 3.70
N GLU B 671 31.06 -23.97 3.69
CA GLU B 671 31.32 -22.98 4.78
C GLU B 671 29.99 -22.55 5.39
N LYS B 672 29.92 -22.58 6.72
CA LYS B 672 28.73 -22.14 7.50
C LYS B 672 28.35 -20.75 7.04
N HIS B 673 27.08 -20.54 6.68
CA HIS B 673 26.54 -19.21 6.27
C HIS B 673 25.52 -18.76 7.32
N THR B 674 25.85 -17.75 8.12
CA THR B 674 25.03 -17.30 9.26
C THR B 674 24.14 -16.12 8.86
N ALA B 675 24.53 -15.34 7.84
CA ALA B 675 23.78 -14.14 7.45
C ALA B 675 22.41 -14.57 6.90
N PRO B 676 21.34 -13.80 7.22
CA PRO B 676 19.99 -14.05 6.71
C PRO B 676 19.77 -13.63 5.25
N TYR B 677 20.83 -13.43 4.50
CA TYR B 677 20.77 -13.09 3.06
C TYR B 677 22.00 -13.66 2.37
N PHE B 678 21.88 -13.77 1.07
CA PHE B 678 23.00 -14.02 0.16
C PHE B 678 23.19 -12.74 -0.66
N THR B 679 24.42 -12.45 -1.01
CA THR B 679 24.67 -11.38 -2.02
C THR B 679 24.44 -12.02 -3.39
N HIS B 680 24.08 -11.20 -4.36
CA HIS B 680 24.04 -11.59 -5.79
C HIS B 680 25.39 -12.19 -6.17
N GLN B 681 26.50 -11.58 -5.74
CA GLN B 681 27.86 -12.04 -6.15
C GLN B 681 28.10 -13.47 -5.64
N GLU B 682 27.79 -13.76 -4.37
CA GLU B 682 27.86 -15.12 -3.78
C GLU B 682 27.12 -16.13 -4.65
N LEU B 683 25.88 -15.84 -5.04
CA LEU B 683 25.10 -16.81 -5.83
C LEU B 683 25.74 -16.97 -7.21
N LEU B 684 26.24 -15.89 -7.81
CA LEU B 684 26.83 -15.94 -9.16
C LEU B 684 28.15 -16.72 -9.16
N ASN B 685 28.85 -16.79 -8.02
CA ASN B 685 30.03 -17.68 -7.89
C ASN B 685 29.60 -19.13 -8.07
N GLY B 686 28.32 -19.45 -7.85
CA GLY B 686 27.83 -20.84 -7.98
C GLY B 686 28.52 -21.78 -7.02
N GLY B 687 28.54 -23.07 -7.33
CA GLY B 687 28.97 -24.13 -6.41
C GLY B 687 27.79 -24.79 -5.70
N THR B 688 27.92 -25.06 -4.39
CA THR B 688 26.99 -25.88 -3.59
C THR B 688 26.33 -25.03 -2.50
N LEU B 689 25.00 -25.00 -2.51
CA LEU B 689 24.20 -24.40 -1.43
C LEU B 689 23.46 -25.55 -0.76
N ASP B 690 23.83 -25.89 0.47
CA ASP B 690 23.26 -27.01 1.27
C ASP B 690 22.42 -26.43 2.41
N TYR B 691 21.13 -26.74 2.44
CA TYR B 691 20.23 -26.44 3.56
C TYR B 691 20.05 -27.70 4.40
N GLN B 692 20.47 -27.66 5.65
CA GLN B 692 20.06 -28.67 6.67
C GLN B 692 18.77 -28.15 7.29
N LEU B 693 17.66 -28.90 7.15
CA LEU B 693 16.34 -28.43 7.63
C LEU B 693 16.01 -29.03 8.99
N GLY B 694 15.06 -28.40 9.70
CA GLY B 694 14.59 -28.81 11.03
C GLY B 694 13.09 -28.88 11.19
N ILE B 695 12.68 -29.64 12.21
CA ILE B 695 11.28 -29.75 12.68
C ILE B 695 11.06 -28.76 13.81
N VAL B 696 12.14 -28.24 14.39
CA VAL B 696 12.11 -27.11 15.37
C VAL B 696 13.15 -26.09 14.88
N PRO B 697 13.00 -24.83 15.32
CA PRO B 697 13.91 -23.78 14.88
C PRO B 697 15.31 -23.94 15.49
N ASN B 698 16.29 -23.30 14.86
CA ASN B 698 17.68 -23.20 15.37
C ASN B 698 18.01 -21.71 15.40
N PRO B 699 17.55 -20.93 16.39
CA PRO B 699 17.73 -19.48 16.38
C PRO B 699 19.21 -19.09 16.27
N GLN B 700 19.52 -18.13 15.40
CA GLN B 700 20.87 -17.52 15.27
C GLN B 700 20.98 -16.33 16.23
N THR B 701 22.17 -16.11 16.74
CA THR B 701 22.55 -14.99 17.63
C THR B 701 23.02 -13.81 16.78
N THR B 702 23.61 -14.11 15.61
CA THR B 702 24.25 -13.14 14.69
C THR B 702 23.48 -11.81 14.67
N ALA B 703 24.19 -10.69 14.59
CA ALA B 703 23.63 -9.32 14.40
C ALA B 703 23.56 -8.96 12.90
N GLU B 704 23.97 -9.87 12.01
CA GLU B 704 23.87 -9.71 10.53
C GLU B 704 22.40 -9.47 10.14
N ARG B 705 22.16 -8.44 9.35
CA ARG B 705 20.83 -8.08 8.80
C ARG B 705 21.00 -7.82 7.32
N PRO B 706 19.93 -7.97 6.53
CA PRO B 706 19.97 -7.59 5.12
C PRO B 706 20.12 -6.07 5.01
N PHE B 707 20.38 -5.61 3.78
CA PHE B 707 20.59 -4.18 3.45
C PHE B 707 19.50 -3.26 4.00
N SER B 708 19.91 -2.21 4.70
CA SER B 708 19.11 -0.98 4.97
C SER B 708 20.00 0.27 4.73
N LEU B 709 19.46 1.32 4.12
CA LEU B 709 20.22 2.60 3.88
C LEU B 709 20.88 3.06 5.17
N SER B 710 20.14 3.02 6.26
CA SER B 710 20.49 3.73 7.52
C SER B 710 21.58 2.97 8.27
N THR B 711 22.03 1.81 7.80
CA THR B 711 23.11 1.05 8.49
C THR B 711 24.22 0.61 7.54
N GLU B 712 24.28 1.05 6.27
CA GLU B 712 25.21 0.46 5.28
C GLU B 712 26.67 0.92 5.52
N MET C 1 4.68 -46.27 -22.92
CA MET C 1 5.11 -45.92 -21.57
C MET C 1 6.61 -46.25 -21.49
N ASN C 2 7.39 -45.36 -20.88
CA ASN C 2 8.85 -45.60 -20.66
C ASN C 2 9.04 -46.68 -19.57
N ILE C 3 10.00 -47.57 -19.82
CA ILE C 3 10.25 -48.74 -18.96
C ILE C 3 10.50 -48.31 -17.50
N GLN C 4 11.12 -47.15 -17.24
CA GLN C 4 11.52 -46.65 -15.89
CA GLN C 4 11.50 -46.74 -15.85
C GLN C 4 10.27 -46.34 -15.04
N ALA C 5 9.11 -46.14 -15.69
CA ALA C 5 7.84 -45.83 -15.01
C ALA C 5 7.12 -47.13 -14.63
N ILE C 6 7.57 -48.29 -15.11
CA ILE C 6 6.98 -49.60 -14.70
C ILE C 6 7.42 -49.89 -13.27
N ASP C 7 6.45 -50.17 -12.40
CA ASP C 7 6.75 -50.54 -10.98
C ASP C 7 6.60 -52.06 -10.83
N THR C 8 7.73 -52.74 -10.60
CA THR C 8 7.82 -54.22 -10.54
C THR C 8 7.12 -54.78 -9.29
N ARG C 9 6.52 -53.95 -8.43
CA ARG C 9 5.70 -54.46 -7.30
C ARG C 9 4.26 -54.78 -7.80
N HIS C 10 3.99 -54.50 -9.07
CA HIS C 10 2.79 -55.00 -9.79
C HIS C 10 2.62 -56.50 -9.54
N GLY C 11 1.47 -56.90 -9.02
CA GLY C 11 1.13 -58.31 -8.82
C GLY C 11 1.93 -59.00 -7.71
N THR C 12 2.59 -58.27 -6.80
CA THR C 12 3.47 -58.87 -5.77
C THR C 12 2.78 -59.00 -4.41
N ALA C 13 1.54 -58.53 -4.22
CA ALA C 13 0.87 -58.64 -2.90
C ALA C 13 0.22 -60.03 -2.82
N ASN C 14 0.97 -61.01 -2.41
CA ASN C 14 0.55 -62.43 -2.43
C ASN C 14 0.86 -63.10 -1.09
N GLN C 15 0.21 -64.21 -0.84
CA GLN C 15 0.64 -65.24 0.14
C GLN C 15 0.13 -66.59 -0.35
N HIS C 16 0.45 -67.64 0.39
CA HIS C 16 0.00 -69.03 0.09
C HIS C 16 -1.51 -69.06 -0.11
N SER C 17 -2.30 -68.42 0.75
CA SER C 17 -3.78 -68.52 0.77
C SER C 17 -4.45 -67.68 -0.34
N PHE C 18 -3.77 -66.70 -0.93
CA PHE C 18 -4.45 -65.84 -1.92
C PHE C 18 -3.47 -65.16 -2.86
N SER C 19 -3.73 -65.27 -4.17
CA SER C 19 -2.87 -64.70 -5.22
C SER C 19 -3.51 -63.49 -5.89
N ASN C 20 -2.72 -62.44 -6.05
CA ASN C 20 -2.99 -61.29 -6.96
C ASN C 20 -1.98 -61.28 -8.10
N GLY C 21 -1.41 -62.45 -8.42
CA GLY C 21 -0.49 -62.63 -9.56
C GLY C 21 0.62 -63.61 -9.20
N ASN C 22 1.01 -63.67 -7.92
CA ASN C 22 2.20 -64.44 -7.49
C ASN C 22 3.39 -64.07 -8.37
N CYS C 23 3.54 -62.77 -8.62
CA CYS C 23 4.68 -62.15 -9.31
C CYS C 23 5.73 -61.80 -8.27
N LEU C 24 6.98 -61.82 -8.68
CA LEU C 24 8.08 -61.17 -7.96
C LEU C 24 8.37 -59.85 -8.62
N PRO C 25 9.04 -58.93 -7.91
CA PRO C 25 9.54 -57.68 -8.50
C PRO C 25 10.84 -57.95 -9.28
N TYR C 26 10.67 -58.60 -10.43
CA TYR C 26 11.78 -59.07 -11.27
C TYR C 26 12.40 -57.87 -11.99
N THR C 27 13.65 -57.55 -11.67
CA THR C 27 14.50 -56.60 -12.44
C THR C 27 15.40 -57.48 -13.33
N GLY C 28 15.47 -57.15 -14.62
CA GLY C 28 16.27 -57.88 -15.60
C GLY C 28 16.05 -57.31 -16.97
N VAL C 29 16.80 -57.81 -17.93
CA VAL C 29 16.54 -57.55 -19.36
C VAL C 29 15.52 -58.58 -19.82
N PRO C 30 14.85 -58.35 -20.97
CA PRO C 30 13.91 -59.34 -21.50
C PRO C 30 14.56 -60.74 -21.60
N PHE C 31 13.88 -61.78 -21.12
CA PHE C 31 14.35 -63.19 -21.15
C PHE C 31 15.73 -63.31 -20.50
N GLY C 32 16.02 -62.48 -19.51
CA GLY C 32 17.32 -62.48 -18.84
C GLY C 32 17.62 -63.83 -18.22
N MET C 33 18.89 -64.22 -18.16
CA MET C 33 19.22 -65.55 -17.66
C MET C 33 19.03 -65.59 -16.14
N ASN C 34 19.28 -64.45 -15.47
CA ASN C 34 18.94 -64.27 -14.04
C ASN C 34 17.98 -63.08 -13.96
N PHE C 35 17.13 -63.08 -12.95
CA PHE C 35 16.43 -61.86 -12.49
C PHE C 35 16.97 -61.48 -11.12
N TYR C 36 16.68 -60.24 -10.71
CA TYR C 36 17.20 -59.63 -9.48
C TYR C 36 16.02 -58.99 -8.74
N ALA C 37 15.90 -59.25 -7.46
CA ALA C 37 14.77 -58.74 -6.65
C ALA C 37 15.23 -58.52 -5.22
N PRO C 38 14.71 -57.49 -4.53
CA PRO C 38 14.94 -57.34 -3.10
C PRO C 38 14.26 -58.51 -2.42
N GLN C 39 14.92 -59.09 -1.43
CA GLN C 39 14.32 -60.09 -0.52
C GLN C 39 13.99 -59.36 0.79
N THR C 40 12.73 -59.47 1.23
CA THR C 40 12.27 -58.78 2.46
C THR C 40 12.16 -59.74 3.64
N THR C 41 12.03 -61.04 3.38
CA THR C 41 11.94 -62.05 4.47
C THR C 41 12.42 -63.42 4.00
N ASP C 42 13.02 -64.17 4.93
CA ASP C 42 13.45 -65.57 4.79
C ASP C 42 12.53 -66.46 5.62
N GLN C 43 11.44 -65.93 6.19
CA GLN C 43 10.52 -66.67 7.09
C GLN C 43 9.22 -67.10 6.40
N LYS C 44 9.05 -66.82 5.10
CA LYS C 44 7.77 -67.09 4.39
C LYS C 44 8.02 -67.98 3.17
N GLY C 45 9.07 -68.79 3.20
CA GLY C 45 9.35 -69.74 2.12
C GLY C 45 9.49 -69.07 0.77
N SER C 46 8.72 -69.52 -0.22
CA SER C 46 8.81 -68.96 -1.59
C SER C 46 8.34 -67.51 -1.65
N TRP C 47 7.56 -67.07 -0.66
CA TRP C 47 7.06 -65.67 -0.61
C TRP C 47 8.08 -64.77 0.10
N TRP C 48 9.26 -64.61 -0.49
CA TRP C 48 10.40 -63.89 0.10
C TRP C 48 10.41 -62.39 -0.23
N PHE C 49 9.45 -61.89 -1.01
CA PHE C 49 9.22 -60.45 -1.16
C PHE C 49 7.73 -60.16 -0.90
N HIS C 50 7.47 -59.16 -0.07
CA HIS C 50 6.11 -58.58 0.09
C HIS C 50 6.24 -57.07 0.02
N PRO C 51 5.38 -56.39 -0.76
CA PRO C 51 5.50 -54.96 -0.97
C PRO C 51 5.17 -54.15 0.31
N GLU C 52 4.50 -54.76 1.27
CA GLU C 52 4.12 -54.09 2.56
C GLU C 52 5.31 -54.20 3.54
N ASP C 53 6.28 -55.07 3.26
CA ASP C 53 7.44 -55.24 4.16
C ASP C 53 8.32 -54.00 4.13
N ARG C 54 8.94 -53.69 5.27
CA ARG C 54 9.84 -52.55 5.48
C ARG C 54 11.22 -53.09 5.82
N THR C 55 11.46 -54.38 5.57
CA THR C 55 12.78 -55.02 5.88
C THR C 55 13.47 -55.39 4.59
N PHE C 56 14.79 -55.19 4.54
CA PHE C 56 15.62 -55.52 3.37
C PHE C 56 16.72 -56.46 3.84
N GLN C 57 16.70 -57.69 3.33
CA GLN C 57 17.73 -58.73 3.62
C GLN C 57 18.86 -58.75 2.58
N GLY C 58 18.61 -58.25 1.36
CA GLY C 58 19.62 -58.33 0.30
C GLY C 58 19.00 -58.32 -1.08
N TYR C 59 19.85 -58.10 -2.08
CA TYR C 59 19.51 -58.35 -3.50
C TYR C 59 19.60 -59.84 -3.75
N ARG C 60 18.50 -60.43 -4.18
CA ARG C 60 18.48 -61.86 -4.48
C ARG C 60 18.65 -62.01 -6.01
N VAL C 61 19.66 -62.76 -6.40
CA VAL C 61 19.81 -63.30 -7.76
C VAL C 61 18.89 -64.52 -7.84
N THR C 62 17.84 -64.52 -8.68
CA THR C 62 16.77 -65.52 -8.66
C THR C 62 16.50 -66.13 -10.04
N HIS C 63 16.02 -67.38 -10.02
CA HIS C 63 15.46 -68.09 -11.18
C HIS C 63 14.09 -68.65 -10.78
N GLN C 64 13.41 -68.00 -9.82
CA GLN C 64 12.13 -68.50 -9.30
C GLN C 64 11.03 -68.06 -10.27
N PRO C 65 10.34 -69.01 -10.95
CA PRO C 65 9.27 -68.65 -11.87
C PRO C 65 7.91 -68.48 -11.22
N SER C 66 7.77 -69.06 -10.01
CA SER C 66 6.49 -69.13 -9.28
C SER C 66 6.80 -69.69 -7.90
N PRO C 67 5.97 -69.38 -6.90
CA PRO C 67 6.24 -69.88 -5.56
C PRO C 67 6.00 -71.40 -5.46
N TRP C 68 5.26 -71.96 -6.41
CA TRP C 68 4.91 -73.41 -6.44
C TRP C 68 6.16 -74.19 -6.90
N MET C 69 6.91 -73.66 -7.87
CA MET C 69 8.13 -74.36 -8.39
C MET C 69 9.31 -74.11 -7.47
N GLY C 70 9.29 -73.03 -6.69
CA GLY C 70 10.49 -72.60 -5.96
C GLY C 70 11.62 -72.06 -6.85
N ASP C 71 12.78 -71.83 -6.25
CA ASP C 71 13.95 -71.16 -6.89
C ASP C 71 14.96 -72.24 -7.30
N PHE C 72 15.86 -71.89 -8.19
CA PHE C 72 17.14 -72.62 -8.36
C PHE C 72 18.28 -71.64 -8.52
N SER C 73 19.48 -72.09 -8.11
CA SER C 73 20.70 -71.32 -8.37
C SER C 73 20.51 -69.88 -7.89
N HIS C 74 20.11 -69.69 -6.63
CA HIS C 74 19.95 -68.32 -6.08
C HIS C 74 21.04 -67.99 -5.07
N LEU C 75 21.36 -66.70 -4.95
CA LEU C 75 22.22 -66.15 -3.87
C LEU C 75 21.83 -64.69 -3.61
N LEU C 76 22.39 -64.11 -2.54
CA LEU C 76 22.07 -62.74 -2.12
C LEU C 76 23.36 -61.96 -1.94
N MET C 77 23.29 -60.69 -2.32
CA MET C 77 24.31 -59.66 -2.05
C MET C 77 23.65 -58.60 -1.14
N THR C 78 24.26 -58.33 0.01
CA THR C 78 23.71 -57.37 0.99
C THR C 78 24.80 -56.38 1.39
N PRO C 79 24.71 -55.09 0.97
CA PRO C 79 25.63 -54.08 1.46
C PRO C 79 25.52 -54.00 2.98
N VAL C 80 26.67 -53.84 3.66
CA VAL C 80 26.75 -53.73 5.15
C VAL C 80 27.81 -52.70 5.50
N SER C 81 27.61 -51.92 6.57
CA SER C 81 28.68 -51.07 7.16
C SER C 81 28.81 -51.42 8.65
N GLY C 82 30.01 -51.32 9.20
CA GLY C 82 30.28 -51.67 10.62
C GLY C 82 30.53 -53.15 10.78
N SER C 83 30.75 -53.65 11.98
CA SER C 83 30.98 -55.10 12.19
C SER C 83 29.63 -55.80 12.41
N LEU C 84 29.59 -57.10 12.15
CA LEU C 84 28.44 -57.96 12.46
C LEU C 84 28.91 -59.05 13.43
N SER C 85 28.20 -59.23 14.54
CA SER C 85 28.43 -60.34 15.51
C SER C 85 28.15 -61.67 14.78
N GLU C 86 27.15 -61.69 13.89
CA GLU C 86 26.74 -62.90 13.13
C GLU C 86 26.20 -62.47 11.77
N LEU C 87 26.24 -63.37 10.78
CA LEU C 87 26.12 -62.97 9.35
C LEU C 87 24.84 -63.53 8.74
N SER C 88 23.93 -64.10 9.54
CA SER C 88 22.61 -64.55 9.04
C SER C 88 21.85 -63.36 8.41
N LEU C 89 20.96 -63.63 7.48
CA LEU C 89 20.15 -62.58 6.84
C LEU C 89 19.38 -61.78 7.90
N PHE C 90 18.83 -62.44 8.93
CA PHE C 90 18.14 -61.70 10.02
C PHE C 90 19.12 -60.77 10.74
N HIS C 91 20.34 -61.23 11.07
CA HIS C 91 21.31 -60.42 11.83
C HIS C 91 21.79 -59.23 11.00
N ALA C 92 21.81 -59.37 9.67
CA ALA C 92 22.29 -58.32 8.73
C ALA C 92 21.13 -57.42 8.24
N GLN C 93 19.87 -57.79 8.45
CA GLN C 93 18.75 -57.06 7.79
C GLN C 93 18.65 -55.65 8.34
N SER C 94 18.28 -54.72 7.45
CA SER C 94 18.04 -53.29 7.69
C SER C 94 16.60 -52.99 7.29
N SER C 95 15.96 -52.07 7.97
CA SER C 95 14.71 -51.50 7.46
C SER C 95 15.07 -50.58 6.26
N TYR C 96 14.06 -50.31 5.45
CA TYR C 96 14.11 -49.36 4.34
C TYR C 96 12.71 -48.79 4.17
N ARG C 97 12.64 -47.71 3.42
CA ARG C 97 11.38 -47.00 3.10
C ARG C 97 10.97 -47.39 1.69
N PRO C 98 10.02 -48.31 1.51
CA PRO C 98 9.53 -48.63 0.16
C PRO C 98 9.16 -47.39 -0.67
N GLU C 99 8.57 -46.38 -0.04
CA GLU C 99 8.05 -45.23 -0.81
C GLU C 99 9.19 -44.32 -1.30
N GLU C 100 10.46 -44.53 -0.88
CA GLU C 100 11.63 -43.72 -1.34
C GLU C 100 12.52 -44.58 -2.24
N SER C 101 12.02 -45.74 -2.63
CA SER C 101 12.77 -46.79 -3.33
C SER C 101 12.30 -46.84 -4.79
N LEU C 102 13.17 -47.31 -5.67
CA LEU C 102 12.81 -47.51 -7.09
C LEU C 102 12.77 -49.02 -7.35
N PHE C 103 11.63 -49.46 -7.89
CA PHE C 103 11.39 -50.85 -8.31
C PHE C 103 10.97 -50.88 -9.77
N SER C 104 11.94 -50.95 -10.68
CA SER C 104 11.69 -50.89 -12.14
C SER C 104 12.37 -52.04 -12.84
N PRO C 105 11.95 -52.42 -14.05
CA PRO C 105 12.55 -53.57 -14.73
C PRO C 105 14.05 -53.40 -14.93
N VAL C 106 14.54 -52.16 -15.04
CA VAL C 106 15.95 -51.92 -15.41
C VAL C 106 16.77 -51.39 -14.23
N GLU C 107 16.14 -51.15 -13.05
CA GLU C 107 16.85 -50.54 -11.92
C GLU C 107 16.11 -50.79 -10.60
N ILE C 108 16.87 -51.26 -9.61
CA ILE C 108 16.50 -51.22 -8.17
C ILE C 108 17.36 -50.16 -7.52
N ASN C 109 16.74 -49.27 -6.75
CA ASN C 109 17.48 -48.25 -5.97
C ASN C 109 16.83 -48.17 -4.57
N LEU C 110 17.60 -48.36 -3.51
CA LEU C 110 17.05 -48.24 -2.14
C LEU C 110 18.14 -47.91 -1.11
N THR C 111 17.69 -47.39 0.03
CA THR C 111 18.53 -46.98 1.15
C THR C 111 18.26 -47.93 2.34
N GLN C 112 19.33 -48.55 2.86
CA GLN C 112 19.30 -49.35 4.10
C GLN C 112 19.48 -48.38 5.27
N LEU C 113 18.42 -48.18 6.05
CA LEU C 113 18.39 -47.17 7.12
C LEU C 113 19.35 -47.55 8.26
N ARG C 114 19.54 -48.82 8.50
CA ARG C 114 20.47 -49.28 9.56
C ARG C 114 21.89 -48.79 9.26
N TYR C 115 22.30 -48.77 7.98
CA TYR C 115 23.73 -48.67 7.56
C TYR C 115 23.99 -47.33 6.88
N GLN C 116 22.96 -46.53 6.58
CA GLN C 116 23.12 -45.32 5.75
C GLN C 116 23.85 -45.72 4.44
N ILE C 117 23.36 -46.74 3.76
CA ILE C 117 23.85 -47.15 2.42
C ILE C 117 22.75 -46.91 1.39
N THR C 118 23.04 -46.25 0.28
CA THR C 118 22.11 -46.20 -0.88
C THR C 118 22.75 -47.03 -1.98
N SER C 119 22.02 -47.94 -2.58
CA SER C 119 22.59 -48.86 -3.57
C SER C 119 21.64 -48.96 -4.76
N GLN C 120 22.22 -49.39 -5.87
CA GLN C 120 21.57 -49.40 -7.19
C GLN C 120 22.00 -50.68 -7.90
N LEU C 121 21.04 -51.46 -8.35
CA LEU C 121 21.35 -52.64 -9.17
C LEU C 121 20.77 -52.41 -10.55
N ILE C 122 21.61 -52.57 -11.57
CA ILE C 122 21.24 -52.53 -13.01
C ILE C 122 21.55 -53.89 -13.60
N PRO C 123 20.59 -54.53 -14.30
CA PRO C 123 20.81 -55.85 -14.88
C PRO C 123 21.35 -55.82 -16.32
N SER C 124 22.07 -56.89 -16.68
CA SER C 124 22.31 -57.32 -18.09
C SER C 124 21.76 -58.74 -18.27
N MET C 125 21.95 -59.32 -19.45
CA MET C 125 21.55 -60.72 -19.75
C MET C 125 22.18 -61.68 -18.74
N TYR C 126 23.49 -61.59 -18.54
CA TYR C 126 24.23 -62.61 -17.76
C TYR C 126 24.75 -62.04 -16.44
N GLY C 127 24.65 -60.72 -16.24
CA GLY C 127 25.18 -60.08 -15.02
C GLY C 127 24.46 -58.82 -14.64
N GLY C 128 25.24 -57.81 -14.23
CA GLY C 128 24.69 -56.51 -13.86
C GLY C 128 25.76 -55.69 -13.20
N ILE C 129 25.36 -54.53 -12.71
CA ILE C 129 26.27 -53.67 -11.95
C ILE C 129 25.54 -53.26 -10.67
N LEU C 130 26.21 -53.44 -9.54
CA LEU C 130 25.68 -52.99 -8.23
C LEU C 130 26.57 -51.85 -7.73
N THR C 131 26.02 -50.64 -7.66
CA THR C 131 26.73 -49.44 -7.14
C THR C 131 26.28 -49.23 -5.70
N ILE C 132 27.25 -49.03 -4.81
CA ILE C 132 27.02 -48.94 -3.35
C ILE C 132 27.65 -47.66 -2.85
N ASP C 133 26.80 -46.75 -2.34
CA ASP C 133 27.20 -45.45 -1.72
C ASP C 133 27.11 -45.61 -0.19
N TYR C 134 28.25 -45.50 0.48
CA TYR C 134 28.38 -45.71 1.95
C TYR C 134 28.61 -44.34 2.58
N GLN C 135 27.88 -44.01 3.65
CA GLN C 135 28.14 -42.83 4.50
C GLN C 135 29.10 -43.18 5.62
N GLN C 136 29.13 -44.44 6.07
CA GLN C 136 29.97 -44.88 7.21
C GLN C 136 31.36 -45.26 6.69
N LYS C 137 32.22 -45.76 7.59
CA LYS C 137 33.70 -45.79 7.42
C LYS C 137 34.29 -47.21 7.35
N ASP C 138 33.48 -48.25 7.60
CA ASP C 138 33.95 -49.66 7.64
C ASP C 138 32.99 -50.49 6.75
N ASN C 139 33.27 -50.56 5.45
CA ASN C 139 32.23 -50.90 4.43
C ASN C 139 32.47 -52.28 3.84
N HIS C 140 31.36 -52.96 3.54
CA HIS C 140 31.31 -54.42 3.32
C HIS C 140 30.28 -54.77 2.24
N LEU C 141 30.38 -55.99 1.73
CA LEU C 141 29.30 -56.67 0.99
C LEU C 141 29.20 -58.09 1.54
N LEU C 142 28.01 -58.48 1.97
CA LEU C 142 27.74 -59.85 2.46
C LEU C 142 27.19 -60.69 1.30
N LEU C 143 27.89 -61.78 0.97
CA LEU C 143 27.39 -62.83 0.06
C LEU C 143 26.76 -63.95 0.87
N THR C 144 25.47 -64.22 0.62
CA THR C 144 24.75 -65.36 1.18
C THR C 144 24.69 -66.41 0.08
N LEU C 145 25.28 -67.58 0.38
CA LEU C 145 25.59 -68.66 -0.58
C LEU C 145 24.85 -69.91 -0.15
N PRO C 146 23.56 -70.04 -0.53
CA PRO C 146 22.74 -71.15 -0.06
C PRO C 146 23.13 -72.50 -0.66
N GLY C 147 22.87 -73.58 0.08
CA GLY C 147 23.20 -74.95 -0.34
C GLY C 147 24.70 -75.20 -0.30
N ARG C 148 25.23 -76.12 -1.11
CA ARG C 148 26.68 -76.39 -1.15
C ARG C 148 27.36 -75.30 -1.98
N TYR C 149 28.43 -74.72 -1.45
CA TYR C 149 29.09 -73.55 -2.06
C TYR C 149 30.60 -73.74 -2.05
N GLN C 150 31.22 -73.01 -2.96
CA GLN C 150 32.66 -72.67 -2.92
C GLN C 150 32.73 -71.17 -3.13
N VAL C 151 33.69 -70.52 -2.49
CA VAL C 151 34.02 -69.09 -2.70
C VAL C 151 35.52 -68.99 -2.70
N LYS C 152 36.07 -68.12 -3.54
CA LYS C 152 37.52 -67.87 -3.65
C LYS C 152 37.72 -66.40 -4.03
N GLN C 153 38.60 -65.68 -3.35
CA GLN C 153 39.15 -64.41 -3.84
C GLN C 153 40.18 -64.73 -4.94
N LEU C 154 39.88 -64.42 -6.21
CA LEU C 154 40.81 -64.66 -7.34
C LEU C 154 41.93 -63.61 -7.33
N ASP C 155 41.66 -62.41 -6.82
CA ASP C 155 42.61 -61.28 -6.72
C ASP C 155 41.93 -60.18 -5.91
N ASP C 156 42.63 -59.07 -5.69
CA ASP C 156 42.20 -57.88 -4.91
C ASP C 156 40.88 -57.33 -5.43
N HIS C 157 40.51 -57.59 -6.68
CA HIS C 157 39.36 -56.93 -7.33
C HIS C 157 38.35 -57.97 -7.82
N GLN C 158 38.43 -59.23 -7.36
CA GLN C 158 37.63 -60.31 -7.98
C GLN C 158 37.32 -61.43 -6.98
N VAL C 159 36.06 -61.80 -6.85
CA VAL C 159 35.66 -63.00 -6.06
C VAL C 159 34.88 -63.91 -6.98
N ALA C 160 35.11 -65.21 -6.89
CA ALA C 160 34.31 -66.21 -7.61
C ALA C 160 33.55 -67.06 -6.60
N VAL C 161 32.31 -67.37 -6.94
CA VAL C 161 31.40 -68.20 -6.12
C VAL C 161 30.81 -69.31 -7.01
N LYS C 162 30.58 -70.46 -6.41
CA LYS C 162 29.82 -71.58 -6.99
C LYS C 162 28.74 -71.95 -5.99
N VAL C 163 27.50 -71.98 -6.42
CA VAL C 163 26.43 -72.51 -5.53
C VAL C 163 25.71 -73.66 -6.22
N ILE C 164 25.35 -74.62 -5.39
CA ILE C 164 24.48 -75.76 -5.74
C ILE C 164 23.22 -75.63 -4.88
N ASN C 165 22.15 -75.14 -5.49
CA ASN C 165 20.84 -75.09 -4.79
C ASN C 165 19.76 -75.15 -5.85
N TYR C 166 18.69 -75.83 -5.52
CA TYR C 166 17.52 -76.01 -6.41
C TYR C 166 16.32 -76.53 -5.63
N SER C 167 15.16 -76.43 -6.25
CA SER C 167 13.91 -77.02 -5.74
C SER C 167 13.75 -78.42 -6.32
N GLY C 168 14.07 -78.59 -7.60
CA GLY C 168 14.06 -79.89 -8.29
C GLY C 168 15.08 -79.86 -9.38
N CYS C 169 15.87 -80.93 -9.53
CA CYS C 169 16.86 -80.99 -10.62
C CYS C 169 17.26 -82.45 -10.88
N GLU C 170 17.50 -82.79 -12.15
CA GLU C 170 17.99 -84.16 -12.54
C GLU C 170 19.45 -84.33 -12.13
N ASP C 171 20.19 -83.24 -12.03
CA ASP C 171 21.61 -83.23 -11.65
C ASP C 171 21.72 -82.83 -10.18
N PRO C 172 22.05 -83.77 -9.27
CA PRO C 172 22.06 -83.46 -7.84
C PRO C 172 23.16 -82.45 -7.51
N ASP C 173 24.14 -82.22 -8.41
CA ASP C 173 25.31 -81.31 -8.20
C ASP C 173 25.17 -80.06 -9.06
N PHE C 174 23.93 -79.75 -9.48
CA PHE C 174 23.64 -78.65 -10.43
C PHE C 174 24.24 -77.33 -9.94
N SER C 175 25.15 -76.77 -10.72
CA SER C 175 26.12 -75.75 -10.27
C SER C 175 25.91 -74.42 -11.02
N PHE C 176 25.94 -73.32 -10.25
CA PHE C 176 25.80 -71.94 -10.75
C PHE C 176 27.05 -71.20 -10.35
N TYR C 177 27.67 -70.53 -11.32
CA TYR C 177 28.93 -69.79 -11.14
C TYR C 177 28.57 -68.32 -11.20
N PHE C 178 29.13 -67.55 -10.28
CA PHE C 178 28.87 -66.09 -10.14
C PHE C 178 30.19 -65.42 -9.82
N VAL C 179 30.54 -64.41 -10.60
CA VAL C 179 31.83 -63.70 -10.48
C VAL C 179 31.55 -62.21 -10.28
N LEU C 180 32.24 -61.63 -9.32
CA LEU C 180 32.13 -60.22 -8.90
C LEU C 180 33.48 -59.54 -9.12
N HIS C 181 33.50 -58.51 -9.95
CA HIS C 181 34.63 -57.56 -10.06
C HIS C 181 34.31 -56.30 -9.25
N PHE C 182 35.29 -55.81 -8.49
CA PHE C 182 35.17 -54.60 -7.62
C PHE C 182 36.09 -53.51 -8.16
N GLU C 183 35.57 -52.29 -8.31
CA GLU C 183 36.37 -51.12 -8.76
C GLU C 183 37.36 -50.81 -7.62
N GLN C 184 36.90 -50.80 -6.37
CA GLN C 184 37.71 -50.57 -5.16
C GLN C 184 38.09 -51.94 -4.60
N PRO C 185 39.37 -52.11 -4.23
CA PRO C 185 39.87 -53.42 -3.84
C PRO C 185 39.31 -53.94 -2.52
N LEU C 186 39.30 -55.25 -2.39
CA LEU C 186 39.08 -55.85 -1.06
C LEU C 186 40.30 -55.51 -0.22
N THR C 187 40.06 -55.02 1.00
CA THR C 187 41.08 -54.63 1.99
C THR C 187 41.40 -55.80 2.91
N LYS C 188 40.71 -56.92 2.76
CA LYS C 188 41.00 -58.13 3.56
C LYS C 188 41.08 -59.32 2.60
N TRP C 189 42.23 -59.99 2.61
CA TRP C 189 42.50 -61.18 1.79
C TRP C 189 41.91 -62.39 2.55
N PHE C 190 41.01 -63.18 1.98
CA PHE C 190 40.31 -64.18 2.82
C PHE C 190 40.56 -65.59 2.30
N ALA C 191 40.45 -66.54 3.25
CA ALA C 191 40.62 -68.00 3.05
C ALA C 191 39.53 -68.51 2.11
N PRO C 192 39.87 -69.22 1.00
CA PRO C 192 38.89 -70.01 0.27
C PRO C 192 38.09 -70.78 1.33
N SER C 193 36.78 -70.89 1.16
CA SER C 193 36.01 -71.88 1.93
C SER C 193 35.09 -72.64 0.98
N SER C 194 34.63 -73.77 1.47
CA SER C 194 33.49 -74.50 0.91
C SER C 194 32.72 -75.08 2.08
N GLY C 195 31.46 -75.39 1.84
CA GLY C 195 30.59 -76.03 2.82
C GLY C 195 29.15 -75.83 2.41
N GLU C 196 28.28 -75.64 3.39
CA GLU C 196 26.82 -75.56 3.20
C GLU C 196 26.38 -74.21 3.77
N ASP C 197 25.63 -73.44 2.98
CA ASP C 197 24.94 -72.22 3.47
C ASP C 197 26.00 -71.22 3.92
N GLY C 198 26.74 -70.68 2.96
CA GLY C 198 27.88 -69.80 3.23
C GLY C 198 27.43 -68.40 3.54
N LYS C 199 28.19 -67.72 4.39
CA LYS C 199 27.95 -66.30 4.76
C LYS C 199 29.31 -65.62 4.72
N ILE C 200 29.56 -64.82 3.68
CA ILE C 200 30.92 -64.34 3.37
C ILE C 200 30.86 -62.83 3.40
N LEU C 201 31.54 -62.22 4.37
CA LEU C 201 31.57 -60.74 4.54
C LEU C 201 32.81 -60.16 3.86
N LEU C 202 32.65 -59.58 2.69
CA LEU C 202 33.78 -58.95 2.00
C LEU C 202 34.05 -57.59 2.64
N SER C 203 35.31 -57.16 2.66
CA SER C 203 35.69 -55.88 3.31
C SER C 203 36.29 -54.93 2.29
N PHE C 204 35.93 -53.66 2.37
CA PHE C 204 36.43 -52.62 1.44
C PHE C 204 37.05 -51.43 2.19
N GLY C 205 37.04 -51.42 3.53
CA GLY C 205 37.56 -50.29 4.33
C GLY C 205 36.71 -49.03 4.19
N ASN C 206 37.34 -47.86 4.12
CA ASN C 206 36.64 -46.55 4.32
C ASN C 206 36.20 -45.90 3.01
N ILE C 207 35.81 -46.65 1.98
CA ILE C 207 35.47 -46.06 0.65
C ILE C 207 34.06 -45.47 0.68
N ALA C 208 33.85 -44.37 -0.02
CA ALA C 208 32.53 -43.73 -0.18
C ALA C 208 31.70 -44.54 -1.17
N GLN C 209 32.31 -45.17 -2.18
CA GLN C 209 31.50 -45.82 -3.25
C GLN C 209 32.22 -47.08 -3.74
N GLN C 210 31.48 -48.18 -3.81
CA GLN C 210 31.94 -49.41 -4.50
C GLN C 210 31.11 -49.60 -5.77
N VAL C 211 31.72 -50.11 -6.83
CA VAL C 211 30.99 -50.48 -8.08
C VAL C 211 31.33 -51.93 -8.35
N VAL C 212 30.34 -52.79 -8.26
CA VAL C 212 30.45 -54.25 -8.52
C VAL C 212 29.94 -54.55 -9.93
N HIS C 213 30.84 -55.00 -10.81
CA HIS C 213 30.42 -55.61 -12.09
C HIS C 213 30.38 -57.12 -11.84
N PHE C 214 29.22 -57.73 -12.03
CA PHE C 214 29.09 -59.17 -11.80
C PHE C 214 28.56 -59.84 -13.06
N SER C 215 28.83 -61.14 -13.13
CA SER C 215 28.30 -62.01 -14.18
C SER C 215 28.18 -63.41 -13.62
N SER C 216 27.77 -64.31 -14.48
CA SER C 216 27.35 -65.65 -14.04
C SER C 216 27.42 -66.63 -15.21
N SER C 217 27.23 -67.90 -14.90
CA SER C 217 27.25 -69.02 -15.88
C SER C 217 26.66 -70.26 -15.23
N PHE C 218 26.05 -71.09 -16.07
CA PHE C 218 25.69 -72.49 -15.75
C PHE C 218 26.74 -73.41 -16.39
N ILE C 219 27.79 -72.82 -16.97
CA ILE C 219 28.85 -73.60 -17.70
C ILE C 219 30.06 -73.80 -16.79
N SER C 220 30.74 -72.71 -16.45
CA SER C 220 32.00 -72.78 -15.68
C SER C 220 32.33 -71.41 -15.12
N GLU C 221 33.32 -71.38 -14.23
CA GLU C 221 33.92 -70.14 -13.72
C GLU C 221 34.47 -69.37 -14.92
N LYS C 222 35.27 -70.01 -15.78
CA LYS C 222 35.92 -69.32 -16.92
C LYS C 222 34.86 -68.70 -17.84
N GLN C 223 33.75 -69.39 -18.05
CA GLN C 223 32.69 -68.86 -18.94
C GLN C 223 32.03 -67.64 -18.26
N ALA C 224 31.83 -67.68 -16.95
CA ALA C 224 31.30 -66.51 -16.21
C ALA C 224 32.27 -65.33 -16.40
N GLN C 225 33.59 -65.58 -16.38
CA GLN C 225 34.60 -64.50 -16.57
C GLN C 225 34.54 -63.98 -17.99
N LEU C 226 34.25 -64.83 -18.98
CA LEU C 226 34.12 -64.37 -20.38
C LEU C 226 32.85 -63.49 -20.53
N ASN C 227 31.77 -63.96 -19.90
CA ASN C 227 30.47 -63.23 -19.86
C ASN C 227 30.69 -61.84 -19.25
N LEU C 228 31.50 -61.74 -18.20
CA LEU C 228 31.79 -60.46 -17.52
C LEU C 228 32.69 -59.59 -18.42
N ALA C 229 33.72 -60.19 -19.02
CA ALA C 229 34.73 -59.53 -19.87
C ALA C 229 34.04 -58.78 -21.01
N ARG C 230 32.95 -59.33 -21.53
CA ARG C 230 32.16 -58.67 -22.62
C ARG C 230 31.53 -57.35 -22.19
N GLU C 231 31.33 -57.07 -20.90
CA GLU C 231 30.62 -55.83 -20.48
C GLU C 231 31.35 -55.12 -19.33
N ILE C 232 32.55 -55.56 -18.97
CA ILE C 232 33.30 -55.02 -17.80
C ILE C 232 33.55 -53.51 -17.97
N SER C 233 33.70 -53.02 -19.21
CA SER C 233 33.97 -51.58 -19.50
C SER C 233 32.74 -50.69 -19.28
N LEU C 234 31.54 -51.25 -19.31
CA LEU C 234 30.29 -50.42 -19.28
C LEU C 234 30.21 -49.70 -17.94
N ARG C 235 29.93 -48.40 -17.95
CA ARG C 235 29.43 -47.66 -16.77
C ARG C 235 27.98 -48.10 -16.49
N SER C 236 27.55 -47.98 -15.22
CA SER C 236 26.15 -48.26 -14.80
C SER C 236 25.20 -47.49 -15.74
N THR C 237 25.48 -46.23 -16.06
CA THR C 237 24.62 -45.39 -16.93
C THR C 237 24.52 -46.03 -18.32
N GLU C 238 25.60 -46.63 -18.84
CA GLU C 238 25.55 -47.27 -20.18
C GLU C 238 24.78 -48.60 -20.13
N MET C 239 25.00 -49.40 -19.10
CA MET C 239 24.25 -50.68 -19.00
C MET C 239 22.76 -50.34 -18.85
N LEU C 240 22.45 -49.30 -18.09
CA LEU C 240 21.04 -48.89 -17.91
C LEU C 240 20.44 -48.47 -19.26
N GLN C 241 21.11 -47.59 -20.01
CA GLN C 241 20.69 -47.19 -21.38
C GLN C 241 20.42 -48.43 -22.24
N GLN C 242 21.31 -49.42 -22.26
CA GLN C 242 21.15 -50.64 -23.07
C GLN C 242 19.94 -51.46 -22.61
N GLY C 243 19.74 -51.61 -21.28
CA GLY C 243 18.59 -52.35 -20.76
C GLY C 243 17.28 -51.66 -21.18
N ILE C 244 17.26 -50.33 -21.12
CA ILE C 244 16.06 -49.53 -21.53
C ILE C 244 15.80 -49.83 -23.03
N ALA C 245 16.85 -49.82 -23.84
CA ALA C 245 16.73 -50.01 -25.31
C ALA C 245 16.24 -51.45 -25.56
N ASP C 246 16.70 -52.41 -24.75
CA ASP C 246 16.28 -53.84 -24.90
C ASP C 246 14.78 -53.92 -24.68
N TRP C 247 14.28 -53.27 -23.63
CA TRP C 247 12.83 -53.27 -23.29
C TRP C 247 12.03 -52.52 -24.37
N HIS C 248 12.51 -51.35 -24.83
CA HIS C 248 11.85 -50.57 -25.91
C HIS C 248 11.76 -51.39 -27.20
N ASN C 249 12.75 -52.20 -27.51
CA ASN C 249 12.73 -53.11 -28.69
C ASN C 249 11.43 -53.93 -28.68
N TYR C 250 10.97 -54.42 -27.52
CA TYR C 250 9.68 -55.17 -27.44
C TYR C 250 8.50 -54.21 -27.23
N PHE C 251 8.60 -53.25 -26.34
CA PHE C 251 7.45 -52.36 -26.04
C PHE C 251 7.02 -51.60 -27.31
N ASP C 252 7.99 -51.17 -28.13
CA ASP C 252 7.73 -50.37 -29.36
C ASP C 252 6.98 -51.22 -30.38
N ARG C 253 6.76 -52.52 -30.17
CA ARG C 253 5.97 -53.37 -31.12
C ARG C 253 4.48 -53.26 -30.86
N LEU C 254 4.06 -52.74 -29.70
CA LEU C 254 2.63 -52.56 -29.38
C LEU C 254 2.46 -51.18 -28.76
N LYS C 255 2.30 -50.15 -29.58
CA LYS C 255 2.06 -48.76 -29.11
C LYS C 255 0.55 -48.57 -29.01
N VAL C 256 0.02 -48.42 -27.79
CA VAL C 256 -1.46 -48.40 -27.64
C VAL C 256 -1.92 -47.14 -26.91
N THR C 257 -3.15 -46.75 -27.17
CA THR C 257 -3.84 -45.72 -26.34
C THR C 257 -5.21 -46.24 -25.93
N HIS C 258 -5.78 -45.59 -24.91
CA HIS C 258 -7.08 -45.94 -24.29
C HIS C 258 -7.77 -44.64 -23.95
N GLU C 259 -9.10 -44.65 -23.82
CA GLU C 259 -9.80 -43.49 -23.22
C GLU C 259 -9.23 -43.25 -21.80
N ASN C 260 -9.11 -44.29 -20.98
CA ASN C 260 -8.66 -44.17 -19.59
C ASN C 260 -7.16 -44.49 -19.52
N PRO C 261 -6.30 -43.50 -19.22
CA PRO C 261 -4.87 -43.76 -19.14
C PRO C 261 -4.46 -44.80 -18.09
N GLU C 262 -5.28 -45.06 -17.07
CA GLU C 262 -5.08 -46.19 -16.12
C GLU C 262 -5.02 -47.52 -16.88
N HIS C 263 -5.85 -47.71 -17.90
CA HIS C 263 -5.81 -48.94 -18.75
C HIS C 263 -4.48 -49.03 -19.47
N THR C 264 -3.92 -47.92 -19.97
CA THR C 264 -2.61 -47.92 -20.64
C THR C 264 -1.53 -48.36 -19.66
N LYS C 265 -1.59 -47.87 -18.43
CA LYS C 265 -0.63 -48.24 -17.35
C LYS C 265 -0.69 -49.76 -17.08
N THR C 266 -1.89 -50.30 -17.00
CA THR C 266 -2.13 -51.77 -16.81
C THR C 266 -1.52 -52.52 -17.99
N PHE C 267 -1.84 -52.05 -19.21
CA PHE C 267 -1.37 -52.71 -20.45
C PHE C 267 0.16 -52.85 -20.37
N TYR C 268 0.91 -51.76 -20.13
CA TYR C 268 2.40 -51.82 -20.17
C TYR C 268 3.00 -52.57 -18.98
N HIS C 269 2.33 -52.63 -17.83
CA HIS C 269 2.74 -53.52 -16.72
C HIS C 269 2.60 -54.98 -17.19
N THR C 270 1.47 -55.35 -17.79
CA THR C 270 1.29 -56.76 -18.25
C THR C 270 2.28 -57.01 -19.38
N LEU C 271 2.64 -56.00 -20.19
CA LEU C 271 3.57 -56.24 -21.33
C LEU C 271 5.00 -56.51 -20.81
N TYR C 272 5.44 -55.81 -19.76
CA TYR C 272 6.72 -56.09 -19.03
C TYR C 272 6.76 -57.58 -18.69
N ARG C 273 5.68 -58.09 -18.15
CA ARG C 273 5.61 -59.48 -17.64
C ARG C 273 5.39 -60.46 -18.80
N THR C 274 5.26 -59.97 -20.04
CA THR C 274 5.13 -60.85 -21.23
C THR C 274 6.49 -61.19 -21.85
N PHE C 275 7.55 -60.45 -21.51
CA PHE C 275 8.88 -60.64 -22.15
C PHE C 275 9.93 -61.02 -21.11
N LEU C 276 9.50 -61.70 -20.05
CA LEU C 276 10.43 -62.22 -19.00
C LEU C 276 10.74 -63.69 -19.25
N PHE C 277 9.72 -64.50 -19.53
CA PHE C 277 9.80 -65.97 -19.60
C PHE C 277 9.46 -66.44 -21.01
N PRO C 278 10.03 -67.56 -21.48
CA PRO C 278 11.05 -68.34 -20.77
C PRO C 278 12.40 -67.63 -20.70
N GLN C 279 13.12 -67.87 -19.61
CA GLN C 279 14.44 -67.26 -19.40
C GLN C 279 15.44 -67.92 -20.37
N THR C 280 16.30 -67.10 -20.93
CA THR C 280 17.53 -67.53 -21.63
C THR C 280 18.29 -68.51 -20.74
N PHE C 281 18.66 -69.67 -21.27
CA PHE C 281 19.37 -70.71 -20.51
C PHE C 281 20.49 -71.31 -21.37
N TYR C 282 21.14 -70.42 -22.13
CA TYR C 282 22.35 -70.76 -22.92
C TYR C 282 23.23 -69.53 -22.91
N GLU C 283 24.53 -69.77 -23.14
CA GLU C 283 25.59 -68.74 -23.19
C GLU C 283 26.35 -68.90 -24.51
N LEU C 284 27.18 -67.91 -24.81
CA LEU C 284 28.00 -67.89 -26.05
C LEU C 284 29.46 -68.14 -25.67
N ASP C 285 30.09 -69.15 -26.26
CA ASP C 285 31.48 -69.56 -25.94
C ASP C 285 32.45 -68.56 -26.60
N GLU C 286 33.76 -68.85 -26.60
CA GLU C 286 34.79 -67.91 -27.11
C GLU C 286 34.61 -67.70 -28.63
N ASN C 287 33.93 -68.62 -29.34
CA ASN C 287 33.64 -68.51 -30.79
C ASN C 287 32.24 -67.99 -31.05
N GLN C 288 31.57 -67.41 -30.04
CA GLN C 288 30.19 -66.87 -30.17
C GLN C 288 29.19 -67.99 -30.46
N GLN C 289 29.49 -69.24 -30.07
CA GLN C 289 28.60 -70.38 -30.36
C GLN C 289 27.75 -70.70 -29.13
N PRO C 290 26.45 -70.98 -29.30
CA PRO C 290 25.57 -71.24 -28.16
C PRO C 290 25.93 -72.56 -27.50
N ILE C 291 26.05 -72.53 -26.16
CA ILE C 291 26.24 -73.73 -25.33
C ILE C 291 25.33 -73.61 -24.11
N HIS C 292 25.05 -74.75 -23.51
CA HIS C 292 24.23 -74.79 -22.29
C HIS C 292 24.58 -76.02 -21.48
N TYR C 293 24.08 -76.05 -20.26
CA TYR C 293 24.27 -77.20 -19.36
C TYR C 293 23.14 -78.18 -19.60
N ASP C 294 23.49 -79.43 -19.85
CA ASP C 294 22.54 -80.56 -20.01
C ASP C 294 22.51 -81.32 -18.68
N THR C 295 21.45 -81.17 -17.92
CA THR C 295 21.34 -81.76 -16.56
C THR C 295 21.14 -83.28 -16.64
N PHE C 296 20.65 -83.80 -17.76
CA PHE C 296 20.34 -85.24 -17.91
C PHE C 296 21.68 -85.99 -18.05
N SER C 297 22.60 -85.47 -18.85
CA SER C 297 23.93 -86.09 -19.13
C SER C 297 24.97 -85.52 -18.16
N GLN C 298 24.65 -84.43 -17.48
CA GLN C 298 25.57 -83.65 -16.62
C GLN C 298 26.82 -83.25 -17.43
N THR C 299 26.59 -82.67 -18.61
CA THR C 299 27.69 -82.17 -19.47
C THR C 299 27.27 -80.87 -20.18
N VAL C 300 28.25 -80.10 -20.62
CA VAL C 300 28.04 -78.90 -21.49
C VAL C 300 27.71 -79.39 -22.90
N ARG C 301 26.63 -78.89 -23.50
CA ARG C 301 26.17 -79.28 -24.85
C ARG C 301 26.02 -78.04 -25.73
N PRO C 302 26.20 -78.21 -27.06
CA PRO C 302 25.99 -77.12 -28.00
C PRO C 302 24.50 -76.85 -28.23
N GLY C 303 24.17 -75.58 -28.37
CA GLY C 303 22.87 -75.15 -28.90
C GLY C 303 22.19 -74.22 -27.92
N VAL C 304 21.06 -73.68 -28.34
CA VAL C 304 20.24 -72.82 -27.44
C VAL C 304 19.45 -73.70 -26.49
N LEU C 305 18.99 -73.12 -25.39
CA LEU C 305 18.10 -73.79 -24.41
C LEU C 305 17.41 -72.67 -23.63
N TYR C 306 16.13 -72.86 -23.32
CA TYR C 306 15.32 -71.92 -22.52
C TYR C 306 14.77 -72.67 -21.30
N THR C 307 14.41 -71.92 -20.25
CA THR C 307 13.92 -72.53 -19.01
C THR C 307 12.82 -71.65 -18.40
N ASN C 308 12.20 -72.17 -17.37
CA ASN C 308 11.17 -71.46 -16.58
C ASN C 308 9.93 -71.27 -17.43
N ASN C 309 9.28 -72.38 -17.75
CA ASN C 309 8.03 -72.39 -18.52
C ASN C 309 7.26 -73.66 -18.23
N GLY C 310 6.00 -73.49 -17.89
CA GLY C 310 5.02 -74.59 -17.84
C GLY C 310 4.08 -74.43 -19.02
N PHE C 311 4.21 -75.26 -20.06
CA PHE C 311 3.44 -75.10 -21.32
C PHE C 311 1.93 -75.22 -21.05
N TRP C 312 1.49 -75.93 -20.00
CA TRP C 312 0.08 -75.97 -19.52
C TRP C 312 -0.48 -74.54 -19.41
N ASP C 313 0.36 -73.62 -18.95
CA ASP C 313 0.02 -72.17 -18.83
C ASP C 313 0.33 -71.44 -20.14
N THR C 314 1.54 -71.52 -20.65
CA THR C 314 2.07 -70.52 -21.63
C THR C 314 1.58 -70.83 -23.05
N TYR C 315 1.14 -72.05 -23.35
CA TYR C 315 0.66 -72.36 -24.72
C TYR C 315 -0.59 -71.53 -25.03
N LYS C 316 -1.35 -71.14 -24.00
CA LYS C 316 -2.67 -70.47 -24.12
C LYS C 316 -2.54 -69.16 -24.90
N THR C 317 -1.51 -68.39 -24.61
CA THR C 317 -1.43 -66.95 -24.91
C THR C 317 -0.03 -66.49 -25.30
N VAL C 318 1.03 -66.97 -24.64
CA VAL C 318 2.39 -66.42 -24.86
C VAL C 318 2.82 -66.66 -26.32
N TYR C 319 2.82 -67.93 -26.71
CA TYR C 319 3.40 -68.33 -28.02
C TYR C 319 2.51 -67.77 -29.12
N PRO C 320 1.16 -67.79 -28.99
CA PRO C 320 0.32 -67.15 -29.99
C PRO C 320 0.71 -65.68 -30.14
N LEU C 321 0.94 -64.97 -29.03
CA LEU C 321 1.32 -63.54 -29.17
C LEU C 321 2.68 -63.44 -29.84
N PHE C 322 3.67 -64.23 -29.44
CA PHE C 322 5.01 -64.21 -30.10
C PHE C 322 4.87 -64.53 -31.59
N SER C 323 3.86 -65.33 -31.99
CA SER C 323 3.61 -65.67 -33.43
C SER C 323 3.29 -64.39 -34.23
N LEU C 324 2.81 -63.32 -33.59
CA LEU C 324 2.46 -62.06 -34.28
C LEU C 324 3.64 -61.10 -34.21
N ILE C 325 4.24 -60.90 -33.03
CA ILE C 325 5.14 -59.74 -32.77
C ILE C 325 6.54 -60.18 -32.31
N ALA C 326 6.83 -61.45 -32.05
CA ALA C 326 8.18 -61.85 -31.55
C ALA C 326 8.56 -63.18 -32.19
N GLN C 327 8.44 -63.28 -33.50
CA GLN C 327 8.67 -64.57 -34.20
C GLN C 327 10.12 -65.01 -33.97
N GLU C 328 11.06 -64.08 -33.94
CA GLU C 328 12.51 -64.40 -33.80
C GLU C 328 12.78 -65.12 -32.46
N LYS C 329 12.07 -64.75 -31.41
CA LYS C 329 12.17 -65.42 -30.09
C LYS C 329 11.49 -66.77 -30.14
N TYR C 330 10.30 -66.86 -30.74
CA TYR C 330 9.54 -68.12 -30.86
C TYR C 330 10.45 -69.14 -31.57
N GLU C 331 11.12 -68.67 -32.62
CA GLU C 331 12.02 -69.49 -33.48
C GLU C 331 13.15 -70.06 -32.64
N GLU C 332 13.75 -69.22 -31.82
CA GLU C 332 14.91 -69.67 -31.01
C GLU C 332 14.36 -70.60 -29.91
N MET C 333 13.17 -70.33 -29.37
CA MET C 333 12.63 -71.09 -28.21
C MET C 333 12.23 -72.50 -28.64
N LEU C 334 11.60 -72.64 -29.81
CA LEU C 334 11.33 -73.98 -30.39
C LEU C 334 12.62 -74.79 -30.48
N GLU C 335 13.72 -74.21 -30.96
CA GLU C 335 15.05 -74.88 -31.13
C GLU C 335 15.51 -75.37 -29.74
N GLY C 336 15.39 -74.53 -28.73
CA GLY C 336 15.62 -74.90 -27.32
C GLY C 336 14.78 -76.09 -26.86
N PHE C 337 13.45 -76.07 -27.05
CA PHE C 337 12.52 -77.11 -26.58
C PHE C 337 12.87 -78.43 -27.28
N LEU C 338 13.31 -78.34 -28.53
CA LEU C 338 13.71 -79.53 -29.30
C LEU C 338 15.04 -80.05 -28.73
N ASN C 339 15.94 -79.19 -28.33
CA ASN C 339 17.20 -79.60 -27.64
C ASN C 339 16.82 -80.30 -26.34
N SER C 340 15.77 -79.85 -25.64
CA SER C 340 15.33 -80.51 -24.39
C SER C 340 14.94 -81.96 -24.68
N TYR C 341 14.20 -82.16 -25.77
CA TYR C 341 13.77 -83.51 -26.24
C TYR C 341 15.00 -84.36 -26.59
N ASN C 342 15.95 -83.74 -27.30
CA ASN C 342 17.18 -84.42 -27.78
C ASN C 342 17.97 -84.90 -26.57
N GLU C 343 17.88 -84.20 -25.44
CA GLU C 343 18.77 -84.47 -24.28
C GLU C 343 18.09 -85.46 -23.32
N THR C 344 16.77 -85.61 -23.38
CA THR C 344 15.99 -86.34 -22.34
C THR C 344 15.16 -87.45 -22.93
N GLY C 345 14.81 -87.36 -24.21
CA GLY C 345 13.94 -88.34 -24.88
C GLY C 345 12.46 -87.95 -24.90
N PHE C 346 12.08 -86.85 -24.21
CA PHE C 346 10.66 -86.36 -24.20
C PHE C 346 10.61 -84.84 -24.31
N LEU C 347 9.61 -84.38 -25.06
CA LEU C 347 9.30 -82.94 -25.16
C LEU C 347 8.95 -82.44 -23.77
N PRO C 348 9.43 -81.26 -23.41
CA PRO C 348 9.31 -80.74 -22.05
C PRO C 348 7.89 -80.36 -21.64
N LYS C 349 7.63 -80.44 -20.33
CA LYS C 349 6.32 -80.07 -19.74
C LYS C 349 6.45 -78.84 -18.87
N TRP C 350 7.37 -78.88 -17.91
CA TRP C 350 7.58 -77.80 -16.92
C TRP C 350 9.08 -77.73 -16.67
N LEU C 351 9.77 -76.77 -17.28
CA LEU C 351 11.24 -76.60 -17.12
C LEU C 351 11.52 -75.60 -15.99
N SER C 352 12.27 -76.02 -14.97
CA SER C 352 12.71 -75.15 -13.85
C SER C 352 13.70 -75.90 -12.98
N PRO C 353 14.99 -76.03 -13.39
CA PRO C 353 15.56 -75.57 -14.67
C PRO C 353 15.40 -76.59 -15.82
N ASP C 354 15.13 -77.83 -15.44
CA ASP C 354 14.97 -79.01 -16.30
C ASP C 354 13.58 -79.59 -16.01
N GLU C 355 13.31 -80.82 -16.40
CA GLU C 355 11.94 -81.35 -16.37
C GLU C 355 11.50 -81.58 -14.93
N ARG C 356 10.43 -80.89 -14.52
CA ARG C 356 9.81 -80.99 -13.17
C ARG C 356 8.51 -81.80 -13.25
N GLY C 357 7.89 -81.98 -14.43
CA GLY C 357 6.77 -82.94 -14.61
C GLY C 357 5.41 -82.47 -14.08
N LEU C 358 5.28 -81.22 -13.60
CA LEU C 358 4.04 -80.76 -12.92
C LEU C 358 2.99 -80.39 -13.98
N MET C 359 1.71 -80.57 -13.60
CA MET C 359 0.46 -80.22 -14.34
C MET C 359 0.16 -81.30 -15.37
N PRO C 360 -1.14 -81.56 -15.65
CA PRO C 360 -1.53 -82.46 -16.74
C PRO C 360 -0.99 -82.05 -18.13
N GLY C 361 -0.96 -83.00 -19.06
CA GLY C 361 -0.82 -82.77 -20.51
C GLY C 361 0.58 -82.41 -20.98
N THR C 362 0.75 -82.51 -22.31
CA THR C 362 2.00 -82.13 -23.03
C THR C 362 1.57 -81.08 -24.03
N LEU C 363 1.23 -79.93 -23.50
CA LEU C 363 0.67 -78.81 -24.27
C LEU C 363 1.79 -78.17 -25.09
N ILE C 364 3.06 -78.59 -24.93
CA ILE C 364 4.14 -78.19 -25.87
C ILE C 364 3.69 -78.57 -27.30
N ASP C 365 2.86 -79.59 -27.45
CA ASP C 365 2.34 -80.03 -28.78
C ASP C 365 1.57 -78.87 -29.43
N ALA C 366 0.85 -78.08 -28.63
CA ALA C 366 0.11 -76.91 -29.12
C ALA C 366 1.10 -75.82 -29.56
N VAL C 367 2.20 -75.61 -28.84
CA VAL C 367 3.23 -74.59 -29.20
C VAL C 367 3.83 -75.03 -30.54
N ILE C 368 3.98 -76.32 -30.72
CA ILE C 368 4.58 -76.87 -31.99
C ILE C 368 3.58 -76.74 -33.13
N ALA C 369 2.37 -77.27 -32.95
CA ALA C 369 1.30 -77.21 -33.98
C ALA C 369 1.02 -75.76 -34.39
N ASP C 370 0.92 -74.83 -33.43
CA ASP C 370 0.60 -73.41 -33.79
C ASP C 370 1.71 -72.85 -34.66
N ALA C 371 2.98 -73.17 -34.36
CA ALA C 371 4.13 -72.76 -35.17
C ALA C 371 4.01 -73.36 -36.59
N ALA C 372 3.71 -74.64 -36.67
CA ALA C 372 3.63 -75.42 -37.94
C ALA C 372 2.61 -74.79 -38.87
N VAL C 373 1.41 -74.50 -38.34
CA VAL C 373 0.29 -73.97 -39.18
C VAL C 373 0.59 -72.51 -39.55
N LYS C 374 1.51 -71.84 -38.84
CA LYS C 374 1.90 -70.42 -39.07
C LYS C 374 3.22 -70.34 -39.85
N LYS C 375 3.77 -71.48 -40.30
CA LYS C 375 5.05 -71.56 -41.07
C LYS C 375 6.18 -70.97 -40.22
N ILE C 376 6.20 -71.28 -38.92
CA ILE C 376 7.32 -70.88 -38.02
C ILE C 376 8.13 -72.15 -37.76
N ARG C 377 9.42 -72.09 -38.08
CA ARG C 377 10.39 -73.23 -38.05
C ARG C 377 9.83 -74.48 -38.78
N PRO C 378 9.41 -74.38 -40.06
CA PRO C 378 9.01 -75.57 -40.81
C PRO C 378 10.22 -76.54 -40.88
N ASP C 379 11.45 -76.00 -40.84
CA ASP C 379 12.74 -76.76 -40.85
C ASP C 379 12.81 -77.73 -39.68
N LEU C 380 12.15 -77.47 -38.54
CA LEU C 380 12.17 -78.33 -37.34
C LEU C 380 11.02 -79.32 -37.32
N MET C 381 10.03 -79.20 -38.20
CA MET C 381 8.75 -79.89 -37.98
C MET C 381 8.86 -81.40 -38.18
N PRO C 382 9.67 -81.92 -39.15
CA PRO C 382 9.90 -83.36 -39.22
C PRO C 382 10.46 -83.94 -37.90
N GLN C 383 11.45 -83.27 -37.32
CA GLN C 383 12.02 -83.66 -36.00
C GLN C 383 10.95 -83.63 -34.92
N PHE C 384 10.13 -82.57 -34.86
CA PHE C 384 9.07 -82.41 -33.85
C PHE C 384 8.02 -83.51 -34.04
N LEU C 385 7.61 -83.82 -35.29
CA LEU C 385 6.57 -84.86 -35.49
C LEU C 385 7.05 -86.20 -34.92
N GLU C 386 8.31 -86.56 -35.15
CA GLU C 386 8.90 -87.81 -34.61
C GLU C 386 8.86 -87.73 -33.07
N ALA C 387 9.25 -86.60 -32.48
CA ALA C 387 9.24 -86.42 -30.99
C ALA C 387 7.80 -86.49 -30.46
N MET C 388 6.83 -85.91 -31.16
CA MET C 388 5.41 -85.91 -30.69
C MET C 388 4.84 -87.33 -30.77
N LYS C 389 5.15 -88.06 -31.84
CA LYS C 389 4.66 -89.45 -32.01
C LYS C 389 5.25 -90.30 -30.88
N LYS C 390 6.50 -90.06 -30.52
CA LYS C 390 7.16 -90.84 -29.45
C LYS C 390 6.38 -90.63 -28.15
N GLY C 391 6.08 -89.36 -27.82
CA GLY C 391 5.34 -89.01 -26.58
C GLY C 391 3.95 -89.62 -26.55
N ALA C 392 3.30 -89.74 -27.70
CA ALA C 392 1.90 -90.19 -27.79
C ALA C 392 1.82 -91.72 -27.71
N THR C 393 2.93 -92.45 -27.93
CA THR C 393 2.91 -93.94 -28.08
C THR C 393 3.76 -94.61 -27.00
N GLN C 394 4.66 -93.88 -26.34
CA GLN C 394 5.62 -94.47 -25.35
C GLN C 394 5.40 -93.88 -23.96
N GLN C 395 5.27 -94.78 -22.99
CA GLN C 395 5.29 -94.52 -21.53
C GLN C 395 6.74 -94.24 -21.13
N SER C 396 7.04 -93.12 -20.48
CA SER C 396 8.34 -92.92 -19.79
C SER C 396 8.36 -93.78 -18.51
N GLU C 397 9.53 -94.32 -18.17
CA GLU C 397 9.79 -95.08 -16.92
C GLU C 397 9.96 -94.06 -15.78
N ARG C 398 10.37 -92.82 -16.11
CA ARG C 398 10.47 -91.66 -15.18
C ARG C 398 9.14 -90.88 -15.14
N GLU C 399 8.62 -90.64 -13.92
CA GLU C 399 7.23 -90.13 -13.68
C GLU C 399 7.01 -88.70 -14.22
N ASN C 400 8.06 -87.92 -14.48
CA ASN C 400 7.91 -86.47 -14.83
C ASN C 400 7.83 -86.26 -16.35
N TYR C 401 8.10 -87.29 -17.15
CA TYR C 401 8.33 -87.16 -18.62
C TYR C 401 7.08 -87.62 -19.40
N GLY C 402 6.73 -86.88 -20.46
CA GLY C 402 5.71 -87.30 -21.43
C GLY C 402 4.37 -87.53 -20.76
N ARG C 403 3.57 -88.44 -21.29
CA ARG C 403 2.17 -88.70 -20.85
C ARG C 403 2.19 -89.64 -19.63
N GLN C 404 1.23 -89.48 -18.70
CA GLN C 404 0.83 -90.46 -17.63
C GLN C 404 -0.29 -91.37 -18.20
N GLY C 405 -0.15 -92.69 -18.10
CA GLY C 405 -1.18 -93.62 -18.63
C GLY C 405 -1.33 -93.50 -20.15
N THR C 406 -0.23 -93.30 -20.87
CA THR C 406 -0.22 -93.28 -22.35
C THR C 406 -0.92 -94.55 -22.86
N LEU C 407 -0.56 -95.72 -22.32
CA LEU C 407 -0.92 -97.02 -22.93
C LEU C 407 -2.41 -97.27 -22.67
N ASP C 408 -2.90 -96.90 -21.49
CA ASP C 408 -4.35 -97.03 -21.15
C ASP C 408 -5.18 -96.10 -22.03
N TYR C 409 -4.68 -94.91 -22.38
CA TYR C 409 -5.44 -93.94 -23.24
C TYR C 409 -5.59 -94.55 -24.63
N LEU C 410 -4.52 -95.17 -25.12
CA LEU C 410 -4.50 -95.88 -26.43
C LEU C 410 -5.43 -97.09 -26.39
N LYS C 411 -5.45 -97.85 -25.30
CA LYS C 411 -6.34 -99.03 -25.10
C LYS C 411 -7.82 -98.59 -25.08
N TYR C 412 -8.22 -97.69 -24.18
CA TYR C 412 -9.65 -97.37 -23.86
C TYR C 412 -10.19 -96.15 -24.62
N GLY C 413 -9.32 -95.29 -25.16
CA GLY C 413 -9.70 -93.99 -25.75
C GLY C 413 -9.96 -92.93 -24.69
N TYR C 414 -9.60 -93.21 -23.43
CA TYR C 414 -9.67 -92.26 -22.29
C TYR C 414 -8.72 -92.76 -21.20
N VAL C 415 -8.27 -91.84 -20.36
CA VAL C 415 -7.52 -92.17 -19.13
C VAL C 415 -8.58 -92.54 -18.10
N PRO C 416 -8.54 -93.79 -17.60
CA PRO C 416 -9.57 -94.27 -16.68
C PRO C 416 -9.52 -93.54 -15.34
N SER C 417 -10.62 -93.62 -14.61
CA SER C 417 -10.88 -92.86 -13.34
C SER C 417 -9.94 -93.29 -12.22
N THR C 418 -9.19 -94.39 -12.35
CA THR C 418 -8.17 -94.83 -11.36
C THR C 418 -6.99 -93.86 -11.34
N TYR C 419 -6.72 -93.15 -12.42
CA TYR C 419 -5.62 -92.15 -12.46
C TYR C 419 -6.13 -90.86 -11.82
N HIS C 420 -5.23 -90.13 -11.17
CA HIS C 420 -5.48 -88.75 -10.67
C HIS C 420 -5.76 -87.82 -11.88
N GLU C 421 -6.81 -86.99 -11.80
CA GLU C 421 -7.06 -85.89 -12.78
C GLU C 421 -7.25 -86.47 -14.19
N SER C 422 -7.98 -87.58 -14.27
CA SER C 422 -8.19 -88.38 -15.50
C SER C 422 -8.93 -87.56 -16.55
N VAL C 423 -9.82 -86.66 -16.12
CA VAL C 423 -10.60 -85.85 -17.10
C VAL C 423 -9.64 -84.87 -17.79
N ASN C 424 -8.83 -84.14 -17.03
CA ASN C 424 -7.79 -83.24 -17.59
C ASN C 424 -6.82 -84.03 -18.49
N HIS C 425 -6.39 -85.22 -18.06
CA HIS C 425 -5.41 -86.01 -18.87
C HIS C 425 -6.06 -86.40 -20.20
N THR C 426 -7.29 -86.89 -20.17
CA THR C 426 -8.00 -87.35 -21.38
C THR C 426 -8.15 -86.18 -22.36
N LEU C 427 -8.69 -85.05 -21.89
CA LEU C 427 -8.96 -83.91 -22.79
C LEU C 427 -7.63 -83.31 -23.30
N ASP C 428 -6.58 -83.22 -22.48
CA ASP C 428 -5.27 -82.69 -22.91
C ASP C 428 -4.68 -83.64 -23.97
N TYR C 429 -4.80 -84.95 -23.78
CA TYR C 429 -4.26 -85.93 -24.79
C TYR C 429 -5.04 -85.81 -26.10
N ALA C 430 -6.37 -85.67 -26.04
CA ALA C 430 -7.20 -85.55 -27.26
C ALA C 430 -6.78 -84.26 -28.00
N TYR C 431 -6.69 -83.14 -27.28
CA TYR C 431 -6.23 -81.86 -27.89
C TYR C 431 -4.82 -82.06 -28.48
N SER C 432 -3.91 -82.66 -27.71
CA SER C 432 -2.55 -83.00 -28.21
C SER C 432 -2.66 -83.75 -29.55
N ASP C 433 -3.55 -84.73 -29.62
CA ASP C 433 -3.70 -85.53 -30.86
C ASP C 433 -4.02 -84.60 -32.03
N PHE C 434 -4.92 -83.64 -31.84
CA PHE C 434 -5.29 -82.65 -32.88
C PHE C 434 -4.01 -81.96 -33.34
N CYS C 435 -3.18 -81.54 -32.37
CA CYS C 435 -1.93 -80.81 -32.62
C CYS C 435 -0.95 -81.67 -33.46
N ILE C 436 -0.82 -82.94 -33.13
CA ILE C 436 0.06 -83.86 -33.91
C ILE C 436 -0.51 -83.96 -35.34
N SER C 437 -1.83 -84.05 -35.44
CA SER C 437 -2.53 -84.20 -36.74
C SER C 437 -2.18 -82.99 -37.59
N GLN C 438 -2.26 -81.79 -37.03
CA GLN C 438 -1.92 -80.53 -37.75
C GLN C 438 -0.48 -80.55 -38.23
N VAL C 439 0.47 -80.94 -37.39
CA VAL C 439 1.90 -80.95 -37.80
C VAL C 439 2.04 -81.91 -39.00
N ALA C 440 1.46 -83.11 -38.87
CA ALA C 440 1.48 -84.16 -39.90
C ALA C 440 0.91 -83.59 -41.21
N LYS C 441 -0.22 -82.89 -41.13
CA LYS C 441 -0.90 -82.30 -42.32
C LYS C 441 0.06 -81.29 -42.98
N THR C 442 0.86 -80.52 -42.23
CA THR C 442 1.80 -79.53 -42.84
C THR C 442 2.93 -80.28 -43.58
N LEU C 443 3.16 -81.53 -43.23
CA LEU C 443 4.26 -82.35 -43.83
C LEU C 443 3.68 -83.37 -44.81
N ASN C 444 2.38 -83.30 -45.14
CA ASN C 444 1.74 -84.17 -46.17
C ASN C 444 1.82 -85.63 -45.75
N ASP C 445 1.80 -85.89 -44.44
CA ASP C 445 1.79 -87.25 -43.85
C ASP C 445 0.33 -87.61 -43.53
N SER C 446 -0.41 -88.06 -44.55
CA SER C 446 -1.87 -88.35 -44.55
C SER C 446 -2.22 -89.42 -43.51
N GLU C 447 -1.42 -90.47 -43.44
CA GLU C 447 -1.72 -91.65 -42.57
C GLU C 447 -1.68 -91.15 -41.11
N THR C 448 -0.62 -90.45 -40.72
CA THR C 448 -0.47 -89.91 -39.34
C THR C 448 -1.56 -88.86 -39.11
N ALA C 449 -1.78 -87.93 -40.04
CA ALA C 449 -2.81 -86.89 -39.92
C ALA C 449 -4.18 -87.54 -39.65
N THR C 450 -4.56 -88.57 -40.40
CA THR C 450 -5.90 -89.20 -40.28
C THR C 450 -6.03 -89.90 -38.92
N PHE C 451 -5.02 -90.64 -38.49
CA PHE C 451 -5.08 -91.44 -37.22
C PHE C 451 -5.25 -90.47 -36.03
N TYR C 452 -4.47 -89.40 -36.00
CA TYR C 452 -4.45 -88.44 -34.86
C TYR C 452 -5.71 -87.56 -34.90
N ARG C 453 -6.29 -87.33 -36.08
CA ARG C 453 -7.57 -86.57 -36.21
C ARG C 453 -8.68 -87.38 -35.54
N GLN C 454 -8.66 -88.69 -35.73
CA GLN C 454 -9.66 -89.61 -35.14
C GLN C 454 -9.45 -89.66 -33.63
N GLN C 455 -8.22 -89.74 -33.15
CA GLN C 455 -7.87 -89.77 -31.71
C GLN C 455 -8.35 -88.47 -31.03
N ALA C 456 -8.21 -87.34 -31.71
CA ALA C 456 -8.64 -86.00 -31.20
C ALA C 456 -10.13 -85.98 -30.84
N LEU C 457 -10.95 -86.96 -31.27
CA LEU C 457 -12.39 -87.00 -30.92
C LEU C 457 -12.62 -87.76 -29.62
N ASN C 458 -11.57 -88.22 -28.93
CA ASN C 458 -11.60 -89.03 -27.68
C ASN C 458 -12.27 -88.23 -26.54
N TYR C 459 -12.34 -86.90 -26.64
CA TYR C 459 -13.07 -86.07 -25.64
C TYR C 459 -14.49 -86.64 -25.46
N GLN C 460 -15.07 -87.20 -26.53
CA GLN C 460 -16.46 -87.74 -26.52
C GLN C 460 -16.60 -88.84 -25.48
N GLN C 461 -15.51 -89.55 -25.14
CA GLN C 461 -15.56 -90.69 -24.21
C GLN C 461 -16.02 -90.22 -22.82
N LEU C 462 -15.74 -88.98 -22.43
CA LEU C 462 -15.96 -88.59 -21.01
C LEU C 462 -17.17 -87.69 -20.86
N PHE C 463 -17.88 -87.38 -21.95
CA PHE C 463 -19.10 -86.55 -21.87
C PHE C 463 -20.25 -87.40 -21.36
N ASN C 464 -20.88 -86.95 -20.29
CA ASN C 464 -22.05 -87.64 -19.70
C ASN C 464 -23.32 -86.89 -20.08
N PRO C 465 -24.12 -87.38 -21.05
CA PRO C 465 -25.30 -86.64 -21.47
C PRO C 465 -26.32 -86.51 -20.34
N GLU C 466 -26.22 -87.31 -19.28
CA GLU C 466 -27.16 -87.23 -18.11
C GLU C 466 -26.94 -85.91 -17.36
N THR C 467 -25.71 -85.40 -17.34
CA THR C 467 -25.33 -84.23 -16.50
C THR C 467 -24.88 -83.04 -17.36
N GLY C 468 -24.44 -83.26 -18.60
CA GLY C 468 -23.89 -82.20 -19.47
C GLY C 468 -22.48 -81.80 -19.05
N PHE C 469 -21.73 -82.69 -18.42
CA PHE C 469 -20.34 -82.42 -18.00
C PHE C 469 -19.40 -83.54 -18.44
N MET C 470 -18.12 -83.23 -18.46
CA MET C 470 -17.07 -84.27 -18.56
C MET C 470 -16.85 -84.85 -17.17
N GLN C 471 -16.98 -86.18 -17.04
CA GLN C 471 -16.78 -86.94 -15.79
C GLN C 471 -15.82 -88.12 -16.01
N ALA C 472 -15.13 -88.52 -14.95
CA ALA C 472 -14.18 -89.66 -14.99
C ALA C 472 -14.99 -90.95 -15.17
N LYS C 473 -14.43 -91.91 -15.89
CA LYS C 473 -15.10 -93.16 -16.31
C LYS C 473 -14.15 -94.31 -15.96
N ASP C 474 -14.64 -95.40 -15.37
CA ASP C 474 -13.82 -96.58 -14.99
C ASP C 474 -13.54 -97.40 -16.27
N THR C 475 -12.74 -98.47 -16.17
CA THR C 475 -12.32 -99.33 -17.31
C THR C 475 -13.49 -100.14 -17.87
N GLU C 476 -14.67 -100.06 -17.25
CA GLU C 476 -15.93 -100.71 -17.69
C GLU C 476 -16.89 -99.68 -18.30
N GLY C 477 -16.50 -98.41 -18.39
CA GLY C 477 -17.27 -97.38 -19.11
C GLY C 477 -18.42 -96.77 -18.29
N ASN C 478 -18.37 -96.90 -16.95
CA ASN C 478 -19.35 -96.28 -16.01
C ASN C 478 -18.71 -95.04 -15.39
N PHE C 479 -19.50 -93.99 -15.24
CA PHE C 479 -19.08 -92.72 -14.63
C PHE C 479 -19.01 -92.91 -13.12
N ARG C 480 -18.07 -92.22 -12.45
CA ARG C 480 -17.94 -92.28 -10.97
C ARG C 480 -19.28 -91.86 -10.38
N PRO C 481 -19.80 -92.59 -9.39
CA PRO C 481 -21.07 -92.19 -8.76
C PRO C 481 -20.94 -90.91 -7.92
N ASP C 482 -22.08 -90.35 -7.50
CA ASP C 482 -22.14 -89.29 -6.46
C ASP C 482 -21.49 -88.01 -7.02
N PHE C 483 -21.69 -87.75 -8.30
CA PHE C 483 -21.15 -86.56 -9.01
C PHE C 483 -21.72 -85.27 -8.40
N LEU C 484 -20.88 -84.25 -8.25
CA LEU C 484 -21.30 -82.88 -7.82
C LEU C 484 -20.59 -81.88 -8.73
N ASP C 485 -21.37 -81.09 -9.45
CA ASP C 485 -20.86 -80.15 -10.50
C ASP C 485 -19.81 -79.20 -9.89
N ILE C 486 -19.93 -78.78 -8.62
CA ILE C 486 -19.04 -77.76 -7.99
C ILE C 486 -17.96 -78.40 -7.13
N ARG C 487 -17.80 -79.74 -7.16
CA ARG C 487 -16.75 -80.42 -6.38
C ARG C 487 -15.41 -80.32 -7.11
N TRP C 488 -14.37 -79.83 -6.41
CA TRP C 488 -13.02 -79.57 -6.97
C TRP C 488 -12.09 -80.79 -6.82
N GLY C 489 -11.15 -80.95 -7.75
CA GLY C 489 -10.03 -81.91 -7.64
C GLY C 489 -10.49 -83.33 -7.91
N LYS C 490 -9.64 -84.30 -7.53
CA LYS C 490 -9.84 -85.77 -7.71
C LYS C 490 -9.77 -86.07 -9.21
N ASP C 491 -10.82 -85.75 -9.96
CA ASP C 491 -10.96 -86.03 -11.41
C ASP C 491 -10.51 -84.83 -12.24
N TYR C 492 -10.36 -83.66 -11.62
CA TYR C 492 -10.11 -82.35 -12.27
C TYR C 492 -8.92 -81.66 -11.60
N ALA C 493 -8.11 -80.95 -12.36
CA ALA C 493 -6.98 -80.16 -11.80
C ALA C 493 -7.49 -78.75 -11.49
N GLN C 494 -7.40 -78.34 -10.23
CA GLN C 494 -7.58 -76.93 -9.79
C GLN C 494 -8.89 -76.36 -10.36
N GLY C 495 -9.96 -77.13 -10.30
CA GLY C 495 -11.31 -76.71 -10.69
C GLY C 495 -12.33 -77.79 -10.41
N SER C 496 -13.60 -77.44 -10.60
CA SER C 496 -14.73 -78.38 -10.63
C SER C 496 -14.98 -78.83 -12.07
N ALA C 497 -16.02 -79.63 -12.27
CA ALA C 497 -16.48 -79.96 -13.64
C ALA C 497 -16.75 -78.66 -14.44
N TRP C 498 -17.20 -77.59 -13.79
CA TRP C 498 -17.49 -76.29 -14.45
C TRP C 498 -16.25 -75.72 -15.12
N GLN C 499 -15.07 -75.87 -14.48
CA GLN C 499 -13.79 -75.32 -14.97
C GLN C 499 -13.11 -76.31 -15.93
N SER C 500 -13.69 -77.49 -16.17
CA SER C 500 -12.95 -78.64 -16.76
C SER C 500 -13.64 -79.21 -18.00
N SER C 501 -14.90 -78.87 -18.25
CA SER C 501 -15.74 -79.62 -19.22
C SER C 501 -15.67 -79.01 -20.62
N PHE C 502 -14.81 -78.01 -20.86
CA PHE C 502 -14.85 -77.23 -22.12
C PHE C 502 -13.44 -77.10 -22.68
N ALA C 503 -12.56 -78.04 -22.35
CA ALA C 503 -11.19 -78.09 -22.89
C ALA C 503 -11.20 -78.95 -24.16
N VAL C 504 -11.93 -78.46 -25.16
CA VAL C 504 -12.10 -79.15 -26.47
C VAL C 504 -11.85 -78.13 -27.59
N TYR C 505 -10.69 -77.49 -27.53
CA TYR C 505 -10.30 -76.40 -28.47
C TYR C 505 -10.37 -76.90 -29.91
N GLN C 506 -10.20 -78.22 -30.10
CA GLN C 506 -10.04 -78.83 -31.44
C GLN C 506 -11.40 -78.97 -32.11
N ASP C 507 -12.49 -78.98 -31.35
CA ASP C 507 -13.80 -79.39 -31.90
C ASP C 507 -14.97 -78.91 -31.07
N PHE C 508 -15.09 -77.62 -30.85
CA PHE C 508 -16.28 -77.09 -30.14
C PHE C 508 -17.58 -77.39 -30.89
N ALA C 509 -17.61 -77.38 -32.23
CA ALA C 509 -18.84 -77.72 -32.97
C ALA C 509 -19.27 -79.13 -32.57
N GLY C 510 -18.32 -80.05 -32.41
CA GLY C 510 -18.58 -81.44 -32.00
C GLY C 510 -19.02 -81.53 -30.56
N LEU C 511 -18.46 -80.72 -29.67
CA LEU C 511 -18.90 -80.75 -28.25
C LEU C 511 -20.36 -80.26 -28.16
N ILE C 512 -20.70 -79.25 -28.94
CA ILE C 512 -22.06 -78.65 -28.99
C ILE C 512 -23.06 -79.72 -29.45
N LYS C 513 -22.70 -80.50 -30.46
CA LYS C 513 -23.57 -81.59 -30.98
C LYS C 513 -23.89 -82.58 -29.84
N LEU C 514 -22.94 -82.85 -28.94
CA LEU C 514 -23.18 -83.75 -27.77
C LEU C 514 -24.23 -83.18 -26.80
N TYR C 515 -24.36 -81.85 -26.69
CA TYR C 515 -25.44 -81.21 -25.88
C TYR C 515 -26.79 -81.35 -26.59
N GLY C 516 -26.81 -81.57 -27.90
CA GLY C 516 -28.06 -81.69 -28.66
C GLY C 516 -28.26 -80.55 -29.64
N SER C 517 -27.84 -79.32 -29.31
CA SER C 517 -28.11 -78.11 -30.12
C SER C 517 -27.28 -76.94 -29.63
N GLU C 518 -27.14 -75.91 -30.47
CA GLU C 518 -26.47 -74.65 -30.11
C GLU C 518 -27.24 -74.05 -28.92
N LEU C 519 -28.57 -74.20 -28.86
CA LEU C 519 -29.40 -73.63 -27.76
C LEU C 519 -29.14 -74.35 -26.42
N ALA C 520 -28.99 -75.68 -26.40
CA ALA C 520 -28.72 -76.41 -25.15
C ALA C 520 -27.30 -76.03 -24.67
N PHE C 521 -26.33 -75.86 -25.57
CA PHE C 521 -24.97 -75.39 -25.18
C PHE C 521 -25.06 -73.95 -24.61
N GLU C 522 -25.80 -73.07 -25.28
CA GLU C 522 -26.09 -71.68 -24.81
C GLU C 522 -26.59 -71.70 -23.36
N LYS C 523 -27.58 -72.54 -23.03
CA LYS C 523 -28.17 -72.63 -21.67
C LYS C 523 -27.09 -73.01 -20.66
N LYS C 524 -26.22 -73.97 -21.01
CA LYS C 524 -25.12 -74.38 -20.12
C LYS C 524 -24.18 -73.20 -19.88
N LEU C 525 -23.83 -72.43 -20.90
CA LEU C 525 -22.91 -71.27 -20.74
C LEU C 525 -23.57 -70.21 -19.85
N ILE C 526 -24.86 -69.96 -20.02
CA ILE C 526 -25.61 -68.93 -19.24
C ILE C 526 -25.55 -69.36 -17.77
N GLN C 527 -25.82 -70.64 -17.53
CA GLN C 527 -25.76 -71.24 -16.18
C GLN C 527 -24.34 -71.10 -15.61
N LEU C 528 -23.31 -71.43 -16.37
CA LEU C 528 -21.90 -71.27 -15.92
C LEU C 528 -21.71 -69.83 -15.40
N CYS C 529 -22.09 -68.83 -16.18
CA CYS C 529 -21.77 -67.40 -15.93
C CYS C 529 -22.63 -66.81 -14.80
N ASN C 530 -23.89 -67.19 -14.68
CA ASN C 530 -24.88 -66.36 -13.95
C ASN C 530 -25.17 -66.92 -12.55
N GLN C 531 -24.60 -68.07 -12.19
CA GLN C 531 -24.78 -68.69 -10.85
C GLN C 531 -23.79 -68.05 -9.87
N ALA C 532 -23.95 -68.30 -8.58
CA ALA C 532 -22.99 -67.89 -7.52
C ALA C 532 -21.69 -68.67 -7.73
N PRO C 533 -20.54 -68.10 -7.31
CA PRO C 533 -19.24 -68.78 -7.35
C PRO C 533 -19.01 -69.76 -6.19
N ASN C 534 -19.86 -70.75 -6.09
CA ASN C 534 -19.80 -71.79 -5.02
C ASN C 534 -18.79 -72.88 -5.40
N PHE C 535 -18.21 -73.50 -4.40
CA PHE C 535 -17.24 -74.61 -4.60
C PHE C 535 -17.39 -75.59 -3.45
N ASN C 536 -17.03 -76.85 -3.70
CA ASN C 536 -17.00 -77.93 -2.68
C ASN C 536 -15.59 -78.48 -2.66
N VAL C 537 -14.97 -78.60 -1.49
CA VAL C 537 -13.48 -78.77 -1.37
C VAL C 537 -13.08 -80.24 -1.31
N GLU C 538 -14.04 -81.18 -1.30
CA GLU C 538 -13.85 -82.60 -0.90
C GLU C 538 -12.65 -83.26 -1.61
N GLY C 539 -12.36 -82.92 -2.87
CA GLY C 539 -11.21 -83.46 -3.64
C GLY C 539 -9.85 -83.08 -3.04
N TYR C 540 -9.76 -81.96 -2.32
CA TYR C 540 -8.51 -81.44 -1.69
C TYR C 540 -8.57 -81.69 -0.17
N GLY C 541 -9.74 -81.55 0.48
CA GLY C 541 -9.93 -81.63 1.94
C GLY C 541 -9.81 -80.27 2.64
N PHE C 542 -9.57 -79.21 1.88
CA PHE C 542 -9.39 -77.81 2.38
C PHE C 542 -9.55 -76.84 1.20
N GLU C 543 -9.64 -75.54 1.51
CA GLU C 543 -9.76 -74.49 0.47
C GLU C 543 -8.36 -74.15 -0.05
N ILE C 544 -8.17 -74.14 -1.38
CA ILE C 544 -6.91 -73.69 -2.03
C ILE C 544 -7.14 -72.31 -2.66
N HIS C 545 -6.08 -71.57 -2.90
CA HIS C 545 -6.16 -70.15 -3.34
C HIS C 545 -6.98 -70.01 -4.63
N GLU C 546 -6.89 -70.97 -5.59
CA GLU C 546 -7.70 -70.91 -6.85
C GLU C 546 -9.18 -70.88 -6.52
N MET C 547 -9.66 -71.62 -5.51
CA MET C 547 -11.09 -71.54 -5.11
C MET C 547 -11.39 -70.13 -4.60
N SER C 548 -10.54 -69.61 -3.72
CA SER C 548 -10.75 -68.34 -3.02
C SER C 548 -10.81 -67.23 -4.06
N GLU C 549 -9.97 -67.32 -5.07
CA GLU C 549 -9.85 -66.24 -6.10
C GLU C 549 -11.13 -66.24 -6.96
N MET C 550 -11.70 -67.40 -7.26
CA MET C 550 -13.01 -67.47 -7.95
C MET C 550 -14.10 -66.87 -7.03
N ALA C 551 -14.11 -67.27 -5.75
CA ALA C 551 -15.17 -66.87 -4.80
C ALA C 551 -14.99 -65.41 -4.37
N ALA C 552 -13.85 -64.78 -4.61
CA ALA C 552 -13.62 -63.36 -4.23
C ALA C 552 -14.47 -62.42 -5.09
N ILE C 553 -14.90 -62.88 -6.29
CA ILE C 553 -15.58 -62.00 -7.28
C ILE C 553 -16.86 -62.68 -7.74
N ASP C 554 -17.79 -61.88 -8.27
CA ASP C 554 -19.10 -62.36 -8.76
C ASP C 554 -19.06 -62.48 -10.27
N PHE C 555 -18.32 -63.47 -10.77
CA PHE C 555 -18.32 -63.85 -12.20
C PHE C 555 -18.72 -65.34 -12.33
N GLY C 556 -19.58 -65.83 -11.43
CA GLY C 556 -20.05 -67.25 -11.45
C GLY C 556 -18.88 -68.22 -11.44
N GLN C 557 -18.95 -69.26 -12.28
CA GLN C 557 -17.91 -70.33 -12.44
C GLN C 557 -16.89 -69.97 -13.51
N LEU C 558 -16.90 -68.74 -14.05
CA LEU C 558 -15.86 -68.31 -15.02
C LEU C 558 -14.63 -67.89 -14.23
N ALA C 559 -13.81 -68.86 -13.84
CA ALA C 559 -12.69 -68.63 -12.90
C ALA C 559 -11.50 -68.06 -13.68
N ILE C 560 -11.56 -66.77 -14.00
CA ILE C 560 -10.53 -66.04 -14.80
C ILE C 560 -9.18 -66.08 -14.05
N SER C 561 -9.20 -66.38 -12.74
CA SER C 561 -8.02 -66.54 -11.86
C SER C 561 -7.11 -67.69 -12.28
N ASN C 562 -7.57 -68.56 -13.17
CA ASN C 562 -6.78 -69.76 -13.53
C ASN C 562 -7.00 -70.08 -15.01
N GLN C 563 -6.01 -70.69 -15.64
CA GLN C 563 -5.98 -70.94 -17.11
C GLN C 563 -7.21 -71.69 -17.61
N PRO C 564 -7.76 -72.72 -16.92
CA PRO C 564 -8.82 -73.52 -17.52
C PRO C 564 -10.03 -72.69 -18.03
N SER C 565 -10.35 -71.55 -17.43
CA SER C 565 -11.53 -70.72 -17.81
C SER C 565 -11.17 -69.58 -18.81
N PHE C 566 -9.91 -69.44 -19.19
CA PHE C 566 -9.40 -68.25 -19.94
C PHE C 566 -10.21 -68.06 -21.23
N HIS C 567 -10.59 -69.15 -21.89
CA HIS C 567 -11.25 -69.09 -23.22
C HIS C 567 -12.76 -69.00 -23.08
N TYR C 568 -13.31 -69.09 -21.85
CA TYR C 568 -14.78 -69.26 -21.65
C TYR C 568 -15.61 -68.20 -22.36
N PRO C 569 -15.28 -66.88 -22.36
CA PRO C 569 -16.16 -65.91 -23.02
C PRO C 569 -16.29 -66.21 -24.52
N PHE C 570 -15.28 -66.85 -25.10
CA PHE C 570 -15.27 -67.17 -26.54
C PHE C 570 -16.17 -68.35 -26.89
N LEU C 571 -16.65 -69.13 -25.91
CA LEU C 571 -17.53 -70.28 -26.21
C LEU C 571 -18.83 -69.76 -26.85
N PHE C 572 -19.28 -68.54 -26.52
CA PHE C 572 -20.48 -67.95 -27.16
C PHE C 572 -20.24 -67.73 -28.68
N SER C 573 -18.99 -67.62 -29.12
CA SER C 573 -18.64 -67.39 -30.55
C SER C 573 -18.92 -68.66 -31.35
N TYR C 574 -19.04 -69.81 -30.68
CA TYR C 574 -19.20 -71.12 -31.37
C TYR C 574 -20.68 -71.43 -31.55
N ILE C 575 -21.58 -70.60 -31.03
CA ILE C 575 -23.05 -70.71 -31.24
C ILE C 575 -23.57 -69.45 -31.93
N GLY C 576 -22.69 -68.65 -32.53
CA GLY C 576 -23.07 -67.45 -33.31
C GLY C 576 -23.69 -66.37 -32.42
N LYS C 577 -23.28 -66.27 -31.15
CA LYS C 577 -23.83 -65.25 -30.21
C LYS C 577 -22.67 -64.56 -29.50
N PRO C 578 -21.64 -64.06 -30.24
CA PRO C 578 -20.49 -63.42 -29.59
C PRO C 578 -20.91 -62.15 -28.81
N GLU C 579 -21.98 -61.48 -29.23
CA GLU C 579 -22.55 -60.29 -28.51
C GLU C 579 -22.90 -60.64 -27.06
N MET C 580 -23.23 -61.89 -26.73
CA MET C 580 -23.54 -62.24 -25.32
C MET C 580 -22.32 -62.09 -24.39
N ALA C 581 -21.10 -62.10 -24.92
CA ALA C 581 -19.86 -62.10 -24.11
C ALA C 581 -19.05 -60.80 -24.24
N GLN C 582 -19.45 -59.89 -25.10
CA GLN C 582 -18.67 -58.65 -25.32
C GLN C 582 -18.63 -57.85 -24.03
N PRO C 583 -19.76 -57.58 -23.34
CA PRO C 583 -19.71 -56.87 -22.06
C PRO C 583 -18.84 -57.64 -21.05
N LEU C 584 -19.03 -58.94 -20.96
CA LEU C 584 -18.27 -59.84 -20.04
C LEU C 584 -16.77 -59.67 -20.23
N LEU C 585 -16.31 -59.52 -21.48
CA LEU C 585 -14.84 -59.49 -21.72
C LEU C 585 -14.31 -58.17 -21.17
N LYS C 586 -15.03 -57.08 -21.38
CA LYS C 586 -14.60 -55.76 -20.83
C LYS C 586 -14.63 -55.82 -19.29
N GLN C 587 -15.68 -56.41 -18.74
CA GLN C 587 -15.82 -56.52 -17.26
C GLN C 587 -14.63 -57.32 -16.73
N LEU C 588 -14.27 -58.43 -17.39
CA LEU C 588 -13.11 -59.27 -16.96
C LEU C 588 -11.82 -58.48 -17.00
N MET C 589 -11.59 -57.68 -18.05
CA MET C 589 -10.37 -56.87 -18.15
C MET C 589 -10.28 -55.88 -16.98
N GLN C 590 -11.40 -55.45 -16.40
CA GLN C 590 -11.36 -54.51 -15.24
C GLN C 590 -10.86 -55.19 -13.97
N THR C 591 -10.73 -56.52 -13.92
CA THR C 591 -10.16 -57.21 -12.75
C THR C 591 -8.63 -57.12 -12.79
N PHE C 592 -8.05 -56.40 -13.78
CA PHE C 592 -6.59 -56.23 -13.88
C PHE C 592 -6.27 -54.77 -13.66
N ASP C 593 -5.16 -54.53 -12.97
CA ASP C 593 -4.60 -53.18 -12.85
C ASP C 593 -3.11 -53.29 -12.54
N ALA C 594 -2.43 -52.14 -12.48
CA ALA C 594 -0.95 -52.07 -12.33
C ALA C 594 -0.52 -52.15 -10.86
N SER C 595 -1.46 -52.33 -9.94
CA SER C 595 -1.20 -52.25 -8.47
C SER C 595 -0.59 -53.56 -8.02
N PRO C 596 -0.10 -53.63 -6.76
CA PRO C 596 0.35 -54.89 -6.18
C PRO C 596 -0.72 -55.98 -6.12
N THR C 597 -2.02 -55.65 -6.21
CA THR C 597 -3.15 -56.61 -6.23
C THR C 597 -3.69 -56.76 -7.65
N GLY C 598 -2.88 -56.46 -8.67
CA GLY C 598 -3.38 -56.21 -10.03
C GLY C 598 -3.79 -57.41 -10.88
N TYR C 599 -3.65 -58.68 -10.48
CA TYR C 599 -4.17 -59.78 -11.34
C TYR C 599 -5.24 -60.50 -10.54
N PRO C 600 -6.22 -61.13 -11.23
CA PRO C 600 -7.20 -61.93 -10.55
C PRO C 600 -6.73 -63.26 -9.99
N GLY C 601 -5.54 -63.73 -10.41
CA GLY C 601 -4.95 -65.00 -9.93
C GLY C 601 -3.52 -65.09 -10.41
N ASP C 602 -2.92 -66.27 -10.36
CA ASP C 602 -1.48 -66.45 -10.69
C ASP C 602 -1.22 -66.00 -12.14
N GLU C 603 -0.20 -65.18 -12.33
CA GLU C 603 0.15 -64.62 -13.68
C GLU C 603 0.78 -65.71 -14.56
N ASP C 604 1.55 -66.60 -13.92
CA ASP C 604 2.15 -67.82 -14.58
C ASP C 604 2.96 -67.45 -15.84
N ASN C 605 4.08 -66.75 -15.65
CA ASN C 605 5.19 -66.66 -16.63
C ASN C 605 4.69 -66.14 -17.98
N GLY C 606 3.87 -65.09 -17.97
CA GLY C 606 3.42 -64.45 -19.22
C GLY C 606 2.00 -64.84 -19.58
N SER C 607 1.49 -65.97 -19.10
CA SER C 607 0.20 -66.56 -19.51
C SER C 607 -0.97 -65.58 -19.31
N MET C 608 -1.14 -65.11 -18.09
CA MET C 608 -2.30 -64.23 -17.80
C MET C 608 -2.04 -62.84 -18.39
N SER C 609 -0.82 -62.36 -18.40
CA SER C 609 -0.45 -61.06 -19.03
C SER C 609 -0.83 -61.09 -20.51
N ALA C 610 -0.44 -62.16 -21.23
CA ALA C 610 -0.77 -62.29 -22.67
C ALA C 610 -2.29 -62.41 -22.88
N TRP C 611 -3.02 -63.05 -21.95
CA TRP C 611 -4.50 -63.04 -21.95
C TRP C 611 -4.98 -61.58 -22.03
N TYR C 612 -4.42 -60.72 -21.21
CA TYR C 612 -4.83 -59.30 -21.08
C TYR C 612 -4.45 -58.53 -22.35
N ILE C 613 -3.25 -58.77 -22.85
CA ILE C 613 -2.78 -58.10 -24.11
C ILE C 613 -3.72 -58.46 -25.25
N PHE C 614 -3.91 -59.75 -25.53
CA PHE C 614 -4.80 -60.16 -26.65
C PHE C 614 -6.18 -59.49 -26.48
N ASN C 615 -6.79 -59.68 -25.30
CA ASN C 615 -8.18 -59.19 -25.09
C ASN C 615 -8.23 -57.67 -25.22
N SER C 616 -7.20 -56.95 -24.80
CA SER C 616 -7.05 -55.50 -25.03
C SER C 616 -7.21 -55.17 -26.51
N LEU C 617 -6.60 -55.97 -27.39
CA LEU C 617 -6.61 -55.70 -28.85
C LEU C 617 -7.92 -56.19 -29.48
N GLY C 618 -8.65 -57.10 -28.84
CA GLY C 618 -10.01 -57.50 -29.25
C GLY C 618 -10.07 -58.88 -29.90
N PHE C 619 -9.01 -59.69 -29.79
CA PHE C 619 -9.05 -61.05 -30.37
C PHE C 619 -8.14 -62.00 -29.57
N TYR C 620 -8.39 -63.30 -29.67
CA TYR C 620 -7.81 -64.27 -28.72
C TYR C 620 -7.63 -65.65 -29.34
N PRO C 621 -6.45 -66.28 -29.13
CA PRO C 621 -6.16 -67.59 -29.72
C PRO C 621 -6.84 -68.73 -28.92
N VAL C 622 -8.12 -69.01 -29.20
CA VAL C 622 -8.85 -70.10 -28.49
C VAL C 622 -8.19 -71.43 -28.85
N THR C 623 -7.80 -71.58 -30.10
CA THR C 623 -7.31 -72.88 -30.60
C THR C 623 -5.93 -72.70 -31.23
N PRO C 624 -4.86 -72.68 -30.40
CA PRO C 624 -3.52 -72.85 -30.91
C PRO C 624 -3.51 -74.13 -31.76
N GLY C 625 -2.93 -74.03 -32.94
CA GLY C 625 -2.91 -75.12 -33.93
C GLY C 625 -3.90 -74.87 -35.05
N ALA C 626 -4.90 -73.97 -34.87
CA ALA C 626 -5.88 -73.66 -35.95
C ALA C 626 -5.44 -72.47 -36.84
N GLY C 627 -4.56 -71.58 -36.40
CA GLY C 627 -4.20 -70.37 -37.16
C GLY C 627 -5.34 -69.34 -37.21
N GLU C 628 -6.06 -69.21 -36.11
CA GLU C 628 -7.19 -68.25 -36.00
C GLU C 628 -7.13 -67.52 -34.65
N TYR C 629 -7.79 -66.38 -34.60
CA TYR C 629 -7.99 -65.58 -33.37
C TYR C 629 -9.47 -65.25 -33.34
N VAL C 630 -10.15 -65.66 -32.30
CA VAL C 630 -11.61 -65.41 -32.13
C VAL C 630 -11.76 -64.01 -31.58
N ILE C 631 -12.74 -63.30 -32.12
CA ILE C 631 -12.94 -61.86 -31.85
C ILE C 631 -13.63 -61.77 -30.47
N GLY C 632 -13.22 -60.78 -29.70
CA GLY C 632 -13.77 -60.53 -28.37
C GLY C 632 -14.38 -59.14 -28.31
N MET C 633 -13.78 -58.29 -27.50
CA MET C 633 -14.19 -56.88 -27.30
C MET C 633 -12.93 -56.11 -26.95
N PRO C 634 -12.45 -55.19 -27.81
CA PRO C 634 -11.23 -54.45 -27.50
C PRO C 634 -11.38 -53.41 -26.39
N LEU C 635 -10.31 -53.17 -25.65
CA LEU C 635 -10.25 -52.14 -24.61
C LEU C 635 -9.41 -50.96 -25.09
N VAL C 636 -8.43 -51.17 -25.97
CA VAL C 636 -7.69 -50.04 -26.62
C VAL C 636 -8.67 -49.15 -27.41
N GLN C 637 -8.24 -47.91 -27.69
CA GLN C 637 -8.80 -47.05 -28.76
C GLN C 637 -7.89 -47.13 -29.99
N THR C 638 -6.58 -47.25 -29.79
CA THR C 638 -5.61 -47.36 -30.91
C THR C 638 -4.52 -48.35 -30.51
N ALA C 639 -4.00 -49.05 -31.51
CA ALA C 639 -2.79 -49.87 -31.37
C ALA C 639 -2.05 -49.89 -32.69
N GLU C 640 -0.74 -49.66 -32.65
CA GLU C 640 0.18 -49.86 -33.80
C GLU C 640 0.92 -51.14 -33.47
N VAL C 641 0.62 -52.17 -34.23
CA VAL C 641 1.21 -53.52 -34.05
C VAL C 641 2.31 -53.71 -35.10
N LYS C 642 3.56 -53.82 -34.66
CA LYS C 642 4.71 -54.10 -35.56
C LYS C 642 4.81 -55.62 -35.67
N LEU C 643 4.32 -56.18 -36.76
CA LEU C 643 4.27 -57.65 -36.97
C LEU C 643 5.69 -58.11 -37.30
N SER C 644 6.01 -59.34 -36.99
CA SER C 644 7.38 -59.91 -37.15
C SER C 644 7.72 -60.00 -38.64
N ASN C 645 6.73 -60.04 -39.54
CA ASN C 645 6.97 -60.13 -41.00
C ASN C 645 7.36 -58.75 -41.56
N GLY C 646 7.46 -57.70 -40.74
CA GLY C 646 7.82 -56.35 -41.21
C GLY C 646 6.62 -55.48 -41.56
N LYS C 647 5.39 -56.01 -41.52
CA LYS C 647 4.16 -55.23 -41.81
C LYS C 647 3.63 -54.66 -40.51
N GLN C 648 2.63 -53.79 -40.63
CA GLN C 648 2.12 -53.00 -39.49
C GLN C 648 0.61 -53.13 -39.52
N LEU C 649 0.01 -53.55 -38.41
CA LEU C 649 -1.47 -53.55 -38.27
C LEU C 649 -1.85 -52.36 -37.38
N THR C 650 -2.75 -51.51 -37.86
CA THR C 650 -3.16 -50.30 -37.13
C THR C 650 -4.59 -50.57 -36.71
N ILE C 651 -4.83 -50.64 -35.39
CA ILE C 651 -6.17 -50.88 -34.82
C ILE C 651 -6.73 -49.52 -34.40
N GLN C 652 -7.98 -49.27 -34.77
CA GLN C 652 -8.67 -48.01 -34.40
C GLN C 652 -10.07 -48.40 -33.98
N THR C 653 -10.53 -47.92 -32.82
CA THR C 653 -11.93 -48.07 -32.41
C THR C 653 -12.63 -46.74 -32.53
N SER C 654 -13.94 -46.76 -32.66
CA SER C 654 -14.80 -45.61 -32.31
C SER C 654 -14.54 -45.31 -30.83
N PRO C 655 -14.97 -44.15 -30.26
CA PRO C 655 -14.69 -43.85 -28.86
C PRO C 655 -15.03 -45.04 -27.99
N ASN C 656 -14.10 -45.47 -27.13
CA ASN C 656 -14.19 -46.76 -26.39
C ASN C 656 -14.24 -46.46 -24.91
N LYS C 657 -15.38 -45.94 -24.44
CA LYS C 657 -15.63 -45.59 -23.03
C LYS C 657 -16.29 -46.78 -22.35
N VAL C 658 -16.55 -46.64 -21.04
CA VAL C 658 -17.15 -47.73 -20.23
C VAL C 658 -18.49 -48.20 -20.83
N GLN C 659 -19.26 -47.33 -21.48
CA GLN C 659 -20.61 -47.71 -21.97
C GLN C 659 -20.50 -48.48 -23.28
N GLN C 660 -19.35 -48.43 -23.95
CA GLN C 660 -19.10 -49.25 -25.19
C GLN C 660 -18.82 -50.67 -24.74
N GLN C 661 -19.77 -51.57 -24.96
CA GLN C 661 -19.69 -52.95 -24.46
C GLN C 661 -19.95 -53.97 -25.55
N PHE C 662 -20.01 -53.53 -26.79
CA PHE C 662 -20.42 -54.37 -27.92
C PHE C 662 -19.66 -53.92 -29.16
N ILE C 663 -19.52 -54.86 -30.09
CA ILE C 663 -19.00 -54.56 -31.44
C ILE C 663 -20.21 -54.36 -32.34
N HIS C 664 -20.27 -53.22 -33.00
CA HIS C 664 -21.32 -52.86 -33.96
C HIS C 664 -20.91 -53.40 -35.33
N GLU C 665 -19.69 -53.08 -35.76
CA GLU C 665 -19.17 -53.50 -37.10
C GLU C 665 -17.64 -53.51 -37.09
N ILE C 666 -17.05 -54.44 -37.86
CA ILE C 666 -15.58 -54.48 -38.09
C ILE C 666 -15.27 -54.26 -39.56
N GLN C 667 -14.37 -53.34 -39.84
CA GLN C 667 -13.77 -53.18 -41.19
C GLN C 667 -12.28 -53.56 -41.13
N LEU C 668 -11.86 -54.46 -42.00
CA LEU C 668 -10.44 -54.84 -42.18
C LEU C 668 -10.01 -54.40 -43.58
N ASN C 669 -9.11 -53.43 -43.65
CA ASN C 669 -8.77 -52.75 -44.92
C ASN C 669 -10.05 -52.38 -45.68
N GLN C 670 -10.96 -51.68 -45.01
CA GLN C 670 -12.15 -51.01 -45.62
C GLN C 670 -13.15 -52.04 -46.15
N GLU C 671 -13.07 -53.32 -45.77
CA GLU C 671 -14.10 -54.33 -46.12
C GLU C 671 -14.74 -54.84 -44.84
N LYS C 672 -16.07 -54.88 -44.83
CA LYS C 672 -16.86 -55.44 -43.72
C LYS C 672 -16.33 -56.85 -43.45
N HIS C 673 -16.19 -57.17 -42.18
CA HIS C 673 -15.71 -58.47 -41.67
C HIS C 673 -16.82 -59.02 -40.78
N THR C 674 -17.57 -60.01 -41.23
CA THR C 674 -18.72 -60.55 -40.45
C THR C 674 -18.29 -61.75 -39.62
N ALA C 675 -17.20 -62.46 -39.96
CA ALA C 675 -16.87 -63.74 -39.30
C ALA C 675 -16.44 -63.43 -37.87
N PRO C 676 -16.76 -64.31 -36.90
CA PRO C 676 -16.38 -64.06 -35.50
C PRO C 676 -14.92 -64.41 -35.14
N TYR C 677 -14.05 -64.47 -36.15
CA TYR C 677 -12.61 -64.74 -35.95
C TYR C 677 -11.82 -64.09 -37.09
N PHE C 678 -10.53 -63.89 -36.88
CA PHE C 678 -9.55 -63.52 -37.91
C PHE C 678 -8.65 -64.74 -38.13
N THR C 679 -8.17 -64.95 -39.36
CA THR C 679 -7.06 -65.89 -39.65
C THR C 679 -5.76 -65.18 -39.31
N HIS C 680 -4.75 -65.97 -38.94
CA HIS C 680 -3.39 -65.45 -38.72
C HIS C 680 -2.98 -64.75 -40.02
N GLN C 681 -3.26 -65.37 -41.18
CA GLN C 681 -2.85 -64.76 -42.49
C GLN C 681 -3.45 -63.37 -42.62
N GLU C 682 -4.75 -63.18 -42.34
CA GLU C 682 -5.42 -61.86 -42.45
C GLU C 682 -4.68 -60.85 -41.60
N LEU C 683 -4.39 -61.18 -40.34
CA LEU C 683 -3.68 -60.25 -39.44
C LEU C 683 -2.30 -59.95 -40.05
N LEU C 684 -1.61 -60.94 -40.60
CA LEU C 684 -0.21 -60.74 -41.06
C LEU C 684 -0.15 -59.84 -42.30
N ASN C 685 -1.27 -59.70 -43.01
CA ASN C 685 -1.32 -58.80 -44.19
C ASN C 685 -1.19 -57.37 -43.72
N GLY C 686 -1.49 -57.12 -42.44
CA GLY C 686 -1.40 -55.75 -41.89
C GLY C 686 -2.51 -54.85 -42.43
N GLY C 687 -2.26 -53.56 -42.42
CA GLY C 687 -3.25 -52.53 -42.80
C GLY C 687 -4.07 -52.07 -41.61
N THR C 688 -5.36 -51.86 -41.82
CA THR C 688 -6.22 -51.13 -40.85
C THR C 688 -7.27 -52.09 -40.35
N LEU C 689 -7.39 -52.20 -39.03
CA LEU C 689 -8.49 -52.95 -38.38
C LEU C 689 -9.34 -51.92 -37.60
N ASP C 690 -10.55 -51.67 -38.07
CA ASP C 690 -11.43 -50.63 -37.49
C ASP C 690 -12.55 -51.36 -36.76
N TYR C 691 -12.71 -51.10 -35.47
CA TYR C 691 -13.88 -51.60 -34.73
C TYR C 691 -14.83 -50.44 -34.50
N GLN C 692 -16.01 -50.45 -35.11
CA GLN C 692 -17.13 -49.59 -34.66
C GLN C 692 -17.81 -50.28 -33.46
N LEU C 693 -17.87 -49.59 -32.32
CA LEU C 693 -18.38 -50.13 -31.04
C LEU C 693 -19.80 -49.64 -30.75
N GLY C 694 -20.52 -50.39 -29.91
CA GLY C 694 -21.93 -50.13 -29.63
C GLY C 694 -22.19 -50.02 -28.15
N ILE C 695 -23.29 -49.36 -27.79
CA ILE C 695 -23.82 -49.38 -26.40
C ILE C 695 -24.89 -50.47 -26.30
N VAL C 696 -25.31 -50.99 -27.44
CA VAL C 696 -26.25 -52.14 -27.52
C VAL C 696 -25.65 -53.09 -28.54
N PRO C 697 -26.07 -54.37 -28.54
CA PRO C 697 -25.53 -55.32 -29.51
C PRO C 697 -26.00 -55.06 -30.93
N ASN C 698 -25.23 -55.63 -31.87
CA ASN C 698 -25.58 -55.75 -33.29
C ASN C 698 -25.47 -57.21 -33.66
N PRO C 699 -26.50 -58.04 -33.39
CA PRO C 699 -26.40 -59.47 -33.64
C PRO C 699 -26.13 -59.75 -35.14
N GLN C 700 -25.12 -60.56 -35.46
CA GLN C 700 -24.85 -61.04 -36.85
C GLN C 700 -25.73 -62.28 -37.09
N THR C 701 -26.13 -62.48 -38.34
CA THR C 701 -26.96 -63.63 -38.76
C THR C 701 -26.07 -64.67 -39.44
N THR C 702 -24.80 -64.33 -39.68
CA THR C 702 -23.85 -65.21 -40.41
C THR C 702 -23.80 -66.58 -39.74
N ALA C 703 -23.64 -67.61 -40.57
CA ALA C 703 -23.39 -69.01 -40.17
C ALA C 703 -21.90 -69.18 -39.86
N GLU C 704 -21.06 -68.18 -40.08
CA GLU C 704 -19.58 -68.35 -39.95
C GLU C 704 -19.28 -68.72 -38.49
N ARG C 705 -18.34 -69.66 -38.30
CA ARG C 705 -17.91 -70.12 -36.95
C ARG C 705 -16.41 -70.27 -36.97
N PRO C 706 -15.72 -70.15 -35.82
CA PRO C 706 -14.31 -70.45 -35.73
C PRO C 706 -14.09 -71.95 -35.95
N PHE C 707 -12.83 -72.32 -36.16
CA PHE C 707 -12.39 -73.68 -36.52
C PHE C 707 -12.95 -74.74 -35.55
N SER C 708 -13.53 -75.81 -36.07
CA SER C 708 -13.86 -77.07 -35.35
C SER C 708 -13.51 -78.24 -36.29
N LEU C 709 -12.73 -79.21 -35.84
CA LEU C 709 -12.42 -80.46 -36.59
C LEU C 709 -13.66 -80.94 -37.36
N SER C 710 -14.78 -81.06 -36.68
CA SER C 710 -15.91 -81.83 -37.21
C SER C 710 -16.60 -81.07 -38.36
N THR C 711 -16.32 -79.77 -38.56
CA THR C 711 -16.99 -78.97 -39.63
C THR C 711 -15.99 -78.41 -40.67
N GLU C 712 -14.73 -78.83 -40.69
CA GLU C 712 -13.68 -78.11 -41.47
C GLU C 712 -13.81 -78.36 -42.99
N MET D 1 3.20 37.38 22.80
CA MET D 1 2.99 37.81 21.41
C MET D 1 3.83 36.87 20.54
N ASN D 2 3.26 36.45 19.40
CA ASN D 2 3.94 35.60 18.40
C ASN D 2 4.91 36.50 17.62
N ILE D 3 6.14 36.02 17.48
CA ILE D 3 7.27 36.78 16.91
C ILE D 3 6.90 37.30 15.52
N GLN D 4 6.07 36.57 14.74
CA GLN D 4 5.64 36.90 13.34
CA GLN D 4 5.70 36.94 13.35
C GLN D 4 4.80 38.19 13.33
N ALA D 5 4.24 38.59 14.46
CA ALA D 5 3.42 39.81 14.55
C ALA D 5 4.29 41.02 14.91
N ILE D 6 5.58 40.81 15.20
CA ILE D 6 6.48 41.96 15.48
C ILE D 6 6.82 42.60 14.13
N ASP D 7 6.63 43.90 13.98
CA ASP D 7 6.95 44.59 12.71
C ASP D 7 8.25 45.33 12.91
N THR D 8 9.30 44.93 12.18
CA THR D 8 10.68 45.44 12.36
C THR D 8 10.79 46.89 11.88
N ARG D 9 9.70 47.51 11.40
CA ARG D 9 9.74 48.95 11.00
C ARG D 9 9.54 49.82 12.23
N HIS D 10 9.29 49.20 13.36
CA HIS D 10 9.31 49.86 14.68
C HIS D 10 10.56 50.72 14.86
N GLY D 11 10.39 52.01 15.15
CA GLY D 11 11.54 52.89 15.41
C GLY D 11 12.39 53.24 14.17
N THR D 12 11.91 52.95 12.97
CA THR D 12 12.70 53.13 11.71
C THR D 12 12.42 54.45 11.01
N ALA D 13 11.50 55.29 11.49
CA ALA D 13 11.24 56.59 10.81
C ALA D 13 12.23 57.61 11.37
N ASN D 14 13.37 57.74 10.71
CA ASN D 14 14.50 58.57 11.19
C ASN D 14 15.11 59.39 10.05
N GLN D 15 15.81 60.43 10.45
CA GLN D 15 16.84 61.05 9.58
C GLN D 15 17.89 61.69 10.49
N HIS D 16 18.91 62.27 9.88
CA HIS D 16 20.04 62.90 10.61
C HIS D 16 19.52 63.92 11.63
N SER D 17 18.53 64.75 11.27
CA SER D 17 18.04 65.85 12.15
C SER D 17 17.13 65.37 13.29
N PHE D 18 16.63 64.13 13.28
CA PHE D 18 15.62 63.74 14.29
C PHE D 18 15.47 62.22 14.33
N SER D 19 15.58 61.66 15.54
CA SER D 19 15.51 60.22 15.82
C SER D 19 14.21 59.86 16.51
N ASN D 20 13.56 58.81 16.01
CA ASN D 20 12.49 58.04 16.70
C ASN D 20 12.97 56.63 17.03
N GLY D 21 14.31 56.47 17.17
CA GLY D 21 14.93 55.23 17.61
C GLY D 21 16.22 54.99 16.84
N ASN D 22 16.27 55.50 15.61
CA ASN D 22 17.39 55.22 14.69
C ASN D 22 17.63 53.71 14.65
N CYS D 23 16.56 52.94 14.57
CA CYS D 23 16.55 51.47 14.40
C CYS D 23 16.54 51.19 12.90
N LEU D 24 17.07 50.02 12.52
CA LEU D 24 16.83 49.41 11.21
C LEU D 24 15.84 48.28 11.40
N PRO D 25 15.24 47.84 10.28
CA PRO D 25 14.36 46.69 10.29
C PRO D 25 15.19 45.40 10.25
N TYR D 26 15.75 45.05 11.42
CA TYR D 26 16.71 43.94 11.54
C TYR D 26 15.95 42.60 11.56
N THR D 27 16.16 41.81 10.51
CA THR D 27 15.70 40.40 10.46
C THR D 27 16.88 39.53 10.89
N GLY D 28 16.72 38.70 11.92
CA GLY D 28 17.85 37.90 12.41
C GLY D 28 17.35 36.96 13.49
N VAL D 29 18.16 35.98 13.86
CA VAL D 29 17.95 35.22 15.14
C VAL D 29 18.53 36.10 16.24
N PRO D 30 18.19 35.81 17.52
CA PRO D 30 18.73 36.57 18.65
C PRO D 30 20.25 36.55 18.62
N PHE D 31 20.84 37.72 18.79
CA PHE D 31 22.32 37.94 18.76
C PHE D 31 22.94 37.36 17.48
N GLY D 32 22.20 37.37 16.38
CA GLY D 32 22.68 36.86 15.08
C GLY D 32 23.97 37.51 14.66
N MET D 33 24.84 36.74 13.99
CA MET D 33 26.16 37.25 13.56
C MET D 33 25.97 38.26 12.43
N ASN D 34 24.95 38.06 11.61
CA ASN D 34 24.56 39.05 10.59
C ASN D 34 23.09 39.38 10.85
N PHE D 35 22.68 40.60 10.55
CA PHE D 35 21.24 40.89 10.34
C PHE D 35 21.00 41.12 8.84
N TYR D 36 19.72 41.12 8.47
CA TYR D 36 19.25 41.24 7.06
C TYR D 36 18.13 42.29 7.06
N ALA D 37 18.17 43.19 6.10
CA ALA D 37 17.20 44.29 6.03
C ALA D 37 17.05 44.73 4.60
N PRO D 38 15.85 45.12 4.17
CA PRO D 38 15.72 45.76 2.87
C PRO D 38 16.45 47.11 2.88
N GLN D 39 17.13 47.42 1.77
CA GLN D 39 17.72 48.76 1.52
C GLN D 39 16.81 49.50 0.54
N THR D 40 16.35 50.68 0.93
CA THR D 40 15.43 51.48 0.07
C THR D 40 16.21 52.56 -0.64
N THR D 41 17.39 52.94 -0.17
CA THR D 41 18.12 54.04 -0.86
C THR D 41 19.62 53.99 -0.54
N ASP D 42 20.43 54.39 -1.52
CA ASP D 42 21.89 54.54 -1.35
C ASP D 42 22.26 56.02 -1.41
N GLN D 43 21.29 56.94 -1.24
CA GLN D 43 21.52 58.41 -1.40
C GLN D 43 21.42 59.13 -0.06
N LYS D 44 21.26 58.43 1.06
CA LYS D 44 21.06 59.06 2.40
C LYS D 44 22.08 58.52 3.40
N GLY D 45 23.26 58.10 2.91
CA GLY D 45 24.31 57.60 3.81
C GLY D 45 23.81 56.45 4.67
N SER D 46 24.06 56.51 5.98
CA SER D 46 23.71 55.42 6.92
C SER D 46 22.19 55.22 7.03
N TRP D 47 21.39 56.18 6.61
CA TRP D 47 19.91 56.07 6.65
C TRP D 47 19.45 55.38 5.36
N TRP D 48 19.86 54.13 5.15
CA TRP D 48 19.65 53.42 3.86
C TRP D 48 18.30 52.67 3.84
N PHE D 49 17.53 52.70 4.94
CA PHE D 49 16.13 52.25 4.98
C PHE D 49 15.27 53.36 5.57
N HIS D 50 14.12 53.61 4.95
CA HIS D 50 13.02 54.48 5.46
C HIS D 50 11.70 53.78 5.19
N PRO D 51 10.84 53.61 6.23
CA PRO D 51 9.56 52.89 6.09
C PRO D 51 8.60 53.53 5.08
N GLU D 52 8.79 54.81 4.74
CA GLU D 52 7.88 55.57 3.82
C GLU D 52 8.37 55.41 2.37
N ASP D 53 9.59 54.92 2.18
CA ASP D 53 10.13 54.69 0.81
C ASP D 53 9.37 53.56 0.13
N ARG D 54 9.22 53.68 -1.17
CA ARG D 54 8.54 52.66 -2.00
C ARG D 54 9.55 52.06 -2.99
N THR D 55 10.85 52.21 -2.71
CA THR D 55 11.98 51.73 -3.55
C THR D 55 12.68 50.59 -2.81
N PHE D 56 13.04 49.54 -3.56
CA PHE D 56 13.78 48.37 -3.06
C PHE D 56 15.03 48.19 -3.90
N GLN D 57 16.19 48.31 -3.26
CA GLN D 57 17.52 48.14 -3.89
C GLN D 57 18.05 46.73 -3.69
N GLY D 58 17.59 45.98 -2.66
CA GLY D 58 18.12 44.64 -2.38
C GLY D 58 18.05 44.31 -0.91
N TYR D 59 18.24 43.04 -0.60
CA TYR D 59 18.42 42.55 0.77
C TYR D 59 19.84 42.93 1.17
N ARG D 60 20.00 43.72 2.23
CA ARG D 60 21.32 44.07 2.78
C ARG D 60 21.65 43.12 3.93
N VAL D 61 22.80 42.45 3.80
CA VAL D 61 23.51 41.72 4.88
C VAL D 61 24.29 42.78 5.63
N THR D 62 23.92 43.06 6.89
CA THR D 62 24.41 44.24 7.60
C THR D 62 24.96 43.85 8.98
N HIS D 63 25.88 44.68 9.47
CA HIS D 63 26.37 44.69 10.88
C HIS D 63 26.30 46.12 11.42
N GLN D 64 25.39 46.94 10.91
CA GLN D 64 25.36 48.37 11.25
C GLN D 64 24.56 48.50 12.55
N PRO D 65 25.21 48.95 13.64
CA PRO D 65 24.55 49.02 14.95
C PRO D 65 23.82 50.35 15.16
N SER D 66 24.14 51.36 14.35
CA SER D 66 23.62 52.73 14.48
C SER D 66 24.09 53.52 13.25
N PRO D 67 23.40 54.61 12.86
CA PRO D 67 23.86 55.37 11.69
C PRO D 67 25.13 56.18 11.96
N TRP D 68 25.47 56.32 13.23
CA TRP D 68 26.63 57.11 13.70
C TRP D 68 27.89 56.26 13.51
N MET D 69 27.79 54.95 13.69
CA MET D 69 28.96 54.02 13.60
C MET D 69 29.11 53.58 12.17
N GLY D 70 28.00 53.54 11.40
CA GLY D 70 28.00 52.96 10.05
C GLY D 70 28.10 51.45 10.08
N ASP D 71 28.31 50.84 8.92
CA ASP D 71 28.22 49.40 8.70
C ASP D 71 29.66 48.84 8.64
N PHE D 72 29.76 47.52 8.70
CA PHE D 72 30.97 46.76 8.30
C PHE D 72 30.52 45.45 7.68
N SER D 73 31.34 44.94 6.74
CA SER D 73 31.16 43.61 6.14
C SER D 73 29.70 43.51 5.65
N HIS D 74 29.30 44.44 4.77
CA HIS D 74 27.96 44.44 4.19
C HIS D 74 28.03 44.05 2.71
N LEU D 75 26.91 43.52 2.20
CA LEU D 75 26.70 43.26 0.75
C LEU D 75 25.19 43.18 0.50
N LEU D 76 24.80 43.18 -0.75
CA LEU D 76 23.36 43.10 -1.06
C LEU D 76 23.11 41.94 -2.01
N MET D 77 21.92 41.41 -1.92
CA MET D 77 21.37 40.41 -2.86
C MET D 77 20.09 40.98 -3.45
N THR D 78 20.03 41.12 -4.76
CA THR D 78 18.89 41.76 -5.44
C THR D 78 18.37 40.84 -6.52
N PRO D 79 17.16 40.24 -6.36
CA PRO D 79 16.53 39.49 -7.44
C PRO D 79 16.27 40.41 -8.65
N VAL D 80 16.56 39.90 -9.84
CA VAL D 80 16.34 40.65 -11.10
C VAL D 80 15.80 39.70 -12.16
N SER D 81 14.87 40.16 -12.99
CA SER D 81 14.48 39.44 -14.23
C SER D 81 14.80 40.32 -15.44
N GLY D 82 15.08 39.69 -16.59
CA GLY D 82 15.39 40.41 -17.84
C GLY D 82 16.84 40.88 -17.88
N SER D 83 17.22 41.69 -18.87
CA SER D 83 18.61 42.20 -18.96
C SER D 83 18.68 43.59 -18.34
N LEU D 84 19.86 43.98 -17.89
CA LEU D 84 20.14 45.33 -17.34
C LEU D 84 21.28 45.92 -18.17
N SER D 85 21.17 47.15 -18.67
CA SER D 85 22.27 47.85 -19.38
C SER D 85 23.40 48.15 -18.37
N GLU D 86 23.07 48.45 -17.11
CA GLU D 86 24.08 48.70 -16.05
C GLU D 86 23.60 48.08 -14.73
N LEU D 87 24.53 47.73 -13.86
CA LEU D 87 24.23 46.84 -12.71
C LEU D 87 24.21 47.63 -11.38
N SER D 88 24.31 48.96 -11.42
CA SER D 88 24.26 49.80 -10.20
C SER D 88 22.94 49.55 -9.43
N LEU D 89 22.91 49.87 -8.15
CA LEU D 89 21.70 49.63 -7.33
C LEU D 89 20.56 50.48 -7.88
N PHE D 90 20.87 51.71 -8.28
CA PHE D 90 19.86 52.62 -8.89
C PHE D 90 19.29 51.99 -10.16
N HIS D 91 20.14 51.46 -11.04
CA HIS D 91 19.67 50.91 -12.34
C HIS D 91 18.86 49.65 -12.08
N ALA D 92 19.12 48.93 -10.97
CA ALA D 92 18.42 47.66 -10.67
C ALA D 92 17.19 47.87 -9.74
N GLN D 93 17.01 49.05 -9.16
CA GLN D 93 15.97 49.21 -8.11
C GLN D 93 14.59 49.09 -8.75
N SER D 94 13.69 48.52 -7.97
CA SER D 94 12.27 48.29 -8.30
C SER D 94 11.41 48.99 -7.25
N SER D 95 10.22 49.46 -7.61
CA SER D 95 9.31 49.89 -6.54
C SER D 95 8.77 48.62 -5.85
N TYR D 96 8.22 48.80 -4.68
CA TYR D 96 7.49 47.74 -3.97
C TYR D 96 6.39 48.40 -3.14
N ARG D 97 5.45 47.59 -2.65
CA ARG D 97 4.33 48.11 -1.81
C ARG D 97 4.58 47.73 -0.35
N PRO D 98 5.00 48.68 0.50
CA PRO D 98 5.29 48.33 1.90
C PRO D 98 4.10 47.65 2.57
N GLU D 99 2.88 48.09 2.26
CA GLU D 99 1.66 47.62 2.95
C GLU D 99 1.31 46.18 2.55
N GLU D 100 1.96 45.58 1.53
CA GLU D 100 1.76 44.17 1.13
C GLU D 100 3.00 43.32 1.46
N SER D 101 3.90 43.85 2.26
CA SER D 101 5.20 43.23 2.57
C SER D 101 5.18 42.72 4.04
N LEU D 102 6.04 41.77 4.33
CA LEU D 102 6.24 41.31 5.72
C LEU D 102 7.62 41.73 6.17
N PHE D 103 7.68 42.46 7.28
CA PHE D 103 8.90 42.87 7.98
C PHE D 103 8.85 42.31 9.41
N SER D 104 9.29 41.07 9.62
CA SER D 104 9.28 40.44 10.95
C SER D 104 10.69 40.00 11.30
N PRO D 105 10.98 39.73 12.58
CA PRO D 105 12.32 39.36 12.99
C PRO D 105 12.78 38.07 12.29
N VAL D 106 11.85 37.21 11.90
CA VAL D 106 12.19 35.86 11.37
C VAL D 106 11.97 35.76 9.87
N GLU D 107 11.41 36.79 9.23
CA GLU D 107 11.05 36.70 7.79
C GLU D 107 10.91 38.11 7.19
N ILE D 108 11.47 38.29 6.00
CA ILE D 108 11.13 39.41 5.09
C ILE D 108 10.51 38.80 3.85
N ASN D 109 9.36 39.32 3.43
CA ASN D 109 8.65 38.87 2.21
C ASN D 109 8.18 40.10 1.44
N LEU D 110 8.55 40.24 0.16
CA LEU D 110 8.07 41.41 -0.60
C LEU D 110 8.07 41.09 -2.09
N THR D 111 7.36 41.92 -2.83
CA THR D 111 7.26 41.79 -4.31
C THR D 111 7.90 43.01 -4.95
N GLN D 112 8.85 42.76 -5.84
CA GLN D 112 9.48 43.81 -6.70
C GLN D 112 8.59 43.99 -7.93
N LEU D 113 7.86 45.10 -7.98
CA LEU D 113 6.80 45.35 -8.98
C LEU D 113 7.42 45.45 -10.38
N ARG D 114 8.66 45.88 -10.47
CA ARG D 114 9.33 46.06 -11.79
C ARG D 114 9.49 44.69 -12.47
N TYR D 115 9.79 43.64 -11.68
CA TYR D 115 10.31 42.33 -12.19
C TYR D 115 9.26 41.24 -11.98
N GLN D 116 8.17 41.52 -11.27
CA GLN D 116 7.17 40.50 -10.86
C GLN D 116 7.91 39.35 -10.17
N ILE D 117 8.72 39.68 -9.17
CA ILE D 117 9.42 38.70 -8.32
C ILE D 117 8.87 38.87 -6.91
N THR D 118 8.51 37.76 -6.31
CA THR D 118 8.22 37.70 -4.85
C THR D 118 9.30 36.85 -4.19
N SER D 119 9.89 37.39 -3.14
CA SER D 119 11.06 36.80 -2.46
C SER D 119 10.84 36.80 -0.95
N GLN D 120 11.45 35.82 -0.31
CA GLN D 120 11.33 35.57 1.15
C GLN D 120 12.73 35.30 1.72
N LEU D 121 13.13 36.04 2.73
CA LEU D 121 14.46 35.79 3.38
C LEU D 121 14.17 35.34 4.82
N ILE D 122 14.69 34.18 5.18
CA ILE D 122 14.61 33.59 6.54
C ILE D 122 16.03 33.56 7.09
N PRO D 123 16.32 34.11 8.28
CA PRO D 123 17.67 34.06 8.81
C PRO D 123 18.01 32.85 9.69
N SER D 124 19.31 32.58 9.78
CA SER D 124 19.93 31.73 10.83
C SER D 124 21.05 32.50 11.50
N MET D 125 21.69 31.88 12.49
CA MET D 125 22.82 32.54 13.18
C MET D 125 23.90 32.99 12.18
N TYR D 126 24.34 32.14 11.25
CA TYR D 126 25.48 32.45 10.35
C TYR D 126 25.00 32.66 8.92
N GLY D 127 23.73 32.45 8.64
CA GLY D 127 23.28 32.54 7.24
C GLY D 127 21.79 32.72 7.13
N GLY D 128 21.19 31.99 6.22
CA GLY D 128 19.75 32.10 5.95
C GLY D 128 19.41 31.48 4.64
N ILE D 129 18.16 31.61 4.26
CA ILE D 129 17.63 31.04 3.00
C ILE D 129 16.87 32.15 2.31
N LEU D 130 17.19 32.38 1.05
CA LEU D 130 16.45 33.32 0.21
C LEU D 130 15.71 32.52 -0.86
N THR D 131 14.38 32.58 -0.84
CA THR D 131 13.53 31.91 -1.84
C THR D 131 13.01 32.97 -2.80
N ILE D 132 13.14 32.71 -4.11
CA ILE D 132 12.89 33.74 -5.15
C ILE D 132 11.91 33.17 -6.17
N ASP D 133 10.71 33.72 -6.21
CA ASP D 133 9.62 33.30 -7.13
C ASP D 133 9.56 34.28 -8.30
N TYR D 134 9.91 33.81 -9.48
CA TYR D 134 9.95 34.65 -10.71
C TYR D 134 8.71 34.41 -11.56
N GLN D 135 8.08 35.47 -12.04
CA GLN D 135 6.96 35.33 -13.01
C GLN D 135 7.51 35.42 -14.44
N GLN D 136 8.63 36.11 -14.61
CA GLN D 136 9.17 36.36 -15.97
C GLN D 136 10.19 35.28 -16.32
N LYS D 137 10.81 35.41 -17.48
CA LYS D 137 11.90 34.53 -17.96
C LYS D 137 13.19 35.32 -17.79
N ASP D 138 14.33 34.68 -17.94
CA ASP D 138 15.64 35.33 -17.85
C ASP D 138 15.83 35.83 -16.42
N ASN D 139 16.05 34.91 -15.50
CA ASN D 139 15.96 35.18 -14.05
C ASN D 139 17.38 35.18 -13.47
N HIS D 140 17.64 36.10 -12.55
CA HIS D 140 18.98 36.43 -12.05
C HIS D 140 18.95 36.76 -10.54
N LEU D 141 20.12 36.76 -9.94
CA LEU D 141 20.38 37.36 -8.62
C LEU D 141 21.59 38.28 -8.75
N LEU D 142 21.44 39.54 -8.39
CA LEU D 142 22.53 40.54 -8.43
C LEU D 142 23.20 40.57 -7.05
N LEU D 143 24.49 40.27 -6.98
CA LEU D 143 25.32 40.46 -5.76
C LEU D 143 26.07 41.77 -5.89
N THR D 144 25.83 42.66 -4.94
CA THR D 144 26.55 43.94 -4.83
C THR D 144 27.58 43.76 -3.73
N LEU D 145 28.86 43.90 -4.10
CA LEU D 145 30.07 43.58 -3.31
C LEU D 145 30.86 44.87 -3.04
N PRO D 146 30.51 45.64 -2.00
CA PRO D 146 31.15 46.92 -1.75
C PRO D 146 32.59 46.72 -1.27
N GLY D 147 33.43 47.70 -1.61
CA GLY D 147 34.86 47.73 -1.26
C GLY D 147 35.65 46.72 -2.09
N ARG D 148 36.77 46.25 -1.59
CA ARG D 148 37.57 45.24 -2.30
C ARG D 148 36.89 43.88 -2.17
N TYR D 149 36.76 43.16 -3.28
CA TYR D 149 36.05 41.86 -3.32
C TYR D 149 36.86 40.84 -4.14
N GLN D 150 36.52 39.59 -3.92
CA GLN D 150 36.88 38.42 -4.74
C GLN D 150 35.63 37.59 -4.95
N VAL D 151 35.49 36.98 -6.12
CA VAL D 151 34.35 36.06 -6.36
C VAL D 151 34.88 34.88 -7.15
N LYS D 152 34.39 33.71 -6.84
CA LYS D 152 34.82 32.42 -7.41
C LYS D 152 33.58 31.54 -7.50
N GLN D 153 33.39 30.89 -8.65
CA GLN D 153 32.37 29.82 -8.78
C GLN D 153 33.00 28.49 -8.32
N LEU D 154 32.44 27.85 -7.30
CA LEU D 154 32.96 26.55 -6.80
C LEU D 154 32.42 25.44 -7.69
N ASP D 155 31.15 25.50 -8.07
CA ASP D 155 30.52 24.48 -8.95
C ASP D 155 29.24 25.13 -9.53
N ASP D 156 28.46 24.38 -10.31
CA ASP D 156 27.32 24.99 -11.05
C ASP D 156 26.21 25.42 -10.07
N HIS D 157 26.29 24.99 -8.80
CA HIS D 157 25.31 25.31 -7.71
C HIS D 157 25.91 26.21 -6.63
N GLN D 158 27.15 26.68 -6.74
CA GLN D 158 27.81 27.28 -5.55
C GLN D 158 28.76 28.42 -5.95
N VAL D 159 28.60 29.57 -5.30
CA VAL D 159 29.43 30.80 -5.52
C VAL D 159 29.97 31.23 -4.16
N ALA D 160 31.27 31.54 -4.08
CA ALA D 160 31.93 32.10 -2.89
C ALA D 160 32.34 33.54 -3.18
N VAL D 161 32.08 34.43 -2.24
CA VAL D 161 32.56 35.84 -2.36
C VAL D 161 33.25 36.24 -1.06
N LYS D 162 34.07 37.26 -1.18
CA LYS D 162 34.81 37.82 -0.03
C LYS D 162 34.72 39.32 -0.19
N VAL D 163 34.30 40.04 0.85
CA VAL D 163 34.29 41.52 0.75
C VAL D 163 35.11 42.10 1.88
N ILE D 164 35.78 43.20 1.59
CA ILE D 164 36.49 44.04 2.57
C ILE D 164 35.84 45.42 2.57
N ASN D 165 35.03 45.73 3.58
CA ASN D 165 34.42 47.07 3.68
C ASN D 165 34.11 47.30 5.15
N TYR D 166 34.26 48.53 5.62
CA TYR D 166 34.01 48.87 7.04
C TYR D 166 33.94 50.38 7.16
N SER D 167 33.35 50.88 8.24
CA SER D 167 33.39 52.30 8.59
C SER D 167 34.65 52.61 9.40
N GLY D 168 35.05 51.70 10.29
CA GLY D 168 36.33 51.76 11.01
C GLY D 168 36.81 50.38 11.39
N CYS D 169 38.11 50.13 11.28
CA CYS D 169 38.66 48.80 11.65
C CYS D 169 40.18 48.91 11.87
N GLU D 170 40.70 48.14 12.83
CA GLU D 170 42.16 48.02 13.06
C GLU D 170 42.82 47.22 11.94
N ASP D 171 42.09 46.34 11.28
CA ASP D 171 42.59 45.49 10.18
C ASP D 171 42.16 46.13 8.87
N PRO D 172 43.06 46.83 8.14
CA PRO D 172 42.68 47.44 6.87
C PRO D 172 42.20 46.44 5.80
N ASP D 173 42.40 45.14 5.96
CA ASP D 173 42.05 44.08 4.97
C ASP D 173 40.94 43.20 5.55
N PHE D 174 40.18 43.74 6.51
CA PHE D 174 39.18 42.98 7.30
C PHE D 174 38.18 42.36 6.33
N SER D 175 38.15 41.03 6.31
CA SER D 175 37.48 40.21 5.28
C SER D 175 36.26 39.49 5.87
N PHE D 176 35.20 39.49 5.07
CA PHE D 176 33.94 38.75 5.31
C PHE D 176 33.74 37.81 4.13
N TYR D 177 33.47 36.54 4.44
CA TYR D 177 33.26 35.46 3.46
C TYR D 177 31.77 35.15 3.42
N PHE D 178 31.25 34.95 2.22
CA PHE D 178 29.80 34.73 1.97
C PHE D 178 29.71 33.69 0.88
N VAL D 179 29.04 32.59 1.16
CA VAL D 179 28.89 31.46 0.21
C VAL D 179 27.40 31.18 -0.02
N LEU D 180 27.04 30.99 -1.29
CA LEU D 180 25.66 30.80 -1.75
C LEU D 180 25.61 29.45 -2.45
N HIS D 181 24.67 28.62 -2.03
CA HIS D 181 24.24 27.35 -2.65
C HIS D 181 22.87 27.58 -3.29
N PHE D 182 22.75 27.29 -4.58
CA PHE D 182 21.53 27.43 -5.40
C PHE D 182 20.97 26.03 -5.63
N GLU D 183 19.67 25.82 -5.40
CA GLU D 183 18.99 24.54 -5.74
C GLU D 183 19.03 24.36 -7.27
N GLN D 184 18.75 25.42 -8.00
CA GLN D 184 18.76 25.44 -9.50
C GLN D 184 20.09 26.00 -9.94
N PRO D 185 20.72 25.37 -10.96
CA PRO D 185 22.10 25.64 -11.33
C PRO D 185 22.25 26.98 -12.09
N LEU D 186 23.43 27.58 -11.96
CA LEU D 186 23.91 28.69 -12.80
C LEU D 186 23.90 28.22 -14.26
N THR D 187 23.27 28.98 -15.15
CA THR D 187 23.18 28.70 -16.61
C THR D 187 24.24 29.50 -17.37
N LYS D 188 25.02 30.33 -16.67
CA LYS D 188 26.27 30.93 -17.17
C LYS D 188 27.31 30.76 -16.09
N TRP D 189 28.47 30.23 -16.46
CA TRP D 189 29.58 29.95 -15.51
C TRP D 189 30.59 31.08 -15.65
N PHE D 190 31.45 31.30 -14.67
CA PHE D 190 32.38 32.45 -14.71
C PHE D 190 33.71 32.07 -14.06
N ALA D 191 34.72 32.79 -14.49
CA ALA D 191 36.11 32.74 -14.02
C ALA D 191 36.23 33.59 -12.76
N PRO D 192 37.23 33.33 -11.90
CA PRO D 192 37.47 34.14 -10.72
C PRO D 192 37.79 35.57 -11.12
N SER D 193 37.48 36.49 -10.22
CA SER D 193 37.86 37.91 -10.41
C SER D 193 37.98 38.59 -9.05
N SER D 194 38.61 39.74 -9.06
CA SER D 194 38.67 40.65 -7.89
C SER D 194 38.56 42.09 -8.41
N GLY D 195 38.32 43.03 -7.51
CA GLY D 195 38.15 44.45 -7.85
C GLY D 195 37.66 45.19 -6.64
N GLU D 196 37.10 46.36 -6.89
CA GLU D 196 36.47 47.23 -5.86
C GLU D 196 35.05 47.48 -6.32
N ASP D 197 34.08 47.44 -5.43
CA ASP D 197 32.64 47.75 -5.71
C ASP D 197 32.13 46.87 -6.87
N GLY D 198 32.00 45.59 -6.61
CA GLY D 198 31.64 44.57 -7.58
C GLY D 198 30.14 44.50 -7.75
N LYS D 199 29.71 44.17 -8.95
CA LYS D 199 28.31 43.92 -9.30
C LYS D 199 28.34 42.65 -10.13
N ILE D 200 27.89 41.54 -9.54
CA ILE D 200 27.88 40.18 -10.11
C ILE D 200 26.43 39.76 -10.40
N LEU D 201 26.06 39.68 -11.67
CA LEU D 201 24.73 39.18 -12.08
C LEU D 201 24.82 37.68 -12.34
N LEU D 202 24.23 36.88 -11.48
CA LEU D 202 24.15 35.42 -11.60
C LEU D 202 22.94 35.06 -12.45
N SER D 203 23.05 34.07 -13.33
CA SER D 203 21.96 33.68 -14.26
C SER D 203 21.47 32.26 -13.95
N PHE D 204 20.15 32.08 -13.98
CA PHE D 204 19.48 30.81 -13.66
C PHE D 204 18.54 30.38 -14.78
N GLY D 205 18.42 31.18 -15.84
CA GLY D 205 17.55 30.80 -16.97
C GLY D 205 16.10 31.12 -16.65
N ASN D 206 15.20 30.23 -17.02
CA ASN D 206 13.74 30.49 -17.05
C ASN D 206 13.05 29.75 -15.89
N ILE D 207 13.76 29.48 -14.81
CA ILE D 207 13.20 28.75 -13.63
C ILE D 207 12.12 29.62 -12.97
N ALA D 208 11.10 28.95 -12.39
CA ALA D 208 9.98 29.60 -11.68
C ALA D 208 10.43 29.94 -10.25
N GLN D 209 11.33 29.16 -9.68
CA GLN D 209 11.76 29.40 -8.29
C GLN D 209 13.24 29.07 -8.11
N GLN D 210 13.95 29.96 -7.43
CA GLN D 210 15.33 29.72 -6.93
C GLN D 210 15.25 29.64 -5.41
N VAL D 211 16.02 28.75 -4.83
CA VAL D 211 16.18 28.65 -3.34
C VAL D 211 17.67 28.79 -3.07
N VAL D 212 18.06 29.88 -2.42
CA VAL D 212 19.46 30.23 -2.08
C VAL D 212 19.68 29.89 -0.61
N HIS D 213 20.47 28.87 -0.30
CA HIS D 213 20.99 28.64 1.08
C HIS D 213 22.31 29.38 1.16
N PHE D 214 22.44 30.36 2.05
CA PHE D 214 23.71 31.10 2.19
C PHE D 214 24.20 31.01 3.62
N SER D 215 25.52 31.16 3.75
CA SER D 215 26.19 31.29 5.04
C SER D 215 27.38 32.22 4.90
N SER D 216 28.11 32.41 6.00
CA SER D 216 29.11 33.49 6.11
C SER D 216 30.14 33.14 7.17
N SER D 217 31.21 33.90 7.17
CA SER D 217 32.33 33.70 8.11
C SER D 217 33.17 34.95 8.17
N PHE D 218 33.72 35.22 9.35
CA PHE D 218 34.83 36.17 9.53
C PHE D 218 36.15 35.38 9.62
N ILE D 219 36.11 34.04 9.47
CA ILE D 219 37.33 33.16 9.58
C ILE D 219 37.92 32.91 8.19
N SER D 220 37.17 32.30 7.31
CA SER D 220 37.65 31.85 5.98
C SER D 220 36.48 31.38 5.13
N GLU D 221 36.72 31.23 3.83
CA GLU D 221 35.76 30.59 2.90
C GLU D 221 35.46 29.17 3.40
N LYS D 222 36.47 28.38 3.76
CA LYS D 222 36.27 27.00 4.27
C LYS D 222 35.33 27.02 5.50
N GLN D 223 35.51 27.95 6.41
CA GLN D 223 34.67 28.01 7.63
C GLN D 223 33.24 28.39 7.22
N ALA D 224 33.07 29.30 6.26
CA ALA D 224 31.71 29.65 5.76
C ALA D 224 31.06 28.38 5.20
N GLN D 225 31.83 27.54 4.49
CA GLN D 225 31.31 26.27 3.94
C GLN D 225 30.91 25.32 5.08
N LEU D 226 31.68 25.24 6.15
CA LEU D 226 31.30 24.41 7.31
C LEU D 226 29.98 24.94 7.89
N ASN D 227 29.89 26.27 8.02
CA ASN D 227 28.70 26.96 8.61
C ASN D 227 27.51 26.58 7.75
N LEU D 228 27.68 26.61 6.44
CA LEU D 228 26.56 26.29 5.50
C LEU D 228 26.18 24.80 5.60
N ALA D 229 27.15 23.89 5.67
CA ALA D 229 26.90 22.44 5.59
C ALA D 229 26.09 22.01 6.83
N ARG D 230 26.22 22.72 7.94
CA ARG D 230 25.40 22.41 9.15
C ARG D 230 23.91 22.68 8.94
N GLU D 231 23.49 23.43 7.91
CA GLU D 231 22.03 23.69 7.77
C GLU D 231 21.59 23.60 6.30
N ILE D 232 22.45 23.08 5.41
CA ILE D 232 22.21 22.97 3.94
C ILE D 232 20.92 22.18 3.68
N SER D 233 20.60 21.21 4.56
CA SER D 233 19.45 20.29 4.43
C SER D 233 18.13 20.93 4.86
N LEU D 234 18.15 21.98 5.69
CA LEU D 234 16.89 22.62 6.15
C LEU D 234 16.09 23.16 4.94
N ARG D 235 14.79 22.90 4.93
CA ARG D 235 13.83 23.66 4.11
C ARG D 235 13.66 25.04 4.76
N SER D 236 13.23 26.04 3.99
CA SER D 236 12.88 27.38 4.52
C SER D 236 11.90 27.23 5.70
N THR D 237 10.86 26.43 5.56
CA THR D 237 9.83 26.25 6.63
C THR D 237 10.47 25.75 7.93
N GLU D 238 11.53 24.92 7.88
CA GLU D 238 12.19 24.40 9.09
C GLU D 238 13.14 25.45 9.66
N MET D 239 13.85 26.20 8.82
CA MET D 239 14.67 27.34 9.29
C MET D 239 13.75 28.38 9.96
N LEU D 240 12.60 28.61 9.37
CA LEU D 240 11.64 29.61 9.93
C LEU D 240 11.18 29.10 11.33
N GLN D 241 10.77 27.85 11.43
CA GLN D 241 10.36 27.28 12.74
C GLN D 241 11.47 27.37 13.79
N GLN D 242 12.70 27.01 13.44
CA GLN D 242 13.84 27.14 14.38
C GLN D 242 14.00 28.60 14.81
N GLY D 243 13.91 29.56 13.88
CA GLY D 243 14.12 30.97 14.24
C GLY D 243 13.06 31.44 15.23
N ILE D 244 11.81 31.04 14.98
CA ILE D 244 10.63 31.33 15.84
C ILE D 244 10.90 30.71 17.21
N ALA D 245 11.45 29.51 17.25
CA ALA D 245 11.73 28.83 18.56
C ALA D 245 12.88 29.56 19.27
N ASP D 246 13.86 30.10 18.53
CA ASP D 246 15.00 30.87 19.12
C ASP D 246 14.44 32.13 19.78
N TRP D 247 13.53 32.85 19.11
CA TRP D 247 12.92 34.08 19.68
C TRP D 247 12.03 33.69 20.88
N HIS D 248 11.23 32.61 20.76
CA HIS D 248 10.33 32.18 21.86
C HIS D 248 11.17 31.86 23.10
N ASN D 249 12.34 31.27 22.92
CA ASN D 249 13.25 30.94 24.05
C ASN D 249 13.49 32.19 24.92
N TYR D 250 13.64 33.39 24.34
CA TYR D 250 13.88 34.65 25.09
C TYR D 250 12.53 35.29 25.46
N PHE D 251 11.55 35.32 24.57
CA PHE D 251 10.26 36.01 24.85
C PHE D 251 9.55 35.31 26.01
N ASP D 252 9.61 33.99 26.04
CA ASP D 252 8.94 33.16 27.08
C ASP D 252 9.51 33.51 28.46
N ARG D 253 10.63 34.22 28.56
CA ARG D 253 11.22 34.57 29.88
C ARG D 253 10.50 35.76 30.51
N LEU D 254 9.66 36.45 29.74
CA LEU D 254 8.90 37.61 30.23
C LEU D 254 7.50 37.58 29.64
N LYS D 255 6.57 36.87 30.25
CA LYS D 255 5.16 36.81 29.77
C LYS D 255 4.36 37.85 30.53
N VAL D 256 3.93 38.90 29.84
CA VAL D 256 3.28 40.06 30.52
C VAL D 256 1.91 40.31 29.91
N THR D 257 1.07 40.94 30.72
CA THR D 257 -0.24 41.50 30.29
C THR D 257 -0.38 42.90 30.85
N HIS D 258 -1.27 43.66 30.22
CA HIS D 258 -1.55 45.08 30.52
C HIS D 258 -3.06 45.25 30.46
N GLU D 259 -3.59 46.30 31.08
CA GLU D 259 -5.00 46.66 30.82
C GLU D 259 -5.18 46.97 29.34
N ASN D 260 -4.27 47.76 28.76
CA ASN D 260 -4.31 48.23 27.36
C ASN D 260 -3.39 47.33 26.55
N PRO D 261 -3.93 46.57 25.57
CA PRO D 261 -3.14 45.70 24.73
C PRO D 261 -2.12 46.41 23.82
N GLU D 262 -2.33 47.71 23.58
CA GLU D 262 -1.33 48.55 22.85
C GLU D 262 0.00 48.57 23.62
N HIS D 263 -0.03 48.58 24.96
CA HIS D 263 1.19 48.55 25.80
C HIS D 263 1.89 47.19 25.66
N THR D 264 1.12 46.11 25.58
CA THR D 264 1.68 44.75 25.39
C THR D 264 2.39 44.71 24.03
N LYS D 265 1.80 45.27 22.99
CA LYS D 265 2.45 45.38 21.66
C LYS D 265 3.78 46.16 21.77
N THR D 266 3.78 47.31 22.43
CA THR D 266 5.02 48.09 22.63
C THR D 266 6.06 47.23 23.37
N PHE D 267 5.66 46.57 24.47
CA PHE D 267 6.57 45.76 25.31
C PHE D 267 7.30 44.76 24.40
N TYR D 268 6.60 44.01 23.58
CA TYR D 268 7.22 42.90 22.81
C TYR D 268 8.05 43.47 21.66
N HIS D 269 7.71 44.64 21.12
CA HIS D 269 8.58 45.27 20.09
C HIS D 269 9.87 45.69 20.79
N THR D 270 9.79 46.30 21.98
CA THR D 270 11.03 46.68 22.68
C THR D 270 11.82 45.41 23.03
N LEU D 271 11.15 44.31 23.40
CA LEU D 271 11.83 43.06 23.80
C LEU D 271 12.57 42.45 22.61
N TYR D 272 12.00 42.48 21.41
CA TYR D 272 12.72 42.07 20.18
C TYR D 272 14.09 42.78 20.13
N ARG D 273 14.08 44.10 20.33
CA ARG D 273 15.29 44.95 20.19
C ARG D 273 16.21 44.81 21.41
N THR D 274 15.85 43.97 22.40
CA THR D 274 16.69 43.73 23.61
C THR D 274 17.55 42.48 23.41
N PHE D 275 17.23 41.62 22.46
CA PHE D 275 18.04 40.38 22.22
C PHE D 275 18.69 40.37 20.82
N LEU D 276 19.09 41.51 20.30
CA LEU D 276 19.83 41.64 19.03
C LEU D 276 21.33 41.84 19.34
N PHE D 277 21.65 42.77 20.25
CA PHE D 277 23.01 43.26 20.54
C PHE D 277 23.42 42.85 21.95
N PRO D 278 24.74 42.62 22.18
CA PRO D 278 25.75 42.59 21.12
C PRO D 278 25.63 41.35 20.22
N GLN D 279 26.02 41.50 18.94
CA GLN D 279 25.97 40.42 17.96
C GLN D 279 27.07 39.40 18.26
N THR D 280 26.70 38.15 18.07
CA THR D 280 27.63 37.00 18.10
C THR D 280 28.78 37.32 17.15
N PHE D 281 30.05 37.26 17.60
CA PHE D 281 31.21 37.53 16.73
C PHE D 281 32.24 36.39 16.84
N TYR D 282 31.72 35.16 16.90
CA TYR D 282 32.53 33.93 16.90
C TYR D 282 31.72 32.86 16.19
N GLU D 283 32.44 31.87 15.73
CA GLU D 283 31.94 30.69 15.00
C GLU D 283 32.42 29.40 15.70
N LEU D 284 31.89 28.28 15.23
CA LEU D 284 32.21 26.94 15.78
C LEU D 284 33.07 26.21 14.75
N ASP D 285 34.30 25.87 15.16
CA ASP D 285 35.28 25.18 14.29
C ASP D 285 34.85 23.72 14.12
N GLU D 286 35.71 22.96 13.43
CA GLU D 286 35.49 21.55 13.06
C GLU D 286 35.22 20.70 14.30
N ASN D 287 35.67 21.11 15.48
CA ASN D 287 35.45 20.37 16.76
C ASN D 287 34.37 21.05 17.59
N GLN D 288 33.51 21.88 16.98
CA GLN D 288 32.42 22.58 17.68
C GLN D 288 32.98 23.53 18.74
N GLN D 289 34.19 24.06 18.59
CA GLN D 289 34.79 24.98 19.60
C GLN D 289 34.73 26.40 19.05
N PRO D 290 34.51 27.39 19.92
CA PRO D 290 34.49 28.79 19.50
C PRO D 290 35.83 29.25 18.94
N ILE D 291 35.72 29.95 17.82
CA ILE D 291 36.83 30.60 17.11
C ILE D 291 36.33 31.97 16.65
N HIS D 292 37.21 32.96 16.65
CA HIS D 292 36.88 34.31 16.18
C HIS D 292 38.05 34.91 15.44
N TYR D 293 37.79 36.02 14.78
CA TYR D 293 38.86 36.83 14.16
C TYR D 293 39.30 37.92 15.12
N ASP D 294 40.62 38.06 15.30
CA ASP D 294 41.28 39.12 16.09
C ASP D 294 41.84 40.17 15.13
N THR D 295 41.17 41.32 15.02
CA THR D 295 41.55 42.39 14.04
C THR D 295 42.88 43.05 14.41
N PHE D 296 43.25 43.04 15.70
CA PHE D 296 44.43 43.76 16.22
C PHE D 296 45.72 43.11 15.66
N SER D 297 45.81 41.80 15.75
CA SER D 297 46.99 41.04 15.24
C SER D 297 46.70 40.42 13.87
N GLN D 298 45.48 40.56 13.34
CA GLN D 298 45.05 39.94 12.06
C GLN D 298 45.22 38.42 12.11
N THR D 299 44.69 37.80 13.15
CA THR D 299 44.76 36.34 13.34
C THR D 299 43.40 35.73 13.70
N VAL D 300 43.31 34.41 13.55
CA VAL D 300 42.17 33.58 14.02
C VAL D 300 42.58 33.00 15.37
N ARG D 301 41.77 33.25 16.39
CA ARG D 301 42.04 32.72 17.75
C ARG D 301 40.86 31.95 18.28
N PRO D 302 41.12 30.94 19.17
CA PRO D 302 40.03 30.27 19.86
C PRO D 302 39.34 31.25 20.81
N GLY D 303 38.06 30.95 21.08
CA GLY D 303 37.29 31.64 22.12
C GLY D 303 36.11 32.42 21.54
N VAL D 304 35.21 32.80 22.44
CA VAL D 304 34.03 33.65 22.10
C VAL D 304 34.48 35.11 21.96
N LEU D 305 33.71 35.84 21.17
CA LEU D 305 33.82 37.29 20.99
C LEU D 305 32.41 37.80 20.60
N TYR D 306 32.08 39.00 21.05
CA TYR D 306 30.83 39.72 20.74
C TYR D 306 31.21 41.06 20.13
N THR D 307 30.33 41.65 19.32
CA THR D 307 30.60 42.98 18.71
C THR D 307 29.31 43.83 18.73
N ASN D 308 29.42 45.05 18.25
CA ASN D 308 28.29 46.01 18.13
C ASN D 308 27.73 46.36 19.51
N ASN D 309 28.52 47.08 20.31
CA ASN D 309 28.11 47.59 21.64
C ASN D 309 28.91 48.84 21.99
N GLY D 310 28.20 49.88 22.44
CA GLY D 310 28.80 51.05 23.09
C GLY D 310 28.42 51.03 24.55
N PHE D 311 29.33 50.65 25.43
CA PHE D 311 29.00 50.35 26.85
C PHE D 311 28.49 51.62 27.55
N TRP D 312 28.81 52.82 27.04
CA TRP D 312 28.30 54.11 27.55
C TRP D 312 26.76 54.07 27.54
N ASP D 313 26.20 53.40 26.53
CA ASP D 313 24.74 53.19 26.36
C ASP D 313 24.29 51.95 27.15
N THR D 314 24.91 50.79 26.89
CA THR D 314 24.33 49.46 27.20
C THR D 314 24.47 49.09 28.68
N TYR D 315 25.46 49.66 29.38
CA TYR D 315 25.75 49.29 30.79
C TYR D 315 24.51 49.68 31.61
N LYS D 316 23.78 50.69 31.14
CA LYS D 316 22.69 51.35 31.93
C LYS D 316 21.58 50.36 32.24
N THR D 317 21.27 49.48 31.28
CA THR D 317 20.04 48.66 31.30
C THR D 317 20.24 47.26 30.76
N VAL D 318 20.96 47.05 29.67
CA VAL D 318 20.99 45.73 28.98
C VAL D 318 21.58 44.68 29.91
N TYR D 319 22.81 44.91 30.38
CA TYR D 319 23.53 43.92 31.23
C TYR D 319 22.76 43.68 32.53
N PRO D 320 22.23 44.70 33.22
CA PRO D 320 21.41 44.42 34.40
C PRO D 320 20.17 43.56 34.11
N LEU D 321 19.53 43.76 32.96
CA LEU D 321 18.41 42.87 32.58
C LEU D 321 18.91 41.45 32.34
N PHE D 322 20.02 41.28 31.63
CA PHE D 322 20.63 39.94 31.40
C PHE D 322 20.98 39.30 32.76
N SER D 323 21.35 40.07 33.79
CA SER D 323 21.69 39.53 35.14
C SER D 323 20.51 38.78 35.73
N LEU D 324 19.27 39.13 35.34
CA LEU D 324 18.06 38.48 35.88
C LEU D 324 17.65 37.30 34.99
N ILE D 325 17.60 37.47 33.66
CA ILE D 325 16.87 36.53 32.78
C ILE D 325 17.75 35.96 31.65
N ALA D 326 19.03 36.36 31.49
CA ALA D 326 19.89 35.80 30.42
C ALA D 326 21.32 35.68 30.95
N GLN D 327 21.53 35.08 32.11
CA GLN D 327 22.86 35.07 32.75
C GLN D 327 23.79 34.27 31.84
N GLU D 328 23.27 33.30 31.09
CA GLU D 328 24.09 32.41 30.23
C GLU D 328 24.73 33.27 29.12
N LYS D 329 23.98 34.23 28.61
CA LYS D 329 24.49 35.16 27.57
C LYS D 329 25.50 36.12 28.21
N TYR D 330 25.17 36.70 29.37
CA TYR D 330 26.03 37.67 30.08
C TYR D 330 27.39 37.02 30.33
N GLU D 331 27.35 35.77 30.78
CA GLU D 331 28.55 34.93 31.07
C GLU D 331 29.46 34.86 29.83
N GLU D 332 28.89 34.54 28.68
CA GLU D 332 29.62 34.32 27.40
C GLU D 332 30.13 35.68 26.94
N MET D 333 29.32 36.72 27.10
CA MET D 333 29.69 38.10 26.65
C MET D 333 30.87 38.64 27.47
N LEU D 334 30.91 38.38 28.80
CA LEU D 334 31.99 38.88 29.68
C LEU D 334 33.31 38.22 29.22
N GLU D 335 33.24 36.94 28.93
CA GLU D 335 34.37 36.13 28.41
C GLU D 335 34.87 36.77 27.09
N GLY D 336 33.97 37.10 26.16
CA GLY D 336 34.33 37.82 24.90
C GLY D 336 35.01 39.15 25.18
N PHE D 337 34.50 39.96 26.11
CA PHE D 337 35.06 41.31 26.44
C PHE D 337 36.46 41.18 27.08
N LEU D 338 36.69 40.14 27.86
CA LEU D 338 38.06 39.81 28.39
C LEU D 338 38.96 39.40 27.21
N ASN D 339 38.44 38.61 26.26
CA ASN D 339 39.25 38.30 25.04
C ASN D 339 39.57 39.61 24.31
N SER D 340 38.66 40.58 24.19
CA SER D 340 38.96 41.87 23.53
C SER D 340 40.12 42.55 24.27
N TYR D 341 40.10 42.56 25.61
CA TYR D 341 41.20 43.14 26.42
C TYR D 341 42.51 42.40 26.13
N ASN D 342 42.49 41.07 26.15
CA ASN D 342 43.70 40.22 25.96
C ASN D 342 44.30 40.52 24.58
N GLU D 343 43.46 40.80 23.56
CA GLU D 343 43.93 40.93 22.16
C GLU D 343 44.40 42.36 21.89
N THR D 344 43.96 43.37 22.66
CA THR D 344 44.22 44.79 22.30
C THR D 344 44.99 45.55 23.38
N GLY D 345 44.94 45.10 24.63
CA GLY D 345 45.60 45.75 25.77
C GLY D 345 44.63 46.59 26.59
N PHE D 346 43.38 46.78 26.14
CA PHE D 346 42.45 47.72 26.83
C PHE D 346 41.03 47.17 26.72
N LEU D 347 40.27 47.35 27.80
CA LEU D 347 38.85 46.92 27.84
C LEU D 347 38.11 47.75 26.80
N PRO D 348 37.12 47.13 26.15
CA PRO D 348 36.42 47.75 25.02
C PRO D 348 35.52 48.94 25.42
N LYS D 349 35.45 49.94 24.55
CA LYS D 349 34.55 51.11 24.70
C LYS D 349 33.37 51.04 23.71
N TRP D 350 33.66 50.95 22.42
CA TRP D 350 32.67 50.85 21.32
C TRP D 350 33.22 49.90 20.25
N LEU D 351 32.71 48.68 20.24
CA LEU D 351 33.09 47.57 19.35
C LEU D 351 32.21 47.61 18.09
N SER D 352 32.79 47.79 16.91
CA SER D 352 32.03 47.73 15.65
C SER D 352 32.98 47.78 14.46
N PRO D 353 33.66 46.67 14.07
CA PRO D 353 33.57 45.38 14.78
C PRO D 353 34.49 45.26 16.00
N ASP D 354 35.50 46.11 16.00
CA ASP D 354 36.60 46.21 17.00
C ASP D 354 36.59 47.61 17.59
N GLU D 355 37.63 47.99 18.32
CA GLU D 355 37.56 49.24 19.11
C GLU D 355 37.47 50.46 18.17
N ARG D 356 36.39 51.24 18.29
CA ARG D 356 36.14 52.49 17.52
C ARG D 356 36.38 53.72 18.40
N GLY D 357 36.42 53.59 19.74
CA GLY D 357 36.93 54.64 20.67
C GLY D 357 36.02 55.85 20.84
N LEU D 358 34.69 55.66 20.71
CA LEU D 358 33.66 56.74 20.65
C LEU D 358 32.89 56.81 21.99
N MET D 359 32.41 58.02 22.37
CA MET D 359 31.66 58.37 23.61
C MET D 359 32.59 58.40 24.82
N PRO D 360 32.39 59.33 25.81
CA PRO D 360 33.17 59.34 27.05
C PRO D 360 33.18 58.04 27.88
N GLY D 361 34.25 57.84 28.66
CA GLY D 361 34.34 56.85 29.76
C GLY D 361 34.44 55.40 29.31
N THR D 362 35.14 54.60 30.13
CA THR D 362 35.19 53.12 30.11
C THR D 362 34.10 52.53 31.03
N LEU D 363 32.84 52.60 30.61
CA LEU D 363 31.67 52.15 31.40
C LEU D 363 31.58 50.62 31.39
N ILE D 364 32.37 49.91 30.56
CA ILE D 364 32.51 48.43 30.65
C ILE D 364 32.84 48.06 32.11
N ASP D 365 33.47 48.97 32.85
CA ASP D 365 33.79 48.77 34.29
C ASP D 365 32.49 48.45 35.05
N ALA D 366 31.37 49.09 34.69
CA ALA D 366 30.08 48.87 35.39
C ALA D 366 29.53 47.50 34.99
N VAL D 367 29.72 47.08 33.74
CA VAL D 367 29.26 45.74 33.28
C VAL D 367 29.97 44.65 34.10
N ILE D 368 31.27 44.87 34.33
CA ILE D 368 32.13 43.92 35.07
C ILE D 368 31.72 43.97 36.56
N ALA D 369 31.66 45.18 37.14
CA ALA D 369 31.37 45.32 38.59
C ALA D 369 29.97 44.80 38.92
N ASP D 370 28.99 45.04 38.05
CA ASP D 370 27.61 44.55 38.29
C ASP D 370 27.65 43.02 38.27
N ALA D 371 28.39 42.40 37.34
CA ALA D 371 28.54 40.93 37.32
C ALA D 371 29.19 40.44 38.63
N ALA D 372 30.22 41.13 39.13
CA ALA D 372 31.00 40.70 40.31
C ALA D 372 30.11 40.66 41.54
N VAL D 373 29.33 41.72 41.79
CA VAL D 373 28.47 41.80 43.00
C VAL D 373 27.28 40.84 42.87
N LYS D 374 26.93 40.40 41.67
CA LYS D 374 25.82 39.44 41.40
C LYS D 374 26.39 38.02 41.23
N LYS D 375 27.68 37.87 41.49
CA LYS D 375 28.36 36.55 41.42
C LYS D 375 28.22 35.94 40.01
N ILE D 376 28.38 36.76 38.97
CA ILE D 376 28.42 36.28 37.56
C ILE D 376 29.88 36.30 37.11
N ARG D 377 30.35 35.16 36.63
CA ARG D 377 31.75 34.92 36.21
C ARG D 377 32.71 35.35 37.31
N PRO D 378 32.58 34.87 38.57
CA PRO D 378 33.57 35.21 39.59
C PRO D 378 34.98 34.73 39.19
N ASP D 379 35.05 33.68 38.39
CA ASP D 379 36.30 33.08 37.86
C ASP D 379 37.10 34.08 37.01
N LEU D 380 36.45 35.07 36.39
CA LEU D 380 37.14 36.03 35.51
C LEU D 380 37.53 37.30 36.26
N MET D 381 37.03 37.51 37.48
CA MET D 381 37.12 38.82 38.15
C MET D 381 38.59 39.17 38.49
N PRO D 382 39.47 38.21 38.88
CA PRO D 382 40.89 38.56 39.06
C PRO D 382 41.51 39.23 37.83
N GLN D 383 41.32 38.59 36.68
CA GLN D 383 41.76 39.07 35.34
C GLN D 383 41.12 40.43 35.02
N PHE D 384 39.81 40.59 35.21
CA PHE D 384 39.12 41.89 34.99
C PHE D 384 39.69 42.99 35.89
N LEU D 385 39.96 42.70 37.17
CA LEU D 385 40.50 43.74 38.07
C LEU D 385 41.81 44.30 37.47
N GLU D 386 42.72 43.43 37.02
CA GLU D 386 44.03 43.84 36.45
C GLU D 386 43.74 44.69 35.21
N ALA D 387 42.78 44.26 34.36
CA ALA D 387 42.38 44.96 33.12
C ALA D 387 41.87 46.36 33.47
N MET D 388 41.05 46.48 34.52
CA MET D 388 40.44 47.78 34.93
C MET D 388 41.52 48.70 35.51
N LYS D 389 42.42 48.16 36.34
CA LYS D 389 43.51 48.96 36.96
C LYS D 389 44.42 49.53 35.86
N LYS D 390 44.76 48.70 34.87
CA LYS D 390 45.61 49.13 33.73
C LYS D 390 44.96 50.32 33.02
N GLY D 391 43.65 50.23 32.73
CA GLY D 391 42.87 51.30 32.07
C GLY D 391 42.82 52.55 32.90
N ALA D 392 42.80 52.42 34.23
CA ALA D 392 42.71 53.53 35.20
C ALA D 392 44.08 54.22 35.40
N THR D 393 45.21 53.54 35.14
CA THR D 393 46.56 53.99 35.58
C THR D 393 47.49 54.37 34.40
N GLN D 394 47.14 54.00 33.16
CA GLN D 394 48.05 54.09 31.98
C GLN D 394 47.34 54.69 30.77
N GLN D 395 47.84 55.82 30.28
CA GLN D 395 47.45 56.43 28.97
C GLN D 395 47.79 55.43 27.86
N SER D 396 46.81 55.10 27.01
CA SER D 396 47.02 54.38 25.73
C SER D 396 47.73 55.34 24.76
N GLU D 397 48.70 54.84 23.97
CA GLU D 397 49.40 55.61 22.90
C GLU D 397 48.41 55.91 21.76
N ARG D 398 47.46 54.99 21.51
CA ARG D 398 46.28 55.15 20.60
C ARG D 398 45.14 55.81 21.38
N GLU D 399 44.35 56.68 20.75
CA GLU D 399 43.46 57.65 21.46
C GLU D 399 42.03 57.11 21.61
N ASN D 400 41.73 55.93 21.05
CA ASN D 400 40.41 55.24 21.14
C ASN D 400 40.31 54.45 22.46
N TYR D 401 41.35 53.68 22.77
CA TYR D 401 41.39 52.67 23.88
C TYR D 401 41.36 53.38 25.24
N GLY D 402 40.91 52.67 26.29
CA GLY D 402 41.05 53.09 27.70
C GLY D 402 40.40 54.44 27.96
N ARG D 403 40.87 55.14 29.00
CA ARG D 403 40.47 56.52 29.39
C ARG D 403 41.11 57.54 28.40
N GLN D 404 40.65 58.80 28.40
CA GLN D 404 41.24 59.94 27.63
C GLN D 404 41.58 61.10 28.59
N GLY D 405 42.88 61.33 28.85
CA GLY D 405 43.39 62.25 29.89
C GLY D 405 43.47 61.58 31.25
N THR D 406 43.76 60.27 31.27
CA THR D 406 44.00 59.43 32.48
C THR D 406 44.95 60.13 33.44
N LEU D 407 46.17 60.41 32.98
CA LEU D 407 47.25 60.97 33.83
C LEU D 407 46.75 62.28 34.45
N ASP D 408 46.11 63.16 33.68
CA ASP D 408 45.67 64.48 34.22
C ASP D 408 44.60 64.27 35.29
N TYR D 409 43.74 63.24 35.15
CA TYR D 409 42.70 62.90 36.15
C TYR D 409 43.37 62.54 37.50
N LEU D 410 44.41 61.70 37.45
CA LEU D 410 45.20 61.27 38.64
C LEU D 410 45.91 62.47 39.25
N LYS D 411 46.53 63.30 38.41
CA LYS D 411 47.29 64.51 38.83
C LYS D 411 46.38 65.48 39.60
N TYR D 412 45.16 65.71 39.12
CA TYR D 412 44.31 66.83 39.61
C TYR D 412 43.10 66.35 40.40
N GLY D 413 42.68 65.08 40.25
CA GLY D 413 41.41 64.54 40.77
C GLY D 413 40.23 64.82 39.83
N TYR D 414 40.51 65.34 38.64
CA TYR D 414 39.47 65.71 37.63
C TYR D 414 40.17 65.88 36.30
N VAL D 415 39.43 65.70 35.21
CA VAL D 415 39.89 66.09 33.86
C VAL D 415 39.71 67.59 33.75
N PRO D 416 40.81 68.34 33.56
CA PRO D 416 40.73 69.80 33.49
C PRO D 416 39.97 70.26 32.24
N SER D 417 39.52 71.52 32.28
CA SER D 417 38.63 72.18 31.28
C SER D 417 39.31 72.32 29.91
N THR D 418 40.62 72.08 29.80
CA THR D 418 41.36 72.10 28.51
C THR D 418 40.93 70.90 27.66
N TYR D 419 40.38 69.85 28.26
CA TYR D 419 39.85 68.66 27.55
C TYR D 419 38.39 68.90 27.17
N HIS D 420 38.02 68.36 26.02
CA HIS D 420 36.63 68.30 25.51
C HIS D 420 35.83 67.41 26.46
N GLU D 421 34.64 67.83 26.87
CA GLU D 421 33.68 66.97 27.61
C GLU D 421 34.29 66.56 28.94
N SER D 422 35.08 67.46 29.54
CA SER D 422 35.81 67.21 30.81
C SER D 422 34.84 66.85 31.93
N VAL D 423 33.63 67.43 31.94
CA VAL D 423 32.69 67.14 33.05
C VAL D 423 32.28 65.68 32.95
N ASN D 424 31.81 65.23 31.79
CA ASN D 424 31.41 63.82 31.59
C ASN D 424 32.59 62.88 31.89
N HIS D 425 33.79 63.16 31.35
CA HIS D 425 34.94 62.25 31.55
C HIS D 425 35.21 62.09 33.06
N THR D 426 35.23 63.21 33.80
CA THR D 426 35.51 63.21 35.26
C THR D 426 34.48 62.31 35.97
N LEU D 427 33.18 62.56 35.74
CA LEU D 427 32.15 61.78 36.46
C LEU D 427 32.15 60.32 36.02
N ASP D 428 32.35 60.03 34.74
CA ASP D 428 32.44 58.62 34.29
C ASP D 428 33.66 57.97 34.99
N TYR D 429 34.79 58.67 35.09
CA TYR D 429 36.02 58.10 35.70
C TYR D 429 35.72 57.83 37.17
N ALA D 430 35.09 58.79 37.88
CA ALA D 430 34.74 58.64 39.32
C ALA D 430 33.81 57.45 39.51
N TYR D 431 32.78 57.30 38.67
CA TYR D 431 31.89 56.12 38.74
C TYR D 431 32.69 54.85 38.40
N SER D 432 33.55 54.89 37.39
CA SER D 432 34.39 53.70 37.06
C SER D 432 35.23 53.29 38.28
N ASP D 433 35.76 54.28 39.01
CA ASP D 433 36.57 54.07 40.25
C ASP D 433 35.73 53.26 41.25
N PHE D 434 34.45 53.63 41.41
CA PHE D 434 33.52 52.88 42.30
C PHE D 434 33.42 51.42 41.81
N CYS D 435 33.27 51.19 40.50
CA CYS D 435 33.08 49.83 39.93
C CYS D 435 34.36 48.99 40.22
N ILE D 436 35.52 49.61 40.10
CA ILE D 436 36.84 48.92 40.33
C ILE D 436 36.91 48.52 41.82
N SER D 437 36.51 49.43 42.68
CA SER D 437 36.45 49.25 44.15
C SER D 437 35.55 48.07 44.50
N GLN D 438 34.35 47.98 43.91
CA GLN D 438 33.44 46.84 44.10
C GLN D 438 34.10 45.53 43.67
N VAL D 439 34.74 45.48 42.51
CA VAL D 439 35.34 44.21 42.04
C VAL D 439 36.43 43.83 43.07
N ALA D 440 37.26 44.80 43.45
CA ALA D 440 38.35 44.64 44.44
C ALA D 440 37.76 44.05 45.74
N LYS D 441 36.62 44.60 46.20
CA LYS D 441 35.98 44.18 47.46
C LYS D 441 35.48 42.74 47.34
N THR D 442 34.95 42.32 46.18
CA THR D 442 34.50 40.91 46.00
C THR D 442 35.72 39.97 46.02
N LEU D 443 36.93 40.46 45.73
CA LEU D 443 38.18 39.64 45.75
C LEU D 443 38.96 39.80 47.06
N ASN D 444 38.46 40.60 48.01
CA ASN D 444 39.13 40.93 49.30
C ASN D 444 40.49 41.58 49.04
N ASP D 445 40.59 42.42 48.00
CA ASP D 445 41.78 43.29 47.75
C ASP D 445 41.49 44.61 48.46
N SER D 446 41.79 44.70 49.76
CA SER D 446 41.39 45.80 50.66
C SER D 446 42.06 47.11 50.23
N GLU D 447 43.33 47.07 49.84
CA GLU D 447 44.10 48.31 49.51
C GLU D 447 43.48 48.91 48.24
N THR D 448 43.32 48.10 47.19
CA THR D 448 42.74 48.54 45.89
C THR D 448 41.33 49.10 46.17
N ALA D 449 40.53 48.42 47.02
CA ALA D 449 39.12 48.78 47.27
C ALA D 449 39.06 50.13 47.97
N THR D 450 39.91 50.35 48.97
CA THR D 450 40.04 51.64 49.71
C THR D 450 40.48 52.76 48.76
N PHE D 451 41.47 52.50 47.91
CA PHE D 451 42.04 53.54 46.99
C PHE D 451 40.93 53.96 45.99
N TYR D 452 40.31 52.99 45.32
CA TYR D 452 39.29 53.26 44.27
C TYR D 452 37.99 53.82 44.88
N ARG D 453 37.60 53.45 46.11
CA ARG D 453 36.46 54.06 46.85
C ARG D 453 36.68 55.56 47.06
N GLN D 454 37.91 55.96 47.41
CA GLN D 454 38.26 57.37 47.66
C GLN D 454 38.23 58.12 46.33
N GLN D 455 38.78 57.53 45.28
CA GLN D 455 38.79 58.15 43.91
C GLN D 455 37.35 58.36 43.43
N ALA D 456 36.44 57.45 43.77
CA ALA D 456 35.01 57.53 43.37
C ALA D 456 34.38 58.81 43.91
N LEU D 457 35.01 59.52 44.86
CA LEU D 457 34.46 60.76 45.43
C LEU D 457 34.92 62.00 44.64
N ASN D 458 35.63 61.81 43.51
CA ASN D 458 36.19 62.91 42.66
C ASN D 458 35.10 63.71 41.94
N TYR D 459 33.86 63.19 41.87
CA TYR D 459 32.70 64.01 41.43
C TYR D 459 32.66 65.32 42.21
N GLN D 460 33.07 65.34 43.49
CA GLN D 460 32.98 66.56 44.33
C GLN D 460 33.81 67.71 43.72
N GLN D 461 34.84 67.38 42.96
CA GLN D 461 35.79 68.38 42.39
C GLN D 461 35.05 69.33 41.45
N LEU D 462 34.01 68.87 40.74
CA LEU D 462 33.42 69.71 39.66
C LEU D 462 32.06 70.28 40.11
N PHE D 463 31.69 70.07 41.36
CA PHE D 463 30.44 70.66 41.91
C PHE D 463 30.74 72.12 42.30
N ASN D 464 30.03 73.06 41.71
CA ASN D 464 30.17 74.50 42.02
C ASN D 464 29.00 74.90 42.92
N PRO D 465 29.24 75.15 44.22
CA PRO D 465 28.14 75.49 45.14
C PRO D 465 27.43 76.82 44.78
N GLU D 466 28.04 77.68 43.96
CA GLU D 466 27.43 78.97 43.51
C GLU D 466 26.27 78.72 42.54
N THR D 467 26.28 77.64 41.76
CA THR D 467 25.25 77.36 40.73
C THR D 467 24.47 76.08 41.01
N GLY D 468 25.00 75.16 41.84
CA GLY D 468 24.40 73.84 42.08
C GLY D 468 24.49 72.92 40.87
N PHE D 469 25.48 73.14 39.99
CA PHE D 469 25.76 72.28 38.83
C PHE D 469 27.22 71.79 38.86
N MET D 470 27.46 70.77 38.06
CA MET D 470 28.82 70.29 37.67
C MET D 470 29.31 71.15 36.50
N GLN D 471 30.49 71.74 36.67
CA GLN D 471 31.12 72.67 35.69
C GLN D 471 32.60 72.30 35.46
N ALA D 472 33.12 72.65 34.30
CA ALA D 472 34.53 72.40 33.92
C ALA D 472 35.41 73.29 34.80
N LYS D 473 36.59 72.80 35.16
CA LYS D 473 37.54 73.47 36.09
C LYS D 473 38.90 73.46 35.40
N ASP D 474 39.62 74.58 35.43
CA ASP D 474 40.99 74.61 34.83
C ASP D 474 42.00 74.03 35.84
N THR D 475 43.28 73.99 35.48
CA THR D 475 44.35 73.29 36.25
C THR D 475 44.62 74.03 37.57
N GLU D 476 44.28 75.32 37.66
CA GLU D 476 44.45 76.16 38.88
C GLU D 476 43.18 76.21 39.74
N GLY D 477 42.12 75.45 39.39
CA GLY D 477 40.95 75.23 40.25
C GLY D 477 39.81 76.20 40.04
N ASN D 478 39.77 76.92 38.92
CA ASN D 478 38.72 77.95 38.63
C ASN D 478 37.70 77.38 37.66
N PHE D 479 36.42 77.64 37.91
CA PHE D 479 35.32 77.19 37.03
C PHE D 479 35.29 78.11 35.81
N ARG D 480 34.99 77.57 34.63
CA ARG D 480 34.84 78.42 33.42
C ARG D 480 33.87 79.54 33.81
N PRO D 481 34.14 80.82 33.47
CA PRO D 481 33.15 81.89 33.67
C PRO D 481 32.10 81.87 32.54
N ASP D 482 31.07 82.71 32.61
CA ASP D 482 30.02 82.79 31.54
C ASP D 482 29.28 81.44 31.45
N PHE D 483 29.03 80.81 32.58
CA PHE D 483 28.18 79.60 32.70
C PHE D 483 26.73 79.94 32.37
N LEU D 484 26.11 79.06 31.58
CA LEU D 484 24.64 79.05 31.31
C LEU D 484 24.13 77.61 31.45
N ASP D 485 23.21 77.41 32.37
CA ASP D 485 22.70 76.06 32.76
C ASP D 485 22.24 75.26 31.51
N ILE D 486 21.75 75.92 30.44
CA ILE D 486 21.03 75.24 29.30
C ILE D 486 21.94 75.20 28.08
N ARG D 487 23.20 75.58 28.20
CA ARG D 487 24.16 75.56 27.08
C ARG D 487 24.72 74.14 26.95
N TRP D 488 24.62 73.61 25.74
CA TRP D 488 25.04 72.25 25.34
C TRP D 488 26.48 72.23 24.83
N GLY D 489 27.11 71.06 24.94
CA GLY D 489 28.42 70.72 24.33
C GLY D 489 29.57 71.32 25.09
N LYS D 490 30.75 71.36 24.48
CA LYS D 490 32.01 71.88 25.07
C LYS D 490 32.37 71.03 26.31
N ASP D 491 31.81 71.33 27.48
CA ASP D 491 32.15 70.69 28.78
C ASP D 491 31.32 69.41 28.98
N TYR D 492 30.22 69.25 28.24
CA TYR D 492 29.17 68.20 28.44
C TYR D 492 28.91 67.46 27.13
N ALA D 493 28.69 66.15 27.19
CA ALA D 493 28.43 65.33 25.98
C ALA D 493 26.91 65.26 25.73
N GLN D 494 26.47 65.83 24.61
CA GLN D 494 25.08 65.73 24.10
C GLN D 494 24.11 66.10 25.24
N GLY D 495 24.41 67.19 25.93
CA GLY D 495 23.51 67.77 26.95
C GLY D 495 24.06 69.09 27.48
N SER D 496 23.26 69.77 28.29
CA SER D 496 23.68 70.94 29.10
C SER D 496 24.09 70.43 30.49
N ALA D 497 24.38 71.38 31.38
CA ALA D 497 24.59 71.07 32.82
C ALA D 497 23.43 70.23 33.36
N TRP D 498 22.21 70.49 32.89
CA TRP D 498 21.00 69.85 33.45
C TRP D 498 21.02 68.35 33.18
N GLN D 499 21.58 67.93 32.04
CA GLN D 499 21.61 66.50 31.61
C GLN D 499 22.91 65.85 32.11
N SER D 500 23.77 66.58 32.82
CA SER D 500 25.18 66.12 33.05
C SER D 500 25.55 66.09 34.54
N SER D 501 24.81 66.79 35.39
CA SER D 501 25.23 67.15 36.75
C SER D 501 24.81 66.07 37.75
N PHE D 502 24.17 64.99 37.31
CA PHE D 502 23.59 63.95 38.23
C PHE D 502 24.11 62.56 37.90
N ALA D 503 25.26 62.49 37.22
CA ALA D 503 25.93 61.20 36.90
C ALA D 503 26.79 60.78 38.10
N VAL D 504 26.13 60.53 39.24
CA VAL D 504 26.83 60.13 40.48
C VAL D 504 26.13 58.91 41.09
N TYR D 505 26.03 57.85 40.31
CA TYR D 505 25.30 56.59 40.66
C TYR D 505 25.90 55.98 41.92
N GLN D 506 27.21 56.18 42.11
CA GLN D 506 27.98 55.60 43.23
C GLN D 506 27.66 56.29 44.55
N ASP D 507 27.15 57.52 44.55
CA ASP D 507 27.04 58.29 45.82
C ASP D 507 26.04 59.43 45.79
N PHE D 508 24.76 59.16 45.46
CA PHE D 508 23.73 60.25 45.46
C PHE D 508 23.58 60.89 46.83
N ALA D 509 23.66 60.13 47.93
CA ALA D 509 23.59 60.74 49.28
C ALA D 509 24.68 61.81 49.43
N GLY D 510 25.90 61.55 48.95
CA GLY D 510 27.01 62.53 49.00
C GLY D 510 26.77 63.73 48.10
N LEU D 511 26.19 63.51 46.90
CA LEU D 511 25.83 64.63 46.00
C LEU D 511 24.80 65.51 46.68
N ILE D 512 23.79 64.92 47.30
CA ILE D 512 22.72 65.64 48.05
C ILE D 512 23.39 66.49 49.16
N LYS D 513 24.36 65.92 49.86
CA LYS D 513 25.09 66.63 50.94
C LYS D 513 25.68 67.92 50.34
N LEU D 514 26.26 67.87 49.15
CA LEU D 514 26.87 69.05 48.47
C LEU D 514 25.83 70.16 48.29
N TYR D 515 24.56 69.82 48.02
CA TYR D 515 23.46 70.81 47.85
C TYR D 515 23.05 71.40 49.20
N GLY D 516 23.26 70.69 50.32
CA GLY D 516 22.95 71.26 51.65
C GLY D 516 21.98 70.42 52.45
N SER D 517 21.08 69.70 51.77
CA SER D 517 19.96 68.95 52.39
C SER D 517 19.20 68.20 51.30
N GLU D 518 18.45 67.19 51.70
CA GLU D 518 17.46 66.46 50.86
C GLU D 518 16.55 67.54 50.23
N LEU D 519 16.14 68.58 50.98
CA LEU D 519 15.14 69.56 50.49
C LEU D 519 15.74 70.45 49.39
N ALA D 520 17.00 70.86 49.53
CA ALA D 520 17.72 71.64 48.51
C ALA D 520 17.84 70.80 47.24
N PHE D 521 18.08 69.50 47.37
CA PHE D 521 18.20 68.60 46.19
C PHE D 521 16.82 68.49 45.53
N GLU D 522 15.80 68.26 46.35
CA GLU D 522 14.36 68.22 45.91
C GLU D 522 14.04 69.45 45.05
N LYS D 523 14.35 70.68 45.50
CA LYS D 523 14.07 71.93 44.76
C LYS D 523 14.74 71.86 43.38
N LYS D 524 16.00 71.38 43.34
CA LYS D 524 16.73 71.27 42.07
C LYS D 524 15.98 70.32 41.11
N LEU D 525 15.54 69.16 41.61
CA LEU D 525 14.86 68.14 40.75
C LEU D 525 13.53 68.71 40.22
N ILE D 526 12.80 69.44 41.05
CA ILE D 526 11.47 70.02 40.69
C ILE D 526 11.73 71.02 39.55
N GLN D 527 12.77 71.83 39.72
CA GLN D 527 13.16 72.83 38.69
C GLN D 527 13.54 72.13 37.38
N LEU D 528 14.32 71.08 37.47
CA LEU D 528 14.76 70.27 36.29
C LEU D 528 13.50 69.87 35.52
N CYS D 529 12.56 69.26 36.20
CA CYS D 529 11.34 68.63 35.61
C CYS D 529 10.32 69.69 35.12
N ASN D 530 10.16 70.82 35.81
CA ASN D 530 8.93 71.66 35.63
C ASN D 530 9.21 72.91 34.77
N GLN D 531 10.42 73.08 34.31
CA GLN D 531 10.78 74.21 33.43
C GLN D 531 10.49 73.83 31.98
N ALA D 532 10.61 74.79 31.08
CA ALA D 532 10.47 74.58 29.62
C ALA D 532 11.73 73.89 29.12
N PRO D 533 11.64 73.11 28.02
CA PRO D 533 12.79 72.41 27.46
C PRO D 533 13.64 73.31 26.56
N ASN D 534 14.14 74.39 27.14
CA ASN D 534 14.98 75.38 26.43
C ASN D 534 16.43 74.82 26.41
N PHE D 535 17.12 75.18 25.36
CA PHE D 535 18.52 74.77 25.06
C PHE D 535 19.20 75.94 24.33
N ASN D 536 20.53 75.98 24.44
CA ASN D 536 21.41 76.99 23.77
C ASN D 536 22.54 76.22 23.10
N VAL D 537 22.83 76.50 21.82
CA VAL D 537 23.58 75.57 20.94
C VAL D 537 25.08 75.91 20.93
N GLU D 538 25.50 76.97 21.60
CA GLU D 538 26.86 77.57 21.42
C GLU D 538 28.00 76.53 21.44
N GLY D 539 27.94 75.51 22.32
CA GLY D 539 28.97 74.43 22.38
C GLY D 539 29.09 73.61 21.09
N TYR D 540 28.04 73.50 20.26
CA TYR D 540 28.06 72.76 18.97
C TYR D 540 28.16 73.75 17.79
N GLY D 541 27.59 74.97 17.92
CA GLY D 541 27.43 75.93 16.82
C GLY D 541 26.12 75.74 16.04
N PHE D 542 25.32 74.70 16.34
CA PHE D 542 24.11 74.31 15.57
C PHE D 542 23.28 73.34 16.42
N GLU D 543 22.02 73.12 16.02
CA GLU D 543 21.09 72.23 16.74
C GLU D 543 21.33 70.80 16.29
N ILE D 544 21.53 69.91 17.28
CA ILE D 544 21.67 68.44 17.04
C ILE D 544 20.37 67.76 17.46
N HIS D 545 20.17 66.57 16.93
CA HIS D 545 18.90 65.83 17.05
C HIS D 545 18.59 65.59 18.53
N GLU D 546 19.59 65.35 19.39
CA GLU D 546 19.31 65.16 20.86
C GLU D 546 18.62 66.40 21.42
N MET D 547 18.99 67.60 20.97
CA MET D 547 18.36 68.82 21.48
C MET D 547 16.91 68.85 20.98
N SER D 548 16.73 68.56 19.71
CA SER D 548 15.39 68.55 19.06
C SER D 548 14.47 67.57 19.79
N GLU D 549 14.97 66.38 20.13
CA GLU D 549 14.13 65.31 20.74
C GLU D 549 13.69 65.76 22.14
N MET D 550 14.56 66.45 22.88
CA MET D 550 14.15 67.03 24.18
C MET D 550 13.06 68.09 23.93
N ALA D 551 13.28 69.02 22.97
CA ALA D 551 12.47 70.22 22.80
C ALA D 551 11.12 69.88 22.13
N ALA D 552 11.01 68.69 21.54
CA ALA D 552 9.79 68.19 20.87
C ALA D 552 8.68 67.87 21.89
N ILE D 553 9.02 67.68 23.17
CA ILE D 553 8.06 67.23 24.21
C ILE D 553 8.21 68.14 25.43
N ASP D 554 7.16 68.17 26.26
CA ASP D 554 7.10 69.02 27.47
C ASP D 554 7.38 68.16 28.71
N PHE D 555 8.64 67.71 28.87
CA PHE D 555 9.10 66.99 30.08
C PHE D 555 10.32 67.72 30.64
N GLY D 556 10.35 69.04 30.45
CA GLY D 556 11.41 69.88 31.03
C GLY D 556 12.77 69.44 30.52
N GLN D 557 13.75 69.42 31.43
CA GLN D 557 15.15 69.05 31.11
C GLN D 557 15.33 67.55 31.28
N LEU D 558 14.23 66.81 31.45
CA LEU D 558 14.35 65.34 31.59
C LEU D 558 14.40 64.73 30.19
N ALA D 559 15.60 64.66 29.63
CA ALA D 559 15.81 64.37 28.20
C ALA D 559 15.85 62.86 28.00
N ILE D 560 14.67 62.24 28.11
CA ILE D 560 14.47 60.76 28.06
C ILE D 560 14.94 60.23 26.69
N SER D 561 15.04 61.13 25.68
CA SER D 561 15.58 60.85 24.34
C SER D 561 17.04 60.38 24.40
N ASN D 562 17.72 60.54 25.55
CA ASN D 562 19.19 60.23 25.61
C ASN D 562 19.55 59.65 26.98
N GLN D 563 20.61 58.81 27.02
CA GLN D 563 20.98 57.97 28.20
C GLN D 563 21.24 58.83 29.45
N PRO D 564 21.83 60.04 29.33
CA PRO D 564 22.22 60.76 30.54
C PRO D 564 21.05 61.01 31.51
N SER D 565 19.82 61.13 31.01
CA SER D 565 18.61 61.48 31.82
C SER D 565 17.82 60.23 32.27
N PHE D 566 18.22 59.03 31.85
CA PHE D 566 17.43 57.79 32.03
C PHE D 566 17.07 57.55 33.49
N HIS D 567 17.98 57.87 34.41
CA HIS D 567 17.78 57.58 35.85
C HIS D 567 17.05 58.72 36.57
N TYR D 568 16.81 59.86 35.92
CA TYR D 568 16.32 61.11 36.58
C TYR D 568 15.09 60.86 37.45
N PRO D 569 14.02 60.14 37.01
CA PRO D 569 12.85 59.93 37.88
C PRO D 569 13.24 59.32 39.24
N PHE D 570 14.28 58.50 39.26
CA PHE D 570 14.71 57.74 40.46
C PHE D 570 15.47 58.64 41.44
N LEU D 571 15.87 59.86 41.06
CA LEU D 571 16.59 60.75 42.00
C LEU D 571 15.68 61.10 43.17
N PHE D 572 14.35 61.16 42.96
CA PHE D 572 13.39 61.43 44.05
C PHE D 572 13.46 60.30 45.09
N SER D 573 13.87 59.08 44.70
CA SER D 573 13.99 57.93 45.63
C SER D 573 15.10 58.18 46.66
N TYR D 574 16.02 59.11 46.40
CA TYR D 574 17.23 59.28 47.25
C TYR D 574 16.96 60.33 48.32
N ILE D 575 15.78 60.96 48.28
CA ILE D 575 15.30 61.91 49.31
C ILE D 575 13.99 61.40 49.93
N GLY D 576 13.72 60.09 49.86
CA GLY D 576 12.51 59.46 50.42
C GLY D 576 11.23 60.06 49.85
N LYS D 577 11.22 60.39 48.55
CA LYS D 577 9.98 60.95 47.92
C LYS D 577 9.70 60.26 46.57
N PRO D 578 9.69 58.92 46.50
CA PRO D 578 9.50 58.24 45.21
C PRO D 578 8.11 58.56 44.63
N GLU D 579 7.16 58.86 45.52
CA GLU D 579 5.78 59.20 45.09
C GLU D 579 5.79 60.41 44.14
N MET D 580 6.77 61.28 44.24
CA MET D 580 6.81 62.50 43.39
C MET D 580 7.05 62.12 41.93
N ALA D 581 7.55 60.93 41.64
CA ALA D 581 7.99 60.54 40.27
C ALA D 581 7.20 59.33 39.75
N GLN D 582 6.32 58.76 40.54
CA GLN D 582 5.52 57.61 40.05
C GLN D 582 4.68 58.04 38.84
N PRO D 583 3.95 59.16 38.86
CA PRO D 583 3.16 59.53 37.67
C PRO D 583 4.07 59.85 36.47
N LEU D 584 5.16 60.56 36.76
CA LEU D 584 6.20 60.91 35.75
C LEU D 584 6.66 59.65 34.99
N LEU D 585 6.88 58.52 35.69
CA LEU D 585 7.40 57.27 35.06
C LEU D 585 6.35 56.72 34.08
N LYS D 586 5.09 56.62 34.50
CA LYS D 586 4.01 56.19 33.56
C LYS D 586 3.92 57.16 32.37
N GLN D 587 3.98 58.46 32.61
CA GLN D 587 3.92 59.47 31.50
C GLN D 587 5.11 59.25 30.57
N LEU D 588 6.32 59.02 31.08
CA LEU D 588 7.47 58.79 30.20
C LEU D 588 7.28 57.51 29.39
N MET D 589 6.77 56.43 29.99
CA MET D 589 6.54 55.18 29.21
C MET D 589 5.56 55.39 28.05
N GLN D 590 4.66 56.37 28.13
CA GLN D 590 3.71 56.69 27.02
C GLN D 590 4.42 57.35 25.82
N THR D 591 5.68 57.73 25.91
CA THR D 591 6.46 58.27 24.76
C THR D 591 6.97 57.09 23.93
N PHE D 592 6.68 55.85 24.33
CA PHE D 592 7.09 54.66 23.56
C PHE D 592 5.85 54.01 22.94
N ASP D 593 5.93 53.62 21.66
CA ASP D 593 4.91 52.74 21.04
C ASP D 593 5.60 51.84 20.01
N ALA D 594 4.81 51.02 19.32
CA ALA D 594 5.34 50.00 18.40
C ALA D 594 5.44 50.55 16.98
N SER D 595 5.18 51.85 16.80
CA SER D 595 5.12 52.48 15.47
C SER D 595 6.53 52.76 14.96
N PRO D 596 6.66 53.13 13.67
CA PRO D 596 7.91 53.68 13.14
C PRO D 596 8.48 54.90 13.88
N THR D 597 7.66 55.64 14.62
CA THR D 597 8.12 56.81 15.41
C THR D 597 8.21 56.42 16.91
N GLY D 598 8.36 55.16 17.25
CA GLY D 598 8.02 54.56 18.57
C GLY D 598 8.98 54.79 19.72
N TYR D 599 10.13 55.43 19.55
CA TYR D 599 11.02 55.78 20.68
C TYR D 599 11.20 57.29 20.71
N PRO D 600 11.44 57.83 21.91
CA PRO D 600 11.73 59.24 22.08
C PRO D 600 13.08 59.74 21.59
N GLY D 601 14.00 58.82 21.29
CA GLY D 601 15.36 59.10 20.83
C GLY D 601 16.05 57.82 20.41
N ASP D 602 17.38 57.86 20.30
CA ASP D 602 18.17 56.72 19.78
C ASP D 602 17.96 55.52 20.70
N GLU D 603 17.62 54.39 20.13
CA GLU D 603 17.40 53.15 20.92
C GLU D 603 18.76 52.62 21.44
N ASP D 604 19.80 52.72 20.63
CA ASP D 604 21.21 52.40 21.02
C ASP D 604 21.36 50.96 21.56
N ASN D 605 21.11 49.99 20.69
CA ASN D 605 21.54 48.58 20.79
C ASN D 605 20.97 47.96 22.07
N GLY D 606 19.69 48.22 22.38
CA GLY D 606 19.00 47.56 23.50
C GLY D 606 18.86 48.49 24.69
N SER D 607 19.64 49.58 24.75
CA SER D 607 19.77 50.48 25.91
C SER D 607 18.40 51.07 26.25
N MET D 608 17.77 51.70 25.28
CA MET D 608 16.47 52.37 25.55
C MET D 608 15.36 51.31 25.66
N SER D 609 15.45 50.21 24.91
CA SER D 609 14.43 49.13 24.98
C SER D 609 14.42 48.57 26.42
N ALA D 610 15.59 48.31 26.98
CA ALA D 610 15.70 47.71 28.33
C ALA D 610 15.24 48.72 29.39
N TRP D 611 15.40 50.01 29.13
CA TRP D 611 14.86 51.04 30.03
C TRP D 611 13.34 50.78 30.12
N TYR D 612 12.71 50.58 28.98
CA TYR D 612 11.24 50.44 28.88
C TYR D 612 10.83 49.13 29.53
N ILE D 613 11.58 48.03 29.32
CA ILE D 613 11.25 46.70 29.91
C ILE D 613 11.29 46.81 31.44
N PHE D 614 12.39 47.33 31.98
CA PHE D 614 12.56 47.50 33.46
C PHE D 614 11.41 48.34 34.00
N ASN D 615 11.19 49.51 33.42
CA ASN D 615 10.18 50.44 33.95
C ASN D 615 8.78 49.80 33.88
N SER D 616 8.49 49.02 32.85
CA SER D 616 7.20 48.28 32.69
C SER D 616 6.99 47.36 33.90
N LEU D 617 8.05 46.77 34.45
CA LEU D 617 7.97 45.83 35.59
C LEU D 617 7.99 46.59 36.90
N GLY D 618 8.44 47.86 36.92
CA GLY D 618 8.34 48.75 38.10
C GLY D 618 9.62 48.92 38.88
N PHE D 619 10.77 48.55 38.35
CA PHE D 619 12.06 48.74 39.06
C PHE D 619 13.19 48.91 38.07
N TYR D 620 14.32 49.49 38.51
CA TYR D 620 15.32 50.06 37.56
C TYR D 620 16.73 50.07 38.16
N PRO D 621 17.75 49.57 37.41
CA PRO D 621 19.12 49.53 37.92
C PRO D 621 19.80 50.89 37.83
N VAL D 622 19.52 51.77 38.80
CA VAL D 622 20.16 53.10 38.82
C VAL D 622 21.70 52.94 38.92
N THR D 623 22.12 52.03 39.77
CA THR D 623 23.56 51.82 40.13
C THR D 623 23.99 50.39 39.82
N PRO D 624 24.35 50.10 38.55
CA PRO D 624 25.10 48.91 38.21
C PRO D 624 26.35 48.92 39.11
N GLY D 625 26.58 47.80 39.75
CA GLY D 625 27.67 47.64 40.73
C GLY D 625 27.17 47.62 42.17
N ALA D 626 25.90 48.00 42.41
CA ALA D 626 25.32 48.06 43.79
C ALA D 626 24.49 46.80 44.09
N GLY D 627 24.04 46.03 43.11
CA GLY D 627 23.22 44.83 43.35
C GLY D 627 21.80 45.21 43.81
N GLU D 628 21.28 46.30 43.28
CA GLU D 628 19.95 46.83 43.68
C GLU D 628 19.14 47.25 42.45
N TYR D 629 17.82 47.38 42.63
CA TYR D 629 16.91 47.93 41.60
C TYR D 629 16.00 48.92 42.31
N VAL D 630 16.04 50.20 41.93
CA VAL D 630 15.25 51.28 42.57
C VAL D 630 13.83 51.14 42.04
N ILE D 631 12.87 51.21 42.93
CA ILE D 631 11.43 50.98 42.58
C ILE D 631 10.88 52.21 41.87
N GLY D 632 10.03 51.95 40.88
CA GLY D 632 9.45 53.01 40.03
C GLY D 632 7.94 52.96 40.03
N MET D 633 7.36 52.68 38.87
CA MET D 633 5.89 52.58 38.72
C MET D 633 5.60 51.61 37.61
N PRO D 634 5.04 50.43 37.91
CA PRO D 634 4.83 49.42 36.86
C PRO D 634 3.72 49.83 35.92
N LEU D 635 3.86 49.38 34.68
CA LEU D 635 2.82 49.57 33.62
C LEU D 635 2.10 48.26 33.34
N VAL D 636 2.80 47.14 33.49
CA VAL D 636 2.18 45.79 33.41
C VAL D 636 1.13 45.61 34.53
N GLN D 637 0.16 44.72 34.27
CA GLN D 637 -0.72 44.16 35.31
C GLN D 637 -0.17 42.85 35.81
N THR D 638 0.41 42.04 34.93
CA THR D 638 1.02 40.75 35.30
C THR D 638 2.30 40.56 34.54
N ALA D 639 3.22 39.86 35.16
CA ALA D 639 4.48 39.43 34.53
C ALA D 639 4.88 38.10 35.17
N GLU D 640 5.18 37.11 34.34
CA GLU D 640 5.90 35.89 34.77
C GLU D 640 7.34 36.02 34.33
N VAL D 641 8.23 36.19 35.30
CA VAL D 641 9.69 36.35 35.04
C VAL D 641 10.39 35.01 35.29
N LYS D 642 10.90 34.40 34.22
CA LYS D 642 11.74 33.18 34.33
C LYS D 642 13.15 33.65 34.65
N LEU D 643 13.59 33.42 35.88
CA LEU D 643 14.91 33.90 36.32
C LEU D 643 15.94 32.86 35.87
N SER D 644 17.11 33.34 35.53
CA SER D 644 18.24 32.50 35.04
C SER D 644 18.60 31.40 36.05
N ASN D 645 18.35 31.58 37.36
CA ASN D 645 18.60 30.55 38.39
C ASN D 645 17.51 29.46 38.40
N GLY D 646 16.55 29.44 37.48
CA GLY D 646 15.45 28.44 37.45
C GLY D 646 14.27 28.80 38.33
N LYS D 647 14.34 29.90 39.06
CA LYS D 647 13.15 30.33 39.84
C LYS D 647 12.26 31.22 38.96
N GLN D 648 11.07 31.54 39.46
CA GLN D 648 10.08 32.39 38.76
C GLN D 648 9.69 33.53 39.70
N LEU D 649 9.69 34.77 39.22
CA LEU D 649 9.09 35.94 39.93
C LEU D 649 7.75 36.26 39.25
N THR D 650 6.67 36.22 40.00
CA THR D 650 5.32 36.51 39.47
C THR D 650 4.95 37.90 39.97
N ILE D 651 4.76 38.84 39.05
CA ILE D 651 4.32 40.22 39.36
C ILE D 651 2.82 40.29 39.10
N GLN D 652 2.11 40.94 40.01
CA GLN D 652 0.66 41.18 39.87
C GLN D 652 0.42 42.57 40.44
N THR D 653 -0.36 43.39 39.75
CA THR D 653 -0.76 44.70 40.27
C THR D 653 -2.28 44.66 40.46
N SER D 654 -2.77 45.55 41.32
CA SER D 654 -4.21 45.89 41.34
C SER D 654 -4.53 46.42 39.96
N PRO D 655 -5.81 46.63 39.58
CA PRO D 655 -6.08 47.15 38.25
C PRO D 655 -5.24 48.40 37.93
N ASN D 656 -4.57 48.37 36.76
CA ASN D 656 -3.50 49.34 36.42
C ASN D 656 -3.94 50.09 35.18
N LYS D 657 -4.92 51.01 35.34
CA LYS D 657 -5.48 51.86 34.27
C LYS D 657 -4.77 53.20 34.33
N VAL D 658 -5.11 54.08 33.40
CA VAL D 658 -4.41 55.38 33.23
C VAL D 658 -4.41 56.17 34.55
N GLN D 659 -5.51 56.10 35.30
CA GLN D 659 -5.63 56.89 36.57
C GLN D 659 -4.74 56.33 37.71
N GLN D 660 -4.29 55.08 37.62
CA GLN D 660 -3.40 54.49 38.63
C GLN D 660 -2.02 55.09 38.37
N GLN D 661 -1.57 56.03 39.19
CA GLN D 661 -0.30 56.77 38.94
C GLN D 661 0.67 56.70 40.12
N PHE D 662 0.36 55.90 41.12
CA PHE D 662 1.11 55.81 42.38
C PHE D 662 1.14 54.35 42.81
N ILE D 663 2.15 54.01 43.61
CA ILE D 663 2.17 52.75 44.38
C ILE D 663 1.58 53.03 45.76
N HIS D 664 0.61 52.22 46.16
CA HIS D 664 -0.01 52.34 47.51
C HIS D 664 0.78 51.45 48.47
N GLU D 665 0.95 50.20 48.09
CA GLU D 665 1.74 49.25 48.90
C GLU D 665 2.34 48.16 48.02
N ILE D 666 3.50 47.66 48.43
CA ILE D 666 4.17 46.47 47.84
C ILE D 666 4.24 45.34 48.87
N GLN D 667 3.83 44.15 48.46
CA GLN D 667 4.11 42.89 49.20
C GLN D 667 5.00 41.99 48.36
N LEU D 668 6.15 41.60 48.92
CA LEU D 668 7.04 40.58 48.31
C LEU D 668 6.92 39.27 49.12
N ASN D 669 6.37 38.21 48.54
CA ASN D 669 6.00 36.95 49.25
C ASN D 669 5.18 37.27 50.51
N GLN D 670 4.09 38.03 50.36
CA GLN D 670 3.08 38.32 51.42
C GLN D 670 3.65 39.20 52.54
N GLU D 671 4.85 39.76 52.39
CA GLU D 671 5.47 40.63 53.43
C GLU D 671 5.52 42.05 52.90
N LYS D 672 5.02 43.02 53.67
CA LYS D 672 5.07 44.47 53.31
C LYS D 672 6.52 44.84 53.05
N HIS D 673 6.78 45.56 51.97
CA HIS D 673 8.11 46.00 51.53
C HIS D 673 8.11 47.52 51.50
N THR D 674 8.80 48.16 52.44
CA THR D 674 8.79 49.63 52.59
C THR D 674 9.98 50.27 51.87
N ALA D 675 11.10 49.55 51.65
CA ALA D 675 12.33 50.14 51.10
C ALA D 675 12.08 50.58 49.65
N PRO D 676 12.68 51.72 49.21
CA PRO D 676 12.48 52.20 47.84
C PRO D 676 13.31 51.47 46.78
N TYR D 677 13.76 50.27 47.07
CA TYR D 677 14.59 49.44 46.17
C TYR D 677 14.38 47.97 46.52
N PHE D 678 14.79 47.10 45.60
CA PHE D 678 14.88 45.64 45.81
C PHE D 678 16.38 45.32 45.70
N THR D 679 16.85 44.37 46.49
CA THR D 679 18.19 43.73 46.25
C THR D 679 18.04 42.79 45.06
N HIS D 680 19.11 42.60 44.30
CA HIS D 680 19.21 41.52 43.31
C HIS D 680 18.88 40.19 44.02
N GLN D 681 19.42 39.96 45.22
CA GLN D 681 19.12 38.67 45.94
C GLN D 681 17.61 38.49 46.10
N GLU D 682 16.90 39.53 46.53
CA GLU D 682 15.44 39.51 46.77
C GLU D 682 14.72 39.04 45.51
N LEU D 683 15.01 39.67 44.38
CA LEU D 683 14.33 39.28 43.13
C LEU D 683 14.71 37.84 42.76
N LEU D 684 15.96 37.39 42.97
CA LEU D 684 16.43 36.05 42.55
C LEU D 684 15.76 34.94 43.38
N ASN D 685 15.29 35.24 44.59
CA ASN D 685 14.49 34.27 45.40
C ASN D 685 13.15 34.00 44.71
N GLY D 686 12.67 34.92 43.88
CA GLY D 686 11.42 34.70 43.14
C GLY D 686 10.23 34.69 44.07
N GLY D 687 9.11 34.10 43.65
CA GLY D 687 7.84 34.13 44.41
C GLY D 687 6.91 35.18 43.86
N THR D 688 6.29 36.00 44.72
CA THR D 688 5.20 36.92 44.34
C THR D 688 5.61 38.35 44.69
N LEU D 689 5.52 39.22 43.72
CA LEU D 689 5.68 40.68 43.91
C LEU D 689 4.33 41.31 43.54
N ASP D 690 3.67 41.86 44.55
CA ASP D 690 2.28 42.35 44.42
C ASP D 690 2.36 43.84 44.61
N TYR D 691 1.95 44.62 43.61
CA TYR D 691 1.85 46.09 43.71
C TYR D 691 0.38 46.46 43.87
N GLN D 692 0.00 47.02 45.01
CA GLN D 692 -1.33 47.65 45.16
C GLN D 692 -1.14 49.09 44.71
N LEU D 693 -1.88 49.51 43.69
CA LEU D 693 -1.65 50.83 43.06
C LEU D 693 -2.68 51.84 43.56
N GLY D 694 -2.38 53.12 43.32
CA GLY D 694 -3.14 54.24 43.86
C GLY D 694 -3.44 55.29 42.81
N ILE D 695 -4.54 56.02 43.02
CA ILE D 695 -4.92 57.21 42.24
C ILE D 695 -4.41 58.45 42.99
N VAL D 696 -4.09 58.29 44.28
CA VAL D 696 -3.33 59.29 45.08
C VAL D 696 -2.11 58.62 45.69
N PRO D 697 -1.09 59.41 46.07
CA PRO D 697 0.11 58.85 46.66
C PRO D 697 -0.18 58.27 48.05
N ASN D 698 0.74 57.43 48.50
CA ASN D 698 0.80 56.93 49.89
C ASN D 698 2.24 57.14 50.36
N PRO D 699 2.58 58.34 50.88
CA PRO D 699 3.98 58.67 51.19
C PRO D 699 4.48 57.72 52.28
N GLN D 700 5.67 57.16 52.09
CA GLN D 700 6.32 56.33 53.15
C GLN D 700 7.14 57.28 54.04
N THR D 701 7.26 56.92 55.31
CA THR D 701 7.95 57.73 56.32
C THR D 701 9.34 57.14 56.54
N THR D 702 9.60 55.95 56.00
CA THR D 702 10.86 55.17 56.15
C THR D 702 12.09 56.05 55.88
N ALA D 703 13.16 55.83 56.65
CA ALA D 703 14.51 56.43 56.46
C ALA D 703 15.27 55.71 55.34
N GLU D 704 14.75 54.57 54.87
CA GLU D 704 15.49 53.67 53.95
C GLU D 704 15.78 54.43 52.65
N ARG D 705 16.95 54.16 52.08
CA ARG D 705 17.36 54.77 50.79
C ARG D 705 18.11 53.72 49.99
N PRO D 706 18.18 53.87 48.65
CA PRO D 706 19.06 53.02 47.86
C PRO D 706 20.54 53.29 48.20
N PHE D 707 21.41 52.40 47.71
CA PHE D 707 22.87 52.42 47.92
C PHE D 707 23.46 53.81 47.63
N SER D 708 24.27 54.32 48.56
CA SER D 708 25.24 55.43 48.33
C SER D 708 26.55 55.08 49.06
N LEU D 709 27.70 55.36 48.46
CA LEU D 709 29.03 55.11 49.10
C LEU D 709 29.07 55.74 50.48
N SER D 710 28.63 56.99 50.59
CA SER D 710 28.85 57.79 51.81
C SER D 710 27.96 57.29 52.95
N THR D 711 27.06 56.32 52.73
CA THR D 711 26.16 55.84 53.81
C THR D 711 26.20 54.31 54.00
N GLU D 712 27.06 53.55 53.31
CA GLU D 712 26.97 52.05 53.33
C GLU D 712 27.40 51.45 54.68
C1 BMA E . -42.27 37.23 13.19
C2 BMA E . -40.84 37.49 12.77
C3 BMA E . -40.64 39.00 12.71
C4 BMA E . -41.70 39.71 11.87
C5 BMA E . -43.09 39.21 12.18
C6 BMA E . -44.10 39.64 11.13
O1 BMA E . -42.49 35.81 13.28
O2 BMA E . -40.60 36.98 11.45
O3 BMA E . -39.34 39.27 12.19
O4 BMA E . -41.60 41.13 12.04
O5 BMA E . -43.09 37.79 12.17
O6 BMA E . -45.35 39.86 11.76
C1 MAN E . -39.55 36.03 11.25
C2 MAN E . -39.13 35.74 9.79
C3 MAN E . -38.41 34.39 9.63
C4 MAN E . -38.23 33.54 10.93
C5 MAN E . -39.29 33.77 12.03
C6 MAN E . -39.06 33.08 13.37
O2 MAN E . -38.29 36.73 9.10
O3 MAN E . -37.23 34.85 8.93
O4 MAN E . -38.22 32.14 10.59
O5 MAN E . -39.21 35.15 12.32
O6 MAN E . -37.76 33.38 13.93
C1 BMA F . -7.67 -3.04 -11.44
C2 BMA F . -7.11 -4.39 -11.03
C3 BMA F . -8.11 -5.15 -10.14
C4 BMA F . -8.59 -4.36 -8.93
C5 BMA F . -9.07 -3.02 -9.46
C6 BMA F . -9.46 -2.15 -8.27
O1 BMA F . -6.64 -2.37 -12.22
O2 BMA F . -5.92 -4.22 -10.23
O3 BMA F . -7.36 -6.20 -9.70
O4 BMA F . -9.61 -5.00 -8.17
O5 BMA F . -8.02 -2.36 -10.22
O6 BMA F . -10.33 -1.16 -8.81
C1 MAN F . -4.64 -4.71 -10.76
C2 MAN F . -3.41 -4.81 -9.78
C3 MAN F . -2.07 -4.95 -10.52
C4 MAN F . -2.11 -5.12 -12.07
C5 MAN F . -3.23 -4.33 -12.76
C6 MAN F . -3.32 -4.52 -14.29
O2 MAN F . -3.33 -5.89 -8.75
O3 MAN F . -1.54 -6.03 -9.73
O4 MAN F . -0.92 -4.62 -12.69
O5 MAN F . -4.50 -4.73 -12.21
O6 MAN F . -3.50 -5.88 -14.72
C1 BMA G . 0.33 -75.91 -7.37
C2 BMA G . -0.12 -74.55 -7.83
C3 BMA G . -1.08 -73.92 -6.80
C4 BMA G . -2.25 -74.85 -6.51
C5 BMA G . -1.70 -76.23 -6.11
C6 BMA G . -2.83 -77.21 -5.95
O1 BMA G . 1.15 -76.34 -8.47
O2 BMA G . -0.68 -74.64 -9.17
O3 BMA G . -1.45 -72.72 -7.42
O4 BMA G . -3.17 -74.35 -5.50
O5 BMA G . -0.81 -76.75 -7.13
O6 BMA G . -2.29 -78.35 -5.28
C1 MAN G . -0.15 -73.73 -10.17
C2 MAN G . -0.96 -73.88 -11.48
C3 MAN G . -0.19 -73.65 -12.78
C4 MAN G . 1.34 -73.46 -12.59
C5 MAN G . 1.94 -74.30 -11.47
C6 MAN G . 3.43 -74.02 -11.22
O2 MAN G . -2.12 -72.95 -11.59
O3 MAN G . -0.93 -72.50 -13.34
O4 MAN G . 2.04 -73.88 -13.75
O5 MAN G . 1.28 -73.94 -10.27
O6 MAN G . 3.81 -72.61 -11.06
C1 BMA H . 27.28 60.98 17.57
C2 BMA H . 25.90 60.49 17.95
C3 BMA H . 24.84 61.55 17.61
C4 BMA H . 25.11 62.96 18.16
C5 BMA H . 26.54 63.32 17.82
C6 BMA H . 26.93 64.59 18.55
O1 BMA H . 28.18 59.97 18.08
O2 BMA H . 25.97 60.11 19.34
O3 BMA H . 23.64 61.07 18.16
O4 BMA H . 24.22 64.00 17.67
O5 BMA H . 27.46 62.26 18.18
O6 BMA H . 27.81 65.26 17.67
C1 MAN H . 25.29 58.86 19.74
C2 MAN H . 25.17 58.72 21.33
C3 MAN H . 25.39 57.36 21.97
C4 MAN H . 25.81 56.24 20.94
C5 MAN H . 26.58 56.74 19.68
C6 MAN H . 26.95 55.65 18.64
O2 MAN H . 23.85 58.93 21.95
O3 MAN H . 24.11 57.34 22.73
O4 MAN H . 26.73 55.30 21.52
O5 MAN H . 25.85 57.74 19.00
O6 MAN H . 25.83 55.08 17.89
CA CA I . -36.02 36.82 8.39
NA NA J . -26.80 46.27 10.88
C1 EDO K . -39.14 7.85 14.73
O1 EDO K . -39.68 7.46 13.48
C2 EDO K . -39.59 7.03 15.88
O2 EDO K . -40.81 7.50 16.45
C1 EDO L . -12.66 32.21 36.55
O1 EDO L . -11.81 32.39 35.43
C2 EDO L . -12.72 30.80 36.98
O2 EDO L . -11.43 30.23 37.22
C ACT M . -22.32 47.17 -16.87
O ACT M . -21.81 47.75 -17.89
OXT ACT M . -23.23 46.32 -16.90
CH3 ACT M . -21.78 47.55 -15.51
C1 EDO N . -32.79 44.77 34.31
O1 EDO N . -31.68 44.02 34.68
C2 EDO N . -32.59 46.15 34.76
O2 EDO N . -32.03 46.08 36.04
C1 EDO O . -16.11 45.10 14.22
O1 EDO O . -15.93 44.07 15.18
C2 EDO O . -14.96 46.00 14.20
O2 EDO O . -13.76 45.24 14.21
C1 EDO P . -45.20 18.65 2.61
O1 EDO P . -43.81 18.52 2.78
C2 EDO P . -45.56 19.31 1.31
O2 EDO P . -45.00 18.69 0.15
C1 EDO Q . -18.39 42.97 20.45
O1 EDO Q . -17.82 44.17 19.98
C2 EDO Q . -18.30 41.86 19.45
O2 EDO Q . -19.05 42.07 18.27
C1 EDO R . -20.43 45.65 23.25
O1 EDO R . -21.10 46.77 22.61
C2 EDO R . -18.99 45.38 22.93
O2 EDO R . -18.55 45.72 21.62
C1 EDO S . -22.76 14.41 18.96
O1 EDO S . -23.57 14.44 17.81
C2 EDO S . -23.09 13.29 19.90
O2 EDO S . -24.47 13.06 20.01
CA CA T . -2.03 -7.86 -8.35
NA NA U . -6.64 -20.13 -5.74
C1 EDO V . -4.84 -31.89 -37.04
O1 EDO V . -4.10 -32.94 -37.65
C2 EDO V . -5.47 -32.32 -35.79
O2 EDO V . -4.53 -32.84 -34.89
C1 EDO W . -5.56 -27.68 -16.00
O1 EDO W . -4.70 -27.53 -14.90
C2 EDO W . -6.41 -28.88 -16.01
O2 EDO W . -6.74 -29.31 -14.73
C1 EDO X . -3.57 -30.16 -10.01
O1 EDO X . -3.11 -30.13 -11.35
C2 EDO X . -3.52 -31.51 -9.47
O2 EDO X . -2.43 -32.22 -10.07
C ACT Y . 10.11 -19.76 16.90
O ACT Y . 10.45 -20.24 18.02
OXT ACT Y . 10.44 -18.63 16.47
CH3 ACT Y . 9.22 -20.61 16.01
C1 EDO Z . 12.55 -38.61 -0.26
O1 EDO Z . 12.07 -37.85 -1.35
C2 EDO Z . 13.19 -37.72 0.77
O2 EDO Z . 12.29 -36.72 1.30
C1 EDO AA . 18.50 -16.93 7.97
O1 EDO AA . 17.25 -17.05 7.28
C2 EDO AA . 18.86 -18.06 8.86
O2 EDO AA . 19.77 -18.97 8.25
C1 EDO BA . -8.97 -13.87 -17.84
O1 EDO BA . -8.34 -13.16 -16.80
C2 EDO BA . -9.69 -15.08 -17.35
O2 EDO BA . -8.89 -16.13 -16.92
CA CA CA . -2.63 -70.93 -12.72
NA NA DA . -6.35 -59.07 -7.63
C1 EDO EA . 3.42 -50.65 -7.73
O1 EDO EA . 2.41 -51.50 -8.22
C2 EDO EA . 3.38 -50.26 -6.30
O2 EDO EA . 2.23 -49.54 -5.98
C1 EDO FA . 24.09 -45.77 -6.11
O1 EDO FA . 24.86 -44.74 -6.74
C2 EDO FA . 22.91 -45.21 -5.41
O2 EDO FA . 22.01 -44.68 -6.37
C1 EDO GA . 34.98 -71.44 -6.58
O1 EDO GA . 36.21 -70.77 -6.47
C2 EDO GA . 34.10 -70.75 -7.54
O2 EDO GA . 34.35 -71.11 -8.89
C1 EDO HA . 21.59 -80.93 -28.34
O1 EDO HA . 20.63 -81.21 -29.35
C2 EDO HA . 21.91 -82.13 -27.53
O2 EDO HA . 22.84 -81.84 -26.52
C1 EDO IA . 11.62 -59.90 9.46
O1 EDO IA . 10.51 -60.67 9.93
C2 EDO IA . 12.23 -60.49 8.22
O2 EDO IA . 12.95 -61.67 8.55
C1 EDO JA . 5.69 -63.59 -4.57
O1 EDO JA . 4.55 -62.79 -4.36
C2 EDO JA . 5.35 -64.93 -5.15
O2 EDO JA . 6.33 -65.87 -4.78
CA CA KA . 21.82 58.04 22.85
NA NA LA . 9.23 59.30 18.83
C1 EDO MA . 17.78 55.70 -4.49
O1 EDO MA . 18.01 55.69 -5.92
C2 EDO MA . 16.32 55.75 -4.14
O2 EDO MA . 15.53 56.29 -5.21
C1 EDO NA . 7.98 34.06 -1.55
O1 EDO NA . 7.27 33.69 -0.39
C2 EDO NA . 8.84 32.95 -2.01
O2 EDO NA . 8.17 31.70 -2.06
C1 EDO OA . 1.63 51.09 16.77
O1 EDO OA . 2.09 50.11 15.84
C2 EDO OA . 0.19 51.30 16.63
O2 EDO OA . -0.48 50.11 17.00
C1 EDO PA . 7.88 53.05 47.38
O1 EDO PA . 7.34 51.75 47.61
C2 EDO PA . 9.27 53.02 46.81
O2 EDO PA . 9.43 53.46 45.46
C1 EDO QA . 19.45 54.56 10.55
O1 EDO QA . 19.88 53.53 9.66
C2 EDO QA . 18.24 54.18 11.28
O2 EDO QA . 17.03 54.37 10.54
C1 EDO RA . 4.58 49.14 11.15
O1 EDO RA . 3.78 50.26 11.35
C2 EDO RA . 5.81 49.17 11.99
O2 EDO RA . 5.55 49.38 13.37
#